data_5O3M
#
_entry.id   5O3M
#
_cell.length_a   81.880
_cell.length_b   209.700
_cell.length_c   116.020
_cell.angle_alpha   90.00
_cell.angle_beta   107.63
_cell.angle_gamma   90.00
#
_symmetry.space_group_name_H-M   'P 1 21 1'
#
loop_
_entity.id
_entity.type
_entity.pdbx_description
1 polymer 'Protocatechuate decarboxylase'
2 non-polymer pentane-1,5-diol
3 water water
#
_entity_poly.entity_id   1
_entity_poly.type   'polypeptide(L)'
_entity_poly.pdbx_seq_one_letter_code
;MGSSHHHHHHSSGLVPRGSHMTAPIQDLRDAIALLQQHDNQYLETDHPVDPNAELAGVYRHIGAGGTVKRPTRIGPAMMF
NNIKGYPHSRILVGMHASRQRAALLLGCEASQLALEVGKAVKKPVAPVVVPASSAPCQEQIFLADDPDFDLRTLLPAPTN
TPIDAGPFFCLGLALASDPVDASLTDVTIHRLCVQGRDELSMFLAAGRHIEVFRQKAEAAGKPLPITINMGLDPAIYIGA
CFEAPTTPFGYNELGVAGALRQRPVELVQGVSVPEKAIARAEIVIEGELLPGVRVREDQHTNSGHAMPEFPGYCGGANPS
LPVIKVKAVTMRNNAILQTLVGPGEEHTTLAGLPTEASIWNAVEAAIPGFLQNVYAHTAGGGKFLGILQVKKRQPADEGR
QGQAALLALATYSELKNIILVDEDVDIFDSDDILWAMTTRMQGDVSITTIPGIRGHQLDPSQTPEYSPSIRGNGISCKTI
FDCTVPWALKSHFERAPFADVDPRPFAPEYFARLEKNQGSAK
;
_entity_poly.pdbx_strand_id   A,B,C,D,E,F
#
loop_
_chem_comp.id
_chem_comp.type
_chem_comp.name
_chem_comp.formula
9JE non-polymer pentane-1,5-diol 'C5 H12 O2'
#
# COMPACT_ATOMS: atom_id res chain seq x y z
N PRO A 24 -33.79 -21.97 -42.31
CA PRO A 24 -32.34 -22.02 -42.54
C PRO A 24 -31.82 -20.78 -43.26
N ILE A 25 -31.09 -19.93 -42.52
CA ILE A 25 -30.71 -18.60 -43.00
C ILE A 25 -29.50 -18.72 -43.91
N GLN A 26 -29.56 -18.08 -45.09
CA GLN A 26 -28.40 -17.99 -45.98
C GLN A 26 -28.01 -16.56 -46.34
N ASP A 27 -28.81 -15.56 -45.98
CA ASP A 27 -28.45 -14.18 -46.26
C ASP A 27 -29.18 -13.29 -45.26
N LEU A 28 -29.03 -11.97 -45.43
CA LEU A 28 -29.59 -11.01 -44.48
C LEU A 28 -31.11 -11.03 -44.49
N ARG A 29 -31.74 -11.15 -45.66
CA ARG A 29 -33.20 -11.17 -45.72
C ARG A 29 -33.77 -12.37 -44.96
N ASP A 30 -33.18 -13.56 -45.14
CA ASP A 30 -33.61 -14.70 -44.34
C ASP A 30 -33.56 -14.36 -42.85
N ALA A 31 -32.51 -13.64 -42.43
CA ALA A 31 -32.36 -13.33 -41.01
C ALA A 31 -33.46 -12.39 -40.55
N ILE A 32 -33.78 -11.38 -41.36
CA ILE A 32 -34.89 -10.48 -41.05
C ILE A 32 -36.20 -11.27 -40.98
N ALA A 33 -36.38 -12.24 -41.88
CA ALA A 33 -37.58 -13.07 -41.85
C ALA A 33 -37.68 -13.84 -40.54
N LEU A 34 -36.56 -14.39 -40.05
CA LEU A 34 -36.60 -15.08 -38.77
C LEU A 34 -37.01 -14.13 -37.65
N LEU A 35 -36.49 -12.91 -37.68
CA LEU A 35 -36.78 -11.95 -36.62
C LEU A 35 -38.24 -11.53 -36.61
N GLN A 36 -38.87 -11.47 -37.79
CA GLN A 36 -40.27 -11.05 -37.83
C GLN A 36 -41.20 -12.05 -37.18
N GLN A 37 -40.75 -13.27 -36.92
CA GLN A 37 -41.54 -14.28 -36.22
C GLN A 37 -41.38 -14.20 -34.70
N HIS A 38 -40.63 -13.23 -34.19
CA HIS A 38 -40.52 -12.95 -32.76
C HIS A 38 -40.89 -11.51 -32.50
N ASP A 39 -41.53 -11.25 -31.37
CA ASP A 39 -42.02 -9.92 -31.07
C ASP A 39 -40.89 -9.02 -30.59
N ASN A 40 -40.87 -7.79 -31.11
CA ASN A 40 -39.95 -6.73 -30.71
C ASN A 40 -38.50 -7.05 -31.12
N GLN A 41 -38.31 -7.81 -32.18
CA GLN A 41 -36.99 -8.08 -32.73
C GLN A 41 -36.68 -7.30 -34.01
N TYR A 42 -37.70 -7.00 -34.79
CA TYR A 42 -37.54 -6.27 -36.05
C TYR A 42 -38.57 -5.16 -36.06
N LEU A 43 -38.14 -3.95 -36.43
CA LEU A 43 -39.05 -2.82 -36.53
C LEU A 43 -38.75 -2.00 -37.77
N GLU A 44 -39.80 -1.59 -38.49
CA GLU A 44 -39.67 -0.73 -39.67
C GLU A 44 -40.34 0.63 -39.43
N THR A 45 -39.83 1.64 -40.14
CA THR A 45 -40.48 2.94 -40.16
C THR A 45 -40.45 3.54 -41.55
N ASP A 46 -41.57 4.11 -41.98
CA ASP A 46 -41.68 4.86 -43.22
C ASP A 46 -41.61 6.36 -42.99
N HIS A 47 -41.39 6.79 -41.75
CA HIS A 47 -41.22 8.20 -41.44
C HIS A 47 -39.88 8.69 -41.98
N PRO A 48 -39.84 9.85 -42.63
CA PRO A 48 -38.61 10.30 -43.28
C PRO A 48 -37.51 10.57 -42.27
N VAL A 49 -36.31 10.11 -42.58
CA VAL A 49 -35.15 10.25 -41.72
C VAL A 49 -33.97 10.79 -42.53
N ASP A 50 -33.25 11.73 -41.93
CA ASP A 50 -31.98 12.21 -42.44
C ASP A 50 -30.87 11.24 -42.02
N PRO A 51 -30.13 10.63 -42.96
CA PRO A 51 -29.05 9.73 -42.54
C PRO A 51 -27.92 10.46 -41.84
N ASN A 52 -27.83 11.79 -42.03
CA ASN A 52 -26.89 12.63 -41.31
C ASN A 52 -27.47 12.91 -39.91
N ALA A 53 -26.91 12.22 -38.91
CA ALA A 53 -27.16 12.46 -37.48
C ALA A 53 -28.53 11.98 -37.00
N GLU A 54 -29.58 12.27 -37.77
CA GLU A 54 -30.92 12.03 -37.26
C GLU A 54 -31.18 10.54 -37.06
N LEU A 55 -30.85 9.72 -38.06
CA LEU A 55 -31.10 8.29 -37.95
C LEU A 55 -30.46 7.72 -36.69
N ALA A 56 -29.16 8.01 -36.50
CA ALA A 56 -28.48 7.55 -35.28
C ALA A 56 -29.14 8.11 -34.03
N GLY A 57 -29.58 9.37 -34.07
CA GLY A 57 -30.27 9.94 -32.93
C GLY A 57 -31.56 9.24 -32.61
N VAL A 58 -32.25 8.74 -33.64
CA VAL A 58 -33.47 7.97 -33.43
C VAL A 58 -33.15 6.63 -32.79
N TYR A 59 -32.22 5.87 -33.39
CA TYR A 59 -31.94 4.54 -32.85
C TYR A 59 -31.25 4.59 -31.49
N ARG A 60 -30.55 5.68 -31.18
CA ARG A 60 -30.02 5.89 -29.83
C ARG A 60 -31.10 5.63 -28.79
N HIS A 61 -32.34 6.06 -29.05
CA HIS A 61 -33.43 5.84 -28.10
C HIS A 61 -33.99 4.43 -28.20
N ILE A 62 -33.96 3.83 -29.38
CA ILE A 62 -34.76 2.61 -29.62
C ILE A 62 -33.96 1.34 -29.33
N GLY A 63 -32.68 1.28 -29.73
CA GLY A 63 -31.92 0.05 -29.49
C GLY A 63 -30.40 0.07 -29.60
N ALA A 64 -29.75 1.24 -29.50
CA ALA A 64 -28.29 1.27 -29.61
C ALA A 64 -27.62 0.55 -28.44
N GLY A 65 -28.11 0.78 -27.21
CA GLY A 65 -27.61 0.06 -26.04
C GLY A 65 -26.11 0.25 -25.80
N GLY A 66 -25.55 -0.67 -25.00
CA GLY A 66 -24.12 -0.66 -24.74
C GLY A 66 -23.71 0.60 -23.98
N THR A 67 -22.51 1.11 -24.29
CA THR A 67 -21.95 2.30 -23.65
C THR A 67 -22.52 3.61 -24.20
N VAL A 68 -23.59 3.56 -25.00
CA VAL A 68 -24.20 4.77 -25.51
C VAL A 68 -24.80 5.57 -24.35
N LYS A 69 -24.67 6.90 -24.41
CA LYS A 69 -25.19 7.72 -23.33
C LYS A 69 -26.70 7.53 -23.16
N ARG A 70 -27.16 7.58 -21.91
CA ARG A 70 -28.56 7.37 -21.61
C ARG A 70 -29.39 8.60 -21.98
N PRO A 71 -30.69 8.43 -22.25
CA PRO A 71 -31.36 7.11 -22.26
C PRO A 71 -31.06 6.30 -23.51
N THR A 72 -30.99 4.99 -23.32
CA THR A 72 -30.86 4.03 -24.39
C THR A 72 -31.36 2.69 -23.84
N ARG A 73 -31.48 1.71 -24.53
CA ARG A 73 -32.00 0.42 -24.10
C ARG A 73 -31.74 -0.61 -25.19
N ILE A 74 -31.85 -1.88 -25.04
CA ILE A 74 -31.89 -2.98 -25.99
C ILE A 74 -33.26 -2.99 -26.66
N GLY A 75 -33.29 -3.18 -27.97
CA GLY A 75 -34.56 -3.15 -28.68
C GLY A 75 -34.50 -3.92 -29.98
N PRO A 76 -35.52 -3.74 -30.82
CA PRO A 76 -35.52 -4.40 -32.13
C PRO A 76 -34.43 -3.87 -33.03
N ALA A 77 -33.98 -4.70 -33.96
CA ALA A 77 -33.30 -4.18 -35.15
C ALA A 77 -34.26 -3.28 -35.92
N MET A 78 -33.76 -2.23 -36.54
CA MET A 78 -34.64 -1.22 -37.11
C MET A 78 -34.32 -0.95 -38.58
N MET A 79 -35.35 -0.99 -39.42
CA MET A 79 -35.23 -0.66 -40.83
C MET A 79 -35.84 0.71 -41.08
N PHE A 80 -35.04 1.62 -41.64
CA PHE A 80 -35.51 2.95 -42.06
C PHE A 80 -35.78 2.90 -43.57
N ASN A 81 -37.05 2.94 -43.94
CA ASN A 81 -37.44 2.81 -45.35
C ASN A 81 -37.41 4.11 -46.13
N ASN A 82 -37.53 5.25 -45.45
CA ASN A 82 -37.72 6.54 -46.11
C ASN A 82 -36.52 7.41 -45.73
N ILE A 83 -35.58 7.54 -46.66
CA ILE A 83 -34.29 8.16 -46.42
C ILE A 83 -34.26 9.47 -47.19
N LYS A 84 -34.22 10.60 -46.49
CA LYS A 84 -34.19 11.89 -47.16
C LYS A 84 -32.98 11.98 -48.09
N GLY A 85 -33.24 12.36 -49.35
CA GLY A 85 -32.22 12.48 -50.36
C GLY A 85 -31.87 11.20 -51.07
N TYR A 86 -32.43 10.06 -50.66
CA TYR A 86 -32.11 8.74 -51.21
C TYR A 86 -33.41 7.97 -51.37
N PRO A 87 -34.24 8.35 -52.35
CA PRO A 87 -35.59 7.78 -52.42
C PRO A 87 -35.62 6.28 -52.73
N HIS A 88 -34.50 5.67 -53.10
CA HIS A 88 -34.49 4.26 -53.44
C HIS A 88 -33.83 3.38 -52.38
N SER A 89 -33.44 3.96 -51.26
CA SER A 89 -32.60 3.26 -50.30
C SER A 89 -33.42 2.89 -49.07
N ARG A 90 -32.84 2.01 -48.27
CA ARG A 90 -33.37 1.73 -46.95
C ARG A 90 -32.20 1.29 -46.09
N ILE A 91 -32.24 1.64 -44.81
CA ILE A 91 -31.10 1.48 -43.92
C ILE A 91 -31.49 0.59 -42.75
N LEU A 92 -30.66 -0.40 -42.48
CA LEU A 92 -30.85 -1.31 -41.36
C LEU A 92 -29.74 -1.11 -40.35
N VAL A 93 -30.11 -0.96 -39.09
CA VAL A 93 -29.15 -0.85 -37.99
C VAL A 93 -29.60 -1.78 -36.86
N GLY A 94 -28.64 -2.24 -36.06
CA GLY A 94 -28.95 -2.92 -34.82
C GLY A 94 -29.16 -4.40 -34.93
N MET A 95 -28.83 -5.00 -36.08
CA MET A 95 -29.04 -6.43 -36.27
C MET A 95 -28.37 -7.25 -35.18
N HIS A 96 -27.13 -6.91 -34.80
CA HIS A 96 -26.42 -7.65 -33.77
C HIS A 96 -26.44 -6.95 -32.41
N ALA A 97 -27.32 -5.97 -32.22
CA ALA A 97 -27.32 -5.12 -31.04
C ALA A 97 -28.09 -5.71 -29.87
N SER A 98 -28.07 -7.03 -29.72
CA SER A 98 -28.73 -7.71 -28.61
C SER A 98 -28.20 -9.12 -28.55
N ARG A 99 -27.74 -9.54 -27.38
CA ARG A 99 -27.24 -10.90 -27.22
C ARG A 99 -28.36 -11.91 -27.47
N GLN A 100 -29.59 -11.60 -27.03
CA GLN A 100 -30.68 -12.54 -27.29
C GLN A 100 -30.96 -12.62 -28.79
N ARG A 101 -30.95 -11.49 -29.50
CA ARG A 101 -31.21 -11.53 -30.93
C ARG A 101 -30.13 -12.31 -31.66
N ALA A 102 -28.86 -12.12 -31.27
CA ALA A 102 -27.80 -12.89 -31.89
C ALA A 102 -27.99 -14.39 -31.61
N ALA A 103 -28.44 -14.73 -30.40
CA ALA A 103 -28.76 -16.11 -30.11
C ALA A 103 -29.89 -16.62 -30.99
N LEU A 104 -30.97 -15.85 -31.11
CA LEU A 104 -32.06 -16.25 -32.02
C LEU A 104 -31.52 -16.47 -33.44
N LEU A 105 -30.68 -15.56 -33.92
CA LEU A 105 -30.23 -15.66 -35.31
C LEU A 105 -29.30 -16.85 -35.54
N LEU A 106 -28.61 -17.32 -34.51
CA LEU A 106 -27.74 -18.47 -34.62
C LEU A 106 -28.37 -19.74 -34.05
N GLY A 107 -29.58 -19.63 -33.51
CA GLY A 107 -30.32 -20.79 -33.02
C GLY A 107 -29.77 -21.42 -31.76
N CYS A 108 -29.32 -20.63 -30.80
CA CYS A 108 -28.84 -21.18 -29.53
C CYS A 108 -29.28 -20.28 -28.38
N GLU A 109 -28.94 -20.71 -27.17
CA GLU A 109 -29.18 -19.94 -25.95
C GLU A 109 -28.18 -18.81 -25.81
N ALA A 110 -28.67 -17.65 -25.37
CA ALA A 110 -27.83 -16.47 -25.24
C ALA A 110 -26.60 -16.75 -24.37
N SER A 111 -26.79 -17.38 -23.20
CA SER A 111 -25.68 -17.61 -22.30
C SER A 111 -24.63 -18.54 -22.89
N GLN A 112 -24.99 -19.29 -23.94
CA GLN A 112 -24.10 -20.25 -24.58
C GLN A 112 -23.50 -19.72 -25.87
N LEU A 113 -23.79 -18.47 -26.23
CA LEU A 113 -23.47 -17.96 -27.57
C LEU A 113 -22.01 -18.17 -27.95
N ALA A 114 -21.09 -17.85 -27.02
CA ALA A 114 -19.67 -17.94 -27.31
C ALA A 114 -19.21 -19.40 -27.46
N LEU A 115 -19.70 -20.29 -26.60
CA LEU A 115 -19.36 -21.70 -26.74
C LEU A 115 -19.84 -22.23 -28.09
N GLU A 116 -21.00 -21.77 -28.57
CA GLU A 116 -21.55 -22.32 -29.80
C GLU A 116 -20.77 -21.84 -31.02
N VAL A 117 -20.37 -20.57 -31.06
CA VAL A 117 -19.52 -20.16 -32.17
C VAL A 117 -18.13 -20.79 -32.05
N GLY A 118 -17.64 -20.99 -30.82
CA GLY A 118 -16.43 -21.77 -30.65
C GLY A 118 -16.51 -23.15 -31.26
N LYS A 119 -17.68 -23.79 -31.18
CA LYS A 119 -17.85 -25.07 -31.83
C LYS A 119 -17.79 -24.92 -33.35
N ALA A 120 -18.41 -23.87 -33.90
CA ALA A 120 -18.30 -23.64 -35.34
C ALA A 120 -16.88 -23.30 -35.75
N VAL A 121 -16.16 -22.53 -34.92
CA VAL A 121 -14.76 -22.25 -35.19
C VAL A 121 -13.96 -23.55 -35.33
N LYS A 122 -14.33 -24.58 -34.57
CA LYS A 122 -13.55 -25.82 -34.54
C LYS A 122 -13.77 -26.72 -35.75
N LYS A 123 -14.88 -26.56 -36.48
CA LYS A 123 -15.22 -27.42 -37.61
C LYS A 123 -15.75 -26.58 -38.75
N PRO A 124 -14.92 -25.69 -39.30
CA PRO A 124 -15.40 -24.77 -40.33
C PRO A 124 -15.82 -25.50 -41.60
N VAL A 125 -16.74 -24.90 -42.33
CA VAL A 125 -17.18 -25.41 -43.64
C VAL A 125 -16.75 -24.39 -44.68
N ALA A 126 -15.95 -24.84 -45.64
CA ALA A 126 -15.27 -23.93 -46.55
C ALA A 126 -16.25 -23.27 -47.53
N PRO A 127 -16.00 -22.02 -47.90
CA PRO A 127 -16.86 -21.35 -48.89
C PRO A 127 -16.65 -21.93 -50.27
N VAL A 128 -17.57 -21.56 -51.18
CA VAL A 128 -17.61 -22.06 -52.54
C VAL A 128 -17.83 -20.88 -53.49
N VAL A 129 -17.25 -21.00 -54.68
CA VAL A 129 -17.40 -19.99 -55.72
C VAL A 129 -18.56 -20.39 -56.62
N VAL A 130 -19.39 -19.41 -56.98
CA VAL A 130 -20.57 -19.63 -57.80
C VAL A 130 -20.52 -18.67 -58.98
N PRO A 131 -21.17 -18.99 -60.11
CA PRO A 131 -21.20 -18.06 -61.25
C PRO A 131 -22.02 -16.83 -60.94
N ALA A 132 -21.86 -15.82 -61.81
CA ALA A 132 -22.49 -14.52 -61.58
C ALA A 132 -24.01 -14.62 -61.46
N SER A 133 -24.62 -15.59 -62.14
CA SER A 133 -26.08 -15.70 -62.10
C SER A 133 -26.58 -16.21 -60.76
N SER A 134 -25.72 -16.81 -59.94
CA SER A 134 -26.07 -17.24 -58.59
C SER A 134 -25.77 -16.16 -57.53
N ALA A 135 -25.45 -14.93 -57.97
CA ALA A 135 -25.03 -13.85 -57.08
C ALA A 135 -26.03 -12.71 -57.10
N PRO A 136 -27.03 -12.72 -56.21
CA PRO A 136 -27.95 -11.58 -56.13
C PRO A 136 -27.25 -10.25 -55.85
N CYS A 137 -25.99 -10.28 -55.41
CA CYS A 137 -25.27 -9.03 -55.15
C CYS A 137 -24.86 -8.30 -56.43
N GLN A 138 -25.07 -8.90 -57.60
CA GLN A 138 -24.74 -8.24 -58.87
C GLN A 138 -25.98 -8.07 -59.74
N GLU A 139 -27.17 -8.05 -59.13
CA GLU A 139 -28.40 -7.80 -59.89
C GLU A 139 -28.39 -6.38 -60.47
N GLN A 140 -27.74 -5.45 -59.80
CA GLN A 140 -27.47 -4.11 -60.32
C GLN A 140 -25.98 -3.84 -60.21
N ILE A 141 -25.43 -3.22 -61.25
CA ILE A 141 -24.00 -2.94 -61.35
C ILE A 141 -23.85 -1.45 -61.68
N PHE A 142 -23.11 -0.74 -60.85
CA PHE A 142 -22.82 0.68 -61.06
C PHE A 142 -21.32 0.85 -61.27
N LEU A 143 -20.89 0.86 -62.52
CA LEU A 143 -19.49 1.09 -62.83
C LEU A 143 -19.12 2.55 -62.55
N ALA A 144 -17.96 2.75 -61.93
CA ALA A 144 -17.48 4.05 -61.52
C ALA A 144 -16.89 4.87 -62.66
N ASP A 145 -16.61 4.26 -63.81
CA ASP A 145 -16.18 5.00 -64.99
C ASP A 145 -17.36 5.58 -65.78
N ASP A 146 -18.59 5.33 -65.33
CA ASP A 146 -19.74 6.08 -65.80
C ASP A 146 -19.61 7.53 -65.36
N PRO A 147 -19.78 8.51 -66.24
CA PRO A 147 -19.56 9.91 -65.84
C PRO A 147 -20.50 10.39 -64.73
N ASP A 148 -21.66 9.77 -64.54
CA ASP A 148 -22.59 10.22 -63.52
C ASP A 148 -22.43 9.47 -62.20
N PHE A 149 -21.60 8.43 -62.14
CA PHE A 149 -21.36 7.73 -60.90
C PHE A 149 -20.90 8.69 -59.82
N ASP A 150 -21.51 8.58 -58.65
CA ASP A 150 -21.08 9.39 -57.50
C ASP A 150 -21.42 8.60 -56.24
N LEU A 151 -20.39 8.03 -55.60
CA LEU A 151 -20.58 7.27 -54.37
C LEU A 151 -21.48 8.01 -53.39
N ARG A 152 -21.37 9.33 -53.32
CA ARG A 152 -22.02 10.09 -52.25
C ARG A 152 -23.53 10.19 -52.45
N THR A 153 -24.01 10.10 -53.68
CA THR A 153 -25.45 10.15 -53.93
C THR A 153 -26.06 8.78 -54.18
N LEU A 154 -25.25 7.78 -54.53
CA LEU A 154 -25.76 6.44 -54.77
C LEU A 154 -26.18 5.75 -53.47
N LEU A 155 -25.38 5.94 -52.41
CA LEU A 155 -25.49 5.22 -51.16
C LEU A 155 -25.68 6.19 -50.00
N PRO A 156 -26.66 5.95 -49.11
CA PRO A 156 -26.76 6.75 -47.87
C PRO A 156 -25.81 6.21 -46.81
N ALA A 157 -24.69 6.90 -46.62
CA ALA A 157 -23.76 6.57 -45.55
C ALA A 157 -24.12 7.38 -44.31
N PRO A 158 -24.66 6.77 -43.25
CA PRO A 158 -25.06 7.55 -42.08
C PRO A 158 -23.87 8.10 -41.32
N THR A 159 -24.06 9.28 -40.71
CA THR A 159 -23.13 9.84 -39.73
C THR A 159 -23.72 9.64 -38.34
N ASN A 160 -22.91 9.11 -37.42
CA ASN A 160 -23.40 8.76 -36.08
C ASN A 160 -23.66 10.00 -35.23
N THR A 161 -22.77 10.99 -35.26
CA THR A 161 -22.96 12.22 -34.51
C THR A 161 -22.64 13.41 -35.40
N PRO A 162 -23.13 14.59 -35.03
CA PRO A 162 -22.82 15.80 -35.81
C PRO A 162 -21.33 16.16 -35.92
N ILE A 163 -20.46 15.58 -35.10
CA ILE A 163 -19.05 15.97 -35.11
C ILE A 163 -18.18 14.86 -35.69
N ASP A 164 -18.76 13.94 -36.45
CA ASP A 164 -17.98 12.88 -37.06
C ASP A 164 -17.01 13.45 -38.12
N ALA A 165 -16.11 12.59 -38.60
CA ALA A 165 -15.23 12.99 -39.69
C ALA A 165 -16.02 13.23 -40.97
N GLY A 166 -17.08 12.46 -41.17
CA GLY A 166 -17.89 12.48 -42.37
C GLY A 166 -18.82 11.28 -42.37
N PRO A 167 -19.45 11.00 -43.51
CA PRO A 167 -20.33 9.81 -43.59
C PRO A 167 -19.53 8.51 -43.51
N PHE A 168 -20.10 7.51 -42.82
CA PHE A 168 -19.44 6.21 -42.62
C PHE A 168 -20.28 5.04 -43.09
N PHE A 169 -19.61 4.01 -43.62
CA PHE A 169 -20.09 2.64 -43.58
C PHE A 169 -19.35 1.92 -42.46
N CYS A 170 -20.10 1.35 -41.52
CA CYS A 170 -19.51 0.79 -40.30
C CYS A 170 -19.51 -0.73 -40.27
N LEU A 171 -20.07 -1.40 -41.27
CA LEU A 171 -20.10 -2.86 -41.24
C LEU A 171 -19.57 -3.43 -42.56
N GLY A 172 -18.42 -2.91 -42.99
CA GLY A 172 -17.81 -3.34 -44.24
C GLY A 172 -16.90 -4.54 -44.10
N LEU A 173 -17.27 -5.65 -44.73
CA LEU A 173 -16.46 -6.86 -44.68
C LEU A 173 -15.54 -6.90 -45.91
N ALA A 174 -14.25 -6.71 -45.67
CA ALA A 174 -13.27 -6.68 -46.74
C ALA A 174 -12.79 -8.08 -47.07
N LEU A 175 -12.77 -8.41 -48.35
CA LEU A 175 -12.05 -9.56 -48.88
C LEU A 175 -10.84 -9.07 -49.66
N ALA A 176 -9.71 -9.77 -49.50
CA ALA A 176 -8.47 -9.36 -50.15
C ALA A 176 -7.51 -10.53 -50.14
N SER A 177 -6.52 -10.45 -51.04
CA SER A 177 -5.51 -11.48 -51.25
C SER A 177 -4.13 -10.84 -51.35
N ASP A 178 -3.12 -11.65 -51.06
CA ASP A 178 -1.74 -11.21 -51.19
C ASP A 178 -1.43 -10.89 -52.66
N PRO A 179 -0.78 -9.76 -52.97
CA PRO A 179 -0.54 -9.40 -54.38
C PRO A 179 0.44 -10.32 -55.09
N VAL A 180 1.28 -11.04 -54.34
CA VAL A 180 2.27 -11.93 -54.93
C VAL A 180 1.81 -13.38 -54.86
N ASP A 181 1.26 -13.80 -53.74
CA ASP A 181 0.80 -15.17 -53.52
C ASP A 181 -0.73 -15.15 -53.37
N ALA A 182 -1.42 -15.41 -54.48
CA ALA A 182 -2.88 -15.32 -54.53
C ALA A 182 -3.58 -16.30 -53.60
N SER A 183 -2.87 -17.32 -53.11
CA SER A 183 -3.48 -18.32 -52.25
C SER A 183 -3.71 -17.82 -50.84
N LEU A 184 -3.06 -16.72 -50.46
CA LEU A 184 -3.20 -16.14 -49.13
C LEU A 184 -4.31 -15.09 -49.15
N THR A 185 -5.32 -15.27 -48.32
CA THR A 185 -6.52 -14.44 -48.33
C THR A 185 -6.81 -13.92 -46.94
N ASP A 186 -7.71 -12.95 -46.85
CA ASP A 186 -8.16 -12.44 -45.56
C ASP A 186 -9.60 -11.94 -45.65
N VAL A 187 -10.30 -12.01 -44.52
CA VAL A 187 -11.68 -11.57 -44.36
C VAL A 187 -11.73 -10.76 -43.07
N THR A 188 -12.05 -9.48 -43.17
CA THR A 188 -11.93 -8.56 -42.05
C THR A 188 -13.05 -7.53 -42.09
N ILE A 189 -13.48 -7.07 -40.91
CA ILE A 189 -14.51 -6.05 -40.78
C ILE A 189 -13.83 -4.71 -40.57
N HIS A 190 -14.32 -3.69 -41.28
CA HIS A 190 -13.81 -2.34 -41.19
C HIS A 190 -14.98 -1.38 -41.19
N ARG A 191 -14.71 -0.16 -40.73
CA ARG A 191 -15.51 1.01 -41.03
C ARG A 191 -14.79 1.84 -42.09
N LEU A 192 -15.54 2.60 -42.87
CA LEU A 192 -14.98 3.41 -43.96
C LEU A 192 -15.70 4.75 -44.03
N CYS A 193 -14.92 5.83 -44.15
CA CYS A 193 -15.47 7.17 -44.31
C CYS A 193 -15.49 7.56 -45.79
N VAL A 194 -16.61 8.16 -46.22
CA VAL A 194 -16.82 8.51 -47.63
C VAL A 194 -16.11 9.82 -47.93
N GLN A 195 -15.14 9.77 -48.84
CA GLN A 195 -14.23 10.89 -49.04
C GLN A 195 -14.40 11.60 -50.37
N GLY A 196 -15.16 11.02 -51.30
CA GLY A 196 -15.33 11.67 -52.59
C GLY A 196 -16.24 10.89 -53.51
N ARG A 197 -16.33 11.41 -54.73
CA ARG A 197 -17.10 10.78 -55.80
C ARG A 197 -16.86 9.28 -55.88
N ASP A 198 -15.64 8.84 -55.60
CA ASP A 198 -15.24 7.47 -55.81
C ASP A 198 -14.09 7.07 -54.88
N GLU A 199 -14.11 7.58 -53.65
CA GLU A 199 -13.04 7.30 -52.69
C GLU A 199 -13.63 7.07 -51.31
N LEU A 200 -12.95 6.19 -50.56
CA LEU A 200 -13.23 5.94 -49.16
C LEU A 200 -11.90 5.80 -48.44
N SER A 201 -11.80 6.41 -47.27
CA SER A 201 -10.67 6.16 -46.38
C SER A 201 -10.98 4.93 -45.54
N MET A 202 -9.93 4.15 -45.24
CA MET A 202 -10.10 2.89 -44.53
C MET A 202 -8.91 2.65 -43.61
N PHE A 203 -9.18 2.44 -42.33
CA PHE A 203 -8.13 2.05 -41.39
C PHE A 203 -7.97 0.53 -41.41
N LEU A 204 -6.74 0.07 -41.56
CA LEU A 204 -6.40 -1.35 -41.46
C LEU A 204 -5.43 -1.52 -40.29
N ALA A 205 -5.78 -2.42 -39.34
CA ALA A 205 -4.95 -2.59 -38.14
C ALA A 205 -3.57 -3.09 -38.52
N ALA A 206 -2.55 -2.46 -37.94
CA ALA A 206 -1.17 -2.85 -38.24
C ALA A 206 -0.95 -4.34 -37.98
N GLY A 207 -0.22 -5.00 -38.88
CA GLY A 207 0.08 -6.41 -38.76
C GLY A 207 -1.00 -7.37 -39.22
N ARG A 208 -2.24 -6.89 -39.36
CA ARG A 208 -3.32 -7.71 -39.89
C ARG A 208 -3.03 -8.11 -41.33
N HIS A 209 -3.49 -9.31 -41.71
CA HIS A 209 -3.06 -9.88 -42.98
C HIS A 209 -3.39 -8.98 -44.17
N ILE A 210 -4.59 -8.39 -44.19
CA ILE A 210 -4.95 -7.55 -45.32
C ILE A 210 -4.04 -6.33 -45.39
N GLU A 211 -3.62 -5.81 -44.25
CA GLU A 211 -2.77 -4.65 -44.24
C GLU A 211 -1.38 -4.99 -44.72
N VAL A 212 -0.98 -6.21 -44.49
CA VAL A 212 0.31 -6.68 -44.92
C VAL A 212 0.27 -6.89 -46.41
N PHE A 213 -0.87 -7.30 -46.94
CA PHE A 213 -1.00 -7.44 -48.35
C PHE A 213 -0.87 -6.04 -48.94
N ARG A 214 -1.59 -5.10 -48.37
CA ARG A 214 -1.56 -3.74 -48.86
C ARG A 214 -0.18 -3.14 -48.94
N GLN A 215 0.57 -3.23 -47.87
CA GLN A 215 1.93 -2.71 -47.83
C GLN A 215 2.81 -3.33 -48.91
N LYS A 216 2.71 -4.64 -49.11
CA LYS A 216 3.49 -5.32 -50.14
C LYS A 216 3.11 -4.81 -51.53
N ALA A 217 1.83 -4.53 -51.74
CA ALA A 217 1.42 -3.93 -53.00
C ALA A 217 1.90 -2.49 -53.11
N GLU A 218 1.87 -1.75 -51.99
CA GLU A 218 2.35 -0.38 -52.00
C GLU A 218 3.85 -0.31 -52.24
N ALA A 219 4.62 -1.24 -51.64
CA ALA A 219 6.05 -1.26 -51.87
C ALA A 219 6.39 -1.45 -53.34
N ALA A 220 5.56 -2.21 -54.06
CA ALA A 220 5.74 -2.42 -55.50
C ALA A 220 5.13 -1.31 -56.32
N GLY A 221 4.60 -0.27 -55.67
CA GLY A 221 3.95 0.81 -56.38
C GLY A 221 2.67 0.41 -57.07
N LYS A 222 1.95 -0.58 -56.53
CA LYS A 222 0.77 -1.14 -57.15
C LYS A 222 -0.42 -1.10 -56.19
N PRO A 223 -1.63 -0.97 -56.74
CA PRO A 223 -2.84 -1.05 -55.90
C PRO A 223 -3.09 -2.46 -55.38
N LEU A 224 -3.98 -2.54 -54.39
CA LEU A 224 -4.45 -3.83 -53.90
C LEU A 224 -5.94 -3.94 -54.14
N PRO A 225 -6.38 -4.82 -55.04
CA PRO A 225 -7.82 -4.96 -55.29
C PRO A 225 -8.53 -5.56 -54.08
N ILE A 226 -9.71 -5.04 -53.80
CA ILE A 226 -10.44 -5.32 -52.58
C ILE A 226 -11.93 -5.27 -52.90
N THR A 227 -12.72 -6.02 -52.14
CA THR A 227 -14.17 -5.83 -52.12
C THR A 227 -14.62 -5.59 -50.69
N ILE A 228 -15.61 -4.71 -50.55
CA ILE A 228 -16.20 -4.36 -49.26
C ILE A 228 -17.65 -4.82 -49.32
N ASN A 229 -17.99 -5.84 -48.53
CA ASN A 229 -19.30 -6.47 -48.59
C ASN A 229 -20.13 -6.08 -47.38
N MET A 230 -21.35 -5.59 -47.63
CA MET A 230 -22.21 -5.07 -46.57
C MET A 230 -23.62 -5.61 -46.73
N GLY A 231 -24.27 -5.91 -45.60
CA GLY A 231 -25.61 -6.46 -45.61
C GLY A 231 -25.57 -7.97 -45.68
N LEU A 232 -25.26 -8.62 -44.56
CA LEU A 232 -24.87 -10.02 -44.56
C LEU A 232 -25.66 -10.79 -43.51
N ASP A 233 -25.77 -12.09 -43.72
CA ASP A 233 -26.13 -13.04 -42.68
C ASP A 233 -25.39 -12.66 -41.40
N PRO A 234 -26.10 -12.44 -40.29
CA PRO A 234 -25.39 -12.15 -39.04
C PRO A 234 -24.34 -13.20 -38.69
N ALA A 235 -24.51 -14.43 -39.16
CA ALA A 235 -23.51 -15.46 -38.89
C ALA A 235 -22.19 -15.14 -39.56
N ILE A 236 -22.21 -14.40 -40.67
CA ILE A 236 -20.95 -14.05 -41.34
C ILE A 236 -20.22 -12.96 -40.56
N TYR A 237 -20.93 -11.89 -40.16
CA TYR A 237 -20.27 -10.83 -39.39
C TYR A 237 -19.73 -11.38 -38.08
N ILE A 238 -20.56 -12.13 -37.35
CA ILE A 238 -20.17 -12.66 -36.04
C ILE A 238 -18.98 -13.61 -36.19
N GLY A 239 -19.10 -14.57 -37.10
CA GLY A 239 -18.01 -15.53 -37.28
C GLY A 239 -16.72 -14.90 -37.78
N ALA A 240 -16.81 -13.81 -38.52
CA ALA A 240 -15.61 -13.14 -39.03
C ALA A 240 -14.79 -12.47 -37.93
N CYS A 241 -15.39 -12.22 -36.77
CA CYS A 241 -14.66 -11.59 -35.68
C CYS A 241 -13.80 -12.57 -34.90
N PHE A 242 -13.82 -13.86 -35.24
CA PHE A 242 -13.04 -14.89 -34.58
C PHE A 242 -11.79 -15.17 -35.40
N GLU A 243 -10.68 -15.45 -34.71
CA GLU A 243 -9.44 -15.83 -35.39
C GLU A 243 -9.65 -17.14 -36.14
N ALA A 244 -9.03 -17.25 -37.31
CA ALA A 244 -9.16 -18.44 -38.12
C ALA A 244 -7.79 -18.86 -38.64
N PRO A 245 -7.62 -20.13 -38.98
CA PRO A 245 -6.39 -20.55 -39.66
C PRO A 245 -6.40 -20.07 -41.10
N THR A 246 -5.27 -20.22 -41.76
CA THR A 246 -5.15 -19.91 -43.18
C THR A 246 -4.88 -21.20 -43.94
N THR A 247 -5.61 -21.38 -45.03
CA THR A 247 -5.43 -22.48 -45.97
C THR A 247 -5.57 -21.91 -47.37
N PRO A 248 -5.04 -22.59 -48.38
CA PRO A 248 -5.01 -22.02 -49.74
C PRO A 248 -6.37 -21.53 -50.24
N PHE A 249 -6.43 -20.26 -50.63
CA PHE A 249 -7.65 -19.66 -51.16
C PHE A 249 -8.83 -19.85 -50.21
N GLY A 250 -8.54 -19.81 -48.90
CA GLY A 250 -9.48 -20.27 -47.90
C GLY A 250 -10.58 -19.32 -47.51
N TYR A 251 -10.32 -18.01 -47.53
CA TYR A 251 -11.27 -17.05 -46.98
C TYR A 251 -11.82 -17.58 -45.66
N ASN A 252 -10.89 -18.01 -44.79
CA ASN A 252 -11.22 -19.00 -43.77
C ASN A 252 -12.20 -18.48 -42.73
N GLU A 253 -12.24 -17.16 -42.49
CA GLU A 253 -13.22 -16.65 -41.52
C GLU A 253 -14.64 -16.98 -41.94
N LEU A 254 -14.88 -17.19 -43.23
CA LEU A 254 -16.21 -17.52 -43.73
C LEU A 254 -16.62 -18.95 -43.37
N GLY A 255 -15.65 -19.80 -43.02
CA GLY A 255 -15.98 -21.16 -42.63
C GLY A 255 -16.76 -21.25 -41.33
N VAL A 256 -16.63 -20.22 -40.47
CA VAL A 256 -17.44 -20.19 -39.25
C VAL A 256 -18.92 -20.10 -39.61
N ALA A 257 -19.28 -19.10 -40.42
CA ALA A 257 -20.66 -19.02 -40.92
C ALA A 257 -21.05 -20.32 -41.63
N GLY A 258 -20.11 -20.92 -42.36
CA GLY A 258 -20.42 -22.16 -43.05
C GLY A 258 -20.83 -23.28 -42.09
N ALA A 259 -20.15 -23.35 -40.93
CA ALA A 259 -20.49 -24.35 -39.93
C ALA A 259 -21.79 -23.98 -39.21
N LEU A 260 -21.95 -22.69 -38.90
CA LEU A 260 -23.17 -22.22 -38.25
C LEU A 260 -24.42 -22.55 -39.06
N ARG A 261 -24.34 -22.43 -40.39
CA ARG A 261 -25.48 -22.69 -41.24
C ARG A 261 -25.50 -24.09 -41.82
N GLN A 262 -24.40 -24.84 -41.71
CA GLN A 262 -24.26 -26.13 -42.39
C GLN A 262 -24.53 -25.96 -43.89
N ARG A 263 -23.91 -24.92 -44.45
CA ARG A 263 -24.07 -24.52 -45.83
C ARG A 263 -22.95 -23.56 -46.19
N PRO A 264 -22.17 -23.85 -47.23
CA PRO A 264 -21.03 -22.98 -47.56
C PRO A 264 -21.48 -21.58 -47.94
N VAL A 265 -20.75 -20.58 -47.45
CA VAL A 265 -20.95 -19.21 -47.92
C VAL A 265 -20.52 -19.12 -49.37
N GLU A 266 -21.32 -18.48 -50.20
CA GLU A 266 -21.05 -18.43 -51.63
C GLU A 266 -20.31 -17.16 -51.99
N LEU A 267 -19.26 -17.32 -52.80
CA LEU A 267 -18.45 -16.22 -53.29
C LEU A 267 -18.64 -16.09 -54.79
N VAL A 268 -18.61 -14.84 -55.28
CA VAL A 268 -18.71 -14.57 -56.71
C VAL A 268 -17.55 -13.67 -57.11
N GLN A 269 -17.05 -13.88 -58.33
CA GLN A 269 -15.96 -13.06 -58.84
C GLN A 269 -16.40 -11.62 -59.01
N GLY A 270 -15.50 -10.69 -58.73
CA GLY A 270 -15.81 -9.28 -58.88
C GLY A 270 -15.97 -8.91 -60.35
N VAL A 271 -16.85 -7.94 -60.61
CA VAL A 271 -17.07 -7.59 -62.00
C VAL A 271 -15.98 -6.63 -62.50
N SER A 272 -15.39 -5.83 -61.61
CA SER A 272 -14.40 -4.84 -62.03
C SER A 272 -13.03 -5.01 -61.36
N VAL A 273 -12.91 -5.84 -60.34
CA VAL A 273 -11.61 -6.07 -59.73
C VAL A 273 -11.39 -7.57 -59.61
N PRO A 274 -10.15 -8.05 -59.77
CA PRO A 274 -9.84 -9.49 -59.63
C PRO A 274 -9.83 -9.96 -58.18
N GLU A 275 -11.03 -10.11 -57.61
CA GLU A 275 -11.15 -10.49 -56.21
C GLU A 275 -12.60 -10.88 -55.94
N LYS A 276 -12.78 -11.80 -54.98
CA LYS A 276 -14.10 -12.35 -54.71
C LYS A 276 -14.97 -11.36 -53.95
N ALA A 277 -16.29 -11.53 -54.06
CA ALA A 277 -17.26 -10.81 -53.26
C ALA A 277 -18.27 -11.80 -52.68
N ILE A 278 -19.01 -11.37 -51.66
CA ILE A 278 -20.04 -12.22 -51.07
C ILE A 278 -21.25 -12.23 -52.00
N ALA A 279 -21.57 -13.41 -52.55
CA ALA A 279 -22.55 -13.49 -53.63
C ALA A 279 -23.93 -13.03 -53.19
N ARG A 280 -24.30 -13.25 -51.93
CA ARG A 280 -25.63 -12.89 -51.45
C ARG A 280 -25.64 -11.60 -50.64
N ALA A 281 -24.57 -10.81 -50.74
CA ALA A 281 -24.50 -9.54 -50.03
C ALA A 281 -25.50 -8.54 -50.59
N GLU A 282 -25.99 -7.66 -49.71
CA GLU A 282 -26.87 -6.58 -50.16
C GLU A 282 -26.13 -5.62 -51.08
N ILE A 283 -24.96 -5.16 -50.65
CA ILE A 283 -24.19 -4.11 -51.34
C ILE A 283 -22.73 -4.54 -51.38
N VAL A 284 -22.08 -4.34 -52.54
CA VAL A 284 -20.65 -4.62 -52.68
C VAL A 284 -19.95 -3.40 -53.28
N ILE A 285 -18.97 -2.87 -52.58
CA ILE A 285 -18.09 -1.84 -53.13
C ILE A 285 -16.80 -2.51 -53.60
N GLU A 286 -16.54 -2.46 -54.90
CA GLU A 286 -15.31 -2.97 -55.49
C GLU A 286 -14.35 -1.81 -55.71
N GLY A 287 -13.09 -2.00 -55.31
CA GLY A 287 -12.11 -0.96 -55.53
C GLY A 287 -10.70 -1.49 -55.35
N GLU A 288 -9.76 -0.55 -55.28
CA GLU A 288 -8.36 -0.88 -55.02
C GLU A 288 -7.77 0.11 -54.03
N LEU A 289 -7.03 -0.41 -53.05
CA LEU A 289 -6.26 0.45 -52.15
C LEU A 289 -5.09 1.08 -52.89
N LEU A 290 -5.08 2.43 -52.97
CA LEU A 290 -4.14 3.16 -53.80
C LEU A 290 -2.76 3.22 -53.13
N PRO A 291 -1.70 3.00 -53.91
CA PRO A 291 -0.35 3.08 -53.34
C PRO A 291 0.15 4.51 -53.32
N GLY A 292 0.91 4.84 -52.27
CA GLY A 292 1.51 6.17 -52.14
C GLY A 292 0.50 7.27 -51.99
N VAL A 293 -0.63 7.01 -51.35
CA VAL A 293 -1.74 7.95 -51.24
C VAL A 293 -2.30 7.85 -49.82
N ARG A 294 -2.50 9.00 -49.18
CA ARG A 294 -3.09 9.08 -47.85
C ARG A 294 -4.00 10.28 -47.79
N VAL A 295 -4.95 10.26 -46.85
CA VAL A 295 -5.92 11.33 -46.69
C VAL A 295 -6.14 11.55 -45.20
N ARG A 296 -6.47 12.78 -44.85
CA ARG A 296 -6.91 13.08 -43.49
C ARG A 296 -8.37 12.66 -43.32
N GLU A 297 -8.66 11.92 -42.26
CA GLU A 297 -9.99 11.31 -42.14
C GLU A 297 -11.09 12.36 -42.20
N ASP A 298 -10.90 13.47 -41.47
CA ASP A 298 -11.89 14.55 -41.39
C ASP A 298 -11.64 15.68 -42.38
N GLN A 299 -10.90 15.42 -43.46
CA GLN A 299 -10.54 16.46 -44.43
C GLN A 299 -11.73 17.30 -44.90
N HIS A 300 -12.94 16.75 -44.88
CA HIS A 300 -14.10 17.48 -45.40
C HIS A 300 -14.91 18.20 -44.32
N THR A 301 -14.65 17.90 -43.04
CA THR A 301 -15.37 18.51 -41.92
C THR A 301 -14.47 19.29 -40.98
N ASN A 302 -13.21 18.88 -40.83
CA ASN A 302 -12.31 19.46 -39.84
C ASN A 302 -12.89 19.37 -38.44
N SER A 303 -13.73 18.35 -38.21
CA SER A 303 -14.39 18.18 -36.92
C SER A 303 -13.41 17.81 -35.82
N GLY A 304 -12.21 17.36 -36.17
CA GLY A 304 -11.27 16.80 -35.20
C GLY A 304 -11.53 15.35 -34.81
N HIS A 305 -12.62 14.74 -35.26
CA HIS A 305 -12.99 13.42 -34.76
C HIS A 305 -13.22 12.47 -35.92
N ALA A 306 -13.34 11.20 -35.55
CA ALA A 306 -13.67 10.12 -36.47
C ALA A 306 -15.17 9.79 -36.30
N MET A 307 -15.48 8.90 -35.38
CA MET A 307 -16.86 8.67 -34.96
C MET A 307 -16.84 8.12 -33.54
N PRO A 308 -17.99 7.80 -32.96
CA PRO A 308 -18.02 7.18 -31.62
C PRO A 308 -17.28 5.83 -31.59
N GLU A 309 -16.42 5.67 -30.59
CA GLU A 309 -15.68 4.43 -30.34
C GLU A 309 -16.41 3.59 -29.28
N PHE A 310 -16.10 2.30 -29.23
CA PHE A 310 -16.84 1.38 -28.37
C PHE A 310 -16.81 1.73 -26.88
N PRO A 311 -15.80 2.41 -26.32
CA PRO A 311 -15.86 2.81 -24.90
C PRO A 311 -16.90 3.88 -24.61
N GLY A 312 -17.47 4.52 -25.63
CA GLY A 312 -18.51 5.52 -25.44
C GLY A 312 -18.10 6.95 -25.72
N TYR A 313 -16.89 7.17 -26.23
CA TYR A 313 -16.39 8.49 -26.55
C TYR A 313 -16.07 8.57 -28.04
N CYS A 314 -16.12 9.78 -28.58
CA CYS A 314 -15.69 9.99 -29.96
C CYS A 314 -14.19 9.88 -30.07
N GLY A 315 -13.72 9.13 -31.04
CA GLY A 315 -12.30 9.04 -31.29
C GLY A 315 -11.78 10.21 -32.12
N GLY A 316 -10.46 10.44 -32.00
CA GLY A 316 -9.82 11.45 -32.83
C GLY A 316 -9.78 11.03 -34.29
N ALA A 317 -9.80 12.03 -35.16
CA ALA A 317 -9.66 11.78 -36.59
C ALA A 317 -8.27 11.23 -36.90
N ASN A 318 -8.21 10.11 -37.62
CA ASN A 318 -6.91 9.62 -38.09
C ASN A 318 -6.34 10.57 -39.13
N PRO A 319 -5.15 11.15 -38.91
CA PRO A 319 -4.64 12.16 -39.86
C PRO A 319 -4.05 11.58 -41.14
N SER A 320 -3.93 10.26 -41.27
CA SER A 320 -3.20 9.65 -42.40
C SER A 320 -3.80 8.26 -42.65
N LEU A 321 -4.73 8.17 -43.60
CA LEU A 321 -5.39 6.91 -43.91
C LEU A 321 -5.19 6.53 -45.37
N PRO A 322 -5.07 5.24 -45.68
CA PRO A 322 -5.11 4.80 -47.08
C PRO A 322 -6.50 5.00 -47.67
N VAL A 323 -6.54 5.03 -49.01
CA VAL A 323 -7.75 5.36 -49.76
C VAL A 323 -8.14 4.18 -50.64
N ILE A 324 -9.42 3.78 -50.58
CA ILE A 324 -9.98 2.86 -51.57
C ILE A 324 -10.51 3.69 -52.74
N LYS A 325 -9.95 3.46 -53.92
CA LYS A 325 -10.50 3.99 -55.17
C LYS A 325 -11.56 3.02 -55.68
N VAL A 326 -12.80 3.49 -55.77
CA VAL A 326 -13.93 2.63 -56.11
C VAL A 326 -14.02 2.45 -57.62
N LYS A 327 -13.98 1.19 -58.07
CA LYS A 327 -14.16 0.86 -59.47
C LYS A 327 -15.59 0.44 -59.81
N ALA A 328 -16.36 -0.05 -58.84
CA ALA A 328 -17.74 -0.43 -59.10
C ALA A 328 -18.49 -0.57 -57.78
N VAL A 329 -19.81 -0.39 -57.84
CA VAL A 329 -20.71 -0.78 -56.77
C VAL A 329 -21.77 -1.70 -57.38
N THR A 330 -21.88 -2.91 -56.84
CA THR A 330 -22.96 -3.81 -57.21
C THR A 330 -23.89 -3.97 -56.02
N MET A 331 -25.15 -4.30 -56.28
CA MET A 331 -26.07 -4.46 -55.17
C MET A 331 -27.27 -5.28 -55.62
N ARG A 332 -28.02 -5.78 -54.63
CA ARG A 332 -29.29 -6.45 -54.91
C ARG A 332 -30.35 -5.43 -55.31
N ASN A 333 -31.38 -5.93 -55.97
CA ASN A 333 -32.58 -5.12 -56.14
C ASN A 333 -33.12 -4.75 -54.75
N ASN A 334 -33.62 -3.52 -54.63
CA ASN A 334 -34.12 -3.00 -53.35
C ASN A 334 -33.08 -3.16 -52.24
N ALA A 335 -31.82 -2.89 -52.58
CA ALA A 335 -30.72 -3.18 -51.67
C ALA A 335 -30.91 -2.55 -50.30
N ILE A 336 -30.61 -3.31 -49.26
CA ILE A 336 -30.53 -2.78 -47.90
C ILE A 336 -29.11 -2.32 -47.66
N LEU A 337 -28.95 -1.14 -47.08
CA LEU A 337 -27.67 -0.70 -46.54
C LEU A 337 -27.66 -0.96 -45.04
N GLN A 338 -26.80 -1.87 -44.59
CA GLN A 338 -26.72 -2.25 -43.18
C GLN A 338 -25.47 -1.64 -42.55
N THR A 339 -25.65 -1.01 -41.39
CA THR A 339 -24.55 -0.44 -40.63
C THR A 339 -24.93 -0.52 -39.16
N LEU A 340 -24.29 0.28 -38.31
CA LEU A 340 -24.58 0.23 -36.89
C LEU A 340 -24.59 1.64 -36.30
N VAL A 341 -25.18 1.75 -35.11
CA VAL A 341 -25.25 3.01 -34.36
C VAL A 341 -24.69 2.76 -32.97
N GLY A 342 -23.78 3.62 -32.51
CA GLY A 342 -23.37 3.60 -31.11
C GLY A 342 -21.90 3.80 -30.84
N PRO A 343 -21.08 2.76 -31.08
CA PRO A 343 -21.49 1.48 -31.69
C PRO A 343 -22.29 0.59 -30.71
N GLY A 344 -22.29 0.95 -29.43
CA GLY A 344 -23.19 0.34 -28.45
C GLY A 344 -23.15 -1.17 -28.38
N GLU A 345 -24.34 -1.77 -28.22
CA GLU A 345 -24.43 -3.21 -28.02
C GLU A 345 -23.99 -3.99 -29.25
N GLU A 346 -24.21 -3.44 -30.46
CA GLU A 346 -23.79 -4.13 -31.67
C GLU A 346 -22.30 -4.42 -31.64
N HIS A 347 -21.49 -3.47 -31.14
CA HIS A 347 -20.06 -3.76 -30.96
C HIS A 347 -19.85 -4.80 -29.86
N THR A 348 -20.59 -4.69 -28.76
CA THR A 348 -20.47 -5.67 -27.68
C THR A 348 -20.64 -7.09 -28.20
N THR A 349 -21.68 -7.33 -29.00
CA THR A 349 -21.89 -8.63 -29.61
C THR A 349 -20.69 -9.06 -30.43
N LEU A 350 -20.29 -8.23 -31.40
CA LEU A 350 -19.29 -8.63 -32.38
C LEU A 350 -17.91 -8.79 -31.74
N ALA A 351 -17.49 -7.85 -30.87
CA ALA A 351 -16.21 -8.02 -30.20
C ALA A 351 -16.30 -8.95 -28.99
N GLY A 352 -17.45 -8.98 -28.32
CA GLY A 352 -17.53 -9.66 -27.02
C GLY A 352 -17.48 -11.17 -27.12
N LEU A 353 -18.11 -11.74 -28.16
CA LEU A 353 -18.12 -13.20 -28.30
C LEU A 353 -16.70 -13.74 -28.48
N PRO A 354 -15.86 -13.15 -29.34
CA PRO A 354 -14.47 -13.63 -29.43
C PRO A 354 -13.69 -13.43 -28.14
N THR A 355 -13.88 -12.31 -27.46
CA THR A 355 -13.24 -12.10 -26.15
C THR A 355 -13.61 -13.25 -25.21
N GLU A 356 -14.91 -13.53 -25.08
CA GLU A 356 -15.38 -14.62 -24.22
C GLU A 356 -14.79 -15.96 -24.67
N ALA A 357 -14.81 -16.22 -25.97
CA ALA A 357 -14.36 -17.51 -26.46
C ALA A 357 -12.89 -17.75 -26.16
N SER A 358 -12.06 -16.71 -26.31
CA SER A 358 -10.63 -16.88 -26.03
C SER A 358 -10.36 -17.08 -24.53
N ILE A 359 -11.14 -16.43 -23.67
CA ILE A 359 -11.02 -16.68 -22.23
C ILE A 359 -11.48 -18.10 -21.90
N TRP A 360 -12.62 -18.53 -22.45
CA TRP A 360 -13.08 -19.91 -22.27
C TRP A 360 -11.99 -20.91 -22.61
N ASN A 361 -11.38 -20.75 -23.78
CA ASN A 361 -10.40 -21.73 -24.25
C ASN A 361 -9.18 -21.74 -23.35
N ALA A 362 -8.72 -20.56 -22.93
CA ALA A 362 -7.53 -20.50 -22.11
C ALA A 362 -7.78 -21.07 -20.72
N VAL A 363 -8.92 -20.73 -20.10
CA VAL A 363 -9.16 -21.16 -18.72
C VAL A 363 -9.55 -22.64 -18.67
N GLU A 364 -10.39 -23.09 -19.60
CA GLU A 364 -10.78 -24.50 -19.61
C GLU A 364 -9.61 -25.40 -19.97
N ALA A 365 -8.66 -24.92 -20.77
CA ALA A 365 -7.50 -25.74 -21.07
C ALA A 365 -6.58 -25.84 -19.86
N ALA A 366 -6.46 -24.77 -19.07
CA ALA A 366 -5.55 -24.76 -17.93
C ALA A 366 -6.19 -25.29 -16.66
N ILE A 367 -7.49 -25.06 -16.45
CA ILE A 367 -8.17 -25.51 -15.24
C ILE A 367 -9.51 -26.11 -15.65
N PRO A 368 -9.53 -27.33 -16.18
CA PRO A 368 -10.79 -27.84 -16.75
C PRO A 368 -11.86 -28.00 -15.68
N GLY A 369 -13.08 -27.59 -16.03
CA GLY A 369 -14.22 -27.72 -15.14
C GLY A 369 -14.41 -26.58 -14.15
N PHE A 370 -13.45 -25.65 -14.06
CA PHE A 370 -13.50 -24.57 -13.06
C PHE A 370 -14.36 -23.40 -13.55
N LEU A 371 -14.11 -22.91 -14.76
CA LEU A 371 -14.90 -21.78 -15.26
C LEU A 371 -16.31 -22.24 -15.62
N GLN A 372 -17.32 -21.54 -15.11
CA GLN A 372 -18.69 -21.87 -15.48
C GLN A 372 -19.20 -21.04 -16.65
N ASN A 373 -18.73 -19.81 -16.78
CA ASN A 373 -19.06 -18.89 -17.87
C ASN A 373 -18.22 -17.61 -17.79
N VAL A 374 -18.25 -16.82 -18.84
CA VAL A 374 -17.56 -15.57 -18.94
C VAL A 374 -18.38 -14.58 -19.73
N TYR A 375 -18.40 -13.35 -19.30
CA TYR A 375 -19.10 -12.32 -19.97
C TYR A 375 -18.19 -11.13 -20.20
N ALA A 376 -17.97 -10.86 -21.48
CA ALA A 376 -17.23 -9.67 -21.93
C ALA A 376 -18.22 -8.51 -21.85
N HIS A 377 -18.30 -7.94 -20.66
CA HIS A 377 -19.42 -7.09 -20.29
C HIS A 377 -19.62 -5.95 -21.30
N THR A 378 -20.90 -5.67 -21.60
CA THR A 378 -21.24 -4.60 -22.52
C THR A 378 -20.73 -3.24 -22.02
N ALA A 379 -20.58 -3.06 -20.71
CA ALA A 379 -20.08 -1.79 -20.21
C ALA A 379 -18.62 -1.58 -20.57
N GLY A 380 -17.91 -2.64 -20.94
CA GLY A 380 -16.60 -2.51 -21.53
C GLY A 380 -16.61 -2.60 -23.05
N GLY A 381 -17.78 -2.45 -23.68
CA GLY A 381 -17.88 -2.62 -25.12
C GLY A 381 -17.45 -3.99 -25.61
N GLY A 382 -17.42 -4.98 -24.71
CA GLY A 382 -17.03 -6.33 -25.04
C GLY A 382 -15.54 -6.58 -25.04
N LYS A 383 -14.76 -5.64 -24.54
CA LYS A 383 -13.30 -5.67 -24.55
C LYS A 383 -12.65 -5.35 -23.21
N PHE A 384 -13.17 -4.34 -22.47
CA PHE A 384 -12.42 -3.80 -21.34
C PHE A 384 -12.71 -4.51 -20.01
N LEU A 385 -13.90 -5.11 -19.84
CA LEU A 385 -14.31 -5.66 -18.54
C LEU A 385 -14.68 -7.13 -18.68
N GLY A 386 -13.99 -8.00 -17.96
CA GLY A 386 -14.34 -9.41 -17.96
C GLY A 386 -14.97 -9.89 -16.66
N ILE A 387 -16.17 -10.46 -16.72
CA ILE A 387 -16.81 -11.12 -15.58
C ILE A 387 -16.59 -12.60 -15.74
N LEU A 388 -15.82 -13.20 -14.83
CA LEU A 388 -15.62 -14.65 -14.84
C LEU A 388 -16.45 -15.28 -13.75
N GLN A 389 -17.22 -16.30 -14.11
CA GLN A 389 -17.98 -17.07 -13.14
C GLN A 389 -17.29 -18.40 -12.90
N VAL A 390 -16.89 -18.64 -11.64
CA VAL A 390 -16.16 -19.87 -11.34
C VAL A 390 -16.93 -20.65 -10.28
N LYS A 391 -16.55 -21.93 -10.15
CA LYS A 391 -17.10 -22.80 -9.12
C LYS A 391 -15.95 -23.41 -8.35
N LYS A 392 -15.85 -23.11 -7.07
CA LYS A 392 -14.88 -23.77 -6.22
C LYS A 392 -15.47 -25.11 -5.78
N ARG A 393 -14.80 -26.20 -6.17
CA ARG A 393 -15.28 -27.56 -5.99
C ARG A 393 -14.56 -28.31 -4.89
N GLN A 394 -13.43 -27.80 -4.40
CA GLN A 394 -12.54 -28.52 -3.50
C GLN A 394 -11.54 -27.50 -2.94
N PRO A 395 -10.90 -27.82 -1.79
CA PRO A 395 -9.99 -26.82 -1.18
C PRO A 395 -8.96 -26.26 -2.16
N ALA A 396 -8.41 -27.08 -3.04
CA ALA A 396 -7.38 -26.61 -3.97
C ALA A 396 -7.89 -25.56 -4.95
N ASP A 397 -9.22 -25.43 -5.14
CA ASP A 397 -9.73 -24.36 -5.99
C ASP A 397 -9.59 -22.98 -5.36
N GLU A 398 -9.37 -22.91 -4.05
CA GLU A 398 -9.05 -21.63 -3.43
C GLU A 398 -7.67 -21.19 -3.92
N GLY A 399 -7.58 -19.97 -4.45
CA GLY A 399 -6.39 -19.52 -5.13
C GLY A 399 -6.39 -19.71 -6.63
N ARG A 400 -7.30 -20.50 -7.18
CA ARG A 400 -7.40 -20.63 -8.62
C ARG A 400 -8.29 -19.57 -9.24
N GLN A 401 -9.12 -18.87 -8.45
CA GLN A 401 -9.91 -17.81 -9.06
C GLN A 401 -9.00 -16.67 -9.55
N GLY A 402 -7.96 -16.34 -8.78
CA GLY A 402 -6.98 -15.38 -9.26
C GLY A 402 -6.22 -15.90 -10.44
N GLN A 403 -5.92 -17.20 -10.44
CA GLN A 403 -5.29 -17.81 -11.62
C GLN A 403 -6.15 -17.60 -12.86
N ALA A 404 -7.48 -17.75 -12.73
CA ALA A 404 -8.37 -17.57 -13.87
C ALA A 404 -8.36 -16.12 -14.35
N ALA A 405 -8.30 -15.15 -13.42
CA ALA A 405 -8.13 -13.75 -13.80
C ALA A 405 -6.84 -13.52 -14.58
N LEU A 406 -5.73 -14.10 -14.11
CA LEU A 406 -4.47 -13.97 -14.84
C LEU A 406 -4.57 -14.58 -16.24
N LEU A 407 -5.17 -15.76 -16.35
CA LEU A 407 -5.36 -16.36 -17.67
C LEU A 407 -6.16 -15.43 -18.58
N ALA A 408 -7.15 -14.72 -18.02
CA ALA A 408 -7.93 -13.79 -18.83
C ALA A 408 -7.10 -12.58 -19.25
N LEU A 409 -6.40 -11.95 -18.30
CA LEU A 409 -5.62 -10.77 -18.65
C LEU A 409 -4.51 -11.12 -19.63
N ALA A 410 -3.97 -12.33 -19.54
CA ALA A 410 -2.87 -12.69 -20.41
C ALA A 410 -3.34 -12.99 -21.84
N THR A 411 -4.49 -13.66 -21.99
CA THR A 411 -4.93 -14.03 -23.34
C THR A 411 -5.64 -12.88 -24.06
N TYR A 412 -6.13 -11.87 -23.36
CA TYR A 412 -6.77 -10.71 -24.01
C TYR A 412 -6.19 -9.43 -23.42
N SER A 413 -5.09 -8.92 -24.03
CA SER A 413 -4.33 -7.80 -23.46
C SER A 413 -5.12 -6.51 -23.42
N GLU A 414 -6.18 -6.39 -24.18
CA GLU A 414 -6.99 -5.18 -24.15
C GLU A 414 -8.00 -5.17 -23.02
N LEU A 415 -8.09 -6.24 -22.23
CA LEU A 415 -8.86 -6.19 -20.99
C LEU A 415 -8.26 -5.15 -20.03
N LYS A 416 -9.12 -4.59 -19.17
CA LYS A 416 -8.67 -3.66 -18.14
C LYS A 416 -8.91 -4.21 -16.73
N ASN A 417 -10.14 -4.60 -16.40
CA ASN A 417 -10.46 -5.13 -15.08
C ASN A 417 -11.17 -6.49 -15.21
N ILE A 418 -11.04 -7.27 -14.15
CA ILE A 418 -11.67 -8.59 -14.04
C ILE A 418 -12.52 -8.60 -12.77
N ILE A 419 -13.72 -9.17 -12.86
CA ILE A 419 -14.56 -9.39 -11.70
C ILE A 419 -14.82 -10.88 -11.60
N LEU A 420 -14.50 -11.46 -10.45
CA LEU A 420 -14.61 -12.89 -10.21
C LEU A 420 -15.83 -13.13 -9.32
N VAL A 421 -16.70 -14.06 -9.75
CA VAL A 421 -17.88 -14.39 -8.97
C VAL A 421 -18.11 -15.91 -9.00
N ASP A 422 -18.92 -16.37 -8.05
CA ASP A 422 -19.25 -17.79 -7.91
C ASP A 422 -20.44 -18.16 -8.80
N GLU A 423 -20.76 -19.46 -8.82
CA GLU A 423 -21.76 -19.97 -9.74
C GLU A 423 -23.19 -19.58 -9.38
N ASP A 424 -23.42 -18.95 -8.23
CA ASP A 424 -24.76 -18.49 -7.86
C ASP A 424 -24.96 -17.00 -8.14
N VAL A 425 -24.09 -16.38 -8.92
CA VAL A 425 -24.22 -14.98 -9.29
C VAL A 425 -24.45 -14.92 -10.79
N ASP A 426 -25.46 -14.16 -11.21
CA ASP A 426 -25.80 -14.06 -12.63
C ASP A 426 -24.88 -13.02 -13.28
N ILE A 427 -23.88 -13.48 -14.03
CA ILE A 427 -22.89 -12.54 -14.53
C ILE A 427 -23.45 -11.60 -15.59
N PHE A 428 -24.60 -11.91 -16.19
CA PHE A 428 -25.25 -11.03 -17.15
C PHE A 428 -26.18 -10.02 -16.51
N ASP A 429 -26.22 -9.97 -15.17
CA ASP A 429 -27.10 -9.09 -14.41
C ASP A 429 -26.20 -8.14 -13.59
N SER A 430 -26.07 -6.90 -14.04
CA SER A 430 -25.17 -5.96 -13.37
C SER A 430 -25.59 -5.72 -11.92
N ASP A 431 -26.88 -5.74 -11.65
CA ASP A 431 -27.33 -5.66 -10.25
C ASP A 431 -26.69 -6.75 -9.41
N ASP A 432 -26.60 -7.94 -9.97
CA ASP A 432 -26.14 -9.08 -9.20
C ASP A 432 -24.61 -9.06 -9.07
N ILE A 433 -23.91 -8.59 -10.11
CA ILE A 433 -22.48 -8.33 -10.01
C ILE A 433 -22.20 -7.34 -8.87
N LEU A 434 -22.88 -6.20 -8.86
CA LEU A 434 -22.68 -5.25 -7.78
C LEU A 434 -23.03 -5.86 -6.42
N TRP A 435 -23.99 -6.78 -6.37
CA TRP A 435 -24.30 -7.45 -5.12
C TRP A 435 -23.13 -8.29 -4.64
N ALA A 436 -22.44 -8.95 -5.56
CA ALA A 436 -21.28 -9.73 -5.14
C ALA A 436 -20.15 -8.81 -4.70
N MET A 437 -20.05 -7.63 -5.32
CA MET A 437 -19.10 -6.59 -4.92
C MET A 437 -19.46 -5.97 -3.59
N THR A 438 -20.67 -6.23 -3.08
CA THR A 438 -21.11 -5.60 -1.84
C THR A 438 -21.04 -6.54 -0.63
N THR A 439 -21.41 -7.80 -0.80
CA THR A 439 -21.50 -8.73 0.32
C THR A 439 -20.40 -9.79 0.31
N ARG A 440 -19.60 -9.87 -0.74
CA ARG A 440 -18.57 -10.90 -0.95
C ARG A 440 -17.25 -10.24 -1.37
N MET A 441 -16.89 -9.19 -0.66
CA MET A 441 -15.70 -8.42 -1.02
C MET A 441 -15.35 -7.54 0.17
N GLN A 442 -14.06 -7.54 0.56
CA GLN A 442 -13.52 -6.56 1.49
C GLN A 442 -12.43 -5.79 0.78
N GLY A 443 -12.57 -4.46 0.71
CA GLY A 443 -11.75 -3.66 -0.19
C GLY A 443 -10.25 -3.83 0.03
N ASP A 444 -9.82 -4.02 1.28
CA ASP A 444 -8.38 -4.14 1.56
C ASP A 444 -7.88 -5.59 1.47
N VAL A 445 -8.73 -6.52 1.05
CA VAL A 445 -8.36 -7.92 0.86
C VAL A 445 -8.57 -8.37 -0.58
N SER A 446 -9.67 -7.97 -1.20
CA SER A 446 -10.19 -8.60 -2.39
C SER A 446 -9.83 -7.88 -3.67
N ILE A 447 -9.16 -6.73 -3.59
CA ILE A 447 -8.84 -5.92 -4.75
C ILE A 447 -7.32 -5.95 -4.94
N THR A 448 -6.88 -6.46 -6.10
CA THR A 448 -5.48 -6.49 -6.48
C THR A 448 -5.26 -5.58 -7.68
N THR A 449 -4.35 -4.62 -7.55
CA THR A 449 -4.02 -3.70 -8.63
C THR A 449 -2.71 -4.12 -9.30
N ILE A 450 -2.71 -4.13 -10.63
CA ILE A 450 -1.53 -4.47 -11.40
C ILE A 450 -1.20 -3.28 -12.30
N PRO A 451 -0.25 -2.44 -11.87
CA PRO A 451 0.04 -1.19 -12.59
C PRO A 451 0.93 -1.37 -13.82
N GLY A 452 0.78 -0.43 -14.75
CA GLY A 452 1.74 -0.27 -15.84
C GLY A 452 1.65 -1.28 -16.97
N ILE A 453 0.46 -1.86 -17.21
CA ILE A 453 0.25 -2.90 -18.23
C ILE A 453 -0.42 -2.26 -19.44
N ARG A 454 0.13 -2.50 -20.64
CA ARG A 454 -0.52 -1.94 -21.82
C ARG A 454 -1.96 -2.41 -21.87
N GLY A 455 -2.87 -1.48 -22.15
CA GLY A 455 -4.28 -1.80 -22.27
C GLY A 455 -4.82 -1.37 -23.62
N HIS A 456 -5.35 -0.16 -23.70
CA HIS A 456 -6.00 0.27 -24.93
C HIS A 456 -6.03 1.79 -24.93
N GLN A 457 -5.63 2.39 -26.05
CA GLN A 457 -5.58 3.84 -26.14
C GLN A 457 -6.95 4.50 -26.15
N LEU A 458 -8.01 3.76 -26.48
CA LEU A 458 -9.33 4.36 -26.56
C LEU A 458 -10.04 4.44 -25.19
N ASP A 459 -9.44 3.88 -24.14
CA ASP A 459 -9.80 4.18 -22.75
C ASP A 459 -9.24 5.55 -22.41
N PRO A 460 -10.08 6.57 -22.23
CA PRO A 460 -9.53 7.91 -21.96
C PRO A 460 -8.83 8.03 -20.61
N SER A 461 -9.08 7.12 -19.67
CA SER A 461 -8.40 7.13 -18.37
C SER A 461 -6.99 6.56 -18.45
N GLN A 462 -6.55 6.03 -19.60
CA GLN A 462 -5.23 5.43 -19.72
C GLN A 462 -4.22 6.45 -20.26
N THR A 463 -3.81 7.36 -19.37
CA THR A 463 -2.88 8.43 -19.69
C THR A 463 -2.01 8.71 -18.48
N PRO A 464 -0.84 9.34 -18.69
CA PRO A 464 -0.05 9.84 -17.55
C PRO A 464 -0.78 10.89 -16.72
N GLU A 465 -1.69 11.65 -17.32
CA GLU A 465 -2.43 12.66 -16.57
C GLU A 465 -3.36 12.04 -15.53
N TYR A 466 -3.79 10.80 -15.74
CA TYR A 466 -4.76 10.19 -14.83
C TYR A 466 -4.10 9.49 -13.64
N SER A 467 -2.90 8.94 -13.82
CA SER A 467 -2.25 8.17 -12.78
C SER A 467 -0.73 8.35 -12.82
N PRO A 468 -0.10 8.63 -11.68
CA PRO A 468 1.36 8.76 -11.64
C PRO A 468 2.09 7.50 -12.07
N SER A 469 1.42 6.36 -12.10
CA SER A 469 2.04 5.10 -12.48
C SER A 469 1.85 4.76 -13.97
N ILE A 470 1.21 5.64 -14.76
CA ILE A 470 0.98 5.40 -16.19
C ILE A 470 2.02 6.20 -16.98
N ARG A 471 2.83 5.49 -17.77
CA ARG A 471 3.96 6.12 -18.43
C ARG A 471 3.64 6.63 -19.82
N GLY A 472 2.45 6.34 -20.33
CA GLY A 472 2.10 6.75 -21.70
C GLY A 472 0.66 6.35 -22.00
N ASN A 473 0.13 6.92 -23.09
CA ASN A 473 -1.26 6.65 -23.45
C ASN A 473 -1.45 5.17 -23.81
N GLY A 474 -2.56 4.61 -23.35
CA GLY A 474 -2.85 3.22 -23.64
C GLY A 474 -2.26 2.24 -22.67
N ILE A 475 -1.62 2.71 -21.60
CA ILE A 475 -1.16 1.88 -20.50
C ILE A 475 -2.13 2.08 -19.34
N SER A 476 -2.33 1.03 -18.56
CA SER A 476 -3.34 1.10 -17.52
C SER A 476 -2.85 0.41 -16.24
N CYS A 477 -3.44 0.80 -15.13
CA CYS A 477 -3.57 -0.12 -14.02
C CYS A 477 -4.71 -1.07 -14.31
N LYS A 478 -4.48 -2.37 -14.12
CA LYS A 478 -5.53 -3.36 -14.30
C LYS A 478 -5.86 -3.97 -12.94
N THR A 479 -7.14 -4.04 -12.60
CA THR A 479 -7.60 -4.43 -11.26
C THR A 479 -8.41 -5.72 -11.32
N ILE A 480 -8.11 -6.64 -10.41
CA ILE A 480 -8.87 -7.87 -10.22
C ILE A 480 -9.72 -7.70 -8.97
N PHE A 481 -11.04 -7.75 -9.12
CA PHE A 481 -11.98 -7.67 -7.99
C PHE A 481 -12.43 -9.09 -7.71
N ASP A 482 -11.90 -9.69 -6.65
CA ASP A 482 -12.26 -11.05 -6.28
C ASP A 482 -13.51 -11.00 -5.39
N CYS A 483 -14.66 -11.36 -5.97
CA CYS A 483 -15.92 -11.45 -5.24
C CYS A 483 -16.40 -12.91 -5.11
N THR A 484 -15.46 -13.86 -5.15
CA THR A 484 -15.78 -15.24 -4.79
C THR A 484 -15.68 -15.40 -3.27
N VAL A 485 -16.58 -16.20 -2.72
CA VAL A 485 -16.53 -16.51 -1.29
C VAL A 485 -15.27 -17.32 -0.99
N PRO A 486 -14.48 -16.95 0.03
CA PRO A 486 -13.33 -17.79 0.41
C PRO A 486 -13.77 -19.22 0.69
N TRP A 487 -13.02 -20.18 0.15
CA TRP A 487 -13.41 -21.58 0.27
C TRP A 487 -13.84 -21.94 1.70
N ALA A 488 -13.07 -21.52 2.69
CA ALA A 488 -13.30 -21.96 4.06
C ALA A 488 -14.61 -21.43 4.64
N LEU A 489 -15.15 -20.36 4.08
CA LEU A 489 -16.33 -19.69 4.63
C LEU A 489 -17.61 -19.98 3.85
N LYS A 490 -17.58 -20.86 2.85
CA LYS A 490 -18.70 -20.99 1.93
C LYS A 490 -20.01 -21.34 2.63
N SER A 491 -19.95 -22.07 3.76
CA SER A 491 -21.20 -22.42 4.45
C SER A 491 -21.92 -21.20 5.01
N HIS A 492 -21.25 -20.07 5.16
CA HIS A 492 -21.88 -18.86 5.67
C HIS A 492 -22.48 -17.98 4.58
N PHE A 493 -22.35 -18.37 3.30
CA PHE A 493 -22.69 -17.47 2.20
C PHE A 493 -23.70 -18.07 1.24
N GLU A 494 -24.54 -18.99 1.73
CA GLU A 494 -25.60 -19.55 0.90
C GLU A 494 -26.68 -18.51 0.69
N ARG A 495 -27.05 -18.26 -0.57
CA ARG A 495 -28.15 -17.35 -0.79
C ARG A 495 -29.45 -17.94 -0.25
N ALA A 496 -30.31 -17.07 0.30
CA ALA A 496 -31.52 -17.54 0.93
C ALA A 496 -32.21 -18.56 0.02
N PRO A 497 -32.43 -19.79 0.47
CA PRO A 497 -32.90 -20.87 -0.43
C PRO A 497 -34.41 -20.94 -0.55
N PHE A 498 -34.96 -20.17 -1.48
CA PHE A 498 -36.39 -20.28 -1.76
C PHE A 498 -36.68 -21.61 -2.43
N ALA A 499 -37.81 -22.22 -2.07
CA ALA A 499 -38.19 -23.50 -2.66
C ALA A 499 -38.17 -23.42 -4.19
N ASP A 500 -37.82 -24.54 -4.81
CA ASP A 500 -37.99 -24.69 -6.24
C ASP A 500 -39.47 -24.85 -6.54
N VAL A 501 -39.99 -24.00 -7.41
CA VAL A 501 -41.37 -24.16 -7.86
C VAL A 501 -41.51 -23.61 -9.27
N ASP A 502 -42.25 -24.33 -10.08
CA ASP A 502 -42.65 -23.85 -11.40
C ASP A 502 -43.72 -22.77 -11.21
N PRO A 503 -43.42 -21.50 -11.50
CA PRO A 503 -44.43 -20.45 -11.32
C PRO A 503 -45.48 -20.38 -12.42
N ARG A 504 -45.29 -21.08 -13.55
CA ARG A 504 -46.15 -20.84 -14.70
C ARG A 504 -47.61 -21.19 -14.43
N PRO A 505 -47.95 -22.34 -13.85
CA PRO A 505 -49.38 -22.64 -13.62
C PRO A 505 -50.09 -21.60 -12.77
N PHE A 506 -49.36 -20.79 -12.01
CA PHE A 506 -49.95 -19.76 -11.16
C PHE A 506 -50.39 -18.52 -11.94
N ALA A 507 -49.76 -18.25 -13.08
CA ALA A 507 -50.08 -17.09 -13.91
C ALA A 507 -49.71 -17.38 -15.35
N PRO A 508 -50.40 -18.34 -15.99
CA PRO A 508 -50.00 -18.75 -17.34
C PRO A 508 -50.11 -17.62 -18.36
N GLU A 509 -51.30 -17.01 -18.47
CA GLU A 509 -51.49 -15.91 -19.40
C GLU A 509 -50.40 -14.85 -19.24
N TYR A 510 -49.96 -14.62 -18.00
CA TYR A 510 -48.93 -13.61 -17.74
C TYR A 510 -47.61 -13.99 -18.39
N PHE A 511 -47.04 -15.14 -18.00
CA PHE A 511 -45.80 -15.64 -18.59
C PHE A 511 -45.91 -15.81 -20.10
N ALA A 512 -47.10 -16.01 -20.65
CA ALA A 512 -47.24 -15.99 -22.10
C ALA A 512 -46.77 -14.65 -22.67
N ARG A 513 -47.21 -13.55 -22.04
CA ARG A 513 -46.89 -12.20 -22.50
C ARG A 513 -45.49 -11.77 -22.09
N LEU A 514 -44.64 -12.72 -21.70
CA LEU A 514 -43.22 -12.44 -21.48
C LEU A 514 -42.36 -12.98 -22.61
N GLU A 515 -42.98 -13.44 -23.70
CA GLU A 515 -42.33 -13.54 -24.99
C GLU A 515 -42.78 -12.35 -25.83
N LYS A 516 -42.26 -11.19 -25.42
CA LYS A 516 -42.64 -9.90 -25.97
C LYS A 516 -41.50 -8.90 -25.76
N PRO B 24 -57.98 9.46 -4.91
CA PRO B 24 -57.36 9.86 -3.64
C PRO B 24 -57.17 8.68 -2.69
N ILE B 25 -55.97 8.08 -2.68
CA ILE B 25 -55.75 6.80 -2.00
C ILE B 25 -55.83 6.97 -0.48
N GLN B 26 -56.62 6.10 0.16
CA GLN B 26 -56.81 6.18 1.61
C GLN B 26 -56.54 4.86 2.34
N ASP B 27 -56.38 3.74 1.64
CA ASP B 27 -56.16 2.45 2.27
C ASP B 27 -55.55 1.50 1.25
N LEU B 28 -55.38 0.23 1.63
CA LEU B 28 -54.71 -0.71 0.74
C LEU B 28 -55.51 -0.95 -0.54
N ARG B 29 -56.82 -1.17 -0.42
CA ARG B 29 -57.62 -1.45 -1.61
C ARG B 29 -57.56 -0.32 -2.62
N ASP B 30 -57.66 0.93 -2.16
CA ASP B 30 -57.49 2.06 -3.06
C ASP B 30 -56.18 1.95 -3.86
N ALA B 31 -55.08 1.61 -3.17
CA ALA B 31 -53.80 1.45 -3.87
C ALA B 31 -53.86 0.34 -4.92
N ILE B 32 -54.50 -0.79 -4.59
CA ILE B 32 -54.64 -1.86 -5.58
C ILE B 32 -55.42 -1.35 -6.80
N ALA B 33 -56.45 -0.53 -6.56
CA ALA B 33 -57.24 -0.02 -7.67
C ALA B 33 -56.41 0.89 -8.57
N LEU B 34 -55.47 1.65 -8.00
CA LEU B 34 -54.58 2.45 -8.84
C LEU B 34 -53.67 1.56 -9.68
N LEU B 35 -53.11 0.53 -9.07
CA LEU B 35 -52.23 -0.39 -9.81
C LEU B 35 -52.98 -1.07 -10.95
N GLN B 36 -54.26 -1.37 -10.77
CA GLN B 36 -55.00 -2.04 -11.83
C GLN B 36 -55.20 -1.14 -13.05
N GLN B 37 -54.95 0.16 -12.92
CA GLN B 37 -55.04 1.05 -14.08
C GLN B 37 -53.79 1.01 -14.94
N HIS B 38 -52.70 0.40 -14.46
CA HIS B 38 -51.44 0.29 -15.19
C HIS B 38 -51.13 -1.17 -15.46
N ASP B 39 -50.51 -1.42 -16.62
CA ASP B 39 -50.21 -2.79 -17.02
C ASP B 39 -49.05 -3.37 -16.20
N ASN B 40 -49.21 -4.62 -15.77
CA ASN B 40 -48.14 -5.37 -15.13
C ASN B 40 -47.74 -4.78 -13.78
N GLN B 41 -48.65 -4.07 -13.12
CA GLN B 41 -48.42 -3.58 -11.76
C GLN B 41 -49.13 -4.41 -10.69
N TYR B 42 -50.18 -5.16 -11.06
CA TYR B 42 -50.92 -5.99 -10.13
C TYR B 42 -51.40 -7.24 -10.86
N LEU B 43 -51.26 -8.39 -10.19
CA LEU B 43 -51.52 -9.69 -10.80
C LEU B 43 -52.16 -10.61 -9.77
N GLU B 44 -53.25 -11.26 -10.14
CA GLU B 44 -53.96 -12.17 -9.26
C GLU B 44 -53.76 -13.60 -9.74
N THR B 45 -53.81 -14.54 -8.80
CA THR B 45 -53.87 -15.95 -9.15
C THR B 45 -54.85 -16.67 -8.24
N ASP B 46 -55.58 -17.61 -8.82
CA ASP B 46 -56.48 -18.47 -8.08
C ASP B 46 -55.98 -19.91 -8.01
N HIS B 47 -54.74 -20.13 -8.44
CA HIS B 47 -54.13 -21.46 -8.34
C HIS B 47 -53.72 -21.71 -6.89
N PRO B 48 -54.15 -22.83 -6.29
CA PRO B 48 -53.84 -23.07 -4.87
C PRO B 48 -52.34 -23.00 -4.59
N VAL B 49 -51.99 -22.32 -3.51
CA VAL B 49 -50.60 -22.14 -3.12
C VAL B 49 -50.46 -22.48 -1.64
N ASP B 50 -49.37 -23.16 -1.30
CA ASP B 50 -49.02 -23.41 0.10
C ASP B 50 -48.35 -22.18 0.69
N PRO B 51 -48.89 -21.59 1.77
CA PRO B 51 -48.19 -20.46 2.41
C PRO B 51 -46.83 -20.86 2.96
N ASN B 52 -46.63 -22.15 3.25
CA ASN B 52 -45.34 -22.69 3.65
C ASN B 52 -44.47 -22.86 2.40
N ALA B 53 -43.64 -21.85 2.12
CA ALA B 53 -42.53 -21.93 1.17
C ALA B 53 -42.96 -21.78 -0.28
N GLU B 54 -44.09 -22.39 -0.68
CA GLU B 54 -44.47 -22.35 -2.09
C GLU B 54 -44.76 -20.94 -2.56
N LEU B 55 -45.56 -20.20 -1.79
CA LEU B 55 -45.93 -18.85 -2.19
C LEU B 55 -44.69 -17.99 -2.41
N ALA B 56 -43.77 -17.95 -1.43
CA ALA B 56 -42.51 -17.25 -1.63
C ALA B 56 -41.74 -17.80 -2.83
N GLY B 57 -41.73 -19.13 -3.01
CA GLY B 57 -41.10 -19.71 -4.17
C GLY B 57 -41.64 -19.18 -5.48
N VAL B 58 -42.97 -18.97 -5.55
CA VAL B 58 -43.58 -18.43 -6.78
C VAL B 58 -43.19 -16.97 -6.97
N TYR B 59 -43.38 -16.14 -5.94
CA TYR B 59 -43.08 -14.73 -6.14
C TYR B 59 -41.59 -14.48 -6.35
N ARG B 60 -40.73 -15.40 -5.91
CA ARG B 60 -39.31 -15.31 -6.26
C ARG B 60 -39.15 -15.10 -7.77
N HIS B 61 -39.94 -15.84 -8.56
CA HIS B 61 -39.82 -15.77 -10.02
C HIS B 61 -40.49 -14.54 -10.61
N ILE B 62 -41.52 -14.01 -9.97
CA ILE B 62 -42.39 -13.03 -10.61
C ILE B 62 -42.02 -11.59 -10.24
N GLY B 63 -41.60 -11.32 -9.01
CA GLY B 63 -41.36 -9.94 -8.63
C GLY B 63 -40.59 -9.67 -7.36
N ALA B 64 -40.00 -10.69 -6.74
CA ALA B 64 -39.29 -10.47 -5.48
C ALA B 64 -38.13 -9.50 -5.65
N GLY B 65 -37.32 -9.68 -6.69
CA GLY B 65 -36.30 -8.72 -7.05
C GLY B 65 -35.20 -8.56 -5.99
N GLY B 66 -34.49 -7.43 -6.08
CA GLY B 66 -33.46 -7.09 -5.10
C GLY B 66 -32.37 -8.14 -5.03
N THR B 67 -31.96 -8.48 -3.80
CA THR B 67 -30.84 -9.39 -3.58
C THR B 67 -31.26 -10.87 -3.58
N VAL B 68 -32.51 -11.19 -3.95
CA VAL B 68 -32.91 -12.59 -4.07
C VAL B 68 -32.11 -13.28 -5.18
N LYS B 69 -31.81 -14.53 -4.98
CA LYS B 69 -31.14 -15.28 -5.97
C LYS B 69 -32.05 -15.35 -7.16
N ARG B 70 -31.37 -15.49 -8.24
CA ARG B 70 -31.82 -15.39 -9.60
C ARG B 70 -32.21 -16.77 -10.12
N PRO B 71 -33.14 -17.02 -11.03
CA PRO B 71 -33.79 -15.90 -11.71
C PRO B 71 -34.76 -15.14 -10.79
N THR B 72 -34.84 -13.83 -10.97
CA THR B 72 -35.82 -13.00 -10.28
C THR B 72 -35.96 -11.74 -11.11
N ARG B 73 -36.96 -10.92 -10.80
CA ARG B 73 -37.06 -9.66 -11.53
C ARG B 73 -38.03 -8.75 -10.81
N ILE B 74 -38.02 -7.49 -11.25
CA ILE B 74 -39.07 -6.54 -10.90
C ILE B 74 -40.34 -6.97 -11.62
N GLY B 75 -41.46 -6.94 -10.91
CA GLY B 75 -42.72 -7.40 -11.48
C GLY B 75 -43.93 -6.80 -10.80
N PRO B 76 -45.12 -7.33 -11.12
CA PRO B 76 -46.33 -6.83 -10.44
C PRO B 76 -46.35 -7.20 -8.97
N ALA B 77 -47.04 -6.36 -8.19
CA ALA B 77 -47.54 -6.82 -6.91
C ALA B 77 -48.48 -8.00 -7.16
N MET B 78 -48.51 -8.95 -6.23
CA MET B 78 -49.21 -10.19 -6.52
C MET B 78 -50.14 -10.58 -5.37
N MET B 79 -51.40 -10.87 -5.71
CA MET B 79 -52.41 -11.36 -4.79
C MET B 79 -52.65 -12.84 -5.03
N PHE B 80 -52.46 -13.65 -3.99
CA PHE B 80 -52.77 -15.07 -4.02
C PHE B 80 -54.13 -15.25 -3.37
N ASN B 81 -55.14 -15.60 -4.19
CA ASN B 81 -56.54 -15.71 -3.77
C ASN B 81 -56.90 -17.06 -3.19
N ASN B 82 -56.05 -18.07 -3.33
CA ASN B 82 -56.39 -19.47 -3.04
C ASN B 82 -55.23 -20.03 -2.22
N ILE B 83 -55.44 -20.14 -0.91
CA ILE B 83 -54.38 -20.47 0.03
C ILE B 83 -54.71 -21.80 0.68
N LYS B 84 -53.86 -22.80 0.42
CA LYS B 84 -54.13 -24.12 0.96
C LYS B 84 -54.20 -24.06 2.48
N GLY B 85 -55.28 -24.62 3.03
CA GLY B 85 -55.54 -24.60 4.45
C GLY B 85 -56.40 -23.44 4.93
N TYR B 86 -56.67 -22.45 4.08
CA TYR B 86 -57.38 -21.23 4.46
C TYR B 86 -58.33 -20.82 3.33
N PRO B 87 -59.51 -21.46 3.25
CA PRO B 87 -60.36 -21.28 2.05
C PRO B 87 -60.94 -19.88 1.88
N HIS B 88 -60.80 -18.98 2.85
CA HIS B 88 -61.34 -17.63 2.74
C HIS B 88 -60.27 -16.54 2.82
N SER B 89 -58.99 -16.88 2.66
CA SER B 89 -57.91 -15.93 2.84
C SER B 89 -57.22 -15.62 1.52
N ARG B 90 -56.60 -14.44 1.47
CA ARG B 90 -55.80 -14.04 0.31
C ARG B 90 -54.57 -13.26 0.79
N ILE B 91 -53.44 -13.49 0.14
CA ILE B 91 -52.16 -12.97 0.61
C ILE B 91 -51.59 -12.06 -0.48
N LEU B 92 -51.37 -10.80 -0.12
CA LEU B 92 -50.74 -9.84 -1.03
C LEU B 92 -49.25 -9.71 -0.71
N VAL B 93 -48.41 -9.77 -1.74
CA VAL B 93 -46.98 -9.54 -1.61
C VAL B 93 -46.50 -8.66 -2.77
N GLY B 94 -45.39 -7.97 -2.53
CA GLY B 94 -44.74 -7.19 -3.56
C GLY B 94 -45.22 -5.76 -3.71
N MET B 95 -46.07 -5.27 -2.79
CA MET B 95 -46.70 -3.96 -2.97
C MET B 95 -45.67 -2.88 -3.18
N HIS B 96 -44.60 -2.88 -2.37
CA HIS B 96 -43.54 -1.88 -2.47
C HIS B 96 -42.30 -2.41 -3.20
N ALA B 97 -42.41 -3.53 -3.92
CA ALA B 97 -41.26 -4.23 -4.49
C ALA B 97 -40.85 -3.66 -5.85
N SER B 98 -41.07 -2.37 -6.09
CA SER B 98 -40.67 -1.70 -7.31
C SER B 98 -40.60 -0.20 -7.04
N ARG B 99 -39.49 0.43 -7.42
CA ARG B 99 -39.39 1.87 -7.23
C ARG B 99 -40.39 2.60 -8.12
N GLN B 100 -40.53 2.16 -9.38
CA GLN B 100 -41.57 2.72 -10.26
C GLN B 100 -42.96 2.54 -9.65
N ARG B 101 -43.24 1.36 -9.10
CA ARG B 101 -44.54 1.14 -8.47
C ARG B 101 -44.72 2.07 -7.26
N ALA B 102 -43.67 2.24 -6.46
CA ALA B 102 -43.75 3.15 -5.32
C ALA B 102 -43.99 4.59 -5.75
N ALA B 103 -43.45 5.01 -6.90
CA ALA B 103 -43.67 6.37 -7.38
C ALA B 103 -45.09 6.53 -7.94
N LEU B 104 -45.64 5.49 -8.57
CA LEU B 104 -47.02 5.54 -9.00
C LEU B 104 -47.94 5.68 -7.80
N LEU B 105 -47.67 4.94 -6.73
CA LEU B 105 -48.54 4.93 -5.58
C LEU B 105 -48.50 6.24 -4.81
N LEU B 106 -47.41 7.01 -4.96
CA LEU B 106 -47.31 8.34 -4.38
C LEU B 106 -47.52 9.44 -5.40
N GLY B 107 -47.65 9.10 -6.68
CA GLY B 107 -47.81 10.10 -7.72
C GLY B 107 -46.64 11.05 -7.89
N CYS B 108 -45.45 10.50 -8.11
CA CYS B 108 -44.29 11.34 -8.42
C CYS B 108 -43.33 10.53 -9.31
N GLU B 109 -42.24 11.18 -9.72
CA GLU B 109 -41.23 10.53 -10.54
C GLU B 109 -40.34 9.64 -9.68
N ALA B 110 -40.04 8.44 -10.20
CA ALA B 110 -39.24 7.49 -9.43
C ALA B 110 -37.91 8.09 -9.00
N SER B 111 -37.26 8.87 -9.86
CA SER B 111 -35.96 9.42 -9.49
C SER B 111 -36.09 10.48 -8.41
N GLN B 112 -37.30 10.95 -8.12
CA GLN B 112 -37.58 11.98 -7.12
C GLN B 112 -38.20 11.42 -5.85
N LEU B 113 -38.34 10.10 -5.74
CA LEU B 113 -39.10 9.51 -4.63
C LEU B 113 -38.60 10.00 -3.27
N ALA B 114 -37.30 9.84 -3.02
CA ALA B 114 -36.76 10.22 -1.71
C ALA B 114 -36.99 11.70 -1.42
N LEU B 115 -36.76 12.56 -2.41
CA LEU B 115 -37.03 13.99 -2.23
C LEU B 115 -38.51 14.24 -1.96
N GLU B 116 -39.40 13.52 -2.67
CA GLU B 116 -40.82 13.77 -2.49
C GLU B 116 -41.31 13.34 -1.11
N VAL B 117 -40.88 12.17 -0.63
CA VAL B 117 -41.24 11.78 0.72
C VAL B 117 -40.55 12.68 1.75
N GLY B 118 -39.38 13.22 1.41
CA GLY B 118 -38.73 14.18 2.29
C GLY B 118 -39.53 15.45 2.46
N LYS B 119 -40.19 15.91 1.39
CA LYS B 119 -41.10 17.05 1.52
C LYS B 119 -42.20 16.76 2.52
N ALA B 120 -42.84 15.59 2.41
CA ALA B 120 -43.85 15.20 3.38
C ALA B 120 -43.28 15.11 4.79
N VAL B 121 -42.03 14.67 4.92
CA VAL B 121 -41.42 14.56 6.24
C VAL B 121 -41.41 15.93 6.94
N LYS B 122 -41.30 17.01 6.17
CA LYS B 122 -41.13 18.34 6.76
C LYS B 122 -42.46 19.00 7.14
N LYS B 123 -43.58 18.60 6.52
CA LYS B 123 -44.88 19.21 6.78
C LYS B 123 -45.93 18.12 7.05
N PRO B 124 -45.75 17.36 8.12
CA PRO B 124 -46.66 16.25 8.39
C PRO B 124 -48.01 16.75 8.89
N VAL B 125 -49.06 16.03 8.50
CA VAL B 125 -50.41 16.26 9.01
C VAL B 125 -50.70 15.20 10.07
N ALA B 126 -51.31 15.62 11.17
CA ALA B 126 -51.55 14.73 12.31
C ALA B 126 -52.65 13.71 12.00
N PRO B 127 -52.51 12.47 12.44
CA PRO B 127 -53.61 11.51 12.33
C PRO B 127 -54.78 11.93 13.22
N VAL B 128 -55.93 11.33 12.94
CA VAL B 128 -57.16 11.61 13.67
C VAL B 128 -57.72 10.33 14.27
N VAL B 129 -58.53 10.50 15.30
CA VAL B 129 -59.24 9.40 15.96
C VAL B 129 -60.68 9.40 15.45
N VAL B 130 -61.18 8.22 15.13
CA VAL B 130 -62.55 8.06 14.62
C VAL B 130 -63.22 6.93 15.38
N PRO B 131 -64.55 6.95 15.47
CA PRO B 131 -65.26 5.93 16.24
C PRO B 131 -65.22 4.58 15.56
N ALA B 132 -65.52 3.54 16.35
CA ALA B 132 -65.42 2.17 15.85
C ALA B 132 -66.26 1.96 14.60
N SER B 133 -67.33 2.74 14.41
CA SER B 133 -68.17 2.58 13.24
C SER B 133 -67.48 3.02 11.95
N SER B 134 -66.38 3.77 12.06
CA SER B 134 -65.64 4.27 10.91
C SER B 134 -64.40 3.44 10.60
N ALA B 135 -64.27 2.25 11.18
CA ALA B 135 -63.06 1.45 11.10
C ALA B 135 -63.35 0.10 10.43
N PRO B 136 -63.22 0.01 9.10
CA PRO B 136 -63.41 -1.30 8.45
C PRO B 136 -62.53 -2.39 9.03
N CYS B 137 -61.42 -2.03 9.68
CA CYS B 137 -60.56 -3.00 10.36
C CYS B 137 -61.27 -3.73 11.50
N GLN B 138 -62.45 -3.27 11.91
CA GLN B 138 -63.21 -3.88 12.99
C GLN B 138 -64.52 -4.47 12.50
N GLU B 139 -64.62 -4.75 11.20
CA GLU B 139 -65.81 -5.41 10.66
C GLU B 139 -65.95 -6.82 11.19
N GLN B 140 -64.83 -7.48 11.51
CA GLN B 140 -64.82 -8.79 12.14
C GLN B 140 -63.91 -8.76 13.37
N ILE B 141 -64.36 -9.38 14.46
CA ILE B 141 -63.60 -9.43 15.71
C ILE B 141 -63.47 -10.90 16.14
N PHE B 142 -62.24 -11.32 16.40
CA PHE B 142 -61.93 -12.68 16.85
C PHE B 142 -61.18 -12.59 18.17
N LEU B 143 -61.95 -12.51 19.26
CA LEU B 143 -61.37 -12.47 20.60
C LEU B 143 -60.67 -13.79 20.91
N ALA B 144 -59.55 -13.70 21.61
CA ALA B 144 -58.73 -14.90 21.83
C ALA B 144 -59.27 -15.81 22.93
N ASP B 145 -60.08 -15.29 23.86
CA ASP B 145 -60.63 -16.12 24.92
C ASP B 145 -61.74 -17.05 24.43
N ASP B 146 -62.13 -16.95 23.17
CA ASP B 146 -62.96 -17.99 22.57
C ASP B 146 -62.16 -19.28 22.53
N PRO B 147 -62.73 -20.41 22.99
CA PRO B 147 -61.96 -21.66 23.01
C PRO B 147 -61.46 -22.10 21.65
N ASP B 148 -62.22 -21.86 20.58
CA ASP B 148 -61.83 -22.27 19.23
C ASP B 148 -60.80 -21.35 18.58
N PHE B 149 -60.31 -20.34 19.29
CA PHE B 149 -59.37 -19.39 18.71
C PHE B 149 -58.02 -20.08 18.48
N ASP B 150 -57.50 -19.95 17.28
CA ASP B 150 -56.16 -20.45 16.95
C ASP B 150 -55.54 -19.44 16.00
N LEU B 151 -54.49 -18.76 16.45
CA LEU B 151 -53.82 -17.82 15.57
C LEU B 151 -53.28 -18.53 14.33
N ARG B 152 -52.77 -19.75 14.51
CA ARG B 152 -52.14 -20.48 13.42
C ARG B 152 -53.12 -20.87 12.32
N THR B 153 -54.39 -21.05 12.66
CA THR B 153 -55.41 -21.40 11.66
C THR B 153 -56.31 -20.23 11.25
N LEU B 154 -56.35 -19.15 12.02
CA LEU B 154 -57.16 -18.00 11.62
C LEU B 154 -56.53 -17.22 10.47
N LEU B 155 -55.20 -17.19 10.37
CA LEU B 155 -54.47 -16.40 9.37
C LEU B 155 -53.33 -17.19 8.79
N PRO B 156 -53.12 -17.12 7.48
CA PRO B 156 -51.94 -17.78 6.90
C PRO B 156 -50.72 -16.89 7.10
N ALA B 157 -49.72 -17.43 7.78
CA ALA B 157 -48.44 -16.75 7.91
C ALA B 157 -47.46 -17.43 6.97
N PRO B 158 -47.00 -16.79 5.90
CA PRO B 158 -46.04 -17.47 5.02
C PRO B 158 -44.73 -17.73 5.73
N THR B 159 -44.06 -18.81 5.32
CA THR B 159 -42.66 -19.06 5.65
C THR B 159 -41.85 -18.90 4.38
N ASN B 160 -40.84 -18.02 4.42
CA ASN B 160 -40.13 -17.61 3.20
C ASN B 160 -39.28 -18.74 2.62
N THR B 161 -38.68 -19.57 3.47
CA THR B 161 -37.84 -20.65 2.99
C THR B 161 -37.96 -21.82 3.93
N PRO B 162 -37.66 -23.04 3.48
CA PRO B 162 -37.79 -24.21 4.36
C PRO B 162 -36.91 -24.20 5.61
N ILE B 163 -35.86 -23.39 5.66
CA ILE B 163 -34.98 -23.36 6.82
C ILE B 163 -35.36 -22.23 7.79
N ASP B 164 -36.52 -21.60 7.61
CA ASP B 164 -36.95 -20.52 8.49
C ASP B 164 -37.18 -21.01 9.92
N ALA B 165 -37.25 -20.05 10.85
CA ALA B 165 -37.62 -20.39 12.22
C ALA B 165 -39.07 -20.82 12.30
N GLY B 166 -39.94 -20.26 11.48
CA GLY B 166 -41.34 -20.59 11.46
C GLY B 166 -42.11 -19.63 10.57
N PRO B 167 -43.44 -19.65 10.67
CA PRO B 167 -44.25 -18.67 9.93
C PRO B 167 -43.99 -17.26 10.41
N PHE B 168 -44.10 -16.30 9.48
CA PHE B 168 -43.78 -14.91 9.76
C PHE B 168 -44.84 -13.97 9.19
N PHE B 169 -45.09 -12.89 9.90
CA PHE B 169 -45.68 -11.68 9.36
C PHE B 169 -44.55 -10.66 9.22
N CYS B 170 -44.36 -10.12 8.03
CA CYS B 170 -43.18 -9.31 7.77
C CYS B 170 -43.47 -7.83 7.56
N LEU B 171 -44.73 -7.41 7.58
CA LEU B 171 -45.06 -5.99 7.45
C LEU B 171 -46.02 -5.55 8.55
N GLY B 172 -45.66 -5.89 9.80
CA GLY B 172 -46.41 -5.44 10.96
C GLY B 172 -46.05 -4.05 11.43
N LEU B 173 -46.94 -3.08 11.18
CA LEU B 173 -46.81 -1.75 11.76
C LEU B 173 -47.32 -1.81 13.19
N ALA B 174 -46.43 -1.61 14.16
CA ALA B 174 -46.78 -1.74 15.57
C ALA B 174 -46.98 -0.35 16.18
N LEU B 175 -48.06 -0.20 16.93
CA LEU B 175 -48.36 1.02 17.69
C LEU B 175 -48.24 0.73 19.17
N ALA B 176 -47.63 1.67 19.91
CA ALA B 176 -47.42 1.46 21.34
C ALA B 176 -47.19 2.80 22.00
N SER B 177 -47.55 2.88 23.28
CA SER B 177 -47.40 4.08 24.08
C SER B 177 -46.57 3.76 25.32
N ASP B 178 -45.96 4.79 25.89
CA ASP B 178 -45.19 4.60 27.11
C ASP B 178 -46.13 4.24 28.26
N PRO B 179 -45.74 3.30 29.13
CA PRO B 179 -46.69 2.86 30.16
C PRO B 179 -46.92 3.86 31.28
N VAL B 180 -45.94 4.71 31.62
CA VAL B 180 -46.15 5.74 32.64
C VAL B 180 -46.77 7.00 32.04
N ASP B 181 -46.27 7.44 30.89
CA ASP B 181 -46.70 8.66 30.21
C ASP B 181 -47.35 8.29 28.89
N ALA B 182 -48.69 8.41 28.83
CA ALA B 182 -49.42 7.98 27.65
C ALA B 182 -49.25 8.91 26.46
N SER B 183 -48.64 10.09 26.65
CA SER B 183 -48.43 11.02 25.55
C SER B 183 -47.24 10.64 24.67
N LEU B 184 -46.42 9.68 25.10
CA LEU B 184 -45.29 9.20 24.30
C LEU B 184 -45.76 8.03 23.45
N THR B 185 -45.69 8.18 22.13
CA THR B 185 -46.15 7.17 21.19
C THR B 185 -45.06 6.86 20.17
N ASP B 186 -45.12 5.66 19.62
CA ASP B 186 -44.17 5.20 18.62
C ASP B 186 -44.90 4.40 17.55
N VAL B 187 -44.38 4.47 16.32
CA VAL B 187 -44.91 3.72 15.19
C VAL B 187 -43.73 3.09 14.46
N THR B 188 -43.73 1.76 14.37
CA THR B 188 -42.58 0.99 13.91
C THR B 188 -43.04 -0.19 13.08
N ILE B 189 -42.17 -0.61 12.15
CA ILE B 189 -42.42 -1.78 11.31
C ILE B 189 -41.64 -2.96 11.89
N HIS B 190 -42.30 -4.12 12.03
CA HIS B 190 -41.67 -5.28 12.63
C HIS B 190 -41.97 -6.52 11.82
N ARG B 191 -41.19 -7.56 12.07
CA ARG B 191 -41.55 -8.92 11.68
C ARG B 191 -41.81 -9.74 12.93
N LEU B 192 -42.78 -10.66 12.82
CA LEU B 192 -43.24 -11.48 13.94
C LEU B 192 -43.36 -12.93 13.48
N CYS B 193 -42.74 -13.83 14.24
CA CYS B 193 -42.87 -15.27 13.99
C CYS B 193 -43.96 -15.83 14.88
N VAL B 194 -44.86 -16.62 14.29
CA VAL B 194 -45.95 -17.24 15.05
C VAL B 194 -45.38 -18.42 15.82
N GLN B 195 -45.50 -18.37 17.15
CA GLN B 195 -44.87 -19.36 18.01
C GLN B 195 -45.86 -20.26 18.72
N GLY B 196 -47.07 -19.76 19.01
CA GLY B 196 -48.13 -20.58 19.54
C GLY B 196 -49.49 -20.21 18.99
N ARG B 197 -50.54 -20.82 19.55
CA ARG B 197 -51.91 -20.50 19.18
C ARG B 197 -52.32 -19.08 19.56
N ASP B 198 -51.54 -18.41 20.41
CA ASP B 198 -51.87 -17.04 20.80
C ASP B 198 -50.61 -16.21 21.05
N GLU B 199 -49.46 -16.61 20.53
CA GLU B 199 -48.21 -15.93 20.81
C GLU B 199 -47.38 -15.79 19.55
N LEU B 200 -46.82 -14.60 19.37
CA LEU B 200 -45.81 -14.32 18.36
C LEU B 200 -44.56 -13.81 19.07
N SER B 201 -43.40 -14.19 18.55
CA SER B 201 -42.14 -13.60 18.97
C SER B 201 -41.83 -12.38 18.11
N MET B 202 -41.19 -11.37 18.71
CA MET B 202 -40.97 -10.11 18.01
C MET B 202 -39.68 -9.48 18.49
N PHE B 203 -38.76 -9.26 17.55
CA PHE B 203 -37.55 -8.51 17.83
C PHE B 203 -37.86 -7.02 17.88
N LEU B 204 -37.24 -6.33 18.83
CA LEU B 204 -37.40 -4.89 19.02
C LEU B 204 -36.02 -4.30 19.13
N ALA B 205 -35.68 -3.37 18.24
CA ALA B 205 -34.33 -2.81 18.20
C ALA B 205 -34.04 -2.05 19.48
N ALA B 206 -32.88 -2.33 20.09
CA ALA B 206 -32.47 -1.61 21.28
C ALA B 206 -32.41 -0.12 21.00
N GLY B 207 -32.80 0.68 21.98
CA GLY B 207 -32.82 2.11 21.86
C GLY B 207 -34.04 2.68 21.15
N ARG B 208 -34.79 1.86 20.42
CA ARG B 208 -36.01 2.32 19.79
C ARG B 208 -37.08 2.59 20.82
N HIS B 209 -37.86 3.65 20.59
CA HIS B 209 -38.85 4.06 21.58
C HIS B 209 -39.85 2.96 21.89
N ILE B 210 -40.11 2.04 20.95
CA ILE B 210 -41.05 0.96 21.23
C ILE B 210 -40.52 0.08 22.36
N GLU B 211 -39.20 -0.16 22.40
CA GLU B 211 -38.68 -1.07 23.40
C GLU B 211 -38.33 -0.38 24.71
N VAL B 212 -38.10 0.93 24.72
CA VAL B 212 -37.97 1.62 26.01
C VAL B 212 -39.30 1.55 26.76
N PHE B 213 -40.41 1.59 26.02
CA PHE B 213 -41.72 1.34 26.61
C PHE B 213 -41.82 -0.07 27.15
N ARG B 214 -41.30 -1.05 26.41
CA ARG B 214 -41.42 -2.44 26.85
C ARG B 214 -40.55 -2.72 28.06
N GLN B 215 -39.34 -2.16 28.09
CA GLN B 215 -38.46 -2.34 29.26
C GLN B 215 -39.05 -1.67 30.49
N LYS B 216 -39.67 -0.50 30.32
CA LYS B 216 -40.34 0.15 31.44
C LYS B 216 -41.45 -0.73 32.00
N ALA B 217 -42.34 -1.21 31.12
CA ALA B 217 -43.43 -2.07 31.57
C ALA B 217 -42.89 -3.35 32.21
N GLU B 218 -41.88 -3.96 31.59
CA GLU B 218 -41.30 -5.19 32.13
C GLU B 218 -40.66 -4.95 33.49
N ALA B 219 -39.88 -3.86 33.63
CA ALA B 219 -39.27 -3.54 34.92
C ALA B 219 -40.32 -3.42 36.02
N ALA B 220 -41.56 -3.08 35.66
CA ALA B 220 -42.66 -3.05 36.61
C ALA B 220 -43.46 -4.36 36.62
N GLY B 221 -42.94 -5.42 35.99
CA GLY B 221 -43.64 -6.68 35.95
C GLY B 221 -44.97 -6.63 35.22
N LYS B 222 -45.16 -5.64 34.33
CA LYS B 222 -46.42 -5.42 33.64
C LYS B 222 -46.30 -5.68 32.15
N PRO B 223 -47.38 -6.10 31.50
CA PRO B 223 -47.40 -6.20 30.05
C PRO B 223 -47.47 -4.83 29.41
N LEU B 224 -47.06 -4.76 28.15
CA LEU B 224 -47.22 -3.55 27.35
C LEU B 224 -48.22 -3.81 26.23
N PRO B 225 -49.36 -3.12 26.21
CA PRO B 225 -50.33 -3.34 25.13
C PRO B 225 -49.80 -2.82 23.80
N ILE B 226 -50.23 -3.48 22.73
CA ILE B 226 -49.65 -3.22 21.41
C ILE B 226 -50.65 -3.64 20.34
N THR B 227 -50.63 -2.92 19.22
CA THR B 227 -51.35 -3.32 18.01
C THR B 227 -50.34 -3.63 16.91
N ILE B 228 -50.65 -4.63 16.09
CA ILE B 228 -49.88 -4.94 14.92
C ILE B 228 -50.80 -4.74 13.73
N ASN B 229 -50.50 -3.73 12.90
CA ASN B 229 -51.40 -3.32 11.83
C ASN B 229 -50.79 -3.70 10.50
N MET B 230 -51.50 -4.55 9.74
CA MET B 230 -50.99 -5.12 8.51
C MET B 230 -51.98 -4.91 7.37
N GLY B 231 -51.45 -4.54 6.21
CA GLY B 231 -52.31 -4.31 5.05
C GLY B 231 -52.80 -2.89 5.00
N LEU B 232 -51.89 -1.97 4.64
CA LEU B 232 -52.11 -0.54 4.74
C LEU B 232 -51.84 0.13 3.39
N ASP B 233 -52.29 1.36 3.30
CA ASP B 233 -51.82 2.26 2.27
C ASP B 233 -50.29 2.23 2.20
N PRO B 234 -49.68 2.02 1.00
CA PRO B 234 -48.22 2.00 0.90
C PRO B 234 -47.59 3.28 1.43
N ALA B 235 -48.35 4.37 1.44
CA ALA B 235 -47.85 5.63 1.97
C ALA B 235 -47.60 5.56 3.47
N ILE B 236 -48.33 4.71 4.19
CA ILE B 236 -48.08 4.54 5.63
C ILE B 236 -46.79 3.76 5.85
N TYR B 237 -46.67 2.60 5.20
CA TYR B 237 -45.45 1.81 5.32
C TYR B 237 -44.22 2.64 4.94
N ILE B 238 -44.31 3.35 3.81
CA ILE B 238 -43.15 4.08 3.30
C ILE B 238 -42.80 5.23 4.25
N GLY B 239 -43.80 5.98 4.70
CA GLY B 239 -43.54 7.07 5.61
C GLY B 239 -43.03 6.61 6.96
N ALA B 240 -43.46 5.42 7.40
CA ALA B 240 -43.10 4.94 8.72
C ALA B 240 -41.62 4.56 8.83
N CYS B 241 -40.89 4.46 7.71
CA CYS B 241 -39.47 4.14 7.75
C CYS B 241 -38.59 5.37 7.92
N PHE B 242 -39.17 6.57 7.91
CA PHE B 242 -38.43 7.80 8.15
C PHE B 242 -38.49 8.17 9.62
N GLU B 243 -37.43 8.82 10.09
CA GLU B 243 -37.43 9.38 11.43
C GLU B 243 -38.43 10.52 11.52
N ALA B 244 -39.17 10.56 12.62
CA ALA B 244 -40.16 11.60 12.85
C ALA B 244 -39.94 12.19 14.24
N PRO B 245 -40.33 13.44 14.43
CA PRO B 245 -40.27 14.01 15.79
C PRO B 245 -41.32 13.40 16.69
N THR B 246 -41.34 13.78 17.97
CA THR B 246 -42.39 13.34 18.89
C THR B 246 -43.14 14.54 19.42
N THR B 247 -44.46 14.53 19.24
CA THR B 247 -45.37 15.47 19.87
C THR B 247 -46.36 14.67 20.71
N PRO B 248 -46.98 15.28 21.70
CA PRO B 248 -47.89 14.53 22.56
C PRO B 248 -48.94 13.80 21.74
N PHE B 249 -49.19 12.54 22.13
CA PHE B 249 -50.17 11.68 21.45
C PHE B 249 -50.05 11.80 19.93
N GLY B 250 -48.81 11.79 19.45
CA GLY B 250 -48.49 12.13 18.09
C GLY B 250 -48.58 11.03 17.04
N TYR B 251 -48.22 9.80 17.40
CA TYR B 251 -48.08 8.71 16.42
C TYR B 251 -47.45 9.26 15.16
N ASN B 252 -46.27 9.87 15.35
CA ASN B 252 -45.78 10.90 14.42
C ASN B 252 -45.40 10.33 13.06
N GLU B 253 -44.91 9.09 12.99
CA GLU B 253 -44.58 8.50 11.71
C GLU B 253 -45.75 8.61 10.73
N LEU B 254 -46.99 8.47 11.23
CA LEU B 254 -48.15 8.47 10.36
C LEU B 254 -48.40 9.83 9.71
N GLY B 255 -47.78 10.90 10.23
CA GLY B 255 -47.97 12.21 9.63
C GLY B 255 -47.36 12.31 8.24
N VAL B 256 -46.26 11.58 8.01
CA VAL B 256 -45.70 11.52 6.66
C VAL B 256 -46.76 11.05 5.67
N ALA B 257 -47.34 9.87 5.93
CA ALA B 257 -48.40 9.37 5.06
C ALA B 257 -49.54 10.37 4.95
N GLY B 258 -49.89 11.02 6.07
CA GLY B 258 -50.96 12.01 6.04
C GLY B 258 -50.65 13.17 5.12
N ALA B 259 -49.40 13.65 5.11
CA ALA B 259 -49.02 14.71 4.20
C ALA B 259 -48.93 14.22 2.76
N LEU B 260 -48.55 12.95 2.55
CA LEU B 260 -48.50 12.41 1.19
C LEU B 260 -49.89 12.31 0.58
N ARG B 261 -50.90 11.97 1.39
CA ARG B 261 -52.28 11.96 0.91
C ARG B 261 -53.02 13.28 1.15
N GLN B 262 -52.46 14.18 1.96
CA GLN B 262 -53.17 15.40 2.37
C GLN B 262 -54.56 15.07 2.91
N ARG B 263 -54.63 14.00 3.72
CA ARG B 263 -55.81 13.64 4.51
C ARG B 263 -55.29 12.81 5.68
N PRO B 264 -55.64 13.16 6.93
CA PRO B 264 -55.06 12.46 8.08
C PRO B 264 -55.40 10.97 8.08
N VAL B 265 -54.44 10.17 8.51
CA VAL B 265 -54.67 8.73 8.67
C VAL B 265 -55.46 8.50 9.95
N GLU B 266 -56.56 7.75 9.85
CA GLU B 266 -57.51 7.58 10.93
C GLU B 266 -57.12 6.38 11.81
N LEU B 267 -57.30 6.56 13.13
CA LEU B 267 -57.05 5.52 14.13
C LEU B 267 -58.35 5.18 14.87
N VAL B 268 -58.36 4.03 15.54
CA VAL B 268 -59.52 3.56 16.29
C VAL B 268 -59.03 2.80 17.52
N GLN B 269 -59.80 2.89 18.60
CA GLN B 269 -59.45 2.21 19.84
C GLN B 269 -59.55 0.70 19.67
N GLY B 270 -58.51 -0.02 20.09
CA GLY B 270 -58.56 -1.47 20.02
C GLY B 270 -59.65 -2.05 20.90
N VAL B 271 -60.24 -3.15 20.44
CA VAL B 271 -61.35 -3.73 21.18
C VAL B 271 -60.87 -4.48 22.43
N SER B 272 -59.68 -5.09 22.38
CA SER B 272 -59.21 -5.91 23.49
C SER B 272 -58.02 -5.34 24.26
N VAL B 273 -57.43 -4.23 23.81
CA VAL B 273 -56.32 -3.62 24.55
C VAL B 273 -56.45 -2.10 24.52
N PRO B 274 -55.91 -1.45 25.55
CA PRO B 274 -55.91 0.04 25.55
C PRO B 274 -54.79 0.61 24.67
N GLU B 275 -55.06 0.65 23.37
CA GLU B 275 -54.11 1.16 22.40
C GLU B 275 -54.81 1.29 21.06
N LYS B 276 -54.37 2.28 20.28
CA LYS B 276 -55.00 2.58 18.99
C LYS B 276 -54.56 1.60 17.91
N ALA B 277 -55.40 1.46 16.88
CA ALA B 277 -55.08 0.68 15.70
C ALA B 277 -55.38 1.52 14.46
N ILE B 278 -54.85 1.09 13.32
CA ILE B 278 -55.09 1.77 12.06
C ILE B 278 -56.51 1.43 11.57
N ALA B 279 -57.35 2.46 11.44
CA ALA B 279 -58.78 2.25 11.24
C ALA B 279 -59.09 1.52 9.94
N ARG B 280 -58.31 1.76 8.89
CA ARG B 280 -58.60 1.16 7.59
C ARG B 280 -57.67 0.00 7.25
N ALA B 281 -56.91 -0.49 8.22
CA ALA B 281 -56.02 -1.62 8.00
C ALA B 281 -56.82 -2.86 7.61
N GLU B 282 -56.13 -3.83 7.01
CA GLU B 282 -56.79 -5.07 6.62
C GLU B 282 -56.89 -6.05 7.80
N ILE B 283 -55.84 -6.11 8.62
CA ILE B 283 -55.79 -7.03 9.75
C ILE B 283 -55.10 -6.31 10.91
N VAL B 284 -55.66 -6.46 12.12
CA VAL B 284 -55.04 -5.94 13.33
C VAL B 284 -54.91 -7.07 14.34
N ILE B 285 -53.70 -7.29 14.81
CA ILE B 285 -53.44 -8.22 15.92
C ILE B 285 -53.30 -7.37 17.17
N GLU B 286 -54.19 -7.60 18.15
CA GLU B 286 -54.16 -6.90 19.43
C GLU B 286 -53.61 -7.82 20.51
N GLY B 287 -52.68 -7.30 21.31
CA GLY B 287 -52.06 -8.13 22.31
C GLY B 287 -51.23 -7.36 23.31
N GLU B 288 -50.37 -8.10 24.01
CA GLU B 288 -49.51 -7.56 25.06
C GLU B 288 -48.14 -8.20 24.95
N LEU B 289 -47.10 -7.38 25.01
CA LEU B 289 -45.76 -7.92 25.21
C LEU B 289 -45.61 -8.33 26.67
N LEU B 290 -45.32 -9.60 26.91
CA LEU B 290 -45.36 -10.18 28.24
C LEU B 290 -44.04 -9.96 28.97
N PRO B 291 -44.10 -9.60 30.26
CA PRO B 291 -42.87 -9.34 31.01
C PRO B 291 -42.20 -10.62 31.49
N GLY B 292 -40.87 -10.63 31.45
CA GLY B 292 -40.08 -11.69 32.06
C GLY B 292 -40.11 -13.03 31.37
N VAL B 293 -40.47 -13.09 30.10
CA VAL B 293 -40.53 -14.34 29.36
C VAL B 293 -39.93 -14.13 27.97
N ARG B 294 -38.94 -14.95 27.64
CA ARG B 294 -38.28 -14.98 26.35
C ARG B 294 -38.56 -16.30 25.66
N VAL B 295 -38.30 -16.34 24.35
CA VAL B 295 -38.45 -17.55 23.55
C VAL B 295 -37.31 -17.60 22.54
N ARG B 296 -36.88 -18.82 22.21
CA ARG B 296 -35.92 -19.05 21.14
C ARG B 296 -36.66 -19.07 19.79
N GLU B 297 -36.14 -18.33 18.81
CA GLU B 297 -36.91 -18.06 17.60
C GLU B 297 -37.23 -19.34 16.84
N ASP B 298 -36.24 -20.21 16.71
CA ASP B 298 -36.38 -21.53 16.09
C ASP B 298 -36.72 -22.59 17.12
N GLN B 299 -37.55 -22.21 18.08
CA GLN B 299 -38.26 -23.10 18.99
C GLN B 299 -38.66 -24.40 18.30
N HIS B 300 -39.59 -24.31 17.36
CA HIS B 300 -40.28 -25.49 16.87
C HIS B 300 -39.55 -26.21 15.74
N THR B 301 -38.51 -25.61 15.15
CA THR B 301 -37.79 -26.17 14.02
C THR B 301 -36.34 -26.56 14.33
N ASN B 302 -35.67 -25.88 15.25
CA ASN B 302 -34.24 -26.07 15.44
C ASN B 302 -33.47 -25.85 14.13
N SER B 303 -34.06 -25.12 13.19
CA SER B 303 -33.35 -24.82 11.94
C SER B 303 -32.07 -24.04 12.20
N GLY B 304 -32.02 -23.26 13.28
CA GLY B 304 -30.93 -22.35 13.50
C GLY B 304 -30.99 -21.07 12.70
N HIS B 305 -32.08 -20.81 11.99
CA HIS B 305 -32.22 -19.59 11.20
C HIS B 305 -33.51 -18.88 11.58
N ALA B 306 -33.55 -17.58 11.28
CA ALA B 306 -34.76 -16.79 11.44
C ALA B 306 -35.56 -16.76 10.14
N MET B 307 -35.13 -15.90 9.20
CA MET B 307 -35.68 -15.84 7.85
C MET B 307 -34.70 -15.05 6.98
N PRO B 308 -34.94 -14.96 5.67
CA PRO B 308 -34.02 -14.20 4.80
C PRO B 308 -33.94 -12.75 5.21
N GLU B 309 -32.72 -12.20 5.13
CA GLU B 309 -32.39 -10.84 5.50
C GLU B 309 -32.04 -10.03 4.26
N PHE B 310 -32.12 -8.70 4.38
CA PHE B 310 -32.00 -7.87 3.20
C PHE B 310 -30.72 -8.09 2.37
N PRO B 311 -29.57 -8.46 2.94
CA PRO B 311 -28.39 -8.67 2.08
C PRO B 311 -28.50 -9.89 1.18
N GLY B 312 -29.48 -10.77 1.40
CA GLY B 312 -29.68 -11.93 0.54
C GLY B 312 -29.32 -13.26 1.16
N TYR B 313 -29.15 -13.33 2.47
CA TYR B 313 -28.79 -14.54 3.19
C TYR B 313 -29.77 -14.71 4.33
N CYS B 314 -30.00 -15.97 4.72
CA CYS B 314 -30.81 -16.25 5.90
C CYS B 314 -30.07 -15.85 7.15
N GLY B 315 -30.78 -15.18 8.06
CA GLY B 315 -30.19 -14.78 9.32
C GLY B 315 -30.24 -15.87 10.36
N GLY B 316 -29.39 -15.74 11.38
CA GLY B 316 -29.45 -16.67 12.49
C GLY B 316 -30.69 -16.44 13.32
N ALA B 317 -31.21 -17.53 13.91
CA ALA B 317 -32.33 -17.42 14.83
C ALA B 317 -31.91 -16.61 16.06
N ASN B 318 -32.85 -15.83 16.58
CA ASN B 318 -32.57 -15.05 17.78
C ASN B 318 -32.85 -15.92 19.01
N PRO B 319 -31.85 -16.19 19.85
CA PRO B 319 -32.07 -17.16 20.95
C PRO B 319 -32.96 -16.65 22.06
N SER B 320 -33.21 -15.33 22.15
CA SER B 320 -33.99 -14.76 23.25
C SER B 320 -34.87 -13.62 22.72
N LEU B 321 -36.14 -13.90 22.47
CA LEU B 321 -37.06 -12.90 21.95
C LEU B 321 -38.25 -12.71 22.90
N PRO B 322 -38.77 -11.49 23.00
CA PRO B 322 -40.01 -11.27 23.74
C PRO B 322 -41.21 -11.81 22.99
N VAL B 323 -42.32 -11.94 23.72
CA VAL B 323 -43.53 -12.57 23.22
C VAL B 323 -44.67 -11.56 23.25
N ILE B 324 -45.49 -11.53 22.20
CA ILE B 324 -46.78 -10.87 22.24
C ILE B 324 -47.83 -11.92 22.55
N LYS B 325 -48.57 -11.73 23.64
CA LYS B 325 -49.74 -12.53 23.95
C LYS B 325 -50.95 -11.90 23.23
N VAL B 326 -51.50 -12.63 22.27
CA VAL B 326 -52.60 -12.10 21.47
C VAL B 326 -53.89 -12.17 22.28
N LYS B 327 -54.59 -11.05 22.37
CA LYS B 327 -55.91 -11.00 22.99
C LYS B 327 -57.04 -10.96 21.97
N ALA B 328 -56.79 -10.42 20.79
CA ALA B 328 -57.79 -10.44 19.74
C ALA B 328 -57.11 -10.26 18.39
N VAL B 329 -57.86 -10.56 17.33
CA VAL B 329 -57.51 -10.19 15.97
C VAL B 329 -58.77 -9.61 15.33
N THR B 330 -58.65 -8.43 14.73
CA THR B 330 -59.75 -7.83 13.99
C THR B 330 -59.33 -7.68 12.54
N MET B 331 -60.32 -7.61 11.65
CA MET B 331 -59.99 -7.58 10.23
C MET B 331 -61.21 -7.20 9.41
N ARG B 332 -60.94 -6.60 8.26
CA ARG B 332 -62.00 -6.27 7.32
C ARG B 332 -62.62 -7.55 6.75
N ASN B 333 -63.85 -7.42 6.27
CA ASN B 333 -64.43 -8.47 5.46
C ASN B 333 -63.51 -8.76 4.28
N ASN B 334 -63.29 -10.04 3.99
CA ASN B 334 -62.42 -10.47 2.89
C ASN B 334 -61.01 -9.91 3.07
N ALA B 335 -60.55 -9.87 4.31
CA ALA B 335 -59.29 -9.22 4.63
C ALA B 335 -58.16 -9.79 3.80
N ILE B 336 -57.30 -8.90 3.30
CA ILE B 336 -56.06 -9.28 2.65
C ILE B 336 -54.98 -9.38 3.73
N LEU B 337 -54.20 -10.46 3.69
CA LEU B 337 -52.99 -10.53 4.52
C LEU B 337 -51.82 -10.05 3.67
N GLN B 338 -51.25 -8.91 4.05
CA GLN B 338 -50.14 -8.30 3.32
C GLN B 338 -48.83 -8.63 4.04
N THR B 339 -47.87 -9.14 3.28
CA THR B 339 -46.54 -9.47 3.80
C THR B 339 -45.56 -9.26 2.64
N LEU B 340 -44.36 -9.83 2.72
CA LEU B 340 -43.38 -9.64 1.67
C LEU B 340 -42.57 -10.91 1.44
N VAL B 341 -41.78 -10.90 0.37
CA VAL B 341 -40.89 -12.00 0.01
C VAL B 341 -39.53 -11.45 -0.40
N GLY B 342 -38.46 -12.12 0.02
CA GLY B 342 -37.13 -11.76 -0.43
C GLY B 342 -36.14 -11.59 0.71
N PRO B 343 -36.18 -10.43 1.38
CA PRO B 343 -37.20 -9.39 1.25
C PRO B 343 -37.05 -8.55 -0.02
N GLY B 344 -35.94 -8.80 -0.73
CA GLY B 344 -35.73 -8.29 -2.07
C GLY B 344 -36.02 -6.81 -2.22
N GLU B 345 -36.68 -6.47 -3.33
CA GLU B 345 -36.81 -5.07 -3.73
C GLU B 345 -37.77 -4.33 -2.80
N GLU B 346 -38.70 -5.04 -2.18
CA GLU B 346 -39.61 -4.42 -1.23
C GLU B 346 -38.84 -3.80 -0.06
N HIS B 347 -37.80 -4.51 0.41
CA HIS B 347 -36.94 -3.94 1.45
C HIS B 347 -36.05 -2.84 0.88
N THR B 348 -35.65 -2.93 -0.39
CA THR B 348 -34.86 -1.85 -0.98
C THR B 348 -35.62 -0.53 -0.97
N THR B 349 -36.93 -0.59 -1.25
CA THR B 349 -37.76 0.61 -1.25
C THR B 349 -37.93 1.17 0.14
N LEU B 350 -38.34 0.30 1.08
CA LEU B 350 -38.70 0.78 2.40
C LEU B 350 -37.49 1.34 3.15
N ALA B 351 -36.31 0.73 2.94
CA ALA B 351 -35.11 1.17 3.63
C ALA B 351 -34.30 2.18 2.83
N GLY B 352 -34.28 2.05 1.50
CA GLY B 352 -33.42 2.91 0.69
C GLY B 352 -33.91 4.33 0.52
N LEU B 353 -35.23 4.54 0.47
CA LEU B 353 -35.73 5.90 0.42
C LEU B 353 -35.27 6.72 1.62
N PRO B 354 -35.36 6.23 2.86
CA PRO B 354 -34.77 6.98 3.98
C PRO B 354 -33.25 7.12 3.88
N THR B 355 -32.55 6.06 3.50
CA THR B 355 -31.12 6.18 3.29
C THR B 355 -30.81 7.33 2.34
N GLU B 356 -31.44 7.32 1.16
CA GLU B 356 -31.19 8.37 0.17
C GLU B 356 -31.58 9.73 0.73
N ALA B 357 -32.66 9.79 1.51
CA ALA B 357 -33.10 11.08 2.03
C ALA B 357 -32.07 11.67 2.98
N SER B 358 -31.45 10.84 3.82
CA SER B 358 -30.54 11.39 4.81
C SER B 358 -29.22 11.81 4.16
N ILE B 359 -28.75 11.06 3.16
CA ILE B 359 -27.58 11.46 2.39
C ILE B 359 -27.86 12.77 1.64
N TRP B 360 -29.02 12.85 0.98
CA TRP B 360 -29.44 14.11 0.35
C TRP B 360 -29.35 15.28 1.32
N ASN B 361 -29.94 15.14 2.50
CA ASN B 361 -30.02 16.30 3.39
C ASN B 361 -28.63 16.71 3.87
N ALA B 362 -27.74 15.73 4.08
CA ALA B 362 -26.40 16.04 4.56
C ALA B 362 -25.56 16.70 3.47
N VAL B 363 -25.49 16.09 2.29
CA VAL B 363 -24.64 16.65 1.23
C VAL B 363 -25.19 18.00 0.79
N GLU B 364 -26.51 18.17 0.76
CA GLU B 364 -27.01 19.45 0.27
C GLU B 364 -26.81 20.56 1.28
N ALA B 365 -26.86 20.23 2.57
CA ALA B 365 -26.59 21.25 3.58
C ALA B 365 -25.12 21.63 3.58
N ALA B 366 -24.23 20.69 3.25
CA ALA B 366 -22.79 20.91 3.34
C ALA B 366 -22.21 21.47 2.04
N ILE B 367 -22.66 20.99 0.90
CA ILE B 367 -22.13 21.38 -0.41
C ILE B 367 -23.29 21.68 -1.34
N PRO B 368 -24.04 22.77 -1.13
CA PRO B 368 -25.29 22.95 -1.87
C PRO B 368 -25.05 23.01 -3.38
N GLY B 369 -25.98 22.42 -4.14
CA GLY B 369 -25.90 22.38 -5.59
C GLY B 369 -24.99 21.33 -6.19
N PHE B 370 -24.26 20.57 -5.38
CA PHE B 370 -23.24 19.66 -5.88
C PHE B 370 -23.79 18.26 -6.18
N LEU B 371 -24.60 17.70 -5.28
CA LEU B 371 -25.18 16.39 -5.52
C LEU B 371 -26.40 16.50 -6.43
N GLN B 372 -26.41 15.72 -7.52
CA GLN B 372 -27.57 15.68 -8.41
C GLN B 372 -28.56 14.59 -8.04
N ASN B 373 -28.11 13.47 -7.51
CA ASN B 373 -29.02 12.46 -6.98
C ASN B 373 -28.18 11.45 -6.21
N VAL B 374 -28.88 10.59 -5.47
CA VAL B 374 -28.24 9.52 -4.74
C VAL B 374 -29.15 8.29 -4.85
N TYR B 375 -28.54 7.11 -4.89
CA TYR B 375 -29.30 5.87 -5.02
C TYR B 375 -28.77 4.89 -3.98
N ALA B 376 -29.66 4.48 -3.06
CA ALA B 376 -29.39 3.41 -2.11
C ALA B 376 -29.62 2.10 -2.84
N HIS B 377 -28.57 1.64 -3.52
CA HIS B 377 -28.68 0.64 -4.56
C HIS B 377 -29.31 -0.64 -4.04
N THR B 378 -30.22 -1.21 -4.85
CA THR B 378 -30.91 -2.43 -4.44
C THR B 378 -29.94 -3.59 -4.20
N ALA B 379 -28.76 -3.57 -4.82
CA ALA B 379 -27.77 -4.62 -4.56
C ALA B 379 -27.25 -4.60 -3.12
N GLY B 380 -27.46 -3.52 -2.39
CA GLY B 380 -27.19 -3.48 -0.98
C GLY B 380 -28.45 -3.48 -0.14
N GLY B 381 -29.57 -3.89 -0.73
CA GLY B 381 -30.82 -3.91 0.03
C GLY B 381 -31.27 -2.55 0.51
N GLY B 382 -30.77 -1.48 -0.11
CA GLY B 382 -31.09 -0.13 0.31
C GLY B 382 -30.25 0.41 1.45
N LYS B 383 -29.21 -0.30 1.85
CA LYS B 383 -28.43 0.06 3.02
C LYS B 383 -26.92 0.02 2.78
N PHE B 384 -26.41 -1.01 2.08
CA PHE B 384 -24.97 -1.22 2.04
C PHE B 384 -24.24 -0.43 0.96
N LEU B 385 -24.88 -0.07 -0.15
CA LEU B 385 -24.18 0.49 -1.31
C LEU B 385 -24.79 1.82 -1.71
N GLY B 386 -23.98 2.87 -1.66
CA GLY B 386 -24.45 4.18 -2.06
C GLY B 386 -23.84 4.65 -3.37
N ILE B 387 -24.68 4.98 -4.36
CA ILE B 387 -24.23 5.63 -5.58
C ILE B 387 -24.55 7.11 -5.46
N LEU B 388 -23.52 7.95 -5.58
CA LEU B 388 -23.68 9.40 -5.52
C LEU B 388 -23.39 9.98 -6.88
N GLN B 389 -24.32 10.77 -7.40
CA GLN B 389 -24.16 11.47 -8.65
C GLN B 389 -23.92 12.94 -8.37
N VAL B 390 -22.75 13.44 -8.78
CA VAL B 390 -22.30 14.80 -8.49
C VAL B 390 -21.98 15.51 -9.80
N LYS B 391 -21.92 16.83 -9.74
CA LYS B 391 -21.54 17.65 -10.89
C LYS B 391 -20.43 18.59 -10.45
N LYS B 392 -19.25 18.41 -11.02
CA LYS B 392 -18.16 19.37 -10.79
C LYS B 392 -18.43 20.60 -11.65
N ARG B 393 -18.85 21.70 -11.00
CA ARG B 393 -19.16 22.95 -11.70
C ARG B 393 -17.96 23.87 -11.86
N GLN B 394 -16.88 23.64 -11.15
CA GLN B 394 -15.79 24.60 -11.08
C GLN B 394 -14.57 23.90 -10.47
N PRO B 395 -13.38 24.50 -10.61
CA PRO B 395 -12.16 23.83 -10.09
C PRO B 395 -12.23 23.44 -8.63
N ALA B 396 -12.88 24.25 -7.79
CA ALA B 396 -12.92 23.92 -6.37
C ALA B 396 -13.75 22.69 -6.07
N ASP B 397 -14.62 22.24 -7.00
CA ASP B 397 -15.34 21.00 -6.79
C ASP B 397 -14.45 19.77 -6.89
N GLU B 398 -13.32 19.86 -7.56
CA GLU B 398 -12.36 18.76 -7.47
C GLU B 398 -11.90 18.62 -6.03
N GLY B 399 -12.06 17.43 -5.47
CA GLY B 399 -11.81 17.19 -4.06
C GLY B 399 -13.06 17.14 -3.22
N ARG B 400 -14.18 17.66 -3.74
CA ARG B 400 -15.45 17.64 -3.04
C ARG B 400 -16.23 16.35 -3.27
N GLN B 401 -15.92 15.59 -4.32
CA GLN B 401 -16.60 14.31 -4.50
C GLN B 401 -16.22 13.35 -3.38
N GLY B 402 -14.94 13.33 -2.97
CA GLY B 402 -14.58 12.57 -1.79
C GLY B 402 -15.27 13.07 -0.54
N GLN B 403 -15.40 14.39 -0.40
CA GLN B 403 -16.16 14.94 0.71
C GLN B 403 -17.60 14.41 0.72
N ALA B 404 -18.24 14.35 -0.45
CA ALA B 404 -19.61 13.82 -0.49
C ALA B 404 -19.68 12.37 -0.05
N ALA B 405 -18.69 11.57 -0.44
CA ALA B 405 -18.63 10.17 0.03
C ALA B 405 -18.45 10.11 1.54
N LEU B 406 -17.57 10.93 2.11
CA LEU B 406 -17.42 11.00 3.55
C LEU B 406 -18.72 11.41 4.24
N LEU B 407 -19.39 12.45 3.72
CA LEU B 407 -20.70 12.82 4.24
C LEU B 407 -21.66 11.65 4.24
N ALA B 408 -21.64 10.83 3.19
CA ALA B 408 -22.55 9.69 3.12
C ALA B 408 -22.19 8.65 4.18
N LEU B 409 -20.91 8.30 4.26
CA LEU B 409 -20.50 7.29 5.23
C LEU B 409 -20.79 7.74 6.66
N ALA B 410 -20.76 9.04 6.91
CA ALA B 410 -20.99 9.52 8.27
C ALA B 410 -22.47 9.58 8.61
N THR B 411 -23.34 9.94 7.65
CA THR B 411 -24.74 10.07 8.04
C THR B 411 -25.45 8.72 8.08
N TYR B 412 -24.90 7.68 7.45
CA TYR B 412 -25.52 6.36 7.46
C TYR B 412 -24.44 5.31 7.73
N SER B 413 -24.30 4.93 8.99
CA SER B 413 -23.14 4.13 9.35
C SER B 413 -23.26 2.69 8.87
N GLU B 414 -24.44 2.27 8.41
CA GLU B 414 -24.57 0.93 7.87
C GLU B 414 -24.19 0.83 6.39
N LEU B 415 -23.94 1.96 5.71
CA LEU B 415 -23.29 1.89 4.40
C LEU B 415 -21.98 1.11 4.49
N LYS B 416 -21.63 0.46 3.39
CA LYS B 416 -20.34 -0.20 3.28
C LYS B 416 -19.46 0.41 2.21
N ASN B 417 -19.95 0.59 0.98
CA ASN B 417 -19.15 1.14 -0.11
C ASN B 417 -19.88 2.31 -0.77
N ILE B 418 -19.09 3.25 -1.31
CA ILE B 418 -19.60 4.40 -2.04
C ILE B 418 -19.03 4.37 -3.46
N ILE B 419 -19.88 4.61 -4.44
CA ILE B 419 -19.43 4.77 -5.82
C ILE B 419 -19.83 6.17 -6.26
N LEU B 420 -18.84 6.94 -6.72
CA LEU B 420 -19.07 8.31 -7.15
C LEU B 420 -19.08 8.39 -8.67
N VAL B 421 -20.06 9.11 -9.23
CA VAL B 421 -20.14 9.30 -10.68
C VAL B 421 -20.61 10.71 -10.98
N ASP B 422 -20.41 11.11 -12.23
CA ASP B 422 -20.79 12.42 -12.75
C ASP B 422 -22.25 12.41 -13.25
N GLU B 423 -22.74 13.59 -13.66
CA GLU B 423 -24.16 13.79 -13.97
C GLU B 423 -24.58 13.17 -15.31
N ASP B 424 -23.65 12.67 -16.13
CA ASP B 424 -23.97 11.97 -17.36
C ASP B 424 -23.97 10.45 -17.18
N VAL B 425 -23.95 9.97 -15.93
CA VAL B 425 -24.02 8.55 -15.62
C VAL B 425 -25.36 8.30 -14.94
N ASP B 426 -26.12 7.34 -15.44
CA ASP B 426 -27.43 7.00 -14.88
C ASP B 426 -27.23 6.03 -13.71
N ILE B 427 -27.40 6.52 -12.48
CA ILE B 427 -27.09 5.73 -11.30
C ILE B 427 -28.11 4.64 -11.01
N PHE B 428 -29.27 4.66 -11.67
CA PHE B 428 -30.24 3.59 -11.53
C PHE B 428 -30.02 2.48 -12.54
N ASP B 429 -28.96 2.58 -13.34
CA ASP B 429 -28.65 1.63 -14.41
C ASP B 429 -27.31 1.01 -14.07
N SER B 430 -27.33 -0.25 -13.63
CA SER B 430 -26.09 -0.84 -13.15
C SER B 430 -25.06 -1.03 -14.26
N ASP B 431 -25.51 -1.26 -15.51
CA ASP B 431 -24.57 -1.28 -16.62
C ASP B 431 -23.75 0.00 -16.66
N ASP B 432 -24.42 1.13 -16.45
CA ASP B 432 -23.79 2.43 -16.61
C ASP B 432 -22.86 2.71 -15.44
N ILE B 433 -23.24 2.27 -14.23
CA ILE B 433 -22.32 2.31 -13.11
C ILE B 433 -21.02 1.58 -13.45
N LEU B 434 -21.13 0.34 -13.90
CA LEU B 434 -19.95 -0.43 -14.25
C LEU B 434 -19.16 0.22 -15.38
N TRP B 435 -19.86 0.91 -16.30
CA TRP B 435 -19.18 1.63 -17.37
C TRP B 435 -18.27 2.72 -16.79
N ALA B 436 -18.79 3.53 -15.88
CA ALA B 436 -17.97 4.54 -15.20
C ALA B 436 -16.83 3.88 -14.42
N MET B 437 -17.10 2.75 -13.78
CA MET B 437 -16.03 2.01 -13.11
C MET B 437 -14.98 1.50 -14.08
N THR B 438 -15.24 1.55 -15.37
CA THR B 438 -14.38 0.95 -16.39
C THR B 438 -13.60 1.98 -17.18
N THR B 439 -14.20 3.12 -17.53
CA THR B 439 -13.50 4.14 -18.30
C THR B 439 -13.17 5.38 -17.48
N ARG B 440 -13.62 5.48 -16.23
CA ARG B 440 -13.43 6.70 -15.44
C ARG B 440 -12.81 6.36 -14.09
N MET B 441 -11.86 5.45 -14.08
CA MET B 441 -11.37 4.87 -12.84
C MET B 441 -10.02 4.21 -13.12
N GLN B 442 -9.05 4.48 -12.27
CA GLN B 442 -7.79 3.73 -12.29
C GLN B 442 -7.59 3.13 -10.91
N GLY B 443 -7.36 1.82 -10.86
CA GLY B 443 -7.41 1.09 -9.60
C GLY B 443 -6.46 1.61 -8.54
N ASP B 444 -5.25 2.01 -8.93
CA ASP B 444 -4.28 2.47 -7.93
C ASP B 444 -4.39 3.95 -7.63
N VAL B 445 -5.44 4.63 -8.13
CA VAL B 445 -5.68 6.04 -7.89
C VAL B 445 -7.05 6.28 -7.26
N SER B 446 -8.07 5.63 -7.81
CA SER B 446 -9.47 6.00 -7.64
C SER B 446 -10.16 5.27 -6.50
N ILE B 447 -9.48 4.32 -5.86
CA ILE B 447 -10.07 3.43 -4.86
C ILE B 447 -9.44 3.72 -3.50
N THR B 448 -10.24 4.19 -2.56
CA THR B 448 -9.76 4.47 -1.20
C THR B 448 -10.43 3.53 -0.20
N THR B 449 -9.62 2.82 0.57
CA THR B 449 -10.09 1.86 1.58
C THR B 449 -10.00 2.47 2.98
N ILE B 450 -11.06 2.28 3.76
CA ILE B 450 -11.12 2.80 5.12
C ILE B 450 -11.38 1.62 6.05
N PRO B 451 -10.34 1.02 6.62
CA PRO B 451 -10.51 -0.22 7.41
C PRO B 451 -11.02 -0.01 8.84
N GLY B 452 -11.64 -1.09 9.36
CA GLY B 452 -12.01 -1.17 10.77
C GLY B 452 -13.16 -0.29 11.21
N ILE B 453 -14.12 0.03 10.31
CA ILE B 453 -15.25 0.88 10.63
C ILE B 453 -16.46 -0.02 10.87
N ARG B 454 -17.20 0.25 11.94
CA ARG B 454 -18.36 -0.58 12.20
C ARG B 454 -19.38 -0.40 11.08
N GLY B 455 -19.91 -1.52 10.61
CA GLY B 455 -20.81 -1.54 9.47
C GLY B 455 -22.14 -2.20 9.81
N HIS B 456 -22.23 -3.51 9.63
CA HIS B 456 -23.49 -4.22 9.85
C HIS B 456 -23.22 -5.72 9.97
N GLN B 457 -23.71 -6.33 11.05
CA GLN B 457 -23.44 -7.75 11.28
C GLN B 457 -24.06 -8.68 10.23
N LEU B 458 -25.07 -8.23 9.48
CA LEU B 458 -25.71 -9.09 8.49
C LEU B 458 -24.99 -9.10 7.16
N ASP B 459 -23.94 -8.29 7.01
CA ASP B 459 -22.96 -8.51 5.94
C ASP B 459 -22.07 -9.68 6.35
N PRO B 460 -22.23 -10.84 5.72
CA PRO B 460 -21.45 -12.01 6.15
C PRO B 460 -19.96 -11.89 5.86
N SER B 461 -19.54 -10.94 5.03
CA SER B 461 -18.11 -10.70 4.86
C SER B 461 -17.49 -9.82 5.96
N GLN B 462 -18.29 -9.16 6.80
CA GLN B 462 -17.72 -8.37 7.91
C GLN B 462 -17.48 -9.28 9.12
N THR B 463 -16.44 -10.08 9.02
CA THR B 463 -15.98 -10.94 10.11
C THR B 463 -14.46 -10.95 10.14
N PRO B 464 -13.87 -11.28 11.29
CA PRO B 464 -12.40 -11.38 11.35
C PRO B 464 -11.84 -12.45 10.43
N GLU B 465 -12.66 -13.45 10.07
CA GLU B 465 -12.20 -14.53 9.20
C GLU B 465 -12.05 -14.07 7.75
N TYR B 466 -12.73 -12.99 7.34
CA TYR B 466 -12.62 -12.48 5.99
C TYR B 466 -11.45 -11.54 5.78
N SER B 467 -10.98 -10.89 6.85
CA SER B 467 -10.03 -9.81 6.71
C SER B 467 -9.17 -9.71 7.96
N PRO B 468 -7.85 -9.62 7.82
CA PRO B 468 -7.01 -9.45 9.02
C PRO B 468 -7.14 -8.07 9.67
N SER B 469 -7.83 -7.12 9.05
CA SER B 469 -8.05 -5.80 9.64
C SER B 469 -9.41 -5.67 10.33
N ILE B 470 -10.20 -6.75 10.39
CA ILE B 470 -11.53 -6.76 11.00
C ILE B 470 -11.41 -7.40 12.39
N ARG B 471 -11.78 -6.64 13.43
CA ARG B 471 -11.55 -7.07 14.80
C ARG B 471 -12.73 -7.80 15.42
N GLY B 472 -13.90 -7.72 14.80
CA GLY B 472 -15.08 -8.43 15.26
C GLY B 472 -16.13 -8.35 14.18
N ASN B 473 -17.21 -9.11 14.39
CA ASN B 473 -18.33 -9.16 13.44
C ASN B 473 -18.98 -7.79 13.30
N GLY B 474 -19.41 -7.47 12.09
CA GLY B 474 -20.08 -6.21 11.83
C GLY B 474 -19.15 -5.03 11.69
N ILE B 475 -17.87 -5.29 11.56
CA ILE B 475 -16.87 -4.28 11.31
C ILE B 475 -16.39 -4.58 9.90
N SER B 476 -16.18 -3.56 9.14
CA SER B 476 -15.75 -3.65 7.77
C SER B 476 -14.69 -2.64 7.32
N CYS B 477 -14.13 -2.96 6.18
CA CYS B 477 -13.38 -2.03 5.46
C CYS B 477 -14.44 -1.40 4.57
N LYS B 478 -14.41 -0.11 4.47
CA LYS B 478 -15.35 0.62 3.63
C LYS B 478 -14.59 1.28 2.50
N THR B 479 -15.08 1.12 1.28
CA THR B 479 -14.33 1.48 0.09
C THR B 479 -15.05 2.56 -0.70
N ILE B 480 -14.34 3.63 -1.04
CA ILE B 480 -14.86 4.69 -1.89
C ILE B 480 -14.29 4.49 -3.29
N PHE B 481 -15.15 4.18 -4.27
CA PHE B 481 -14.76 4.10 -5.69
C PHE B 481 -15.07 5.44 -6.35
N ASP B 482 -14.02 6.21 -6.68
CA ASP B 482 -14.20 7.52 -7.31
C ASP B 482 -14.20 7.33 -8.82
N CYS B 483 -15.39 7.33 -9.41
CA CYS B 483 -15.54 7.19 -10.85
C CYS B 483 -15.98 8.51 -11.50
N THR B 484 -15.65 9.63 -10.88
CA THR B 484 -15.82 10.94 -11.51
C THR B 484 -14.58 11.30 -12.33
N VAL B 485 -14.80 12.05 -13.40
CA VAL B 485 -13.71 12.55 -14.22
C VAL B 485 -12.91 13.60 -13.44
N PRO B 486 -11.58 13.49 -13.34
CA PRO B 486 -10.82 14.57 -12.70
C PRO B 486 -11.06 15.89 -13.42
N TRP B 487 -11.40 16.91 -12.63
CA TRP B 487 -11.77 18.21 -13.17
C TRP B 487 -10.91 18.59 -14.37
N ALA B 488 -9.59 18.50 -14.25
CA ALA B 488 -8.73 19.06 -15.28
C ALA B 488 -8.82 18.31 -16.60
N LEU B 489 -9.36 17.09 -16.58
CA LEU B 489 -9.39 16.24 -17.75
C LEU B 489 -10.76 16.18 -18.40
N LYS B 490 -11.74 16.93 -17.91
CA LYS B 490 -13.13 16.75 -18.35
C LYS B 490 -13.32 16.94 -19.86
N SER B 491 -12.50 17.77 -20.51
CA SER B 491 -12.70 17.97 -21.93
C SER B 491 -12.39 16.72 -22.76
N HIS B 492 -11.81 15.70 -22.16
CA HIS B 492 -11.52 14.44 -22.84
C HIS B 492 -12.55 13.37 -22.57
N PHE B 493 -13.59 13.68 -21.80
CA PHE B 493 -14.47 12.61 -21.31
C PHE B 493 -15.93 12.85 -21.66
N GLU B 494 -16.20 13.72 -22.64
CA GLU B 494 -17.55 13.92 -23.15
C GLU B 494 -18.02 12.63 -23.79
N ARG B 495 -19.16 12.10 -23.33
CA ARG B 495 -19.73 10.94 -24.00
C ARG B 495 -20.15 11.30 -25.44
N ALA B 496 -19.98 10.36 -26.35
CA ALA B 496 -20.23 10.59 -27.75
C ALA B 496 -21.59 11.28 -27.93
N PRO B 497 -21.65 12.47 -28.58
CA PRO B 497 -22.90 13.25 -28.56
C PRO B 497 -23.86 12.95 -29.71
N PHE B 498 -24.87 12.13 -29.47
CA PHE B 498 -25.87 11.86 -30.48
C PHE B 498 -26.88 13.01 -30.52
N ALA B 499 -27.32 13.36 -31.73
CA ALA B 499 -28.25 14.47 -31.89
C ALA B 499 -29.53 14.26 -31.07
N ASP B 500 -30.09 15.36 -30.58
CA ASP B 500 -31.36 15.35 -29.88
C ASP B 500 -32.48 15.23 -30.90
N VAL B 501 -33.29 14.18 -30.78
CA VAL B 501 -34.41 13.96 -31.69
C VAL B 501 -35.55 13.33 -30.91
N ASP B 502 -36.77 13.66 -31.27
CA ASP B 502 -37.89 13.03 -30.63
C ASP B 502 -38.09 11.81 -31.44
N PRO B 503 -37.93 10.64 -30.86
CA PRO B 503 -38.05 9.41 -31.60
C PRO B 503 -39.48 8.92 -31.76
N ARG B 504 -40.43 9.58 -31.15
CA ARG B 504 -41.77 9.08 -31.03
C ARG B 504 -42.44 8.82 -32.34
N PRO B 505 -42.34 9.74 -33.27
CA PRO B 505 -42.96 9.66 -34.58
C PRO B 505 -42.47 8.58 -35.48
N PHE B 506 -41.26 8.10 -35.27
CA PHE B 506 -40.70 7.10 -36.10
C PHE B 506 -41.25 5.77 -35.79
N ALA B 507 -41.75 5.57 -34.58
CA ALA B 507 -42.31 4.27 -34.19
C ALA B 507 -43.38 4.50 -33.13
N PRO B 508 -44.51 5.11 -33.51
CA PRO B 508 -45.51 5.47 -32.49
C PRO B 508 -46.03 4.27 -31.71
N GLU B 509 -46.55 3.26 -32.41
CA GLU B 509 -47.13 2.11 -31.72
C GLU B 509 -46.09 1.36 -30.91
N TYR B 510 -44.83 1.33 -31.37
CA TYR B 510 -43.76 0.75 -30.55
C TYR B 510 -43.63 1.50 -29.23
N PHE B 511 -43.60 2.83 -29.26
CA PHE B 511 -43.47 3.58 -28.02
C PHE B 511 -44.74 3.56 -27.18
N ALA B 512 -45.84 3.02 -27.71
CA ALA B 512 -47.07 2.84 -26.95
C ALA B 512 -46.97 1.64 -26.02
N ARG B 513 -45.77 1.32 -25.56
CA ARG B 513 -45.53 0.20 -24.65
C ARG B 513 -44.53 0.58 -23.56
N PRO C 24 25.73 -41.06 -33.86
CA PRO C 24 24.30 -40.81 -33.61
C PRO C 24 23.83 -41.54 -32.34
N ILE C 25 23.37 -40.79 -31.34
CA ILE C 25 23.06 -41.35 -30.03
C ILE C 25 21.75 -42.12 -30.09
N GLN C 26 21.76 -43.38 -29.62
CA GLN C 26 20.53 -44.17 -29.52
C GLN C 26 20.33 -44.84 -28.16
N ASP C 27 21.23 -44.66 -27.19
CA ASP C 27 21.01 -45.18 -25.85
C ASP C 27 21.95 -44.45 -24.88
N LEU C 28 21.88 -44.82 -23.61
CA LEU C 28 22.71 -44.16 -22.61
C LEU C 28 24.19 -44.31 -22.92
N ARG C 29 24.62 -45.52 -23.29
CA ARG C 29 26.06 -45.75 -23.46
C ARG C 29 26.64 -44.95 -24.62
N ASP C 30 25.87 -44.73 -25.70
CA ASP C 30 26.33 -43.81 -26.74
C ASP C 30 26.49 -42.40 -26.19
N ALA C 31 25.59 -42.00 -25.28
CA ALA C 31 25.65 -40.66 -24.70
C ALA C 31 26.84 -40.51 -23.78
N ILE C 32 27.10 -41.53 -22.94
CA ILE C 32 28.34 -41.56 -22.17
C ILE C 32 29.53 -41.42 -23.11
N ALA C 33 29.55 -42.19 -24.20
CA ALA C 33 30.67 -42.11 -25.14
C ALA C 33 30.85 -40.69 -25.65
N LEU C 34 29.75 -40.02 -26.04
CA LEU C 34 29.87 -38.63 -26.46
C LEU C 34 30.46 -37.76 -25.35
N LEU C 35 29.96 -37.93 -24.12
CA LEU C 35 30.49 -37.14 -23.02
C LEU C 35 31.99 -37.37 -22.83
N GLN C 36 32.48 -38.57 -23.14
CA GLN C 36 33.89 -38.86 -22.91
C GLN C 36 34.80 -38.13 -23.89
N GLN C 37 34.26 -37.54 -24.95
CA GLN C 37 35.02 -36.74 -25.89
C GLN C 37 35.18 -35.29 -25.43
N HIS C 38 34.68 -34.95 -24.24
CA HIS C 38 34.71 -33.59 -23.68
C HIS C 38 35.21 -33.62 -22.24
N ASP C 39 36.08 -32.68 -21.90
CA ASP C 39 36.69 -32.67 -20.57
C ASP C 39 35.66 -32.32 -19.52
N ASN C 40 35.71 -33.04 -18.39
CA ASN C 40 34.89 -32.75 -17.20
C ASN C 40 33.39 -32.94 -17.46
N GLN C 41 33.03 -33.73 -18.45
CA GLN C 41 31.63 -34.09 -18.65
C GLN C 41 31.28 -35.47 -18.09
N TYR C 42 32.25 -36.37 -17.96
CA TYR C 42 32.01 -37.72 -17.47
C TYR C 42 33.16 -38.11 -16.55
N LEU C 43 32.81 -38.67 -15.38
CA LEU C 43 33.81 -39.08 -14.40
C LEU C 43 33.43 -40.43 -13.83
N GLU C 44 34.43 -41.28 -13.64
CA GLU C 44 34.25 -42.60 -13.05
C GLU C 44 35.07 -42.71 -11.77
N THR C 45 34.63 -43.59 -10.87
CA THR C 45 35.44 -43.93 -9.70
C THR C 45 35.29 -45.39 -9.35
N ASP C 46 36.41 -46.01 -8.97
CA ASP C 46 36.46 -47.38 -8.46
C ASP C 46 36.56 -47.43 -6.94
N HIS C 47 36.47 -46.30 -6.27
CA HIS C 47 36.44 -46.30 -4.82
C HIS C 47 35.09 -46.86 -4.34
N PRO C 48 35.07 -47.79 -3.39
CA PRO C 48 33.79 -48.35 -2.96
C PRO C 48 32.90 -47.30 -2.30
N VAL C 49 31.61 -47.38 -2.57
CA VAL C 49 30.63 -46.41 -2.07
C VAL C 49 29.40 -47.14 -1.57
N ASP C 50 28.81 -46.61 -0.51
CA ASP C 50 27.54 -47.13 -0.01
C ASP C 50 26.39 -46.44 -0.73
N PRO C 51 25.53 -47.16 -1.46
CA PRO C 51 24.38 -46.49 -2.10
C PRO C 51 23.47 -45.81 -1.10
N ASN C 52 23.58 -46.15 0.18
CA ASN C 52 22.76 -45.54 1.24
C ASN C 52 23.47 -44.28 1.72
N ALA C 53 23.06 -43.13 1.17
CA ALA C 53 23.47 -41.84 1.71
C ALA C 53 24.85 -41.41 1.25
N GLU C 54 25.82 -42.32 1.25
CA GLU C 54 27.20 -41.92 0.96
C GLU C 54 27.35 -41.46 -0.49
N LEU C 55 26.84 -42.25 -1.44
CA LEU C 55 26.96 -41.88 -2.85
C LEU C 55 26.43 -40.47 -3.07
N ALA C 56 25.17 -40.22 -2.65
CA ALA C 56 24.60 -38.89 -2.80
C ALA C 56 25.47 -37.81 -2.14
N GLY C 57 26.05 -38.12 -0.98
CA GLY C 57 26.89 -37.16 -0.30
C GLY C 57 28.18 -36.85 -1.05
N VAL C 58 28.73 -37.85 -1.74
CA VAL C 58 29.85 -37.60 -2.64
C VAL C 58 29.43 -36.68 -3.79
N TYR C 59 28.37 -37.06 -4.51
CA TYR C 59 28.00 -36.27 -5.68
C TYR C 59 27.52 -34.88 -5.29
N ARG C 60 26.98 -34.72 -4.07
CA ARG C 60 26.65 -33.39 -3.58
C ARG C 60 27.82 -32.42 -3.78
N HIS C 61 29.04 -32.88 -3.52
CA HIS C 61 30.22 -32.02 -3.67
C HIS C 61 30.65 -31.88 -5.12
N ILE C 62 30.43 -32.92 -5.92
CA ILE C 62 30.99 -32.98 -7.26
C ILE C 62 30.07 -32.35 -8.30
N GLY C 63 28.76 -32.62 -8.26
CA GLY C 63 27.93 -32.15 -9.34
C GLY C 63 26.43 -32.03 -9.14
N ALA C 64 25.93 -32.18 -7.91
CA ALA C 64 24.49 -32.16 -7.72
C ALA C 64 23.89 -30.81 -8.17
N GLY C 65 24.46 -29.71 -7.66
CA GLY C 65 24.08 -28.38 -8.10
C GLY C 65 22.66 -27.99 -7.72
N GLY C 66 22.12 -27.05 -8.48
CA GLY C 66 20.76 -26.60 -8.25
C GLY C 66 20.55 -26.09 -6.84
N THR C 67 19.42 -26.48 -6.23
CA THR C 67 19.02 -25.96 -4.93
C THR C 67 19.70 -26.69 -3.78
N VAL C 68 20.60 -27.63 -4.07
CA VAL C 68 21.30 -28.37 -3.03
C VAL C 68 22.10 -27.42 -2.14
N LYS C 69 22.17 -27.73 -0.84
CA LYS C 69 22.88 -26.85 0.08
C LYS C 69 24.38 -26.85 -0.24
N ARG C 70 24.99 -25.67 -0.11
CA ARG C 70 26.39 -25.52 -0.42
C ARG C 70 27.24 -26.22 0.65
N PRO C 71 28.47 -26.62 0.29
CA PRO C 71 29.02 -26.40 -1.06
C PRO C 71 28.45 -27.35 -2.10
N THR C 72 28.26 -26.86 -3.31
CA THR C 72 27.89 -27.69 -4.46
C THR C 72 28.32 -26.97 -5.73
N ARG C 73 28.21 -27.67 -6.85
CA ARG C 73 28.62 -27.08 -8.12
C ARG C 73 28.13 -27.97 -9.26
N ILE C 74 28.14 -27.40 -10.46
CA ILE C 74 27.95 -28.18 -11.67
C ILE C 74 29.28 -28.85 -12.03
N GLY C 75 29.22 -30.14 -12.32
CA GLY C 75 30.39 -30.89 -12.68
C GLY C 75 30.06 -32.01 -13.64
N PRO C 76 30.92 -33.02 -13.71
CA PRO C 76 30.67 -34.14 -14.62
C PRO C 76 29.52 -35.01 -14.15
N ALA C 77 28.92 -35.71 -15.11
CA ALA C 77 28.15 -36.90 -14.78
C ALA C 77 29.10 -37.94 -14.19
N MET C 78 28.65 -38.64 -13.17
CA MET C 78 29.55 -39.49 -12.40
C MET C 78 29.04 -40.92 -12.33
N MET C 79 29.91 -41.86 -12.68
CA MET C 79 29.62 -43.30 -12.62
C MET C 79 30.38 -43.92 -11.46
N PHE C 80 29.66 -44.56 -10.54
CA PHE C 80 30.25 -45.28 -9.41
C PHE C 80 30.32 -46.77 -9.79
N ASN C 81 31.55 -47.29 -9.90
CA ASN C 81 31.77 -48.66 -10.38
C ASN C 81 31.78 -49.71 -9.28
N ASN C 82 31.95 -49.30 -8.02
CA ASN C 82 32.19 -50.21 -6.91
C ASN C 82 31.13 -49.95 -5.84
N ILE C 83 30.04 -50.73 -5.89
CA ILE C 83 28.87 -50.48 -5.06
C ILE C 83 28.88 -51.48 -3.91
N LYS C 84 29.13 -50.99 -2.69
CA LYS C 84 29.18 -51.87 -1.52
C LYS C 84 27.87 -52.63 -1.35
N GLY C 85 27.99 -53.95 -1.32
CA GLY C 85 26.84 -54.82 -1.24
C GLY C 85 26.33 -55.29 -2.57
N TYR C 86 26.70 -54.64 -3.66
CA TYR C 86 26.24 -54.98 -5.01
C TYR C 86 27.46 -55.12 -5.91
N PRO C 87 28.12 -56.28 -5.87
CA PRO C 87 29.41 -56.43 -6.55
C PRO C 87 29.33 -56.38 -8.07
N HIS C 88 28.15 -56.51 -8.67
CA HIS C 88 28.03 -56.51 -10.11
C HIS C 88 27.30 -55.28 -10.63
N SER C 89 27.16 -54.26 -9.80
CA SER C 89 26.40 -53.07 -10.16
C SER C 89 27.32 -51.89 -10.38
N ARG C 90 26.84 -50.94 -11.17
CA ARG C 90 27.46 -49.63 -11.30
C ARG C 90 26.33 -48.61 -11.38
N ILE C 91 26.52 -47.44 -10.78
CA ILE C 91 25.48 -46.43 -10.67
C ILE C 91 25.93 -45.15 -11.35
N LEU C 92 25.00 -44.50 -12.05
CA LEU C 92 25.24 -43.26 -12.76
C LEU C 92 24.27 -42.21 -12.27
N VAL C 93 24.80 -41.02 -11.96
CA VAL C 93 24.00 -39.86 -11.53
C VAL C 93 24.50 -38.62 -12.26
N GLY C 94 23.61 -37.63 -12.35
CA GLY C 94 23.94 -36.34 -12.91
C GLY C 94 23.98 -36.26 -14.41
N MET C 95 23.42 -37.25 -15.12
CA MET C 95 23.49 -37.23 -16.58
C MET C 95 22.90 -35.95 -17.14
N HIS C 96 21.79 -35.48 -16.58
CA HIS C 96 21.13 -34.25 -17.03
C HIS C 96 21.44 -33.05 -16.15
N ALA C 97 22.40 -33.16 -15.21
CA ALA C 97 22.64 -32.15 -14.17
C ALA C 97 23.47 -30.96 -14.64
N SER C 98 23.46 -30.33 -15.70
CA SER C 98 24.11 -29.25 -16.43
C SER C 98 23.29 -28.92 -17.68
N ARG C 99 22.98 -27.64 -17.89
CA ARG C 99 22.39 -27.19 -19.15
C ARG C 99 23.37 -27.42 -20.31
N GLN C 100 24.65 -27.13 -20.08
CA GLN C 100 25.66 -27.31 -21.10
C GLN C 100 25.82 -28.79 -21.46
N ARG C 101 25.77 -29.68 -20.47
CA ARG C 101 25.81 -31.10 -20.77
C ARG C 101 24.58 -31.52 -21.57
N ALA C 102 23.40 -31.06 -21.17
CA ALA C 102 22.20 -31.36 -21.94
C ALA C 102 22.32 -30.86 -23.36
N ALA C 103 22.93 -29.68 -23.55
CA ALA C 103 23.06 -29.14 -24.90
C ALA C 103 24.04 -29.98 -25.72
N LEU C 104 25.14 -30.42 -25.12
CA LEU C 104 26.06 -31.32 -25.81
C LEU C 104 25.39 -32.63 -26.19
N LEU C 105 24.52 -33.15 -25.31
CA LEU C 105 23.86 -34.41 -25.58
C LEU C 105 22.84 -34.31 -26.71
N LEU C 106 22.26 -33.12 -26.90
CA LEU C 106 21.32 -32.90 -27.99
C LEU C 106 21.93 -32.11 -29.13
N GLY C 107 23.23 -31.81 -29.07
CA GLY C 107 23.93 -31.13 -30.16
C GLY C 107 23.37 -29.76 -30.50
N CYS C 108 23.21 -28.89 -29.51
CA CYS C 108 22.73 -27.53 -29.74
C CYS C 108 23.33 -26.60 -28.69
N GLU C 109 22.97 -25.32 -28.77
CA GLU C 109 23.44 -24.32 -27.81
C GLU C 109 22.63 -24.38 -26.52
N ALA C 110 23.31 -24.18 -25.40
CA ALA C 110 22.62 -24.19 -24.11
C ALA C 110 21.54 -23.12 -24.05
N SER C 111 21.82 -21.93 -24.60
CA SER C 111 20.81 -20.87 -24.63
C SER C 111 19.56 -21.29 -25.41
N GLN C 112 19.71 -22.09 -26.47
CA GLN C 112 18.60 -22.43 -27.35
C GLN C 112 17.94 -23.75 -26.98
N LEU C 113 18.35 -24.38 -25.87
CA LEU C 113 17.96 -25.76 -25.60
C LEU C 113 16.44 -25.92 -25.62
N ALA C 114 15.69 -25.04 -24.96
CA ALA C 114 14.23 -25.18 -24.93
C ALA C 114 13.63 -25.03 -26.33
N LEU C 115 14.16 -24.11 -27.14
CA LEU C 115 13.66 -23.92 -28.50
C LEU C 115 13.91 -25.15 -29.36
N GLU C 116 15.09 -25.76 -29.23
CA GLU C 116 15.41 -26.94 -30.04
C GLU C 116 14.56 -28.14 -29.65
N VAL C 117 14.36 -28.36 -28.35
CA VAL C 117 13.45 -29.42 -27.94
C VAL C 117 12.03 -29.08 -28.38
N GLY C 118 11.66 -27.81 -28.28
CA GLY C 118 10.36 -27.37 -28.77
C GLY C 118 10.15 -27.76 -30.22
N LYS C 119 11.18 -27.63 -31.05
CA LYS C 119 11.05 -27.98 -32.46
C LYS C 119 10.78 -29.47 -32.64
N ALA C 120 11.42 -30.30 -31.81
CA ALA C 120 11.15 -31.73 -31.86
C ALA C 120 9.71 -32.02 -31.42
N VAL C 121 9.20 -31.25 -30.47
CA VAL C 121 7.83 -31.43 -30.01
C VAL C 121 6.86 -31.25 -31.16
N LYS C 122 7.16 -30.34 -32.09
CA LYS C 122 6.25 -30.00 -33.19
C LYS C 122 6.27 -31.02 -34.32
N LYS C 123 7.36 -31.75 -34.50
CA LYS C 123 7.49 -32.74 -35.57
C LYS C 123 7.99 -34.04 -34.98
N PRO C 124 7.19 -34.69 -34.15
CA PRO C 124 7.64 -35.95 -33.56
C PRO C 124 7.77 -37.03 -34.61
N VAL C 125 8.67 -37.98 -34.37
CA VAL C 125 8.75 -39.19 -35.19
C VAL C 125 8.44 -40.37 -34.29
N ALA C 126 7.49 -41.20 -34.73
CA ALA C 126 6.84 -42.18 -33.87
C ALA C 126 7.77 -43.34 -33.52
N PRO C 127 7.60 -43.91 -32.33
CA PRO C 127 8.36 -45.12 -31.96
C PRO C 127 7.92 -46.32 -32.79
N VAL C 128 8.75 -47.36 -32.75
CA VAL C 128 8.48 -48.61 -33.45
C VAL C 128 8.69 -49.77 -32.49
N VAL C 129 8.25 -50.94 -32.93
CA VAL C 129 8.36 -52.16 -32.15
C VAL C 129 9.42 -53.05 -32.79
N VAL C 130 10.21 -53.70 -31.95
CA VAL C 130 11.28 -54.58 -32.41
C VAL C 130 11.21 -55.86 -31.60
N PRO C 131 11.74 -56.96 -32.14
CA PRO C 131 11.66 -58.25 -31.44
C PRO C 131 12.68 -58.35 -30.30
N ALA C 132 12.52 -59.42 -29.51
CA ALA C 132 13.35 -59.61 -28.32
C ALA C 132 14.83 -59.57 -28.67
N SER C 133 15.21 -60.11 -29.82
CA SER C 133 16.60 -60.17 -30.23
C SER C 133 17.19 -58.79 -30.56
N SER C 134 16.35 -57.77 -30.70
CA SER C 134 16.82 -56.42 -30.95
C SER C 134 16.80 -55.55 -29.70
N ALA C 135 16.49 -56.15 -28.54
CA ALA C 135 16.33 -55.39 -27.30
C ALA C 135 17.45 -55.73 -26.33
N PRO C 136 18.53 -54.96 -26.30
CA PRO C 136 19.58 -55.21 -25.30
C PRO C 136 19.05 -55.26 -23.88
N CYS C 137 17.88 -54.65 -23.61
CA CYS C 137 17.32 -54.61 -22.27
C CYS C 137 16.82 -55.97 -21.79
N GLN C 138 16.83 -56.98 -22.66
CA GLN C 138 16.42 -58.33 -22.25
C GLN C 138 17.55 -59.33 -22.39
N GLU C 139 18.81 -58.87 -22.35
CA GLU C 139 19.95 -59.78 -22.33
C GLU C 139 20.00 -60.60 -21.05
N GLN C 140 19.56 -60.03 -19.93
CA GLN C 140 19.42 -60.75 -18.67
C GLN C 140 17.98 -60.64 -18.20
N ILE C 141 17.44 -61.74 -17.71
CA ILE C 141 16.05 -61.80 -17.26
C ILE C 141 16.01 -62.45 -15.88
N PHE C 142 15.36 -61.77 -14.93
CA PHE C 142 15.24 -62.23 -13.55
C PHE C 142 13.76 -62.30 -13.20
N LEU C 143 13.17 -63.49 -13.29
CA LEU C 143 11.74 -63.66 -13.02
C LEU C 143 11.47 -63.66 -11.51
N ALA C 144 10.42 -62.94 -11.12
CA ALA C 144 10.11 -62.74 -9.71
C ALA C 144 9.61 -64.00 -9.02
N ASP C 145 9.04 -64.95 -9.76
CA ASP C 145 8.63 -66.19 -9.14
C ASP C 145 9.81 -67.11 -8.81
N ASP C 146 11.04 -66.69 -9.10
CA ASP C 146 12.20 -67.43 -8.63
C ASP C 146 12.30 -67.30 -7.12
N PRO C 147 12.41 -68.42 -6.39
CA PRO C 147 12.50 -68.30 -4.92
C PRO C 147 13.64 -67.41 -4.44
N ASP C 148 14.71 -67.27 -5.22
CA ASP C 148 15.87 -66.46 -4.85
C ASP C 148 15.76 -65.00 -5.31
N PHE C 149 14.68 -64.62 -5.98
CA PHE C 149 14.53 -63.25 -6.44
C PHE C 149 14.37 -62.33 -5.25
N ASP C 150 15.10 -61.22 -5.27
CA ASP C 150 14.95 -60.19 -4.24
C ASP C 150 15.27 -58.85 -4.87
N LEU C 151 14.24 -58.02 -5.06
CA LEU C 151 14.45 -56.70 -5.63
C LEU C 151 15.47 -55.88 -4.86
N ARG C 152 15.68 -56.19 -3.58
CA ARG C 152 16.54 -55.39 -2.72
C ARG C 152 18.01 -55.79 -2.83
N THR C 153 18.31 -57.02 -3.25
CA THR C 153 19.68 -57.44 -3.50
C THR C 153 20.04 -57.44 -4.97
N LEU C 154 19.07 -57.28 -5.85
CA LEU C 154 19.30 -57.36 -7.29
C LEU C 154 19.80 -56.03 -7.86
N LEU C 155 19.23 -54.91 -7.41
CA LEU C 155 19.61 -53.58 -7.89
C LEU C 155 19.95 -52.69 -6.70
N PRO C 156 20.99 -51.86 -6.82
CA PRO C 156 21.23 -50.85 -5.79
C PRO C 156 20.33 -49.65 -6.03
N ALA C 157 19.43 -49.38 -5.08
CA ALA C 157 18.57 -48.21 -5.13
C ALA C 157 19.07 -47.18 -4.13
N PRO C 158 19.73 -46.11 -4.56
CA PRO C 158 20.31 -45.18 -3.61
C PRO C 158 19.26 -44.51 -2.74
N THR C 159 19.70 -44.04 -1.58
CA THR C 159 18.93 -43.13 -0.74
C THR C 159 19.66 -41.79 -0.75
N ASN C 160 18.91 -40.70 -0.98
CA ASN C 160 19.55 -39.38 -1.07
C ASN C 160 20.00 -38.85 0.30
N THR C 161 19.20 -38.99 1.34
CA THR C 161 19.59 -38.55 2.68
C THR C 161 19.25 -39.61 3.72
N PRO C 162 19.90 -39.55 4.89
CA PRO C 162 19.60 -40.53 5.95
C PRO C 162 18.17 -40.49 6.46
N ILE C 163 17.39 -39.45 6.17
CA ILE C 163 16.03 -39.36 6.66
C ILE C 163 15.00 -39.66 5.57
N ASP C 164 15.40 -40.38 4.51
CA ASP C 164 14.46 -40.68 3.45
C ASP C 164 13.52 -41.82 3.85
N ALA C 165 12.39 -41.93 3.12
CA ALA C 165 11.44 -43.00 3.36
C ALA C 165 12.09 -44.37 3.17
N GLY C 166 13.14 -44.44 2.34
CA GLY C 166 13.78 -45.70 2.01
C GLY C 166 14.57 -45.56 0.73
N PRO C 167 15.02 -46.68 0.17
CA PRO C 167 15.73 -46.64 -1.12
C PRO C 167 14.79 -46.22 -2.24
N PHE C 168 15.36 -45.52 -3.23
CA PHE C 168 14.60 -44.90 -4.30
C PHE C 168 15.28 -45.09 -5.66
N PHE C 169 14.46 -45.32 -6.68
CA PHE C 169 14.79 -45.04 -8.07
C PHE C 169 14.10 -43.73 -8.42
N CYS C 170 14.86 -42.75 -8.93
CA CYS C 170 14.32 -41.42 -9.21
C CYS C 170 14.20 -41.08 -10.70
N LEU C 171 14.54 -42.00 -11.59
CA LEU C 171 14.43 -41.77 -13.04
C LEU C 171 13.74 -42.94 -13.73
N GLY C 172 12.58 -43.35 -13.22
CA GLY C 172 11.83 -44.44 -13.83
C GLY C 172 10.82 -43.96 -14.85
N LEU C 173 11.01 -44.37 -16.11
CA LEU C 173 10.11 -44.02 -17.20
C LEU C 173 9.04 -45.12 -17.29
N ALA C 174 7.80 -44.76 -16.96
CA ALA C 174 6.71 -45.73 -16.92
C ALA C 174 5.97 -45.73 -18.24
N LEU C 175 5.73 -46.93 -18.77
CA LEU C 175 4.88 -47.12 -19.95
C LEU C 175 3.64 -47.90 -19.52
N ALA C 176 2.47 -47.40 -19.90
CA ALA C 176 1.23 -48.09 -19.54
C ALA C 176 0.14 -47.78 -20.57
N SER C 177 -0.94 -48.54 -20.49
CA SER C 177 -2.07 -48.43 -21.39
C SER C 177 -3.39 -48.49 -20.61
N ASP C 178 -4.45 -48.00 -21.24
CA ASP C 178 -5.77 -48.11 -20.65
C ASP C 178 -6.22 -49.57 -20.64
N PRO C 179 -6.86 -50.04 -19.56
CA PRO C 179 -7.21 -51.46 -19.44
C PRO C 179 -8.42 -51.88 -20.25
N VAL C 180 -9.20 -50.94 -20.78
CA VAL C 180 -10.36 -51.24 -21.60
C VAL C 180 -10.10 -50.94 -23.07
N ASP C 181 -9.44 -49.81 -23.36
CA ASP C 181 -9.15 -49.33 -24.71
C ASP C 181 -7.62 -49.28 -24.87
N ALA C 182 -7.05 -50.37 -25.36
CA ALA C 182 -5.60 -50.50 -25.45
C ALA C 182 -4.96 -49.42 -26.31
N SER C 183 -5.74 -48.72 -27.14
CA SER C 183 -5.16 -47.70 -27.99
C SER C 183 -4.70 -46.49 -27.21
N LEU C 184 -5.08 -46.38 -25.93
CA LEU C 184 -4.68 -45.27 -25.09
C LEU C 184 -3.41 -45.65 -24.31
N THR C 185 -2.34 -44.88 -24.49
CA THR C 185 -1.04 -45.18 -23.89
C THR C 185 -0.48 -43.93 -23.22
N ASP C 186 0.44 -44.14 -22.29
CA ASP C 186 1.11 -43.03 -21.64
C ASP C 186 2.58 -43.35 -21.39
N VAL C 187 3.38 -42.28 -21.35
CA VAL C 187 4.80 -42.34 -21.00
C VAL C 187 5.07 -41.21 -20.01
N THR C 188 5.52 -41.56 -18.81
CA THR C 188 5.71 -40.59 -17.74
C THR C 188 6.95 -40.96 -16.95
N ILE C 189 7.51 -39.97 -16.25
CA ILE C 189 8.65 -40.16 -15.37
C ILE C 189 8.15 -40.20 -13.93
N HIS C 190 8.67 -41.15 -13.15
CA HIS C 190 8.27 -41.31 -11.75
C HIS C 190 9.50 -41.58 -10.89
N ARG C 191 9.32 -41.42 -9.59
CA ARG C 191 10.26 -41.93 -8.60
C ARG C 191 9.57 -43.04 -7.83
N LEU C 192 10.30 -44.11 -7.54
CA LEU C 192 9.74 -45.26 -6.85
C LEU C 192 10.60 -45.59 -5.63
N CYS C 193 9.93 -45.91 -4.52
CA CYS C 193 10.58 -46.37 -3.29
C CYS C 193 10.51 -47.89 -3.19
N VAL C 194 11.65 -48.52 -2.96
CA VAL C 194 11.73 -49.98 -2.81
C VAL C 194 11.09 -50.38 -1.48
N GLN C 195 10.03 -51.19 -1.56
CA GLN C 195 9.19 -51.48 -0.39
C GLN C 195 9.28 -52.91 0.11
N GLY C 196 9.94 -53.80 -0.61
CA GLY C 196 10.00 -55.18 -0.20
C GLY C 196 10.61 -56.04 -1.28
N ARG C 197 10.66 -57.34 -0.98
CA ARG C 197 11.15 -58.35 -1.90
C ARG C 197 10.72 -58.14 -3.34
N ASP C 198 9.45 -57.78 -3.57
CA ASP C 198 8.94 -57.62 -4.94
C ASP C 198 7.88 -56.52 -5.01
N GLU C 199 8.06 -55.46 -4.23
CA GLU C 199 7.09 -54.38 -4.20
C GLU C 199 7.82 -53.05 -4.26
N LEU C 200 7.25 -52.12 -5.01
CA LEU C 200 7.66 -50.72 -5.02
C LEU C 200 6.43 -49.88 -4.78
N SER C 201 6.62 -48.72 -4.14
CA SER C 201 5.60 -47.69 -4.05
C SER C 201 5.84 -46.65 -5.13
N MET C 202 4.75 -46.07 -5.63
CA MET C 202 4.85 -45.13 -6.75
C MET C 202 3.73 -44.12 -6.65
N PHE C 203 4.09 -42.84 -6.60
CA PHE C 203 3.11 -41.76 -6.68
C PHE C 203 2.79 -41.47 -8.13
N LEU C 204 1.51 -41.34 -8.43
CA LEU C 204 1.07 -40.87 -9.74
C LEU C 204 0.22 -39.62 -9.55
N ALA C 205 0.53 -38.58 -10.34
CA ALA C 205 -0.22 -37.33 -10.25
C ALA C 205 -1.67 -37.54 -10.64
N ALA C 206 -2.59 -36.96 -9.85
CA ALA C 206 -4.01 -37.07 -10.17
C ALA C 206 -4.29 -36.48 -11.55
N GLY C 207 -5.17 -37.12 -12.30
CA GLY C 207 -5.54 -36.63 -13.62
C GLY C 207 -4.58 -36.98 -14.75
N ARG C 208 -3.38 -37.44 -14.44
CA ARG C 208 -2.48 -37.91 -15.48
C ARG C 208 -3.00 -39.23 -16.06
N HIS C 209 -2.73 -39.47 -17.35
CA HIS C 209 -3.40 -40.57 -18.02
C HIS C 209 -3.11 -41.90 -17.33
N ILE C 210 -1.84 -42.17 -17.04
CA ILE C 210 -1.49 -43.44 -16.40
C ILE C 210 -2.28 -43.63 -15.12
N GLU C 211 -2.47 -42.56 -14.35
CA GLU C 211 -3.28 -42.65 -13.14
C GLU C 211 -4.75 -42.93 -13.46
N VAL C 212 -5.27 -42.37 -14.55
CA VAL C 212 -6.63 -42.69 -14.96
C VAL C 212 -6.72 -44.17 -15.34
N PHE C 213 -5.73 -44.68 -16.08
CA PHE C 213 -5.68 -46.11 -16.37
C PHE C 213 -5.72 -46.92 -15.08
N ARG C 214 -4.86 -46.56 -14.12
CA ARG C 214 -4.81 -47.31 -12.87
C ARG C 214 -6.17 -47.31 -12.18
N GLN C 215 -6.82 -46.15 -12.10
CA GLN C 215 -8.11 -46.08 -11.42
C GLN C 215 -9.15 -46.95 -12.11
N LYS C 216 -9.18 -46.94 -13.45
CA LYS C 216 -10.13 -47.78 -14.17
C LYS C 216 -9.90 -49.25 -13.88
N ALA C 217 -8.63 -49.67 -13.85
CA ALA C 217 -8.32 -51.06 -13.53
C ALA C 217 -8.65 -51.40 -12.08
N GLU C 218 -8.34 -50.48 -11.16
CA GLU C 218 -8.67 -50.70 -9.76
C GLU C 218 -10.18 -50.79 -9.55
N ALA C 219 -10.94 -49.92 -10.23
CA ALA C 219 -12.40 -49.98 -10.13
C ALA C 219 -12.93 -51.32 -10.63
N ALA C 220 -12.23 -51.96 -11.58
CA ALA C 220 -12.58 -53.30 -12.03
C ALA C 220 -11.93 -54.39 -11.18
N GLY C 221 -11.23 -54.03 -10.10
CA GLY C 221 -10.59 -55.02 -9.25
C GLY C 221 -9.41 -55.74 -9.86
N LYS C 222 -8.79 -55.15 -10.89
CA LYS C 222 -7.73 -55.81 -11.64
C LYS C 222 -6.43 -55.03 -11.53
N PRO C 223 -5.30 -55.71 -11.69
CA PRO C 223 -4.01 -55.01 -11.75
C PRO C 223 -3.88 -54.23 -13.06
N LEU C 224 -2.96 -53.27 -13.06
CA LEU C 224 -2.61 -52.54 -14.29
C LEU C 224 -1.17 -52.86 -14.65
N PRO C 225 -0.91 -53.57 -15.75
CA PRO C 225 0.47 -53.89 -16.11
C PRO C 225 1.27 -52.64 -16.50
N ILE C 226 2.54 -52.63 -16.10
CA ILE C 226 3.40 -51.47 -16.28
C ILE C 226 4.84 -51.93 -16.48
N THR C 227 5.64 -51.08 -17.12
CA THR C 227 7.10 -51.20 -17.12
C THR C 227 7.72 -49.90 -16.62
N ILE C 228 8.77 -50.04 -15.83
CA ILE C 228 9.57 -48.92 -15.33
C ILE C 228 10.93 -49.05 -16.01
N ASN C 229 11.29 -48.07 -16.84
CA ASN C 229 12.48 -48.15 -17.68
C ASN C 229 13.52 -47.14 -17.20
N MET C 230 14.76 -47.62 -17.00
CA MET C 230 15.78 -46.79 -16.38
C MET C 230 17.10 -46.95 -17.11
N GLY C 231 17.79 -45.83 -17.32
CA GLY C 231 19.03 -45.84 -18.07
C GLY C 231 18.78 -45.71 -19.55
N LEU C 232 18.45 -44.48 -19.98
CA LEU C 232 17.96 -44.20 -21.31
C LEU C 232 18.76 -43.06 -21.93
N ASP C 233 18.67 -42.97 -23.24
CA ASP C 233 19.09 -41.79 -23.99
C ASP C 233 18.54 -40.56 -23.28
N PRO C 234 19.40 -39.62 -22.86
CA PRO C 234 18.87 -38.38 -22.26
C PRO C 234 17.81 -37.72 -23.12
N ALA C 235 17.81 -37.96 -24.44
CA ALA C 235 16.76 -37.42 -25.29
C ALA C 235 15.39 -37.96 -24.90
N ILE C 236 15.31 -39.20 -24.43
CA ILE C 236 14.03 -39.75 -24.02
C ILE C 236 13.56 -39.10 -22.72
N TYR C 237 14.43 -39.07 -21.71
CA TYR C 237 14.07 -38.43 -20.45
C TYR C 237 13.66 -36.98 -20.66
N ILE C 238 14.51 -36.20 -21.35
CA ILE C 238 14.20 -34.79 -21.59
C ILE C 238 12.88 -34.65 -22.35
N GLY C 239 12.71 -35.40 -23.44
CA GLY C 239 11.52 -35.28 -24.25
C GLY C 239 10.25 -35.69 -23.54
N ALA C 240 10.36 -36.62 -22.58
CA ALA C 240 9.17 -37.11 -21.91
C ALA C 240 8.60 -36.12 -20.92
N CYS C 241 9.34 -35.07 -20.58
CA CYS C 241 8.83 -34.05 -19.68
C CYS C 241 7.98 -33.01 -20.38
N PHE C 242 7.85 -33.09 -21.71
CA PHE C 242 7.05 -32.14 -22.47
C PHE C 242 5.68 -32.73 -22.74
N GLU C 243 4.66 -31.89 -22.73
CA GLU C 243 3.32 -32.37 -23.02
C GLU C 243 3.29 -32.88 -24.46
N ALA C 244 2.61 -34.01 -24.66
CA ALA C 244 2.49 -34.60 -25.98
C ALA C 244 1.04 -34.87 -26.30
N PRO C 245 0.67 -34.88 -27.57
CA PRO C 245 -0.68 -35.33 -27.97
C PRO C 245 -0.83 -36.83 -27.78
N THR C 246 -2.07 -37.30 -27.87
CA THR C 246 -2.34 -38.73 -27.89
C THR C 246 -2.80 -39.15 -29.29
N THR C 247 -2.22 -40.24 -29.78
CA THR C 247 -2.66 -40.93 -30.98
C THR C 247 -2.70 -42.42 -30.66
N PRO C 248 -3.42 -43.20 -31.45
CA PRO C 248 -3.61 -44.61 -31.10
C PRO C 248 -2.26 -45.34 -31.00
N PHE C 249 -2.07 -46.04 -29.88
CA PHE C 249 -0.87 -46.86 -29.66
C PHE C 249 0.40 -46.04 -29.84
N GLY C 250 0.30 -44.74 -29.56
CA GLY C 250 1.32 -43.79 -29.97
C GLY C 250 2.51 -43.66 -29.04
N TYR C 251 2.33 -43.94 -27.75
CA TYR C 251 3.38 -43.66 -26.75
C TYR C 251 4.08 -42.35 -27.08
N ASN C 252 3.28 -41.30 -27.20
CA ASN C 252 3.67 -40.12 -27.97
C ASN C 252 4.85 -39.36 -27.36
N GLU C 253 5.03 -39.39 -26.04
CA GLU C 253 6.19 -38.72 -25.45
C GLU C 253 7.50 -39.16 -26.10
N LEU C 254 7.60 -40.44 -26.49
CA LEU C 254 8.80 -40.93 -27.15
C LEU C 254 9.00 -40.31 -28.54
N GLY C 255 7.97 -39.69 -29.11
CA GLY C 255 8.12 -39.02 -30.39
C GLY C 255 9.12 -37.87 -30.36
N VAL C 256 9.26 -37.22 -29.20
CA VAL C 256 10.21 -36.11 -29.08
C VAL C 256 11.65 -36.60 -29.25
N ALA C 257 12.03 -37.63 -28.49
CA ALA C 257 13.34 -38.23 -28.66
C ALA C 257 13.54 -38.73 -30.08
N GLY C 258 12.49 -39.26 -30.70
CA GLY C 258 12.60 -39.70 -32.09
C GLY C 258 13.00 -38.56 -33.02
N ALA C 259 12.35 -37.40 -32.84
CA ALA C 259 12.68 -36.24 -33.67
C ALA C 259 14.05 -35.66 -33.28
N LEU C 260 14.41 -35.70 -32.00
CA LEU C 260 15.73 -35.23 -31.59
C LEU C 260 16.83 -36.09 -32.22
N ARG C 261 16.60 -37.39 -32.35
CA ARG C 261 17.60 -38.26 -32.96
C ARG C 261 17.32 -38.55 -34.43
N GLN C 262 16.16 -38.15 -34.95
CA GLN C 262 15.75 -38.54 -36.31
C GLN C 262 15.93 -40.05 -36.49
N ARG C 263 15.57 -40.81 -35.45
CA ARG C 263 15.61 -42.25 -35.45
C ARG C 263 14.60 -42.72 -34.41
N PRO C 264 13.62 -43.55 -34.80
CA PRO C 264 12.53 -43.86 -33.88
C PRO C 264 13.04 -44.57 -32.63
N VAL C 265 12.44 -44.23 -31.49
CA VAL C 265 12.66 -44.99 -30.27
C VAL C 265 12.07 -46.39 -30.44
N GLU C 266 12.78 -47.40 -29.93
CA GLU C 266 12.40 -48.79 -30.12
C GLU C 266 11.77 -49.38 -28.86
N LEU C 267 10.60 -50.01 -29.04
CA LEU C 267 9.85 -50.65 -27.98
C LEU C 267 9.89 -52.16 -28.15
N VAL C 268 9.91 -52.89 -27.03
CA VAL C 268 9.89 -54.35 -27.03
C VAL C 268 8.82 -54.82 -26.05
N GLN C 269 8.11 -55.88 -26.43
CA GLN C 269 7.11 -56.49 -25.57
C GLN C 269 7.77 -57.00 -24.27
N GLY C 270 7.07 -56.81 -23.15
CA GLY C 270 7.56 -57.33 -21.89
C GLY C 270 7.57 -58.85 -21.86
N VAL C 271 8.47 -59.41 -21.06
CA VAL C 271 8.54 -60.86 -20.94
C VAL C 271 7.48 -61.40 -20.00
N SER C 272 7.12 -60.64 -18.97
CA SER C 272 6.23 -61.12 -17.92
C SER C 272 4.90 -60.39 -17.83
N VAL C 273 4.75 -59.28 -18.55
CA VAL C 273 3.52 -58.48 -18.48
C VAL C 273 3.15 -58.02 -19.87
N PRO C 274 1.86 -57.86 -20.13
CA PRO C 274 1.44 -57.43 -21.50
C PRO C 274 1.56 -55.92 -21.70
N GLU C 275 2.81 -55.46 -21.81
CA GLU C 275 3.10 -54.03 -21.97
C GLU C 275 4.51 -53.87 -22.54
N LYS C 276 4.74 -52.71 -23.19
CA LYS C 276 6.00 -52.41 -23.86
C LYS C 276 7.06 -51.88 -22.89
N ALA C 277 8.31 -52.24 -23.16
CA ALA C 277 9.48 -51.67 -22.50
C ALA C 277 10.35 -50.94 -23.52
N ILE C 278 11.27 -50.12 -23.02
CA ILE C 278 12.21 -49.42 -23.89
C ILE C 278 13.34 -50.39 -24.24
N ALA C 279 13.44 -50.74 -25.53
CA ALA C 279 14.25 -51.90 -25.93
C ALA C 279 15.72 -51.73 -25.58
N ARG C 280 16.23 -50.51 -25.64
CA ARG C 280 17.64 -50.27 -25.41
C ARG C 280 17.92 -49.74 -23.99
N ALA C 281 16.97 -49.90 -23.08
CA ALA C 281 17.14 -49.41 -21.71
C ALA C 281 18.17 -50.25 -20.97
N GLU C 282 18.82 -49.64 -19.98
CA GLU C 282 19.75 -50.40 -19.14
C GLU C 282 19.00 -51.41 -18.28
N ILE C 283 17.92 -50.99 -17.63
CA ILE C 283 17.16 -51.84 -16.71
C ILE C 283 15.67 -51.60 -16.94
N VAL C 284 14.89 -52.68 -16.88
CA VAL C 284 13.43 -52.63 -16.99
C VAL C 284 12.85 -53.40 -15.82
N ILE C 285 11.99 -52.74 -15.04
CA ILE C 285 11.23 -53.41 -14.00
C ILE C 285 9.81 -53.63 -14.52
N GLU C 286 9.44 -54.90 -14.68
CA GLU C 286 8.12 -55.31 -15.16
C GLU C 286 7.25 -55.72 -13.99
N GLY C 287 6.03 -55.18 -13.94
CA GLY C 287 5.16 -55.50 -12.83
C GLY C 287 3.74 -55.04 -13.08
N GLU C 288 2.93 -55.10 -12.02
CA GLU C 288 1.54 -54.66 -12.03
C GLU C 288 1.30 -53.67 -10.89
N LEU C 289 0.51 -52.64 -11.16
CA LEU C 289 -0.05 -51.82 -10.11
C LEU C 289 -1.23 -52.56 -9.48
N LEU C 290 -1.17 -52.78 -8.17
CA LEU C 290 -2.13 -53.64 -7.49
C LEU C 290 -3.44 -52.90 -7.19
N PRO C 291 -4.58 -53.60 -7.27
CA PRO C 291 -5.86 -52.97 -6.92
C PRO C 291 -6.15 -53.02 -5.42
N GLY C 292 -6.74 -51.95 -4.92
CA GLY C 292 -7.28 -51.97 -3.57
C GLY C 292 -6.27 -52.05 -2.47
N VAL C 293 -5.00 -51.76 -2.75
CA VAL C 293 -3.95 -51.81 -1.75
C VAL C 293 -3.13 -50.53 -1.82
N ARG C 294 -2.81 -49.98 -0.66
CA ARG C 294 -1.93 -48.83 -0.54
C ARG C 294 -0.90 -49.10 0.56
N VAL C 295 0.12 -48.26 0.58
CA VAL C 295 1.24 -48.43 1.50
C VAL C 295 1.70 -47.05 1.95
N ARG C 296 2.17 -46.97 3.20
CA ARG C 296 2.84 -45.77 3.70
C ARG C 296 4.25 -45.70 3.12
N GLU C 297 4.62 -44.53 2.59
CA GLU C 297 5.90 -44.43 1.90
C GLU C 297 7.06 -44.80 2.81
N ASP C 298 7.05 -44.32 4.06
CA ASP C 298 8.14 -44.53 5.00
C ASP C 298 7.91 -45.71 5.93
N GLN C 299 7.15 -46.72 5.49
CA GLN C 299 6.74 -47.77 6.41
C GLN C 299 7.93 -48.46 7.05
N HIS C 300 9.07 -48.54 6.37
CA HIS C 300 10.20 -49.28 6.89
C HIS C 300 11.18 -48.41 7.67
N THR C 301 11.08 -47.07 7.57
CA THR C 301 11.96 -46.17 8.29
C THR C 301 11.24 -45.25 9.25
N ASN C 302 9.95 -45.01 9.07
CA ASN C 302 9.21 -44.11 9.95
C ASN C 302 9.90 -42.75 10.09
N SER C 303 10.68 -42.38 9.07
CA SER C 303 11.35 -41.09 9.08
C SER C 303 10.37 -39.93 8.96
N GLY C 304 9.15 -40.19 8.53
CA GLY C 304 8.20 -39.13 8.24
C GLY C 304 8.43 -38.40 6.94
N HIS C 305 9.55 -38.64 6.26
CA HIS C 305 9.90 -37.95 5.02
C HIS C 305 9.95 -38.92 3.86
N ALA C 306 9.87 -38.36 2.65
CA ALA C 306 10.03 -39.11 1.43
C ALA C 306 11.48 -39.05 0.96
N MET C 307 11.85 -37.93 0.35
CA MET C 307 13.21 -37.65 -0.07
C MET C 307 13.32 -36.15 -0.37
N PRO C 308 14.52 -35.65 -0.69
CA PRO C 308 14.65 -34.23 -1.04
C PRO C 308 13.83 -33.87 -2.29
N GLU C 309 13.17 -32.70 -2.24
CA GLU C 309 12.33 -32.21 -3.33
C GLU C 309 13.03 -31.06 -4.07
N PHE C 310 12.56 -30.76 -5.27
CA PHE C 310 13.27 -29.80 -6.11
C PHE C 310 13.48 -28.42 -5.46
N PRO C 311 12.60 -27.93 -4.57
CA PRO C 311 12.88 -26.65 -3.90
C PRO C 311 14.08 -26.66 -2.95
N GLY C 312 14.62 -27.83 -2.62
CA GLY C 312 15.73 -27.94 -1.69
C GLY C 312 15.43 -28.43 -0.29
N TYR C 313 14.20 -28.86 -0.01
CA TYR C 313 13.83 -29.38 1.30
C TYR C 313 13.26 -30.78 1.14
N CYS C 314 13.27 -31.55 2.22
CA CYS C 314 12.72 -32.90 2.18
C CYS C 314 11.21 -32.88 2.19
N GLY C 315 10.60 -33.66 1.31
CA GLY C 315 9.16 -33.79 1.32
C GLY C 315 8.68 -34.70 2.42
N GLY C 316 7.40 -34.56 2.75
CA GLY C 316 6.79 -35.49 3.68
C GLY C 316 6.55 -36.84 3.05
N ALA C 317 6.57 -37.87 3.89
CA ALA C 317 6.22 -39.21 3.43
C ALA C 317 4.76 -39.24 2.99
N ASN C 318 4.52 -39.77 1.81
CA ASN C 318 3.15 -39.95 1.39
C ASN C 318 2.52 -41.07 2.22
N PRO C 319 1.39 -40.81 2.88
CA PRO C 319 0.79 -41.84 3.74
C PRO C 319 0.10 -42.97 2.98
N SER C 320 -0.29 -42.75 1.72
CA SER C 320 -1.02 -43.77 0.96
C SER C 320 -0.55 -43.73 -0.48
N LEU C 321 0.19 -44.76 -0.90
CA LEU C 321 0.69 -44.88 -2.25
C LEU C 321 0.32 -46.24 -2.82
N PRO C 322 -0.04 -46.32 -4.09
CA PRO C 322 -0.23 -47.62 -4.74
C PRO C 322 1.09 -48.39 -4.85
N VAL C 323 0.97 -49.69 -5.07
CA VAL C 323 2.11 -50.60 -5.02
C VAL C 323 2.26 -51.30 -6.37
N ILE C 324 3.48 -51.31 -6.90
CA ILE C 324 3.82 -52.14 -8.05
C ILE C 324 4.33 -53.48 -7.53
N LYS C 325 3.58 -54.55 -7.84
CA LYS C 325 4.04 -55.91 -7.59
C LYS C 325 4.93 -56.31 -8.77
N VAL C 326 6.20 -56.53 -8.49
CA VAL C 326 7.17 -56.81 -9.55
C VAL C 326 7.01 -58.27 -9.99
N LYS C 327 7.03 -58.49 -11.30
CA LYS C 327 6.99 -59.83 -11.86
C LYS C 327 8.28 -60.22 -12.57
N ALA C 328 9.11 -59.25 -12.94
CA ALA C 328 10.39 -59.54 -13.57
C ALA C 328 11.24 -58.28 -13.56
N VAL C 329 12.55 -58.49 -13.57
CA VAL C 329 13.50 -57.43 -13.89
C VAL C 329 14.36 -57.94 -15.03
N THR C 330 14.43 -57.18 -16.12
CA THR C 330 15.35 -57.46 -17.21
C THR C 330 16.38 -56.35 -17.28
N MET C 331 17.52 -56.64 -17.89
CA MET C 331 18.57 -55.63 -17.97
C MET C 331 19.62 -56.06 -18.98
N ARG C 332 20.39 -55.08 -19.45
CA ARG C 332 21.55 -55.35 -20.27
C ARG C 332 22.62 -56.05 -19.44
N ASN C 333 23.61 -56.60 -20.14
CA ASN C 333 24.82 -57.05 -19.46
C ASN C 333 25.59 -55.83 -18.96
N ASN C 334 26.25 -56.00 -17.82
CA ASN C 334 26.94 -54.91 -17.11
C ASN C 334 26.04 -53.69 -17.01
N ALA C 335 24.80 -53.93 -16.60
CA ALA C 335 23.79 -52.88 -16.59
C ALA C 335 24.22 -51.70 -15.71
N ILE C 336 23.88 -50.50 -16.16
CA ILE C 336 24.02 -49.31 -15.35
C ILE C 336 22.68 -49.00 -14.69
N LEU C 337 22.70 -48.73 -13.40
CA LEU C 337 21.56 -48.10 -12.74
C LEU C 337 21.73 -46.59 -12.82
N GLN C 338 20.80 -45.92 -13.49
CA GLN C 338 20.81 -44.47 -13.63
C GLN C 338 19.76 -43.87 -12.73
N THR C 339 20.16 -42.89 -11.94
CA THR C 339 19.24 -42.18 -11.06
C THR C 339 19.76 -40.75 -10.92
N LEU C 340 19.43 -40.08 -9.81
CA LEU C 340 19.80 -38.68 -9.67
C LEU C 340 19.98 -38.34 -8.19
N VAL C 341 20.67 -37.22 -7.96
CA VAL C 341 21.01 -36.72 -6.62
C VAL C 341 20.57 -35.26 -6.51
N GLY C 342 19.87 -34.93 -5.42
CA GLY C 342 19.65 -33.53 -5.13
C GLY C 342 18.23 -33.16 -4.78
N PRO C 343 17.33 -33.11 -5.79
CA PRO C 343 17.52 -33.47 -7.22
C PRO C 343 18.32 -32.42 -8.00
N GLY C 344 18.51 -31.26 -7.38
CA GLY C 344 19.47 -30.28 -7.85
C GLY C 344 19.31 -29.91 -9.31
N GLU C 345 20.44 -29.71 -9.98
CA GLU C 345 20.43 -29.25 -11.36
C GLU C 345 19.77 -30.27 -12.28
N GLU C 346 19.88 -31.57 -11.96
CA GLU C 346 19.25 -32.57 -12.82
C GLU C 346 17.75 -32.31 -12.96
N HIS C 347 17.08 -31.95 -11.87
CA HIS C 347 15.67 -31.57 -11.94
C HIS C 347 15.48 -30.25 -12.69
N THR C 348 16.39 -29.30 -12.52
CA THR C 348 16.25 -28.03 -13.23
C THR C 348 16.20 -28.26 -14.74
N THR C 349 17.04 -29.15 -15.27
CA THR C 349 16.99 -29.48 -16.68
C THR C 349 15.67 -30.13 -17.06
N LEU C 350 15.31 -31.20 -16.36
CA LEU C 350 14.13 -31.98 -16.75
C LEU C 350 12.85 -31.15 -16.67
N ALA C 351 12.70 -30.35 -15.61
CA ALA C 351 11.52 -29.53 -15.40
C ALA C 351 11.62 -28.18 -16.07
N GLY C 352 12.83 -27.62 -16.13
CA GLY C 352 13.01 -26.24 -16.58
C GLY C 352 12.78 -26.06 -18.07
N LEU C 353 13.24 -27.01 -18.88
CA LEU C 353 13.06 -26.86 -20.32
C LEU C 353 11.59 -26.83 -20.72
N PRO C 354 10.71 -27.70 -20.23
CA PRO C 354 9.27 -27.55 -20.54
C PRO C 354 8.70 -26.24 -20.03
N THR C 355 9.10 -25.81 -18.82
CA THR C 355 8.65 -24.52 -18.32
C THR C 355 9.01 -23.40 -19.30
N GLU C 356 10.28 -23.32 -19.70
CA GLU C 356 10.70 -22.31 -20.67
C GLU C 356 9.95 -22.46 -22.00
N ALA C 357 9.84 -23.68 -22.52
CA ALA C 357 9.15 -23.89 -23.79
C ALA C 357 7.74 -23.32 -23.77
N SER C 358 6.98 -23.57 -22.69
CA SER C 358 5.61 -23.08 -22.68
C SER C 358 5.55 -21.56 -22.54
N ILE C 359 6.49 -20.95 -21.82
CA ILE C 359 6.54 -19.48 -21.74
C ILE C 359 6.88 -18.90 -23.11
N TRP C 360 7.97 -19.38 -23.74
CA TRP C 360 8.24 -19.07 -25.14
C TRP C 360 6.98 -19.11 -25.98
N ASN C 361 6.31 -20.26 -26.03
CA ASN C 361 5.19 -20.42 -26.97
C ASN C 361 4.07 -19.43 -26.65
N ALA C 362 3.76 -19.25 -25.37
CA ALA C 362 2.69 -18.32 -25.01
C ALA C 362 3.05 -16.87 -25.31
N VAL C 363 4.26 -16.43 -24.93
CA VAL C 363 4.63 -15.03 -25.18
C VAL C 363 4.86 -14.79 -26.66
N GLU C 364 5.49 -15.73 -27.36
CA GLU C 364 5.75 -15.51 -28.78
C GLU C 364 4.44 -15.43 -29.57
N ALA C 365 3.41 -16.16 -29.16
CA ALA C 365 2.15 -16.11 -29.88
C ALA C 365 1.43 -14.80 -29.61
N ALA C 366 1.49 -14.29 -28.38
CA ALA C 366 0.77 -13.08 -28.03
C ALA C 366 1.54 -11.80 -28.40
N ILE C 367 2.86 -11.80 -28.25
CA ILE C 367 3.67 -10.61 -28.55
C ILE C 367 4.86 -11.03 -29.38
N PRO C 368 4.66 -11.44 -30.64
CA PRO C 368 5.76 -12.01 -31.42
C PRO C 368 6.92 -11.03 -31.52
N GLY C 369 8.13 -11.57 -31.47
CA GLY C 369 9.36 -10.80 -31.57
C GLY C 369 9.80 -10.12 -30.30
N PHE C 370 9.00 -10.16 -29.23
CA PHE C 370 9.26 -9.39 -28.01
C PHE C 370 10.18 -10.12 -27.03
N LEU C 371 9.88 -11.36 -26.70
CA LEU C 371 10.72 -12.14 -25.80
C LEU C 371 12.00 -12.55 -26.53
N GLN C 372 13.14 -12.20 -25.96
CA GLN C 372 14.41 -12.66 -26.52
C GLN C 372 14.81 -14.01 -25.96
N ASN C 373 14.61 -14.24 -24.66
CA ASN C 373 14.82 -15.57 -24.10
C ASN C 373 14.14 -15.62 -22.75
N VAL C 374 14.10 -16.83 -22.18
CA VAL C 374 13.50 -17.06 -20.87
C VAL C 374 14.31 -18.14 -20.18
N TYR C 375 14.43 -18.04 -18.86
CA TYR C 375 15.20 -19.00 -18.08
C TYR C 375 14.37 -19.40 -16.88
N ALA C 376 14.15 -20.72 -16.74
CA ALA C 376 13.46 -21.26 -15.57
C ALA C 376 14.58 -21.54 -14.57
N HIS C 377 14.83 -20.54 -13.74
CA HIS C 377 16.07 -20.47 -12.97
C HIS C 377 16.26 -21.72 -12.11
N THR C 378 17.51 -22.20 -12.07
CA THR C 378 17.81 -23.36 -11.23
C THR C 378 17.52 -23.08 -9.76
N ALA C 379 17.55 -21.81 -9.33
CA ALA C 379 17.24 -21.49 -7.94
C ALA C 379 15.79 -21.79 -7.58
N GLY C 380 14.94 -21.99 -8.60
CA GLY C 380 13.56 -22.36 -8.40
C GLY C 380 13.32 -23.79 -8.83
N GLY C 381 14.42 -24.54 -8.99
CA GLY C 381 14.32 -25.91 -9.45
C GLY C 381 13.71 -26.08 -10.82
N GLY C 382 13.72 -25.04 -11.65
CA GLY C 382 13.10 -25.13 -12.95
C GLY C 382 11.61 -24.87 -12.97
N LYS C 383 11.04 -24.42 -11.84
CA LYS C 383 9.59 -24.24 -11.77
C LYS C 383 9.14 -22.98 -11.07
N PHE C 384 9.85 -22.46 -10.06
CA PHE C 384 9.33 -21.37 -9.23
C PHE C 384 9.71 -19.98 -9.71
N LEU C 385 10.83 -19.82 -10.41
CA LEU C 385 11.34 -18.49 -10.72
C LEU C 385 11.54 -18.37 -12.22
N GLY C 386 10.86 -17.41 -12.84
CA GLY C 386 10.98 -17.18 -14.26
C GLY C 386 11.71 -15.87 -14.53
N ILE C 387 12.79 -15.96 -15.31
CA ILE C 387 13.52 -14.80 -15.76
C ILE C 387 13.17 -14.60 -17.23
N LEU C 388 12.56 -13.45 -17.55
CA LEU C 388 12.15 -13.16 -18.91
C LEU C 388 13.02 -12.03 -19.45
N GLN C 389 13.67 -12.28 -20.58
CA GLN C 389 14.47 -11.29 -21.28
C GLN C 389 13.64 -10.75 -22.45
N VAL C 390 13.22 -9.50 -22.35
CA VAL C 390 12.41 -8.85 -23.38
C VAL C 390 13.27 -7.77 -24.06
N LYS C 391 12.75 -7.22 -25.17
CA LYS C 391 13.41 -6.11 -25.85
C LYS C 391 12.36 -5.10 -26.28
N LYS C 392 12.33 -3.94 -25.62
CA LYS C 392 11.48 -2.85 -26.08
C LYS C 392 12.04 -2.29 -27.38
N ARG C 393 11.27 -2.43 -28.46
CA ARG C 393 11.66 -2.00 -29.80
C ARG C 393 11.05 -0.66 -30.19
N GLN C 394 10.06 -0.19 -29.44
CA GLN C 394 9.23 0.94 -29.84
C GLN C 394 8.40 1.36 -28.65
N PRO C 395 7.89 2.59 -28.64
CA PRO C 395 7.14 3.07 -27.48
C PRO C 395 6.03 2.12 -27.04
N ALA C 396 5.30 1.53 -27.99
CA ALA C 396 4.20 0.63 -27.64
C ALA C 396 4.65 -0.56 -26.78
N ASP C 397 5.94 -0.93 -26.81
CA ASP C 397 6.42 -2.05 -25.97
C ASP C 397 6.48 -1.70 -24.49
N GLU C 398 6.54 -0.43 -24.13
CA GLU C 398 6.40 -0.09 -22.73
C GLU C 398 5.01 -0.45 -22.28
N GLY C 399 4.92 -1.22 -21.20
CA GLY C 399 3.68 -1.82 -20.79
C GLY C 399 3.53 -3.27 -21.22
N ARG C 400 4.34 -3.73 -22.16
CA ARG C 400 4.27 -5.14 -22.54
C ARG C 400 5.19 -6.02 -21.71
N GLN C 401 6.17 -5.46 -21.00
CA GLN C 401 6.98 -6.32 -20.16
C GLN C 401 6.13 -6.96 -19.06
N GLY C 402 5.25 -6.18 -18.44
CA GLY C 402 4.34 -6.73 -17.47
C GLY C 402 3.36 -7.70 -18.09
N GLN C 403 2.95 -7.45 -19.35
CA GLN C 403 2.10 -8.41 -20.05
C GLN C 403 2.82 -9.74 -20.24
N ALA C 404 4.11 -9.68 -20.58
CA ALA C 404 4.89 -10.92 -20.68
C ALA C 404 4.94 -11.66 -19.34
N ALA C 405 5.00 -10.94 -18.22
CA ALA C 405 4.98 -11.62 -16.92
C ALA C 405 3.62 -12.26 -16.67
N LEU C 406 2.54 -11.54 -16.98
CA LEU C 406 1.21 -12.12 -16.82
C LEU C 406 1.07 -13.39 -17.65
N LEU C 407 1.47 -13.32 -18.92
CA LEU C 407 1.48 -14.52 -19.76
C LEU C 407 2.23 -15.65 -19.09
N ALA C 408 3.39 -15.36 -18.50
CA ALA C 408 4.19 -16.40 -17.86
C ALA C 408 3.44 -17.00 -16.67
N LEU C 409 2.92 -16.14 -15.78
CA LEU C 409 2.20 -16.63 -14.61
C LEU C 409 0.94 -17.41 -15.01
N ALA C 410 0.29 -17.03 -16.11
CA ALA C 410 -0.93 -17.71 -16.54
C ALA C 410 -0.62 -19.08 -17.16
N THR C 411 0.45 -19.16 -17.95
CA THR C 411 0.79 -20.39 -18.65
C THR C 411 1.39 -21.44 -17.72
N TYR C 412 2.06 -21.03 -16.64
CA TYR C 412 2.74 -22.01 -15.79
C TYR C 412 2.43 -21.65 -14.33
N SER C 413 1.35 -22.25 -13.81
CA SER C 413 0.77 -21.79 -12.54
C SER C 413 1.64 -22.10 -11.34
N GLU C 414 2.55 -23.05 -11.47
CA GLU C 414 3.48 -23.36 -10.37
C GLU C 414 4.60 -22.35 -10.25
N LEU C 415 4.65 -21.34 -11.12
CA LEU C 415 5.57 -20.25 -10.95
C LEU C 415 5.26 -19.48 -9.66
N LYS C 416 6.29 -18.90 -9.06
CA LYS C 416 6.08 -17.97 -7.96
C LYS C 416 6.41 -16.53 -8.32
N ASN C 417 7.61 -16.28 -8.84
CA ASN C 417 8.08 -14.92 -9.09
C ASN C 417 8.62 -14.80 -10.51
N ILE C 418 8.48 -13.58 -11.07
CA ILE C 418 8.98 -13.23 -12.39
C ILE C 418 9.98 -12.09 -12.22
N ILE C 419 11.11 -12.17 -12.92
CA ILE C 419 12.04 -11.05 -13.00
C ILE C 419 12.20 -10.70 -14.47
N LEU C 420 11.93 -9.44 -14.81
CA LEU C 420 11.97 -8.98 -16.18
C LEU C 420 13.23 -8.14 -16.40
N VAL C 421 13.99 -8.44 -17.45
CA VAL C 421 15.22 -7.73 -17.78
C VAL C 421 15.30 -7.50 -19.30
N ASP C 422 16.17 -6.57 -19.67
CA ASP C 422 16.37 -6.17 -21.06
C ASP C 422 17.37 -7.09 -21.76
N GLU C 423 17.53 -6.87 -23.06
CA GLU C 423 18.32 -7.79 -23.88
C GLU C 423 19.82 -7.69 -23.60
N ASP C 424 20.28 -6.73 -22.81
CA ASP C 424 21.70 -6.62 -22.47
C ASP C 424 22.01 -7.19 -21.09
N VAL C 425 21.11 -7.98 -20.51
CA VAL C 425 21.31 -8.65 -19.24
C VAL C 425 21.38 -10.15 -19.49
N ASP C 426 22.47 -10.78 -19.06
CA ASP C 426 22.62 -12.22 -19.19
C ASP C 426 21.72 -12.93 -18.18
N ILE C 427 20.57 -13.44 -18.63
CA ILE C 427 19.63 -14.07 -17.71
C ILE C 427 20.13 -15.36 -17.10
N PHE C 428 21.20 -15.95 -17.62
CA PHE C 428 21.72 -17.20 -17.07
C PHE C 428 22.79 -16.96 -16.01
N ASP C 429 23.00 -15.70 -15.62
CA ASP C 429 24.10 -15.26 -14.77
C ASP C 429 23.48 -14.48 -13.61
N SER C 430 23.35 -15.13 -12.45
CA SER C 430 22.63 -14.52 -11.35
C SER C 430 23.25 -13.19 -10.91
N ASP C 431 24.57 -13.02 -11.07
CA ASP C 431 25.18 -11.73 -10.76
C ASP C 431 24.55 -10.62 -11.61
N ASP C 432 24.34 -10.89 -12.89
CA ASP C 432 23.80 -9.88 -13.79
C ASP C 432 22.31 -9.65 -13.55
N ILE C 433 21.57 -10.72 -13.20
CA ILE C 433 20.20 -10.56 -12.71
C ILE C 433 20.17 -9.59 -11.53
N LEU C 434 21.01 -9.85 -10.52
CA LEU C 434 21.01 -8.97 -9.34
C LEU C 434 21.47 -7.57 -9.68
N TRP C 435 22.31 -7.43 -10.71
CA TRP C 435 22.69 -6.09 -11.18
C TRP C 435 21.48 -5.33 -11.71
N ALA C 436 20.68 -5.97 -12.56
CA ALA C 436 19.47 -5.33 -13.05
C ALA C 436 18.52 -4.99 -11.91
N MET C 437 18.43 -5.87 -10.92
CA MET C 437 17.65 -5.61 -9.70
C MET C 437 18.23 -4.47 -8.86
N THR C 438 19.44 -4.04 -9.15
CA THR C 438 20.12 -3.00 -8.37
C THR C 438 20.13 -1.64 -9.06
N THR C 439 20.39 -1.59 -10.36
CA THR C 439 20.53 -0.33 -11.08
C THR C 439 19.36 -0.02 -12.00
N ARG C 440 18.38 -0.92 -12.11
CA ARG C 440 17.24 -0.75 -13.03
C ARG C 440 15.95 -1.15 -12.35
N MET C 441 15.78 -0.71 -11.10
CA MET C 441 14.63 -1.10 -10.31
C MET C 441 14.52 -0.08 -9.19
N GLN C 442 13.31 0.39 -8.92
CA GLN C 442 13.01 1.18 -7.73
C GLN C 442 11.92 0.47 -6.94
N GLY C 443 12.19 0.19 -5.67
CA GLY C 443 11.34 -0.74 -4.93
C GLY C 443 9.87 -0.36 -4.88
N ASP C 444 9.56 0.93 -4.81
CA ASP C 444 8.17 1.35 -4.68
C ASP C 444 7.51 1.64 -6.03
N VAL C 445 8.11 1.20 -7.13
CA VAL C 445 7.59 1.41 -8.47
C VAL C 445 7.57 0.09 -9.24
N SER C 446 8.67 -0.66 -9.16
CA SER C 446 8.98 -1.76 -10.08
C SER C 446 8.54 -3.12 -9.57
N ILE C 447 7.96 -3.19 -8.38
CA ILE C 447 7.64 -4.45 -7.73
C ILE C 447 6.13 -4.53 -7.59
N THR C 448 5.54 -5.56 -8.16
CA THR C 448 4.08 -5.72 -8.10
C THR C 448 3.76 -7.04 -7.44
N THR C 449 2.98 -6.98 -6.36
CA THR C 449 2.59 -8.19 -5.64
C THR C 449 1.19 -8.60 -6.06
N ILE C 450 1.00 -9.90 -6.26
CA ILE C 450 -0.28 -10.48 -6.62
C ILE C 450 -0.61 -11.55 -5.59
N PRO C 451 -1.40 -11.21 -4.57
CA PRO C 451 -1.61 -12.15 -3.46
C PRO C 451 -2.74 -13.15 -3.70
N GLY C 452 -2.59 -14.28 -3.00
CA GLY C 452 -3.62 -15.30 -2.95
C GLY C 452 -3.75 -16.20 -4.16
N ILE C 453 -2.67 -16.42 -4.93
CA ILE C 453 -2.67 -17.24 -6.14
C ILE C 453 -2.12 -18.61 -5.81
N ARG C 454 -2.80 -19.67 -6.25
CA ARG C 454 -2.30 -21.01 -6.00
C ARG C 454 -0.96 -21.21 -6.71
N GLY C 455 -0.03 -21.84 -5.99
CA GLY C 455 1.31 -22.01 -6.52
C GLY C 455 1.80 -23.44 -6.44
N HIS C 456 2.42 -23.79 -5.32
CA HIS C 456 2.95 -25.14 -5.18
C HIS C 456 3.12 -25.42 -3.70
N GLN C 457 2.64 -26.59 -3.26
CA GLN C 457 2.71 -26.93 -1.85
C GLN C 457 4.12 -27.20 -1.34
N LEU C 458 5.09 -27.43 -2.24
CA LEU C 458 6.45 -27.74 -1.83
C LEU C 458 7.31 -26.51 -1.59
N ASP C 459 6.78 -25.32 -1.87
CA ASP C 459 7.36 -24.09 -1.36
C ASP C 459 6.98 -23.96 0.11
N PRO C 460 7.90 -24.20 1.05
CA PRO C 460 7.51 -24.17 2.47
C PRO C 460 7.05 -22.80 2.95
N SER C 461 7.34 -21.74 2.21
CA SER C 461 6.84 -20.42 2.59
C SER C 461 5.40 -20.18 2.15
N GLN C 462 4.78 -21.11 1.42
CA GLN C 462 3.39 -20.95 0.99
C GLN C 462 2.46 -21.62 2.00
N THR C 463 2.26 -20.94 3.12
CA THR C 463 1.43 -21.40 4.23
C THR C 463 0.74 -20.20 4.87
N PRO C 464 -0.39 -20.42 5.54
CA PRO C 464 -0.98 -19.31 6.31
C PRO C 464 -0.06 -18.80 7.40
N GLU C 465 0.85 -19.63 7.91
CA GLU C 465 1.73 -19.13 8.97
C GLU C 465 2.70 -18.07 8.43
N TYR C 466 3.02 -18.11 7.14
CA TYR C 466 4.02 -17.19 6.62
C TYR C 466 3.44 -15.84 6.26
N SER C 467 2.13 -15.75 6.03
CA SER C 467 1.55 -14.53 5.49
C SER C 467 0.07 -14.43 5.78
N PRO C 468 -0.40 -13.29 6.27
CA PRO C 468 -1.85 -13.12 6.50
C PRO C 468 -2.70 -13.16 5.22
N SER C 469 -2.10 -13.08 4.03
CA SER C 469 -2.88 -13.12 2.81
C SER C 469 -3.01 -14.53 2.22
N ILE C 470 -2.32 -15.52 2.81
CA ILE C 470 -2.32 -16.90 2.31
C ILE C 470 -3.37 -17.72 3.05
N ARG C 471 -4.36 -18.23 2.32
CA ARG C 471 -5.48 -18.90 2.97
C ARG C 471 -5.26 -20.39 3.18
N GLY C 472 -4.21 -20.97 2.60
CA GLY C 472 -3.98 -22.40 2.75
C GLY C 472 -2.68 -22.79 2.09
N ASN C 473 -2.21 -23.99 2.42
CA ASN C 473 -0.91 -24.43 1.93
C ASN C 473 -0.87 -24.43 0.40
N GLY C 474 0.24 -23.97 -0.16
CA GLY C 474 0.42 -23.99 -1.59
C GLY C 474 -0.29 -22.86 -2.30
N ILE C 475 -0.75 -21.86 -1.56
CA ILE C 475 -1.15 -20.57 -2.12
C ILE C 475 -0.04 -19.59 -1.82
N SER C 476 0.13 -18.60 -2.68
CA SER C 476 1.26 -17.68 -2.55
C SER C 476 0.91 -16.28 -2.97
N CYS C 477 1.65 -15.32 -2.41
CA CYS C 477 1.90 -14.09 -3.12
C CYS C 477 2.83 -14.38 -4.29
N LYS C 478 2.52 -13.83 -5.46
CA LYS C 478 3.41 -13.87 -6.61
C LYS C 478 3.86 -12.46 -6.95
N THR C 479 5.16 -12.28 -7.16
CA THR C 479 5.77 -10.97 -7.31
C THR C 479 6.43 -10.85 -8.67
N ILE C 480 6.16 -9.75 -9.36
CA ILE C 480 6.82 -9.40 -10.61
C ILE C 480 7.85 -8.30 -10.31
N PHE C 481 9.12 -8.59 -10.55
CA PHE C 481 10.18 -7.59 -10.44
C PHE C 481 10.47 -7.07 -11.84
N ASP C 482 10.04 -5.85 -12.12
CA ASP C 482 10.29 -5.23 -13.42
C ASP C 482 11.64 -4.53 -13.36
N CYS C 483 12.67 -5.15 -13.95
CA CYS C 483 14.01 -4.55 -14.01
C CYS C 483 14.38 -4.13 -15.43
N THR C 484 13.37 -3.78 -16.23
CA THR C 484 13.60 -3.25 -17.56
C THR C 484 13.68 -1.74 -17.49
N VAL C 485 14.48 -1.15 -18.37
CA VAL C 485 14.59 0.30 -18.41
C VAL C 485 13.29 0.90 -18.93
N PRO C 486 12.67 1.84 -18.22
CA PRO C 486 11.49 2.52 -18.77
C PRO C 486 11.81 3.05 -20.16
N TRP C 487 10.88 2.83 -21.09
CA TRP C 487 11.15 3.12 -22.50
C TRP C 487 11.74 4.52 -22.67
N ALA C 488 11.12 5.52 -22.03
CA ALA C 488 11.50 6.91 -22.24
C ALA C 488 12.90 7.23 -21.69
N LEU C 489 13.45 6.42 -20.79
CA LEU C 489 14.73 6.72 -20.14
C LEU C 489 15.90 5.96 -20.74
N LYS C 490 15.65 5.17 -21.80
CA LYS C 490 16.65 4.21 -22.26
C LYS C 490 17.96 4.86 -22.70
N SER C 491 17.96 6.13 -23.11
CA SER C 491 19.21 6.76 -23.52
C SER C 491 20.21 6.94 -22.37
N HIS C 492 19.77 6.85 -21.11
CA HIS C 492 20.66 6.99 -19.97
C HIS C 492 21.13 5.65 -19.42
N PHE C 493 20.78 4.54 -20.08
CA PHE C 493 21.01 3.23 -19.50
C PHE C 493 21.81 2.30 -20.41
N GLU C 494 22.55 2.84 -21.37
CA GLU C 494 23.45 2.01 -22.16
C GLU C 494 24.61 1.55 -21.27
N ARG C 495 24.85 0.25 -21.27
CA ARG C 495 25.96 -0.31 -20.51
C ARG C 495 27.29 0.11 -21.13
N ALA C 496 28.27 0.37 -20.26
CA ALA C 496 29.54 0.94 -20.68
C ALA C 496 30.05 0.22 -21.93
N PRO C 497 30.20 0.91 -23.06
CA PRO C 497 30.46 0.24 -24.37
C PRO C 497 31.93 -0.07 -24.67
N PHE C 498 32.40 -1.19 -24.14
CA PHE C 498 33.77 -1.65 -24.42
C PHE C 498 33.86 -2.17 -25.85
N ALA C 499 35.02 -1.93 -26.45
CA ALA C 499 35.20 -2.22 -27.87
C ALA C 499 35.04 -3.70 -28.16
N ASP C 500 34.49 -4.01 -29.32
CA ASP C 500 34.40 -5.38 -29.78
C ASP C 500 35.78 -5.82 -30.25
N VAL C 501 36.29 -6.90 -29.65
CA VAL C 501 37.62 -7.40 -29.97
C VAL C 501 37.63 -8.92 -29.89
N ASP C 502 38.44 -9.53 -30.76
CA ASP C 502 38.75 -10.94 -30.64
C ASP C 502 39.90 -11.08 -29.65
N PRO C 503 39.63 -11.55 -28.43
CA PRO C 503 40.69 -11.70 -27.42
C PRO C 503 41.59 -12.91 -27.64
N ARG C 504 41.22 -13.83 -28.53
CA ARG C 504 41.97 -15.07 -28.69
C ARG C 504 43.42 -14.84 -29.05
N PRO C 505 43.76 -13.97 -30.02
CA PRO C 505 45.16 -13.79 -30.41
C PRO C 505 46.07 -13.26 -29.29
N PHE C 506 45.49 -12.82 -28.18
CA PHE C 506 46.28 -12.28 -27.07
C PHE C 506 46.66 -13.35 -26.04
N ALA C 507 45.85 -14.40 -25.93
CA ALA C 507 46.15 -15.53 -25.05
C ALA C 507 45.57 -16.79 -25.66
N PRO C 508 46.20 -17.33 -26.71
CA PRO C 508 45.68 -18.57 -27.31
C PRO C 508 45.75 -19.74 -26.35
N GLU C 509 46.94 -19.94 -25.79
CA GLU C 509 47.20 -20.99 -24.80
C GLU C 509 46.12 -20.96 -23.73
N TYR C 510 45.70 -19.75 -23.36
CA TYR C 510 44.72 -19.54 -22.30
C TYR C 510 43.35 -20.09 -22.71
N PHE C 511 42.73 -19.46 -23.72
CA PHE C 511 41.41 -19.88 -24.16
C PHE C 511 41.39 -21.36 -24.49
N ALA C 512 40.90 -22.17 -23.56
CA ALA C 512 40.90 -23.63 -23.67
C ALA C 512 40.29 -24.25 -22.43
N PRO D 24 31.18 24.06 44.92
CA PRO D 24 31.49 22.70 44.45
C PRO D 24 30.51 21.65 44.98
N ILE D 25 29.76 21.05 44.08
CA ILE D 25 28.78 20.02 44.43
C ILE D 25 29.48 18.68 44.45
N GLN D 26 29.48 18.01 45.60
CA GLN D 26 30.10 16.70 45.71
C GLN D 26 29.25 15.68 46.45
N ASP D 27 28.02 16.04 46.85
CA ASP D 27 27.07 15.05 47.33
C ASP D 27 25.66 15.59 47.12
N LEU D 28 24.67 14.79 47.50
CA LEU D 28 23.27 15.15 47.30
C LEU D 28 22.90 16.43 48.03
N ARG D 29 23.46 16.63 49.23
CA ARG D 29 23.10 17.79 50.05
C ARG D 29 23.61 19.08 49.43
N ASP D 30 24.81 19.07 48.84
CA ASP D 30 25.24 20.24 48.08
C ASP D 30 24.28 20.50 46.92
N ALA D 31 23.80 19.45 46.27
CA ALA D 31 22.85 19.61 45.18
C ALA D 31 21.55 20.24 45.68
N ILE D 32 21.05 19.76 46.81
CA ILE D 32 19.83 20.34 47.38
C ILE D 32 20.03 21.83 47.67
N ALA D 33 21.18 22.19 48.25
CA ALA D 33 21.44 23.59 48.59
C ALA D 33 21.50 24.45 47.33
N LEU D 34 22.03 23.90 46.24
CA LEU D 34 21.96 24.63 44.98
C LEU D 34 20.52 24.85 44.57
N LEU D 35 19.71 23.78 44.62
CA LEU D 35 18.30 23.91 44.25
C LEU D 35 17.61 24.97 45.09
N GLN D 36 17.95 25.07 46.38
CA GLN D 36 17.24 26.01 47.23
C GLN D 36 17.49 27.46 46.88
N GLN D 37 18.49 27.74 46.03
CA GLN D 37 18.73 29.10 45.58
C GLN D 37 17.86 29.50 44.38
N HIS D 38 17.12 28.57 43.79
CA HIS D 38 16.23 28.84 42.65
C HIS D 38 14.80 28.52 43.02
N ASP D 39 13.87 29.29 42.46
CA ASP D 39 12.46 29.17 42.86
C ASP D 39 11.85 27.91 42.30
N ASN D 40 11.05 27.22 43.13
CA ASN D 40 10.22 26.07 42.76
C ASN D 40 11.02 24.86 42.29
N GLN D 41 12.30 24.79 42.68
CA GLN D 41 13.15 23.63 42.41
C GLN D 41 13.22 22.63 43.56
N TYR D 42 12.90 23.05 44.79
CA TYR D 42 13.00 22.17 45.95
C TYR D 42 11.90 22.53 46.93
N LEU D 43 11.18 21.51 47.45
CA LEU D 43 10.06 21.71 48.37
C LEU D 43 10.11 20.66 49.47
N GLU D 44 9.88 21.09 50.70
CA GLU D 44 9.83 20.22 51.88
C GLU D 44 8.42 20.22 52.45
N THR D 45 8.02 19.10 53.05
CA THR D 45 6.79 19.08 53.83
C THR D 45 6.98 18.29 55.11
N ASP D 46 6.37 18.80 56.19
CA ASP D 46 6.31 18.11 57.48
C ASP D 46 4.99 17.36 57.70
N HIS D 47 4.10 17.34 56.72
CA HIS D 47 2.85 16.62 56.85
C HIS D 47 3.15 15.12 56.88
N PRO D 48 2.64 14.38 57.87
CA PRO D 48 2.89 12.93 57.91
C PRO D 48 2.39 12.29 56.63
N VAL D 49 3.16 11.33 56.11
CA VAL D 49 2.84 10.67 54.86
C VAL D 49 3.13 9.18 55.01
N ASP D 50 2.29 8.37 54.37
CA ASP D 50 2.49 6.92 54.36
C ASP D 50 3.38 6.56 53.18
N PRO D 51 4.58 6.04 53.38
CA PRO D 51 5.42 5.68 52.23
C PRO D 51 4.78 4.63 51.35
N ASN D 52 3.86 3.83 51.91
CA ASN D 52 3.06 2.91 51.13
C ASN D 52 1.99 3.71 50.38
N ALA D 53 2.17 3.88 49.07
CA ALA D 53 1.19 4.42 48.14
C ALA D 53 0.93 5.92 48.29
N GLU D 54 0.80 6.43 49.51
CA GLU D 54 0.34 7.82 49.65
C GLU D 54 1.38 8.82 49.14
N LEU D 55 2.66 8.61 49.47
CA LEU D 55 3.71 9.53 49.06
C LEU D 55 3.74 9.70 47.55
N ALA D 56 3.81 8.58 46.82
CA ALA D 56 3.74 8.65 45.37
C ALA D 56 2.46 9.34 44.92
N GLY D 57 1.35 9.05 45.60
CA GLY D 57 0.08 9.68 45.24
C GLY D 57 0.15 11.19 45.33
N VAL D 58 0.86 11.70 46.33
CA VAL D 58 1.04 13.14 46.48
C VAL D 58 1.94 13.70 45.37
N TYR D 59 3.10 13.09 45.14
CA TYR D 59 4.03 13.65 44.18
C TYR D 59 3.53 13.50 42.74
N ARG D 60 2.60 12.57 42.51
CA ARG D 60 1.92 12.50 41.23
C ARG D 60 1.36 13.86 40.81
N HIS D 61 0.74 14.57 41.76
CA HIS D 61 0.18 15.89 41.46
C HIS D 61 1.22 17.00 41.45
N ILE D 62 2.31 16.84 42.19
CA ILE D 62 3.23 17.97 42.39
C ILE D 62 4.33 18.00 41.34
N GLY D 63 4.88 16.83 40.97
CA GLY D 63 5.97 16.87 40.00
C GLY D 63 6.42 15.57 39.36
N ALA D 64 5.61 14.50 39.39
CA ALA D 64 6.04 13.25 38.79
C ALA D 64 6.27 13.39 37.28
N GLY D 65 5.33 14.04 36.56
CA GLY D 65 5.44 14.33 35.13
C GLY D 65 5.59 13.10 34.23
N GLY D 66 6.09 13.35 33.02
CA GLY D 66 6.36 12.23 32.13
C GLY D 66 5.07 11.53 31.72
N THR D 67 5.14 10.21 31.61
CA THR D 67 4.02 9.41 31.14
C THR D 67 2.99 9.12 32.24
N VAL D 68 3.05 9.79 33.40
CA VAL D 68 2.12 9.51 34.49
C VAL D 68 0.73 10.03 34.12
N LYS D 69 -0.30 9.33 34.57
CA LYS D 69 -1.67 9.74 34.25
C LYS D 69 -1.96 11.15 34.76
N ARG D 70 -2.67 11.92 33.95
CA ARG D 70 -3.07 13.27 34.35
C ARG D 70 -4.11 13.22 35.48
N PRO D 71 -4.21 14.29 36.30
CA PRO D 71 -3.28 15.44 36.20
C PRO D 71 -1.90 15.13 36.77
N THR D 72 -0.90 15.71 36.13
CA THR D 72 0.45 15.71 36.65
C THR D 72 1.17 16.89 36.01
N ARG D 73 2.45 17.04 36.36
CA ARG D 73 3.21 18.19 35.89
C ARG D 73 4.64 18.09 36.38
N ILE D 74 5.51 18.91 35.77
CA ILE D 74 6.85 19.20 36.28
C ILE D 74 6.73 20.16 37.46
N GLY D 75 7.48 19.89 38.53
CA GLY D 75 7.45 20.72 39.71
C GLY D 75 8.76 20.59 40.49
N PRO D 76 8.77 21.05 41.74
CA PRO D 76 9.98 20.91 42.56
C PRO D 76 10.28 19.47 42.90
N ALA D 77 11.57 19.20 43.10
CA ALA D 77 11.95 18.02 43.84
C ALA D 77 11.37 18.12 45.26
N MET D 78 11.01 16.98 45.83
CA MET D 78 10.23 17.04 47.06
C MET D 78 10.83 16.15 48.13
N MET D 79 10.98 16.71 49.32
CA MET D 79 11.47 16.01 50.49
C MET D 79 10.33 15.88 51.49
N PHE D 80 9.98 14.63 51.84
CA PHE D 80 9.01 14.36 52.92
C PHE D 80 9.78 14.04 54.19
N ASN D 81 9.65 14.91 55.21
CA ASN D 81 10.36 14.80 56.48
C ASN D 81 9.64 13.96 57.52
N ASN D 82 8.36 13.67 57.32
CA ASN D 82 7.48 13.10 58.35
C ASN D 82 6.89 11.81 57.77
N ILE D 83 7.52 10.69 58.08
CA ILE D 83 7.26 9.40 57.44
C ILE D 83 6.60 8.49 58.47
N LYS D 84 5.35 8.12 58.22
CA LYS D 84 4.64 7.22 59.13
C LYS D 84 5.38 5.90 59.27
N GLY D 85 5.55 5.44 60.51
CA GLY D 85 6.30 4.24 60.80
C GLY D 85 7.81 4.39 60.77
N TYR D 86 8.34 5.58 60.45
CA TYR D 86 9.79 5.80 60.35
C TYR D 86 10.12 7.20 60.85
N PRO D 87 10.07 7.41 62.17
CA PRO D 87 10.18 8.77 62.71
C PRO D 87 11.56 9.39 62.56
N HIS D 88 12.57 8.62 62.20
CA HIS D 88 13.87 9.24 62.00
C HIS D 88 14.22 9.43 60.53
N SER D 89 13.28 9.17 59.62
CA SER D 89 13.55 9.16 58.20
C SER D 89 12.99 10.38 57.49
N ARG D 90 13.58 10.68 56.33
CA ARG D 90 13.03 11.64 55.39
C ARG D 90 13.30 11.11 54.00
N ILE D 91 12.41 11.39 53.06
CA ILE D 91 12.41 10.75 51.73
C ILE D 91 12.45 11.83 50.66
N LEU D 92 13.37 11.69 49.71
CA LEU D 92 13.53 12.64 48.62
C LEU D 92 13.08 12.00 47.30
N VAL D 93 12.18 12.67 46.58
CA VAL D 93 11.78 12.22 45.25
C VAL D 93 11.86 13.40 44.28
N GLY D 94 12.04 13.06 43.01
CA GLY D 94 11.94 14.02 41.92
C GLY D 94 13.19 14.81 41.63
N MET D 95 14.34 14.36 42.14
CA MET D 95 15.57 15.14 41.98
C MET D 95 15.92 15.34 40.51
N HIS D 96 15.84 14.28 39.69
CA HIS D 96 16.10 14.42 38.26
C HIS D 96 14.80 14.51 37.42
N ALA D 97 13.67 14.86 38.04
CA ALA D 97 12.38 14.85 37.34
C ALA D 97 12.10 16.17 36.63
N SER D 98 13.12 16.79 36.07
CA SER D 98 12.95 18.05 35.35
C SER D 98 14.20 18.30 34.53
N ARG D 99 14.02 18.51 33.22
CA ARG D 99 15.17 18.78 32.37
C ARG D 99 15.85 20.07 32.77
N GLN D 100 15.04 21.10 33.07
CA GLN D 100 15.61 22.35 33.56
C GLN D 100 16.35 22.15 34.87
N ARG D 101 15.80 21.33 35.78
CA ARG D 101 16.48 21.08 37.05
C ARG D 101 17.78 20.33 36.85
N ALA D 102 17.80 19.34 35.95
CA ALA D 102 19.06 18.68 35.64
C ALA D 102 20.09 19.68 35.12
N ALA D 103 19.66 20.63 34.28
CA ALA D 103 20.61 21.59 33.72
C ALA D 103 21.19 22.49 34.83
N LEU D 104 20.33 23.01 35.72
CA LEU D 104 20.84 23.78 36.86
C LEU D 104 21.85 22.97 37.65
N LEU D 105 21.57 21.68 37.82
CA LEU D 105 22.40 20.84 38.67
C LEU D 105 23.76 20.56 38.06
N LEU D 106 23.85 20.54 36.72
CA LEU D 106 25.12 20.31 36.01
C LEU D 106 25.72 21.60 35.48
N GLY D 107 25.05 22.73 35.67
CA GLY D 107 25.60 24.02 35.30
C GLY D 107 25.60 24.32 33.81
N CYS D 108 24.55 23.92 33.09
CA CYS D 108 24.48 24.15 31.65
C CYS D 108 23.03 24.49 31.27
N GLU D 109 22.78 24.69 29.97
CA GLU D 109 21.45 25.01 29.45
C GLU D 109 20.71 23.72 29.13
N ALA D 110 19.40 23.71 29.41
CA ALA D 110 18.61 22.48 29.22
C ALA D 110 18.73 21.93 27.79
N SER D 111 18.73 22.82 26.79
CA SER D 111 18.77 22.38 25.40
C SER D 111 20.08 21.69 25.03
N GLN D 112 21.13 21.87 25.85
CA GLN D 112 22.46 21.35 25.59
C GLN D 112 22.83 20.19 26.50
N LEU D 113 21.96 19.86 27.45
CA LEU D 113 22.25 18.87 28.47
C LEU D 113 22.99 17.66 27.92
N ALA D 114 22.45 17.03 26.87
CA ALA D 114 23.05 15.79 26.39
C ALA D 114 24.39 16.04 25.71
N LEU D 115 24.52 17.15 24.98
CA LEU D 115 25.82 17.51 24.46
C LEU D 115 26.82 17.70 25.59
N GLU D 116 26.36 18.28 26.69
CA GLU D 116 27.26 18.55 27.80
C GLU D 116 27.66 17.27 28.52
N VAL D 117 26.72 16.37 28.78
CA VAL D 117 27.12 15.11 29.41
C VAL D 117 27.95 14.30 28.43
N GLY D 118 27.70 14.44 27.13
CA GLY D 118 28.49 13.74 26.14
C GLY D 118 29.95 14.14 26.14
N LYS D 119 30.23 15.42 26.37
CA LYS D 119 31.62 15.84 26.51
C LYS D 119 32.27 15.16 27.71
N ALA D 120 31.56 15.05 28.83
CA ALA D 120 32.11 14.36 29.99
C ALA D 120 32.35 12.90 29.70
N VAL D 121 31.45 12.26 28.95
CA VAL D 121 31.65 10.85 28.59
C VAL D 121 32.97 10.69 27.86
N LYS D 122 33.34 11.69 27.06
CA LYS D 122 34.51 11.57 26.21
C LYS D 122 35.81 11.77 26.97
N LYS D 123 35.80 12.54 28.06
CA LYS D 123 37.01 12.84 28.83
C LYS D 123 36.74 12.57 30.31
N PRO D 124 36.58 11.31 30.70
CA PRO D 124 36.18 11.00 32.08
C PRO D 124 37.30 11.24 33.08
N VAL D 125 36.91 11.58 34.30
CA VAL D 125 37.85 11.76 35.41
C VAL D 125 37.67 10.59 36.34
N ALA D 126 38.70 9.75 36.47
CA ALA D 126 38.58 8.48 37.19
C ALA D 126 38.29 8.69 38.68
N PRO D 127 37.51 7.80 39.29
CA PRO D 127 37.30 7.87 40.74
C PRO D 127 38.54 7.48 41.53
N VAL D 128 38.49 7.78 42.84
CA VAL D 128 39.58 7.51 43.77
C VAL D 128 39.04 6.86 45.04
N VAL D 129 39.89 6.11 45.72
CA VAL D 129 39.57 5.48 46.98
C VAL D 129 40.02 6.38 48.12
N VAL D 130 39.16 6.56 49.12
CA VAL D 130 39.50 7.35 50.30
C VAL D 130 39.30 6.48 51.52
N PRO D 131 39.89 6.86 52.65
CA PRO D 131 39.70 6.10 53.89
C PRO D 131 38.31 6.32 54.48
N ALA D 132 37.92 5.39 55.35
CA ALA D 132 36.62 5.44 56.01
C ALA D 132 36.37 6.78 56.70
N SER D 133 37.42 7.44 57.18
CA SER D 133 37.27 8.74 57.83
C SER D 133 36.78 9.83 56.89
N SER D 134 36.99 9.69 55.57
CA SER D 134 36.47 10.62 54.56
C SER D 134 35.15 10.14 53.94
N ALA D 135 34.46 9.21 54.60
CA ALA D 135 33.27 8.55 54.05
C ALA D 135 32.05 8.84 54.93
N PRO D 136 31.34 9.94 54.69
CA PRO D 136 30.11 10.19 55.46
C PRO D 136 29.14 9.01 55.42
N CYS D 137 29.14 8.22 54.36
CA CYS D 137 28.16 7.14 54.23
C CYS D 137 28.35 6.06 55.31
N GLN D 138 29.47 6.04 56.02
CA GLN D 138 29.65 5.08 57.09
C GLN D 138 29.61 5.75 58.46
N GLU D 139 28.93 6.91 58.55
CA GLU D 139 28.77 7.56 59.84
C GLU D 139 27.94 6.72 60.81
N GLN D 140 26.98 5.94 60.28
CA GLN D 140 26.20 4.99 61.06
C GLN D 140 26.30 3.62 60.41
N ILE D 141 26.60 2.60 61.19
CA ILE D 141 26.75 1.25 60.68
C ILE D 141 25.71 0.36 61.34
N PHE D 142 25.00 -0.42 60.52
CA PHE D 142 23.96 -1.34 60.97
C PHE D 142 24.28 -2.72 60.40
N LEU D 143 25.02 -3.50 61.17
CA LEU D 143 25.36 -4.86 60.78
C LEU D 143 24.13 -5.75 60.81
N ALA D 144 23.95 -6.55 59.74
CA ALA D 144 22.86 -7.51 59.70
C ALA D 144 23.02 -8.60 60.75
N ASP D 145 24.22 -8.67 61.35
CA ASP D 145 24.62 -9.46 62.52
C ASP D 145 23.70 -9.29 63.72
N ASP D 146 23.21 -8.09 63.90
CA ASP D 146 22.46 -7.75 65.10
C ASP D 146 21.09 -8.42 65.07
N PRO D 147 20.73 -9.17 66.11
CA PRO D 147 19.41 -9.84 66.09
C PRO D 147 18.26 -8.88 65.85
N ASP D 148 18.40 -7.59 66.18
CA ASP D 148 17.35 -6.62 65.98
C ASP D 148 17.36 -6.01 64.58
N PHE D 149 18.31 -6.38 63.72
CA PHE D 149 18.34 -5.83 62.37
C PHE D 149 17.08 -6.24 61.62
N ASP D 150 16.47 -5.28 60.93
CA ASP D 150 15.30 -5.56 60.10
C ASP D 150 15.28 -4.51 58.99
N LEU D 151 15.63 -4.94 57.78
CA LEU D 151 15.66 -4.03 56.65
C LEU D 151 14.34 -3.28 56.51
N ARG D 152 13.22 -3.92 56.87
CA ARG D 152 11.90 -3.39 56.60
C ARG D 152 11.52 -2.26 57.54
N THR D 153 12.03 -2.26 58.76
CA THR D 153 11.79 -1.18 59.71
C THR D 153 12.95 -0.19 59.79
N LEU D 154 14.12 -0.52 59.24
CA LEU D 154 15.25 0.41 59.29
C LEU D 154 15.09 1.56 58.30
N LEU D 155 14.70 1.25 57.07
CA LEU D 155 14.55 2.17 55.96
C LEU D 155 13.13 2.14 55.41
N PRO D 156 12.56 3.28 55.06
CA PRO D 156 11.31 3.26 54.32
C PRO D 156 11.62 2.97 52.86
N ALA D 157 10.82 2.11 52.26
CA ALA D 157 10.94 1.79 50.85
C ALA D 157 9.56 2.05 50.26
N PRO D 158 9.34 3.21 49.66
CA PRO D 158 7.99 3.57 49.18
C PRO D 158 7.46 2.59 48.13
N THR D 159 6.15 2.48 48.07
CA THR D 159 5.47 1.81 46.97
C THR D 159 4.86 2.87 46.06
N ASN D 160 4.98 2.66 44.74
CA ASN D 160 4.46 3.65 43.81
C ASN D 160 2.94 3.57 43.67
N THR D 161 2.36 2.38 43.56
CA THR D 161 0.91 2.18 43.49
C THR D 161 0.48 1.13 44.50
N PRO D 162 -0.82 1.05 44.80
CA PRO D 162 -1.32 -0.02 45.68
C PRO D 162 -1.15 -1.43 45.15
N ILE D 163 -0.83 -1.62 43.87
CA ILE D 163 -0.76 -2.96 43.30
C ILE D 163 0.69 -3.38 43.03
N ASP D 164 1.67 -2.69 43.61
CA ASP D 164 3.06 -3.06 43.36
C ASP D 164 3.40 -4.41 44.02
N ALA D 165 4.53 -4.99 43.59
CA ALA D 165 4.99 -6.24 44.18
C ALA D 165 5.29 -6.08 45.67
N GLY D 166 5.72 -4.90 46.10
CA GLY D 166 6.08 -4.66 47.48
C GLY D 166 6.79 -3.32 47.62
N PRO D 167 7.40 -3.07 48.79
CA PRO D 167 8.22 -1.85 48.94
C PRO D 167 9.42 -1.90 48.00
N PHE D 168 9.75 -0.75 47.40
CA PHE D 168 10.82 -0.67 46.40
C PHE D 168 11.83 0.43 46.74
N PHE D 169 13.09 0.16 46.42
CA PHE D 169 14.11 1.19 46.24
C PHE D 169 14.31 1.35 44.73
N CYS D 170 14.08 2.56 44.20
CA CYS D 170 14.12 2.71 42.74
C CYS D 170 15.36 3.40 42.20
N LEU D 171 16.24 3.95 43.06
CA LEU D 171 17.47 4.57 42.58
C LEU D 171 18.67 3.95 43.27
N GLY D 172 18.82 2.63 43.14
CA GLY D 172 19.96 1.91 43.66
C GLY D 172 21.12 1.82 42.68
N LEU D 173 22.21 2.53 42.97
CA LEU D 173 23.44 2.41 42.21
C LEU D 173 24.23 1.22 42.73
N ALA D 174 24.39 0.19 41.90
CA ALA D 174 25.11 -1.02 42.26
C ALA D 174 26.56 -0.94 41.79
N LEU D 175 27.47 -1.24 42.71
CA LEU D 175 28.88 -1.47 42.39
C LEU D 175 29.17 -2.96 42.56
N ALA D 176 29.89 -3.54 41.60
CA ALA D 176 30.14 -4.98 41.65
C ALA D 176 31.38 -5.30 40.82
N SER D 177 32.01 -6.43 41.17
CA SER D 177 33.25 -6.84 40.54
C SER D 177 33.16 -8.29 40.10
N ASP D 178 34.01 -8.66 39.14
CA ASP D 178 34.04 -10.04 38.69
C ASP D 178 34.63 -10.93 39.79
N PRO D 179 34.02 -12.08 40.06
CA PRO D 179 34.49 -12.92 41.18
C PRO D 179 35.85 -13.56 40.96
N VAL D 180 36.33 -13.65 39.72
CA VAL D 180 37.64 -14.22 39.41
C VAL D 180 38.65 -13.12 39.09
N ASP D 181 38.31 -12.25 38.13
CA ASP D 181 39.18 -11.14 37.71
C ASP D 181 38.63 -9.87 38.37
N ALA D 182 39.21 -9.53 39.53
CA ALA D 182 38.75 -8.38 40.31
C ALA D 182 38.99 -7.06 39.59
N SER D 183 39.80 -7.04 38.53
CA SER D 183 40.03 -5.81 37.78
C SER D 183 38.83 -5.41 36.94
N LEU D 184 37.88 -6.33 36.69
CA LEU D 184 36.66 -5.99 35.96
C LEU D 184 35.60 -5.54 36.96
N THR D 185 34.97 -4.40 36.66
CA THR D 185 33.98 -3.80 37.55
C THR D 185 32.78 -3.33 36.74
N ASP D 186 31.74 -2.93 37.47
CA ASP D 186 30.55 -2.37 36.83
C ASP D 186 29.83 -1.45 37.81
N VAL D 187 29.08 -0.51 37.25
CA VAL D 187 28.37 0.51 38.00
C VAL D 187 27.03 0.69 37.28
N THR D 188 25.93 0.34 37.93
CA THR D 188 24.63 0.28 37.27
C THR D 188 23.53 0.74 38.23
N ILE D 189 22.43 1.26 37.66
CA ILE D 189 21.26 1.67 38.44
C ILE D 189 20.26 0.53 38.40
N HIS D 190 19.72 0.16 39.56
CA HIS D 190 18.69 -0.87 39.65
C HIS D 190 17.55 -0.41 40.52
N ARG D 191 16.42 -1.12 40.40
CA ARG D 191 15.35 -1.05 41.38
C ARG D 191 15.36 -2.36 42.17
N LEU D 192 14.88 -2.29 43.41
CA LEU D 192 14.92 -3.45 44.29
C LEU D 192 13.67 -3.50 45.14
N CYS D 193 13.08 -4.69 45.26
CA CYS D 193 11.93 -4.93 46.11
C CYS D 193 12.38 -5.53 47.44
N VAL D 194 11.84 -5.01 48.54
CA VAL D 194 12.23 -5.46 49.88
C VAL D 194 11.49 -6.75 50.21
N GLN D 195 12.24 -7.84 50.38
CA GLN D 195 11.66 -9.18 50.50
C GLN D 195 11.71 -9.77 51.90
N GLY D 196 12.40 -9.15 52.85
CA GLY D 196 12.39 -9.67 54.20
C GLY D 196 13.36 -8.93 55.10
N ARG D 197 13.56 -9.51 56.28
CA ARG D 197 14.45 -9.01 57.32
C ARG D 197 15.78 -8.52 56.72
N ASP D 198 16.32 -9.27 55.75
CA ASP D 198 17.63 -8.96 55.20
C ASP D 198 17.74 -9.41 53.74
N GLU D 199 16.64 -9.39 53.01
CA GLU D 199 16.67 -9.81 51.61
C GLU D 199 16.00 -8.77 50.74
N LEU D 200 16.56 -8.61 49.54
CA LEU D 200 16.01 -7.80 48.47
C LEU D 200 16.06 -8.63 47.19
N SER D 201 15.03 -8.51 46.37
CA SER D 201 15.10 -9.03 45.01
C SER D 201 15.63 -7.93 44.11
N MET D 202 16.40 -8.32 43.09
CA MET D 202 16.98 -7.36 42.17
C MET D 202 17.02 -7.99 40.80
N PHE D 203 16.29 -7.38 39.85
CA PHE D 203 16.43 -7.75 38.45
C PHE D 203 17.71 -7.18 37.88
N LEU D 204 18.46 -8.00 37.14
CA LEU D 204 19.65 -7.58 36.42
C LEU D 204 19.49 -7.91 34.93
N ALA D 205 19.80 -6.93 34.07
CA ALA D 205 19.60 -7.11 32.63
C ALA D 205 20.59 -8.11 32.06
N ALA D 206 20.06 -9.10 31.35
CA ALA D 206 20.91 -10.13 30.76
C ALA D 206 22.07 -9.51 30.00
N GLY D 207 23.22 -10.18 30.05
CA GLY D 207 24.40 -9.73 29.33
C GLY D 207 25.08 -8.50 29.88
N ARG D 208 24.44 -7.76 30.79
CA ARG D 208 25.13 -6.66 31.46
C ARG D 208 26.26 -7.21 32.32
N HIS D 209 27.29 -6.39 32.54
CA HIS D 209 28.51 -6.89 33.18
C HIS D 209 28.23 -7.47 34.57
N ILE D 210 27.38 -6.81 35.36
CA ILE D 210 27.17 -7.26 36.74
C ILE D 210 26.42 -8.58 36.75
N GLU D 211 25.50 -8.78 35.79
CA GLU D 211 24.83 -10.07 35.67
C GLU D 211 25.80 -11.19 35.28
N VAL D 212 26.76 -10.90 34.40
CA VAL D 212 27.76 -11.91 34.03
C VAL D 212 28.67 -12.21 35.20
N PHE D 213 29.01 -11.20 36.01
CA PHE D 213 29.70 -11.48 37.27
C PHE D 213 28.85 -12.38 38.15
N ARG D 214 27.55 -12.12 38.23
CA ARG D 214 26.70 -12.93 39.09
C ARG D 214 26.67 -14.38 38.62
N GLN D 215 26.43 -14.59 37.32
CA GLN D 215 26.38 -15.95 36.78
C GLN D 215 27.69 -16.69 36.99
N LYS D 216 28.82 -16.01 36.80
CA LYS D 216 30.11 -16.66 37.03
C LYS D 216 30.23 -17.12 38.48
N ALA D 217 29.79 -16.27 39.42
CA ALA D 217 29.83 -16.63 40.84
C ALA D 217 28.84 -17.74 41.17
N GLU D 218 27.62 -17.66 40.61
CA GLU D 218 26.63 -18.70 40.87
C GLU D 218 27.09 -20.04 40.31
N ALA D 219 27.65 -20.03 39.09
CA ALA D 219 28.15 -21.28 38.50
C ALA D 219 29.24 -21.92 39.33
N ALA D 220 29.94 -21.14 40.16
CA ALA D 220 30.95 -21.68 41.08
C ALA D 220 30.40 -21.95 42.47
N GLY D 221 29.10 -21.74 42.68
CA GLY D 221 28.49 -21.96 43.98
C GLY D 221 28.81 -20.90 45.01
N LYS D 222 29.03 -19.67 44.57
CA LYS D 222 29.55 -18.60 45.43
C LYS D 222 28.67 -17.37 45.33
N PRO D 223 28.54 -16.63 46.44
CA PRO D 223 27.83 -15.35 46.39
C PRO D 223 28.66 -14.27 45.70
N LEU D 224 27.97 -13.23 45.25
CA LEU D 224 28.63 -12.10 44.61
C LEU D 224 28.50 -10.87 45.52
N PRO D 225 29.59 -10.38 46.10
CA PRO D 225 29.47 -9.18 46.95
C PRO D 225 29.09 -7.96 46.14
N ILE D 226 28.38 -7.03 46.77
CA ILE D 226 27.76 -5.93 46.05
C ILE D 226 27.37 -4.85 47.06
N THR D 227 27.36 -3.60 46.59
CA THR D 227 26.83 -2.49 47.38
C THR D 227 25.80 -1.73 46.57
N ILE D 228 24.72 -1.33 47.23
CA ILE D 228 23.64 -0.57 46.62
C ILE D 228 23.67 0.82 47.25
N ASN D 229 24.01 1.82 46.45
CA ASN D 229 24.30 3.16 46.94
C ASN D 229 23.19 4.12 46.53
N MET D 230 22.66 4.87 47.51
CA MET D 230 21.43 5.62 47.29
C MET D 230 21.55 7.02 47.90
N GLY D 231 21.07 8.02 47.15
CA GLY D 231 21.16 9.40 47.59
C GLY D 231 22.51 9.98 47.21
N LEU D 232 22.60 10.43 45.96
CA LEU D 232 23.86 10.71 45.30
C LEU D 232 23.77 12.05 44.61
N ASP D 233 24.94 12.67 44.44
CA ASP D 233 25.13 13.74 43.47
C ASP D 233 24.33 13.34 42.23
N PRO D 234 23.37 14.16 41.79
CA PRO D 234 22.68 13.85 40.51
C PRO D 234 23.65 13.58 39.36
N ALA D 235 24.83 14.22 39.36
CA ALA D 235 25.84 13.96 38.33
C ALA D 235 26.17 12.48 38.24
N ILE D 236 26.26 11.81 39.39
CA ILE D 236 26.57 10.38 39.40
C ILE D 236 25.44 9.57 38.76
N TYR D 237 24.21 9.79 39.21
CA TYR D 237 23.09 9.04 38.63
C TYR D 237 22.99 9.30 37.12
N ILE D 238 23.04 10.57 36.72
CA ILE D 238 22.96 10.91 35.30
C ILE D 238 24.11 10.28 34.53
N GLY D 239 25.33 10.40 35.07
CA GLY D 239 26.49 9.86 34.36
C GLY D 239 26.50 8.36 34.27
N ALA D 240 25.95 7.67 35.28
CA ALA D 240 25.93 6.22 35.31
C ALA D 240 25.01 5.61 34.26
N CYS D 241 24.14 6.41 33.63
CA CYS D 241 23.25 5.85 32.62
C CYS D 241 23.87 5.81 31.23
N PHE D 242 25.08 6.35 31.06
CA PHE D 242 25.77 6.31 29.78
C PHE D 242 26.68 5.09 29.71
N GLU D 243 26.81 4.53 28.51
CA GLU D 243 27.80 3.49 28.29
C GLU D 243 29.20 4.05 28.55
N ALA D 244 30.04 3.24 29.17
CA ALA D 244 31.40 3.61 29.48
C ALA D 244 32.37 2.53 29.02
N PRO D 245 33.63 2.88 28.77
CA PRO D 245 34.66 1.86 28.56
C PRO D 245 34.98 1.13 29.86
N THR D 246 35.79 0.07 29.74
CA THR D 246 36.28 -0.67 30.90
C THR D 246 37.80 -0.54 30.97
N THR D 247 38.29 -0.14 32.14
CA THR D 247 39.72 -0.17 32.45
C THR D 247 39.92 -0.83 33.80
N PRO D 248 41.12 -1.32 34.10
CA PRO D 248 41.33 -2.07 35.34
C PRO D 248 40.85 -1.33 36.58
N PHE D 249 39.96 -1.95 37.36
CA PHE D 249 39.45 -1.35 38.61
C PHE D 249 38.81 0.01 38.34
N GLY D 250 38.12 0.10 37.21
CA GLY D 250 37.75 1.37 36.65
C GLY D 250 36.52 2.01 37.26
N TYR D 251 35.50 1.23 37.61
CA TYR D 251 34.20 1.80 37.97
C TYR D 251 33.90 2.98 37.04
N ASN D 252 34.02 2.71 35.74
CA ASN D 252 34.21 3.79 34.76
C ASN D 252 32.99 4.70 34.63
N GLU D 253 31.79 4.19 34.91
CA GLU D 253 30.62 5.06 34.85
C GLU D 253 30.80 6.28 35.74
N LEU D 254 31.56 6.14 36.83
CA LEU D 254 31.81 7.26 37.74
C LEU D 254 32.74 8.29 37.12
N GLY D 255 33.43 7.93 36.04
CA GLY D 255 34.27 8.89 35.36
C GLY D 255 33.49 10.02 34.73
N VAL D 256 32.22 9.76 34.36
CA VAL D 256 31.37 10.81 33.82
C VAL D 256 31.08 11.87 34.87
N ALA D 257 30.54 11.46 36.03
CA ALA D 257 30.36 12.38 37.14
C ALA D 257 31.66 13.09 37.49
N GLY D 258 32.78 12.35 37.45
CA GLY D 258 34.07 12.98 37.71
C GLY D 258 34.33 14.15 36.77
N ALA D 259 34.06 13.96 35.48
CA ALA D 259 34.30 15.02 34.51
C ALA D 259 33.27 16.12 34.63
N LEU D 260 32.01 15.77 34.91
CA LEU D 260 31.00 16.81 35.11
C LEU D 260 31.37 17.73 36.28
N ARG D 261 31.96 17.17 37.35
CA ARG D 261 32.37 18.00 38.48
C ARG D 261 33.83 18.43 38.44
N GLN D 262 34.64 17.89 37.53
CA GLN D 262 36.09 18.14 37.54
C GLN D 262 36.67 17.87 38.94
N ARG D 263 36.30 16.73 39.48
CA ARG D 263 36.68 16.26 40.80
C ARG D 263 36.31 14.77 40.90
N PRO D 264 37.27 13.89 41.13
CA PRO D 264 36.98 12.45 41.16
C PRO D 264 35.91 12.09 42.19
N VAL D 265 34.99 11.19 41.77
CA VAL D 265 34.06 10.57 42.72
C VAL D 265 34.84 9.70 43.68
N GLU D 266 34.45 9.70 44.95
CA GLU D 266 35.24 9.02 45.97
C GLU D 266 34.59 7.71 46.39
N LEU D 267 35.40 6.67 46.46
CA LEU D 267 35.00 5.33 46.86
C LEU D 267 35.59 4.98 48.22
N VAL D 268 34.83 4.19 48.99
CA VAL D 268 35.25 3.71 50.30
C VAL D 268 35.06 2.21 50.33
N GLN D 269 36.00 1.49 50.97
CA GLN D 269 35.86 0.06 51.15
C GLN D 269 34.65 -0.25 52.03
N GLY D 270 33.78 -1.16 51.57
CA GLY D 270 32.65 -1.59 52.40
C GLY D 270 33.09 -2.17 53.73
N VAL D 271 32.22 -2.08 54.73
CA VAL D 271 32.55 -2.60 56.05
C VAL D 271 32.25 -4.10 56.21
N SER D 272 31.27 -4.64 55.46
CA SER D 272 30.88 -6.04 55.65
C SER D 272 31.07 -6.92 54.43
N VAL D 273 31.39 -6.34 53.28
CA VAL D 273 31.62 -7.13 52.07
C VAL D 273 32.83 -6.53 51.33
N PRO D 274 33.51 -7.40 50.56
CA PRO D 274 34.73 -6.90 49.87
C PRO D 274 34.39 -6.23 48.54
N GLU D 275 33.87 -5.01 48.64
CA GLU D 275 33.47 -4.24 47.48
C GLU D 275 33.36 -2.77 47.90
N LYS D 276 33.51 -1.88 46.93
CA LYS D 276 33.53 -0.44 47.21
C LYS D 276 32.10 0.13 47.29
N ALA D 277 31.98 1.25 47.99
CA ALA D 277 30.73 2.00 48.09
C ALA D 277 31.01 3.46 47.76
N ILE D 278 29.96 4.22 47.52
CA ILE D 278 30.11 5.65 47.29
C ILE D 278 30.30 6.35 48.64
N ALA D 279 31.47 6.98 48.82
CA ALA D 279 31.87 7.54 50.11
C ALA D 279 30.86 8.52 50.67
N ARG D 280 30.29 9.36 49.80
CA ARG D 280 29.41 10.44 50.23
C ARG D 280 27.93 10.13 50.01
N ALA D 281 27.59 8.88 49.72
CA ALA D 281 26.19 8.47 49.60
C ALA D 281 25.45 8.64 50.91
N GLU D 282 24.15 8.91 50.80
CA GLU D 282 23.29 8.95 51.97
C GLU D 282 23.16 7.58 52.63
N ILE D 283 22.95 6.53 51.83
CA ILE D 283 22.63 5.19 52.31
C ILE D 283 23.34 4.18 51.42
N VAL D 284 23.97 3.20 52.04
CA VAL D 284 24.61 2.09 51.35
C VAL D 284 24.08 0.78 51.93
N ILE D 285 23.56 -0.08 51.07
CA ILE D 285 23.15 -1.44 51.44
C ILE D 285 24.26 -2.36 50.97
N GLU D 286 24.91 -3.03 51.91
CA GLU D 286 25.99 -3.95 51.62
C GLU D 286 25.45 -5.37 51.74
N GLY D 287 25.70 -6.19 50.72
CA GLY D 287 25.21 -7.55 50.77
C GLY D 287 25.83 -8.39 49.70
N GLU D 288 25.20 -9.53 49.44
CA GLU D 288 25.70 -10.46 48.43
C GLU D 288 24.54 -11.09 47.69
N LEU D 289 24.69 -11.20 46.38
CA LEU D 289 23.75 -11.97 45.57
C LEU D 289 24.00 -13.45 45.83
N LEU D 290 22.96 -14.14 46.25
CA LEU D 290 23.04 -15.52 46.71
C LEU D 290 23.01 -16.49 45.52
N PRO D 291 23.80 -17.56 45.57
CA PRO D 291 23.76 -18.56 44.50
C PRO D 291 22.58 -19.51 44.63
N GLY D 292 22.08 -19.95 43.48
CA GLY D 292 21.05 -20.98 43.45
C GLY D 292 19.81 -20.66 44.25
N VAL D 293 19.37 -19.40 44.22
CA VAL D 293 18.22 -18.95 44.98
C VAL D 293 17.46 -17.95 44.11
N ARG D 294 16.14 -18.14 44.00
CA ARG D 294 15.26 -17.21 43.30
C ARG D 294 14.00 -16.96 44.12
N VAL D 295 13.41 -15.76 43.99
CA VAL D 295 12.12 -15.47 44.60
C VAL D 295 11.19 -14.86 43.57
N ARG D 296 9.89 -15.10 43.76
CA ARG D 296 8.85 -14.38 43.04
C ARG D 296 8.79 -12.93 43.53
N GLU D 297 8.87 -11.98 42.59
CA GLU D 297 8.93 -10.58 42.98
C GLU D 297 7.78 -10.18 43.89
N ASP D 298 6.56 -10.62 43.57
CA ASP D 298 5.39 -10.27 44.36
C ASP D 298 4.98 -11.35 45.38
N GLN D 299 5.95 -12.09 45.94
CA GLN D 299 5.61 -13.21 46.80
C GLN D 299 4.84 -12.81 48.06
N HIS D 300 4.92 -11.54 48.49
CA HIS D 300 4.28 -11.09 49.72
C HIS D 300 2.95 -10.40 49.48
N THR D 301 2.61 -10.09 48.25
CA THR D 301 1.35 -9.44 47.92
C THR D 301 0.50 -10.24 46.94
N ASN D 302 1.11 -11.09 46.11
CA ASN D 302 0.43 -11.77 45.01
C ASN D 302 -0.33 -10.77 44.16
N SER D 303 0.24 -9.57 44.00
CA SER D 303 -0.43 -8.52 43.23
C SER D 303 -0.43 -8.79 41.74
N GLY D 304 0.45 -9.68 41.25
CA GLY D 304 0.64 -9.89 39.82
C GLY D 304 1.51 -8.86 39.14
N HIS D 305 1.95 -7.83 39.87
CA HIS D 305 2.66 -6.70 39.27
C HIS D 305 3.97 -6.40 39.98
N ALA D 306 4.87 -5.73 39.25
CA ALA D 306 6.11 -5.18 39.80
C ALA D 306 5.86 -3.74 40.25
N MET D 307 6.05 -2.78 39.36
CA MET D 307 5.71 -1.38 39.65
C MET D 307 5.50 -0.65 38.34
N PRO D 308 5.16 0.63 38.35
CA PRO D 308 4.98 1.34 37.08
C PRO D 308 6.25 1.36 36.25
N GLU D 309 6.10 1.06 34.95
CA GLU D 309 7.19 1.09 34.00
C GLU D 309 7.22 2.41 33.24
N PHE D 310 8.38 2.73 32.65
CA PHE D 310 8.53 4.05 32.01
C PHE D 310 7.49 4.35 30.93
N PRO D 311 6.94 3.39 30.17
CA PRO D 311 5.86 3.76 29.23
C PRO D 311 4.55 4.16 29.90
N GLY D 312 4.44 4.08 31.23
CA GLY D 312 3.24 4.50 31.94
C GLY D 312 2.23 3.42 32.26
N TYR D 313 2.61 2.16 32.15
CA TYR D 313 1.76 1.05 32.53
C TYR D 313 2.50 0.24 33.60
N CYS D 314 1.73 -0.49 34.42
CA CYS D 314 2.32 -1.34 35.44
C CYS D 314 2.99 -2.56 34.83
N GLY D 315 4.21 -2.85 35.25
CA GLY D 315 4.86 -4.05 34.79
C GLY D 315 4.33 -5.28 35.49
N GLY D 316 4.48 -6.43 34.84
CA GLY D 316 4.21 -7.69 35.51
C GLY D 316 5.29 -8.04 36.51
N ALA D 317 4.92 -8.85 37.50
CA ALA D 317 5.84 -9.26 38.54
C ALA D 317 6.81 -10.32 37.99
N ASN D 318 8.10 -10.14 38.22
CA ASN D 318 9.04 -11.14 37.72
C ASN D 318 8.96 -12.39 38.59
N PRO D 319 8.73 -13.57 38.02
CA PRO D 319 8.56 -14.77 38.86
C PRO D 319 9.86 -15.38 39.36
N SER D 320 11.03 -14.95 38.85
CA SER D 320 12.31 -15.58 39.21
C SER D 320 13.39 -14.51 39.25
N LEU D 321 13.55 -13.87 40.40
CA LEU D 321 14.58 -12.87 40.62
C LEU D 321 15.63 -13.37 41.59
N PRO D 322 16.90 -13.03 41.37
CA PRO D 322 17.94 -13.32 42.37
C PRO D 322 17.77 -12.46 43.64
N VAL D 323 18.43 -12.87 44.71
CA VAL D 323 18.26 -12.26 46.01
C VAL D 323 19.58 -11.71 46.52
N ILE D 324 19.56 -10.47 46.99
CA ILE D 324 20.65 -9.90 47.78
C ILE D 324 20.40 -10.24 49.25
N LYS D 325 21.31 -11.00 49.86
CA LYS D 325 21.31 -11.18 51.30
C LYS D 325 22.08 -10.01 51.91
N VAL D 326 21.40 -9.21 52.72
CA VAL D 326 22.00 -7.98 53.25
C VAL D 326 22.93 -8.33 54.41
N LYS D 327 24.14 -7.77 54.38
CA LYS D 327 25.08 -7.97 55.48
C LYS D 327 25.28 -6.72 56.33
N ALA D 328 25.00 -5.53 55.79
CA ALA D 328 25.00 -4.32 56.59
C ALA D 328 24.33 -3.22 55.81
N VAL D 329 23.80 -2.24 56.55
CA VAL D 329 23.34 -0.96 56.02
C VAL D 329 24.12 0.16 56.74
N THR D 330 24.83 0.97 55.97
CA THR D 330 25.52 2.14 56.49
C THR D 330 24.84 3.38 55.94
N MET D 331 24.85 4.47 56.71
CA MET D 331 24.24 5.69 56.22
C MET D 331 24.86 6.90 56.91
N ARG D 332 24.66 8.06 56.27
CA ARG D 332 24.98 9.33 56.91
C ARG D 332 24.07 9.55 58.13
N ASN D 333 24.54 10.39 59.05
CA ASN D 333 23.61 10.91 60.05
C ASN D 333 22.50 11.67 59.35
N ASN D 334 21.28 11.50 59.84
CA ASN D 334 20.11 12.18 59.27
C ASN D 334 19.91 11.80 57.81
N ALA D 335 20.19 10.53 57.51
CA ALA D 335 20.20 10.05 56.12
C ALA D 335 18.87 10.32 55.41
N ILE D 336 19.00 10.76 54.16
CA ILE D 336 17.90 10.92 53.22
C ILE D 336 17.71 9.60 52.46
N LEU D 337 16.48 9.11 52.37
CA LEU D 337 16.19 8.05 51.41
C LEU D 337 15.73 8.69 50.10
N GLN D 338 16.53 8.52 49.05
CA GLN D 338 16.22 9.08 47.74
C GLN D 338 15.67 7.99 46.81
N THR D 339 14.54 8.28 46.17
CA THR D 339 13.96 7.34 45.20
C THR D 339 13.20 8.17 44.16
N LEU D 340 12.25 7.55 43.44
CA LEU D 340 11.52 8.27 42.40
C LEU D 340 10.05 7.84 42.34
N VAL D 341 9.24 8.63 41.65
CA VAL D 341 7.82 8.36 41.48
C VAL D 341 7.44 8.45 40.00
N GLY D 342 6.72 7.45 39.50
CA GLY D 342 6.09 7.57 38.22
C GLY D 342 6.28 6.36 37.33
N PRO D 343 7.50 6.15 36.84
CA PRO D 343 8.72 6.94 37.13
C PRO D 343 8.77 8.30 36.39
N GLY D 344 7.80 8.51 35.50
CA GLY D 344 7.59 9.78 34.82
C GLY D 344 8.83 10.52 34.34
N GLU D 345 8.94 11.81 34.67
CA GLU D 345 10.00 12.64 34.11
C GLU D 345 11.37 12.27 34.67
N GLU D 346 11.45 11.81 35.91
CA GLU D 346 12.76 11.37 36.40
C GLU D 346 13.34 10.30 35.49
N HIS D 347 12.50 9.40 34.97
CA HIS D 347 13.02 8.41 34.03
C HIS D 347 13.38 9.05 32.69
N THR D 348 12.60 10.05 32.26
CA THR D 348 12.91 10.66 30.97
C THR D 348 14.32 11.26 30.98
N THR D 349 14.68 11.95 32.07
CA THR D 349 16.03 12.50 32.20
C THR D 349 17.08 11.42 32.19
N LEU D 350 16.95 10.46 33.10
CA LEU D 350 17.98 9.45 33.26
C LEU D 350 18.17 8.65 31.99
N ALA D 351 17.07 8.25 31.35
CA ALA D 351 17.16 7.46 30.11
C ALA D 351 17.29 8.32 28.86
N GLY D 352 16.68 9.51 28.84
CA GLY D 352 16.63 10.30 27.62
C GLY D 352 17.95 10.96 27.24
N LEU D 353 18.77 11.35 28.23
CA LEU D 353 20.03 11.99 27.87
C LEU D 353 20.97 11.01 27.17
N PRO D 354 21.15 9.77 27.66
CA PRO D 354 21.90 8.76 26.86
C PRO D 354 21.30 8.51 25.48
N THR D 355 19.97 8.41 25.37
CA THR D 355 19.36 8.23 24.05
C THR D 355 19.74 9.38 23.13
N GLU D 356 19.61 10.61 23.61
CA GLU D 356 19.97 11.76 22.78
C GLU D 356 21.46 11.75 22.44
N ALA D 357 22.32 11.49 23.43
CA ALA D 357 23.75 11.55 23.17
C ALA D 357 24.16 10.57 22.07
N SER D 358 23.56 9.38 22.06
CA SER D 358 23.97 8.38 21.08
C SER D 358 23.48 8.74 19.69
N ILE D 359 22.27 9.31 19.58
CA ILE D 359 21.78 9.79 18.29
C ILE D 359 22.66 10.92 17.78
N TRP D 360 22.90 11.92 18.62
CA TRP D 360 23.90 12.96 18.35
C TRP D 360 25.19 12.40 17.77
N ASN D 361 25.82 11.48 18.50
CA ASN D 361 27.12 11.00 18.07
C ASN D 361 27.03 10.34 16.70
N ALA D 362 25.99 9.55 16.45
CA ALA D 362 25.91 8.81 15.19
C ALA D 362 25.60 9.75 14.03
N VAL D 363 24.65 10.67 14.22
CA VAL D 363 24.28 11.53 13.10
C VAL D 363 25.40 12.51 12.81
N GLU D 364 25.98 13.12 13.86
CA GLU D 364 27.03 14.10 13.65
C GLU D 364 28.26 13.48 13.01
N ALA D 365 28.60 12.23 13.33
CA ALA D 365 29.73 11.59 12.66
C ALA D 365 29.43 11.30 11.20
N ALA D 366 28.19 10.90 10.90
CA ALA D 366 27.83 10.51 9.54
C ALA D 366 27.51 11.72 8.66
N ILE D 367 26.88 12.75 9.23
CA ILE D 367 26.44 13.90 8.45
C ILE D 367 26.77 15.14 9.26
N PRO D 368 28.05 15.51 9.39
CA PRO D 368 28.40 16.62 10.30
C PRO D 368 27.69 17.91 9.89
N GLY D 369 27.24 18.65 10.90
CA GLY D 369 26.55 19.90 10.69
C GLY D 369 25.07 19.78 10.42
N PHE D 370 24.52 18.57 10.21
CA PHE D 370 23.14 18.45 9.73
C PHE D 370 22.14 18.44 10.87
N LEU D 371 22.36 17.61 11.89
CA LEU D 371 21.51 17.64 13.08
C LEU D 371 21.73 18.92 13.86
N GLN D 372 20.64 19.59 14.24
CA GLN D 372 20.72 20.77 15.10
C GLN D 372 20.45 20.43 16.56
N ASN D 373 19.66 19.39 16.83
CA ASN D 373 19.39 18.95 18.19
C ASN D 373 18.42 17.78 18.09
N VAL D 374 18.33 17.02 19.18
CA VAL D 374 17.50 15.82 19.23
C VAL D 374 16.84 15.76 20.60
N TYR D 375 15.61 15.26 20.66
CA TYR D 375 14.89 15.18 21.91
C TYR D 375 14.33 13.77 22.06
N ALA D 376 14.80 13.06 23.09
CA ALA D 376 14.26 11.76 23.49
C ALA D 376 13.01 12.06 24.29
N HIS D 377 11.89 12.20 23.56
CA HIS D 377 10.69 12.84 24.09
C HIS D 377 10.17 12.15 25.36
N THR D 378 9.70 12.96 26.33
CA THR D 378 9.18 12.43 27.58
C THR D 378 7.96 11.53 27.38
N ALA D 379 7.16 11.77 26.33
CA ALA D 379 6.04 10.90 26.03
C ALA D 379 6.47 9.48 25.71
N GLY D 380 7.75 9.28 25.41
CA GLY D 380 8.25 7.93 25.23
C GLY D 380 9.16 7.48 26.36
N GLY D 381 9.06 8.16 27.51
CA GLY D 381 9.89 7.81 28.66
C GLY D 381 11.38 7.98 28.43
N GLY D 382 11.77 8.72 27.39
CA GLY D 382 13.16 8.91 27.05
C GLY D 382 13.70 7.85 26.12
N LYS D 383 12.87 6.93 25.67
CA LYS D 383 13.34 5.79 24.89
C LYS D 383 12.53 5.53 23.61
N PHE D 384 11.19 5.66 23.64
CA PHE D 384 10.41 5.17 22.48
C PHE D 384 10.30 6.19 21.34
N LEU D 385 10.39 7.49 21.60
CA LEU D 385 10.07 8.51 20.60
C LEU D 385 11.22 9.51 20.45
N GLY D 386 11.80 9.58 19.24
CA GLY D 386 12.83 10.55 18.93
C GLY D 386 12.37 11.70 18.04
N ILE D 387 12.56 12.93 18.50
CA ILE D 387 12.35 14.12 17.68
C ILE D 387 13.71 14.61 17.21
N LEU D 388 13.96 14.55 15.90
CA LEU D 388 15.22 14.99 15.32
C LEU D 388 15.00 16.32 14.64
N GLN D 389 15.81 17.31 15.01
CA GLN D 389 15.76 18.63 14.40
C GLN D 389 16.94 18.80 13.45
N VAL D 390 16.65 18.93 12.16
CA VAL D 390 17.70 18.98 11.15
C VAL D 390 17.61 20.33 10.45
N LYS D 391 18.68 20.67 9.71
CA LYS D 391 18.69 21.88 8.89
C LYS D 391 19.15 21.51 7.49
N LYS D 392 18.27 21.68 6.51
CA LYS D 392 18.67 21.46 5.12
C LYS D 392 19.42 22.69 4.64
N ARG D 393 20.69 22.51 4.30
CA ARG D 393 21.59 23.61 3.98
C ARG D 393 21.83 23.77 2.49
N GLN D 394 21.46 22.77 1.70
CA GLN D 394 21.82 22.67 0.31
C GLN D 394 20.97 21.58 -0.31
N PRO D 395 20.84 21.57 -1.65
CA PRO D 395 19.99 20.53 -2.28
C PRO D 395 20.30 19.12 -1.84
N ALA D 396 21.57 18.77 -1.66
CA ALA D 396 21.96 17.40 -1.35
C ALA D 396 21.49 16.95 0.03
N ASP D 397 21.09 17.88 0.91
CA ASP D 397 20.47 17.48 2.17
C ASP D 397 19.05 16.94 1.99
N GLU D 398 18.41 17.21 0.86
CA GLU D 398 17.13 16.55 0.63
C GLU D 398 17.37 15.06 0.48
N GLY D 399 16.74 14.27 1.34
CA GLY D 399 17.03 12.86 1.46
C GLY D 399 17.93 12.50 2.63
N ARG D 400 18.60 13.47 3.25
CA ARG D 400 19.37 13.16 4.44
C ARG D 400 18.54 13.16 5.70
N GLN D 401 17.37 13.81 5.69
CA GLN D 401 16.53 13.74 6.88
C GLN D 401 16.16 12.29 7.17
N GLY D 402 15.74 11.53 6.14
CA GLY D 402 15.43 10.12 6.34
C GLY D 402 16.65 9.31 6.76
N GLN D 403 17.80 9.61 6.18
CA GLN D 403 19.08 9.06 6.64
C GLN D 403 19.30 9.30 8.13
N ALA D 404 19.07 10.52 8.61
CA ALA D 404 19.18 10.76 10.04
C ALA D 404 18.24 9.86 10.84
N ALA D 405 16.99 9.72 10.38
CA ALA D 405 16.03 8.81 11.04
C ALA D 405 16.57 7.39 11.11
N LEU D 406 17.20 6.91 10.03
CA LEU D 406 17.73 5.55 10.05
C LEU D 406 18.89 5.45 11.03
N LEU D 407 19.79 6.44 11.01
CA LEU D 407 20.87 6.48 11.98
C LEU D 407 20.31 6.38 13.39
N ALA D 408 19.24 7.13 13.68
CA ALA D 408 18.65 7.09 15.01
C ALA D 408 18.12 5.70 15.33
N LEU D 409 17.35 5.12 14.39
CA LEU D 409 16.78 3.77 14.60
C LEU D 409 17.87 2.72 14.71
N ALA D 410 18.96 2.88 13.96
CA ALA D 410 20.04 1.90 14.02
C ALA D 410 20.77 1.94 15.36
N THR D 411 21.05 3.13 15.91
CA THR D 411 21.91 3.20 17.08
C THR D 411 21.17 3.03 18.41
N TYR D 412 19.85 3.23 18.44
CA TYR D 412 19.07 3.02 19.67
C TYR D 412 17.89 2.10 19.31
N SER D 413 18.08 0.79 19.44
CA SER D 413 17.07 -0.13 18.91
C SER D 413 15.77 -0.14 19.70
N GLU D 414 15.76 0.43 20.91
CA GLU D 414 14.50 0.47 21.64
C GLU D 414 13.62 1.63 21.20
N LEU D 415 14.11 2.52 20.34
CA LEU D 415 13.24 3.52 19.71
C LEU D 415 12.06 2.84 19.00
N LYS D 416 10.96 3.57 18.89
CA LYS D 416 9.80 3.11 18.13
C LYS D 416 9.54 4.01 16.92
N ASN D 417 9.26 5.29 17.14
CA ASN D 417 8.97 6.22 16.06
C ASN D 417 9.96 7.39 16.06
N ILE D 418 10.14 7.98 14.87
CA ILE D 418 10.94 9.17 14.65
C ILE D 418 10.04 10.26 14.08
N ILE D 419 10.20 11.48 14.59
CA ILE D 419 9.60 12.66 13.99
C ILE D 419 10.72 13.61 13.60
N LEU D 420 10.74 13.98 12.33
CA LEU D 420 11.76 14.87 11.78
C LEU D 420 11.14 16.24 11.56
N VAL D 421 11.81 17.28 12.06
CA VAL D 421 11.37 18.66 11.89
C VAL D 421 12.57 19.50 11.48
N ASP D 422 12.29 20.73 11.03
CA ASP D 422 13.33 21.67 10.63
C ASP D 422 13.77 22.54 11.82
N GLU D 423 14.76 23.42 11.59
CA GLU D 423 15.39 24.14 12.69
C GLU D 423 14.54 25.28 13.22
N ASP D 424 13.37 25.55 12.63
CA ASP D 424 12.45 26.58 13.11
C ASP D 424 11.28 25.99 13.91
N VAL D 425 11.33 24.71 14.25
CA VAL D 425 10.30 24.06 15.07
C VAL D 425 10.93 23.74 16.43
N ASP D 426 10.28 24.15 17.50
CA ASP D 426 10.81 23.93 18.85
C ASP D 426 10.52 22.49 19.28
N ILE D 427 11.53 21.61 19.22
CA ILE D 427 11.29 20.19 19.45
C ILE D 427 10.96 19.82 20.89
N PHE D 428 11.19 20.72 21.86
CA PHE D 428 10.76 20.49 23.24
C PHE D 428 9.37 21.03 23.50
N ASP D 429 8.65 21.47 22.46
CA ASP D 429 7.32 22.05 22.58
C ASP D 429 6.36 21.17 21.78
N SER D 430 5.59 20.33 22.48
CA SER D 430 4.74 19.35 21.80
C SER D 430 3.67 20.01 20.95
N ASP D 431 3.22 21.21 21.31
CA ASP D 431 2.33 21.94 20.40
C ASP D 431 3.01 22.19 19.05
N ASP D 432 4.31 22.50 19.07
CA ASP D 432 5.03 22.85 17.84
C ASP D 432 5.35 21.60 17.04
N ILE D 433 5.56 20.47 17.71
CA ILE D 433 5.71 19.21 16.98
C ILE D 433 4.43 18.90 16.23
N LEU D 434 3.29 18.99 16.91
CA LEU D 434 2.03 18.68 16.24
C LEU D 434 1.76 19.66 15.10
N TRP D 435 2.21 20.91 15.25
CA TRP D 435 2.08 21.91 14.17
C TRP D 435 2.83 21.46 12.93
N ALA D 436 4.08 21.04 13.11
CA ALA D 436 4.81 20.49 11.98
C ALA D 436 4.08 19.26 11.43
N MET D 437 3.49 18.45 12.31
CA MET D 437 2.74 17.30 11.85
C MET D 437 1.49 17.68 11.08
N THR D 438 1.07 18.93 11.13
CA THR D 438 -0.18 19.38 10.54
C THR D 438 0.01 20.16 9.23
N THR D 439 1.00 21.06 9.17
CA THR D 439 1.20 21.90 7.99
C THR D 439 2.40 21.49 7.14
N ARG D 440 3.21 20.53 7.59
CA ARG D 440 4.43 20.16 6.88
C ARG D 440 4.52 18.66 6.74
N MET D 441 3.42 18.06 6.29
CA MET D 441 3.26 16.62 6.29
C MET D 441 2.04 16.29 5.44
N GLN D 442 2.15 15.29 4.57
CA GLN D 442 1.00 14.72 3.83
C GLN D 442 1.02 13.22 4.10
N GLY D 443 -0.09 12.69 4.61
CA GLY D 443 -0.08 11.34 5.16
C GLY D 443 0.41 10.29 4.18
N ASP D 444 0.02 10.38 2.90
CA ASP D 444 0.42 9.35 1.93
C ASP D 444 1.78 9.62 1.29
N VAL D 445 2.54 10.59 1.80
CA VAL D 445 3.87 10.92 1.31
C VAL D 445 4.92 10.87 2.44
N SER D 446 4.60 11.48 3.57
CA SER D 446 5.60 11.78 4.61
C SER D 446 5.75 10.68 5.68
N ILE D 447 4.99 9.59 5.60
CA ILE D 447 4.95 8.59 6.66
C ILE D 447 5.51 7.28 6.11
N THR D 448 6.61 6.79 6.68
CA THR D 448 7.21 5.52 6.26
C THR D 448 7.11 4.51 7.40
N THR D 449 6.50 3.36 7.14
CA THR D 449 6.41 2.29 8.13
C THR D 449 7.48 1.22 7.87
N ILE D 450 8.16 0.80 8.93
CA ILE D 450 9.14 -0.27 8.86
C ILE D 450 8.71 -1.39 9.81
N PRO D 451 8.12 -2.47 9.29
CA PRO D 451 7.47 -3.45 10.15
C PRO D 451 8.40 -4.58 10.59
N GLY D 452 8.05 -5.19 11.72
CA GLY D 452 8.76 -6.38 12.17
C GLY D 452 10.15 -6.13 12.76
N ILE D 453 10.38 -4.96 13.36
CA ILE D 453 11.67 -4.61 13.95
C ILE D 453 11.55 -4.75 15.45
N ARG D 454 12.48 -5.48 16.06
CA ARG D 454 12.47 -5.59 17.50
C ARG D 454 12.55 -4.21 18.15
N GLY D 455 11.65 -3.95 19.11
CA GLY D 455 11.57 -2.68 19.79
C GLY D 455 11.76 -2.84 21.30
N HIS D 456 10.66 -2.94 22.04
CA HIS D 456 10.71 -3.07 23.48
C HIS D 456 9.49 -3.80 23.99
N GLN D 457 9.69 -4.73 24.93
CA GLN D 457 8.56 -5.50 25.43
C GLN D 457 7.58 -4.68 26.29
N LEU D 458 8.00 -3.56 26.88
CA LEU D 458 7.12 -2.83 27.76
C LEU D 458 6.23 -1.81 27.03
N ASP D 459 6.32 -1.73 25.69
CA ASP D 459 5.30 -1.08 24.88
C ASP D 459 4.18 -2.07 24.67
N PRO D 460 3.05 -1.91 25.36
CA PRO D 460 2.02 -2.97 25.33
C PRO D 460 1.40 -3.15 23.95
N SER D 461 1.60 -2.22 23.03
CA SER D 461 1.09 -2.40 21.67
C SER D 461 2.02 -3.25 20.81
N GLN D 462 3.18 -3.66 21.32
CA GLN D 462 4.10 -4.51 20.56
C GLN D 462 3.79 -5.99 20.85
N THR D 463 2.66 -6.44 20.32
CA THR D 463 2.24 -7.82 20.47
C THR D 463 1.66 -8.33 19.17
N PRO D 464 1.67 -9.65 18.96
CA PRO D 464 0.98 -10.20 17.78
C PRO D 464 -0.48 -9.81 17.74
N GLU D 465 -1.11 -9.55 18.90
CA GLU D 465 -2.53 -9.23 18.95
C GLU D 465 -2.84 -7.84 18.42
N TYR D 466 -1.85 -6.94 18.38
CA TYR D 466 -2.12 -5.59 17.91
C TYR D 466 -1.97 -5.47 16.41
N SER D 467 -1.24 -6.37 15.79
CA SER D 467 -0.81 -6.16 14.42
C SER D 467 -0.48 -7.47 13.74
N PRO D 468 -1.05 -7.71 12.55
CA PRO D 468 -0.73 -8.94 11.82
C PRO D 468 0.74 -9.05 11.41
N SER D 469 1.51 -7.97 11.47
CA SER D 469 2.90 -8.02 11.05
C SER D 469 3.86 -8.24 12.21
N ILE D 470 3.34 -8.34 13.44
CA ILE D 470 4.17 -8.50 14.62
C ILE D 470 4.18 -9.97 15.00
N ARG D 471 5.36 -10.59 14.97
CA ARG D 471 5.49 -12.03 15.17
C ARG D 471 5.72 -12.43 16.62
N GLY D 472 5.98 -11.48 17.52
CA GLY D 472 6.24 -11.81 18.92
C GLY D 472 6.22 -10.55 19.76
N ASN D 473 6.06 -10.74 21.06
CA ASN D 473 6.02 -9.58 21.96
C ASN D 473 7.33 -8.82 21.86
N GLY D 474 7.24 -7.50 21.90
CA GLY D 474 8.41 -6.64 21.84
C GLY D 474 8.93 -6.40 20.46
N ILE D 475 8.21 -6.85 19.41
CA ILE D 475 8.49 -6.48 18.04
C ILE D 475 7.45 -5.44 17.60
N SER D 476 7.84 -4.57 16.69
CA SER D 476 7.03 -3.39 16.41
C SER D 476 7.08 -3.03 14.93
N CYS D 477 6.07 -2.30 14.50
CA CYS D 477 6.26 -1.44 13.33
C CYS D 477 6.86 -0.12 13.80
N LYS D 478 7.92 0.32 13.14
CA LYS D 478 8.56 1.58 13.47
C LYS D 478 8.27 2.59 12.35
N THR D 479 7.74 3.76 12.74
CA THR D 479 7.26 4.73 11.78
C THR D 479 8.10 6.00 11.81
N ILE D 480 8.52 6.45 10.63
CA ILE D 480 9.20 7.74 10.45
C ILE D 480 8.19 8.74 9.90
N PHE D 481 7.93 9.81 10.67
CA PHE D 481 7.10 10.93 10.24
C PHE D 481 8.02 12.05 9.78
N ASP D 482 8.21 12.19 8.48
CA ASP D 482 9.00 13.28 7.92
C ASP D 482 8.17 14.55 7.91
N CYS D 483 8.43 15.44 8.87
CA CYS D 483 7.76 16.74 8.93
C CYS D 483 8.68 17.88 8.55
N THR D 484 9.70 17.61 7.73
CA THR D 484 10.55 18.67 7.21
C THR D 484 10.00 19.17 5.88
N VAL D 485 10.29 20.43 5.58
CA VAL D 485 9.85 21.05 4.33
C VAL D 485 10.70 20.49 3.19
N PRO D 486 10.11 19.90 2.15
CA PRO D 486 10.91 19.51 0.99
C PRO D 486 11.79 20.67 0.52
N TRP D 487 13.04 20.37 0.16
CA TRP D 487 14.01 21.40 -0.20
C TRP D 487 13.46 22.37 -1.23
N ALA D 488 12.88 21.84 -2.33
CA ALA D 488 12.44 22.68 -3.45
C ALA D 488 11.35 23.66 -3.05
N LEU D 489 10.63 23.38 -1.98
CA LEU D 489 9.48 24.17 -1.57
C LEU D 489 9.75 25.13 -0.42
N LYS D 490 11.00 25.25 0.05
CA LYS D 490 11.27 25.94 1.31
C LYS D 490 10.78 27.39 1.31
N SER D 491 10.78 28.07 0.15
CA SER D 491 10.39 29.47 0.16
C SER D 491 8.91 29.66 0.48
N HIS D 492 8.09 28.62 0.38
CA HIS D 492 6.67 28.70 0.71
C HIS D 492 6.37 28.40 2.16
N PHE D 493 7.37 28.07 2.97
CA PHE D 493 7.11 27.52 4.30
C PHE D 493 7.78 28.34 5.40
N GLU D 494 8.05 29.61 5.12
CA GLU D 494 8.68 30.50 6.08
C GLU D 494 7.65 30.91 7.13
N ARG D 495 7.97 30.70 8.41
CA ARG D 495 7.05 31.10 9.46
C ARG D 495 6.95 32.63 9.49
N ALA D 496 5.72 33.14 9.68
CA ALA D 496 5.51 34.57 9.56
C ALA D 496 6.58 35.31 10.39
N PRO D 497 7.40 36.16 9.76
CA PRO D 497 8.57 36.80 10.42
C PRO D 497 8.22 38.03 11.23
N PHE D 498 7.69 37.81 12.43
CA PHE D 498 7.50 38.93 13.35
C PHE D 498 8.86 39.53 13.66
N ALA D 499 8.90 40.85 13.80
CA ALA D 499 10.17 41.54 13.94
C ALA D 499 10.81 41.20 15.29
N ASP D 500 12.13 41.18 15.29
CA ASP D 500 12.82 41.00 16.56
C ASP D 500 12.71 42.29 17.36
N VAL D 501 12.22 42.18 18.59
CA VAL D 501 12.09 43.31 19.50
C VAL D 501 12.38 42.82 20.91
N ASP D 502 13.02 43.68 21.70
CA ASP D 502 13.22 43.37 23.11
C ASP D 502 11.93 43.67 23.86
N PRO D 503 11.16 42.66 24.26
CA PRO D 503 9.87 42.94 24.91
C PRO D 503 9.99 43.47 26.34
N ARG D 504 11.10 43.25 27.02
CA ARG D 504 11.25 43.62 28.43
C ARG D 504 10.79 45.04 28.76
N PRO D 505 11.27 46.09 28.07
CA PRO D 505 10.90 47.46 28.50
C PRO D 505 9.41 47.74 28.50
N PHE D 506 8.62 47.01 27.69
CA PHE D 506 7.18 47.23 27.65
C PHE D 506 6.48 46.66 28.88
N ALA D 507 7.02 45.59 29.46
CA ALA D 507 6.40 44.94 30.62
C ALA D 507 7.48 44.41 31.56
N PRO D 508 8.23 45.30 32.22
CA PRO D 508 9.33 44.82 33.09
C PRO D 508 8.88 43.90 34.21
N GLU D 509 7.89 44.31 35.02
CA GLU D 509 7.48 43.48 36.15
C GLU D 509 6.84 42.17 35.71
N TYR D 510 6.29 42.10 34.49
CA TYR D 510 5.72 40.84 34.01
C TYR D 510 6.83 39.87 33.63
N PHE D 511 7.80 40.32 32.83
CA PHE D 511 8.95 39.47 32.53
C PHE D 511 9.78 39.19 33.77
N ALA D 512 9.57 39.97 34.85
CA ALA D 512 10.28 39.77 36.11
C ALA D 512 9.78 38.55 36.90
N ARG D 513 8.96 37.73 36.27
CA ARG D 513 8.54 36.50 36.89
C ARG D 513 9.26 35.39 36.12
N LEU D 514 10.58 35.44 36.16
CA LEU D 514 11.42 34.44 35.50
C LEU D 514 12.29 33.78 36.54
N PRO E 24 -22.71 42.26 34.78
CA PRO E 24 -23.20 41.84 33.45
C PRO E 24 -22.48 42.55 32.31
N ILE E 25 -21.59 41.83 31.61
CA ILE E 25 -20.74 42.43 30.60
C ILE E 25 -21.57 42.77 29.36
N GLN E 26 -21.55 44.04 28.95
CA GLN E 26 -22.26 44.46 27.75
C GLN E 26 -21.36 45.09 26.67
N ASP E 27 -20.09 45.35 26.94
CA ASP E 27 -19.21 45.90 25.90
C ASP E 27 -17.77 45.51 26.24
N LEU E 28 -16.82 46.01 25.43
CA LEU E 28 -15.43 45.62 25.59
C LEU E 28 -14.86 46.07 26.93
N ARG E 29 -15.25 47.26 27.41
CA ARG E 29 -14.67 47.75 28.65
C ARG E 29 -15.17 46.97 29.87
N ASP E 30 -16.44 46.54 29.86
CA ASP E 30 -16.91 45.63 30.92
C ASP E 30 -16.06 44.36 30.97
N ALA E 31 -15.58 43.90 29.81
CA ALA E 31 -14.74 42.70 29.77
C ALA E 31 -13.34 43.00 30.33
N ILE E 32 -12.74 44.12 29.93
CA ILE E 32 -11.45 44.49 30.47
C ILE E 32 -11.53 44.60 31.99
N ALA E 33 -12.66 45.10 32.50
CA ALA E 33 -12.83 45.21 33.95
C ALA E 33 -12.83 43.82 34.61
N LEU E 34 -13.55 42.86 34.02
CA LEU E 34 -13.53 41.52 34.58
C LEU E 34 -12.10 40.95 34.56
N LEU E 35 -11.38 41.12 33.46
CA LEU E 35 -10.02 40.58 33.38
C LEU E 35 -9.14 41.16 34.49
N GLN E 36 -9.33 42.43 34.82
CA GLN E 36 -8.47 43.06 35.81
C GLN E 36 -8.66 42.47 37.20
N GLN E 37 -9.67 41.64 37.41
CA GLN E 37 -9.89 41.00 38.71
C GLN E 37 -9.18 39.67 38.83
N HIS E 38 -8.53 39.21 37.77
CA HIS E 38 -7.78 37.97 37.77
C HIS E 38 -6.34 38.28 37.38
N ASP E 39 -5.41 37.51 37.93
CA ASP E 39 -4.01 37.79 37.71
C ASP E 39 -3.60 37.31 36.31
N ASN E 40 -2.75 38.11 35.66
CA ASN E 40 -2.13 37.72 34.40
C ASN E 40 -3.15 37.52 33.28
N GLN E 41 -4.29 38.22 33.36
CA GLN E 41 -5.27 38.23 32.29
C GLN E 41 -5.28 39.53 31.50
N TYR E 42 -4.87 40.64 32.11
CA TYR E 42 -4.86 41.93 31.46
C TYR E 42 -3.59 42.67 31.85
N LEU E 43 -2.95 43.28 30.86
CA LEU E 43 -1.69 44.00 31.04
C LEU E 43 -1.69 45.26 30.19
N GLU E 44 -1.24 46.37 30.80
CA GLU E 44 -1.11 47.64 30.12
C GLU E 44 0.35 48.06 30.06
N THR E 45 0.68 48.89 29.07
CA THR E 45 2.01 49.46 29.00
C THR E 45 1.92 50.88 28.45
N ASP E 46 2.74 51.77 29.01
CA ASP E 46 2.88 53.15 28.57
C ASP E 46 4.15 53.38 27.77
N HIS E 47 4.97 52.37 27.61
CA HIS E 47 6.20 52.52 26.83
C HIS E 47 5.84 52.71 25.36
N PRO E 48 6.38 53.72 24.69
CA PRO E 48 6.00 53.98 23.29
C PRO E 48 6.27 52.79 22.39
N VAL E 49 5.30 52.49 21.53
CA VAL E 49 5.39 51.39 20.57
C VAL E 49 4.96 51.88 19.20
N ASP E 50 5.62 51.35 18.15
CA ASP E 50 5.27 51.66 16.78
C ASP E 50 4.22 50.66 16.29
N PRO E 51 3.04 51.11 15.84
CA PRO E 51 2.04 50.13 15.36
C PRO E 51 2.55 49.29 14.20
N ASN E 52 3.45 49.86 13.39
CA ASN E 52 4.08 49.15 12.27
C ASN E 52 5.13 48.19 12.82
N ALA E 53 4.80 46.90 12.83
CA ALA E 53 5.74 45.81 13.10
C ALA E 53 6.10 45.66 14.57
N GLU E 54 6.34 46.78 15.29
CA GLU E 54 6.89 46.65 16.63
C GLU E 54 5.88 46.09 17.62
N LEU E 55 4.65 46.62 17.60
CA LEU E 55 3.64 46.18 18.56
C LEU E 55 3.39 44.69 18.45
N ALA E 56 3.24 44.19 17.23
CA ALA E 56 3.10 42.76 17.01
C ALA E 56 4.34 42.00 17.46
N GLY E 57 5.53 42.53 17.19
CA GLY E 57 6.76 41.90 17.66
C GLY E 57 6.82 41.78 19.18
N VAL E 58 6.24 42.75 19.89
CA VAL E 58 6.23 42.69 21.34
C VAL E 58 5.25 41.63 21.82
N TYR E 59 4.03 41.65 21.27
CA TYR E 59 3.03 40.71 21.76
C TYR E 59 3.36 39.27 21.38
N ARG E 60 4.06 39.06 20.26
CA ARG E 60 4.62 37.74 19.96
C ARG E 60 5.24 37.09 21.19
N HIS E 61 6.04 37.85 21.95
CA HIS E 61 6.67 37.31 23.15
C HIS E 61 5.69 37.17 24.31
N ILE E 62 4.76 38.11 24.45
CA ILE E 62 3.96 38.17 25.67
C ILE E 62 2.74 37.23 25.61
N GLY E 63 1.99 37.21 24.51
CA GLY E 63 0.83 36.32 24.52
C GLY E 63 0.23 35.86 23.20
N ALA E 64 0.93 36.04 22.08
CA ALA E 64 0.36 35.65 20.79
C ALA E 64 -0.01 34.17 20.75
N GLY E 65 0.93 33.29 21.10
CA GLY E 65 0.61 31.86 21.19
C GLY E 65 0.27 31.19 19.85
N GLY E 66 -0.35 30.02 19.96
CA GLY E 66 -0.79 29.30 18.77
C GLY E 66 0.36 28.92 17.87
N THR E 67 0.16 29.12 16.56
CA THR E 67 1.14 28.72 15.56
C THR E 67 2.25 29.77 15.31
N VAL E 68 2.28 30.86 16.08
CA VAL E 68 3.36 31.84 15.98
C VAL E 68 4.70 31.17 16.29
N LYS E 69 5.76 31.63 15.63
CA LYS E 69 7.06 30.99 15.83
C LYS E 69 7.62 31.27 17.21
N ARG E 70 8.28 30.26 17.76
CA ARG E 70 8.82 30.38 19.09
C ARG E 70 9.98 31.39 19.10
N PRO E 71 10.22 32.06 20.24
CA PRO E 71 9.44 31.77 21.45
C PRO E 71 8.11 32.53 21.50
N THR E 72 7.11 31.91 22.11
CA THR E 72 5.80 32.55 22.28
C THR E 72 5.06 31.79 23.39
N ARG E 73 3.93 32.36 23.82
CA ARG E 73 3.23 31.78 24.95
C ARG E 73 1.84 32.39 25.08
N ILE E 74 1.01 31.70 25.86
CA ILE E 74 -0.24 32.26 26.36
C ILE E 74 0.10 33.29 27.43
N GLY E 75 -0.52 34.46 27.35
CA GLY E 75 -0.34 35.48 28.37
C GLY E 75 -1.57 36.35 28.51
N PRO E 76 -1.39 37.53 29.07
CA PRO E 76 -2.53 38.45 29.24
C PRO E 76 -2.93 39.08 27.92
N ALA E 77 -4.19 39.48 27.85
CA ALA E 77 -4.53 40.50 26.87
C ALA E 77 -3.69 41.74 27.19
N MET E 78 -3.33 42.51 26.18
CA MET E 78 -2.39 43.60 26.42
C MET E 78 -2.87 44.88 25.75
N MET E 79 -2.79 45.98 26.50
CA MET E 79 -3.21 47.31 26.04
C MET E 79 -1.97 48.18 25.88
N PHE E 80 -1.75 48.71 24.67
CA PHE E 80 -0.67 49.66 24.41
C PHE E 80 -1.28 51.06 24.41
N ASN E 81 -0.94 51.85 25.44
CA ASN E 81 -1.48 53.19 25.64
C ASN E 81 -0.74 54.26 24.85
N ASN E 82 0.47 53.98 24.40
CA ASN E 82 1.38 54.99 23.86
C ASN E 82 1.80 54.55 22.47
N ILE E 83 1.07 55.01 21.45
CA ILE E 83 1.26 54.57 20.07
C ILE E 83 1.91 55.71 19.30
N LYS E 84 3.11 55.48 18.77
CA LYS E 84 3.84 56.52 18.05
C LYS E 84 3.07 57.01 16.84
N GLY E 85 3.01 58.33 16.70
CA GLY E 85 2.27 58.97 15.63
C GLY E 85 0.78 59.07 15.86
N TYR E 86 0.26 58.47 16.93
CA TYR E 86 -1.16 58.45 17.23
C TYR E 86 -1.34 58.80 18.70
N PRO E 87 -1.15 60.08 19.06
CA PRO E 87 -1.10 60.46 20.49
C PRO E 87 -2.42 60.26 21.24
N HIS E 88 -3.53 60.07 20.54
CA HIS E 88 -4.80 59.92 21.21
C HIS E 88 -5.31 58.48 21.22
N SER E 89 -4.56 57.55 20.67
CA SER E 89 -5.00 56.19 20.42
C SER E 89 -4.43 55.22 21.47
N ARG E 90 -5.11 54.08 21.61
CA ARG E 90 -4.61 52.93 22.35
C ARG E 90 -5.11 51.65 21.68
N ILE E 91 -4.29 50.61 21.72
CA ILE E 91 -4.48 49.40 20.92
C ILE E 91 -4.55 48.19 21.86
N LEU E 92 -5.62 47.40 21.72
CA LEU E 92 -5.81 46.17 22.47
C LEU E 92 -5.59 44.97 21.55
N VAL E 93 -4.83 43.99 22.03
CA VAL E 93 -4.63 42.72 21.34
C VAL E 93 -4.72 41.60 22.36
N GLY E 94 -5.02 40.39 21.87
CA GLY E 94 -5.03 39.20 22.68
C GLY E 94 -6.25 38.95 23.54
N MET E 95 -7.32 39.73 23.35
CA MET E 95 -8.50 39.57 24.20
C MET E 95 -9.01 38.12 24.22
N HIS E 96 -9.04 37.47 23.04
CA HIS E 96 -9.49 36.08 22.94
C HIS E 96 -8.34 35.07 22.88
N ALA E 97 -7.08 35.48 23.13
CA ALA E 97 -5.93 34.64 22.82
C ALA E 97 -5.57 33.66 23.94
N SER E 98 -6.57 33.18 24.68
CA SER E 98 -6.41 32.11 25.64
C SER E 98 -7.76 31.43 25.85
N ARG E 99 -7.78 30.13 25.92
CA ARG E 99 -9.00 29.42 26.14
C ARG E 99 -9.50 29.69 27.54
N GLN E 100 -8.61 29.70 28.51
CA GLN E 100 -8.98 30.01 29.86
C GLN E 100 -9.55 31.40 29.96
N ARG E 101 -8.94 32.35 29.29
CA ARG E 101 -9.45 33.68 29.28
C ARG E 101 -10.84 33.77 28.68
N ALA E 102 -11.08 33.13 27.55
CA ALA E 102 -12.40 33.13 26.96
C ALA E 102 -13.42 32.51 27.90
N ALA E 103 -13.04 31.44 28.60
CA ALA E 103 -13.92 30.83 29.58
C ALA E 103 -14.29 31.81 30.68
N LEU E 104 -13.30 32.53 31.24
CA LEU E 104 -13.60 33.54 32.26
C LEU E 104 -14.57 34.59 31.73
N LEU E 105 -14.30 35.12 30.54
CA LEU E 105 -15.14 36.17 29.99
C LEU E 105 -16.57 35.72 29.72
N LEU E 106 -16.82 34.42 29.58
CA LEU E 106 -18.16 33.91 29.40
C LEU E 106 -18.68 33.13 30.60
N GLY E 107 -17.91 33.02 31.67
CA GLY E 107 -18.38 32.40 32.90
C GLY E 107 -18.60 30.89 32.89
N CYS E 108 -17.65 30.11 32.37
CA CYS E 108 -17.77 28.66 32.34
C CYS E 108 -16.38 28.02 32.44
N GLU E 109 -16.34 26.69 32.37
CA GLU E 109 -15.08 25.94 32.41
C GLU E 109 -14.49 25.82 31.02
N ALA E 110 -13.16 25.97 30.93
CA ALA E 110 -12.50 26.01 29.63
C ALA E 110 -12.69 24.70 28.84
N SER E 111 -12.89 23.58 29.53
CA SER E 111 -13.10 22.32 28.81
C SER E 111 -14.49 22.23 28.21
N GLN E 112 -15.45 22.98 28.77
CA GLN E 112 -16.85 22.98 28.34
C GLN E 112 -17.20 24.21 27.50
N LEU E 113 -16.21 25.06 27.22
CA LEU E 113 -16.46 26.29 26.47
C LEU E 113 -17.26 26.02 25.18
N ALA E 114 -16.88 24.99 24.41
CA ALA E 114 -17.59 24.74 23.15
C ALA E 114 -19.04 24.37 23.38
N LEU E 115 -19.32 23.60 24.45
CA LEU E 115 -20.69 23.18 24.76
C LEU E 115 -21.51 24.34 25.31
N GLU E 116 -20.90 25.17 26.17
CA GLU E 116 -21.60 26.32 26.72
C GLU E 116 -22.04 27.28 25.64
N VAL E 117 -21.16 27.58 24.68
CA VAL E 117 -21.58 28.45 23.59
C VAL E 117 -22.58 27.73 22.69
N GLY E 118 -22.41 26.41 22.51
CA GLY E 118 -23.36 25.65 21.71
C GLY E 118 -24.76 25.70 22.26
N LYS E 119 -24.89 25.90 23.58
CA LYS E 119 -26.22 26.08 24.17
C LYS E 119 -26.79 27.45 23.83
N ALA E 120 -25.96 28.49 23.85
CA ALA E 120 -26.41 29.82 23.42
C ALA E 120 -26.86 29.80 21.96
N VAL E 121 -26.16 29.03 21.12
CA VAL E 121 -26.54 28.92 19.73
C VAL E 121 -27.96 28.39 19.60
N LYS E 122 -28.39 27.53 20.53
CA LYS E 122 -29.68 26.87 20.43
C LYS E 122 -30.83 27.71 20.95
N LYS E 123 -30.57 28.70 21.80
CA LYS E 123 -31.62 29.55 22.35
C LYS E 123 -31.20 31.02 22.25
N PRO E 124 -31.07 31.54 21.03
CA PRO E 124 -30.53 32.89 20.86
C PRO E 124 -31.51 33.98 21.30
N VAL E 125 -30.94 35.10 21.72
CA VAL E 125 -31.68 36.30 22.10
C VAL E 125 -31.44 37.34 21.02
N ALA E 126 -32.53 37.82 20.43
CA ALA E 126 -32.42 38.68 19.26
C ALA E 126 -31.88 40.06 19.65
N PRO E 127 -31.08 40.68 18.78
CA PRO E 127 -30.68 42.08 19.02
C PRO E 127 -31.86 43.03 18.84
N VAL E 128 -31.71 44.23 19.38
CA VAL E 128 -32.71 45.28 19.30
C VAL E 128 -32.05 46.57 18.87
N VAL E 129 -32.86 47.48 18.31
CA VAL E 129 -32.38 48.77 17.84
C VAL E 129 -32.57 49.81 18.93
N VAL E 130 -31.55 50.62 19.13
CA VAL E 130 -31.62 51.73 20.09
C VAL E 130 -31.44 53.02 19.31
N PRO E 131 -31.77 54.16 19.90
CA PRO E 131 -31.49 55.46 19.28
C PRO E 131 -30.02 55.86 19.44
N ALA E 132 -29.63 56.87 18.67
CA ALA E 132 -28.24 57.35 18.71
C ALA E 132 -27.84 57.73 20.13
N SER E 133 -28.76 58.34 20.88
CA SER E 133 -28.47 58.75 22.25
C SER E 133 -28.02 57.58 23.13
N SER E 134 -28.27 56.35 22.70
CA SER E 134 -27.94 55.16 23.48
C SER E 134 -26.74 54.40 22.91
N ALA E 135 -26.03 55.00 21.95
CA ALA E 135 -24.93 54.33 21.25
C ALA E 135 -23.62 55.06 21.53
N PRO E 136 -22.80 54.56 22.46
CA PRO E 136 -21.50 55.21 22.71
C PRO E 136 -20.58 55.21 21.49
N CYS E 137 -20.74 54.26 20.57
CA CYS E 137 -19.94 54.22 19.36
C CYS E 137 -20.09 55.46 18.50
N GLN E 138 -21.09 56.31 18.78
CA GLN E 138 -21.27 57.53 18.01
C GLN E 138 -21.01 58.79 18.84
N GLU E 139 -20.25 58.65 19.94
CA GLU E 139 -19.86 59.82 20.71
C GLU E 139 -18.96 60.75 19.90
N GLN E 140 -18.26 60.22 18.90
CA GLN E 140 -17.43 61.02 17.99
C GLN E 140 -17.68 60.59 16.56
N ILE E 141 -17.93 61.56 15.67
CA ILE E 141 -18.22 61.28 14.27
C ILE E 141 -17.22 62.03 13.39
N PHE E 142 -16.49 61.29 12.56
CA PHE E 142 -15.50 61.84 11.63
C PHE E 142 -15.97 61.56 10.20
N LEU E 143 -16.71 62.51 9.61
CA LEU E 143 -17.18 62.34 8.25
C LEU E 143 -16.02 62.39 7.25
N ALA E 144 -16.00 61.46 6.29
CA ALA E 144 -15.01 61.51 5.22
C ALA E 144 -15.21 62.71 4.30
N ASP E 145 -16.42 63.29 4.30
CA ASP E 145 -16.65 64.63 3.77
C ASP E 145 -15.48 65.55 4.03
N ASP E 146 -15.07 65.63 5.28
CA ASP E 146 -14.13 66.64 5.75
C ASP E 146 -12.87 66.63 4.90
N PRO E 147 -12.42 67.78 4.40
CA PRO E 147 -11.17 67.78 3.63
C PRO E 147 -10.00 67.21 4.40
N ASP E 148 -9.99 67.38 5.72
CA ASP E 148 -8.90 66.93 6.56
C ASP E 148 -9.02 65.45 6.95
N PHE E 149 -10.08 64.77 6.53
CA PHE E 149 -10.22 63.36 6.89
C PHE E 149 -9.09 62.55 6.27
N ASP E 150 -8.56 61.62 7.04
CA ASP E 150 -7.54 60.70 6.53
C ASP E 150 -7.59 59.46 7.43
N LEU E 151 -8.23 58.41 6.93
CA LEU E 151 -8.28 57.15 7.66
C LEU E 151 -6.90 56.73 8.15
N ARG E 152 -5.85 57.08 7.40
CA ARG E 152 -4.52 56.58 7.73
C ARG E 152 -3.96 57.25 8.98
N THR E 153 -4.37 58.48 9.27
CA THR E 153 -3.92 59.18 10.46
C THR E 153 -4.94 59.16 11.59
N LEU E 154 -6.21 58.87 11.31
CA LEU E 154 -7.20 58.76 12.38
C LEU E 154 -7.00 57.49 13.20
N LEU E 155 -6.64 56.38 12.56
CA LEU E 155 -6.67 55.08 13.20
C LEU E 155 -5.30 54.41 13.10
N PRO E 156 -4.73 53.97 14.22
CA PRO E 156 -3.51 53.15 14.13
C PRO E 156 -3.84 51.72 13.75
N ALA E 157 -3.77 51.42 12.46
CA ALA E 157 -3.93 50.05 11.99
C ALA E 157 -2.57 49.34 12.01
N PRO E 158 -2.39 48.31 12.84
CA PRO E 158 -1.06 47.73 12.99
C PRO E 158 -0.65 46.88 11.81
N THR E 159 0.65 46.89 11.54
CA THR E 159 1.27 45.99 10.57
C THR E 159 1.92 44.84 11.34
N ASN E 160 1.49 43.60 11.04
CA ASN E 160 1.89 42.44 11.84
C ASN E 160 3.34 42.00 11.57
N THR E 161 3.80 42.03 10.33
CA THR E 161 5.18 41.73 9.98
C THR E 161 5.64 42.72 8.92
N PRO E 162 6.96 42.91 8.76
CA PRO E 162 7.44 43.83 7.72
C PRO E 162 7.10 43.43 6.28
N ILE E 163 6.77 42.17 5.99
CA ILE E 163 6.51 41.78 4.60
C ILE E 163 5.02 41.80 4.29
N ASP E 164 4.21 42.45 5.14
CA ASP E 164 2.77 42.49 4.93
C ASP E 164 2.39 43.43 3.78
N ALA E 165 1.16 43.27 3.30
CA ALA E 165 0.66 44.13 2.23
C ALA E 165 0.45 45.56 2.68
N GLY E 166 0.45 45.84 3.98
CA GLY E 166 0.16 47.15 4.50
C GLY E 166 -0.47 47.03 5.88
N PRO E 167 -0.94 48.14 6.43
CA PRO E 167 -1.63 48.07 7.74
C PRO E 167 -2.97 47.36 7.63
N PHE E 168 -3.31 46.60 8.66
CA PHE E 168 -4.54 45.83 8.71
C PHE E 168 -5.35 46.13 9.98
N PHE E 169 -6.66 46.11 9.84
CA PHE E 169 -7.57 45.83 10.94
C PHE E 169 -7.93 44.35 10.85
N CYS E 170 -7.84 43.63 11.96
CA CYS E 170 -8.02 42.18 11.92
C CYS E 170 -9.25 41.66 12.66
N LEU E 171 -9.95 42.50 13.43
CA LEU E 171 -11.20 42.09 14.05
C LEU E 171 -12.35 43.02 13.65
N GLY E 172 -12.57 43.19 12.34
CA GLY E 172 -13.70 43.97 11.88
C GLY E 172 -14.97 43.16 11.69
N LEU E 173 -15.96 43.36 12.57
CA LEU E 173 -17.25 42.68 12.47
C LEU E 173 -18.12 43.42 11.46
N ALA E 174 -18.31 42.84 10.29
CA ALA E 174 -19.01 43.50 9.20
C ALA E 174 -20.51 43.25 9.30
N LEU E 175 -21.30 44.32 9.25
CA LEU E 175 -22.75 44.22 9.09
C LEU E 175 -23.13 44.68 7.70
N ALA E 176 -24.04 43.92 7.06
CA ALA E 176 -24.47 44.22 5.71
C ALA E 176 -25.78 43.48 5.42
N SER E 177 -26.48 43.94 4.39
CA SER E 177 -27.77 43.40 3.99
C SER E 177 -27.84 43.24 2.48
N ASP E 178 -28.64 42.28 2.04
CA ASP E 178 -28.86 42.08 0.61
C ASP E 178 -29.45 43.33 -0.01
N PRO E 179 -29.00 43.74 -1.19
CA PRO E 179 -29.52 44.98 -1.78
C PRO E 179 -30.90 44.86 -2.37
N VAL E 180 -31.40 43.64 -2.58
CA VAL E 180 -32.72 43.42 -3.16
C VAL E 180 -33.75 43.04 -2.09
N ASP E 181 -33.32 42.28 -1.08
CA ASP E 181 -34.18 41.87 0.03
C ASP E 181 -33.51 42.39 1.30
N ALA E 182 -33.99 43.55 1.77
CA ALA E 182 -33.38 44.21 2.92
C ALA E 182 -33.54 43.40 4.21
N SER E 183 -34.46 42.44 4.25
CA SER E 183 -34.61 41.60 5.44
C SER E 183 -33.53 40.52 5.53
N LEU E 184 -32.70 40.36 4.51
CA LEU E 184 -31.62 39.40 4.51
C LEU E 184 -30.35 40.08 4.99
N THR E 185 -29.82 39.63 6.13
CA THR E 185 -28.70 40.28 6.81
C THR E 185 -27.53 39.32 6.97
N ASP E 186 -26.40 39.86 7.44
CA ASP E 186 -25.22 39.03 7.69
C ASP E 186 -24.29 39.74 8.68
N VAL E 187 -23.60 38.95 9.49
CA VAL E 187 -22.66 39.42 10.52
C VAL E 187 -21.45 38.48 10.48
N THR E 188 -20.28 39.01 10.08
CA THR E 188 -19.11 38.16 9.90
C THR E 188 -17.84 38.94 10.18
N ILE E 189 -16.83 38.25 10.74
CA ILE E 189 -15.56 38.91 11.07
C ILE E 189 -14.70 38.98 9.82
N HIS E 190 -14.08 40.14 9.59
CA HIS E 190 -13.16 40.29 8.46
C HIS E 190 -11.91 41.05 8.90
N ARG E 191 -10.89 40.97 8.05
CA ARG E 191 -9.69 41.80 8.11
C ARG E 191 -9.67 42.70 6.88
N LEU E 192 -9.19 43.93 7.07
CA LEU E 192 -9.16 44.90 5.98
C LEU E 192 -7.80 45.58 5.96
N CYS E 193 -7.23 45.75 4.77
CA CYS E 193 -5.99 46.49 4.61
C CYS E 193 -6.32 47.94 4.32
N VAL E 194 -5.59 48.86 4.93
CA VAL E 194 -5.79 50.29 4.69
C VAL E 194 -5.08 50.66 3.39
N GLN E 195 -5.85 51.18 2.42
CA GLN E 195 -5.35 51.39 1.07
C GLN E 195 -5.22 52.86 0.69
N GLY E 196 -5.69 53.78 1.52
CA GLY E 196 -5.71 55.17 1.13
C GLY E 196 -6.44 56.01 2.17
N ARG E 197 -6.63 57.28 1.82
CA ARG E 197 -7.17 58.23 2.79
C ARG E 197 -8.58 57.83 3.23
N ASP E 198 -9.34 57.19 2.34
CA ASP E 198 -10.69 56.75 2.67
C ASP E 198 -11.04 55.41 2.00
N GLU E 199 -10.05 54.53 1.86
CA GLU E 199 -10.28 53.25 1.19
C GLU E 199 -9.65 52.11 1.98
N LEU E 200 -10.38 51.00 2.05
CA LEU E 200 -9.87 49.72 2.51
C LEU E 200 -10.19 48.66 1.48
N SER E 201 -9.26 47.73 1.29
CA SER E 201 -9.54 46.50 0.56
C SER E 201 -10.08 45.45 1.54
N MET E 202 -10.94 44.56 1.05
CA MET E 202 -11.57 43.59 1.92
C MET E 202 -11.77 42.29 1.16
N PHE E 203 -11.17 41.21 1.65
CA PHE E 203 -11.41 39.90 1.06
C PHE E 203 -12.72 39.33 1.55
N LEU E 204 -13.54 38.83 0.62
CA LEU E 204 -14.81 38.23 0.92
C LEU E 204 -14.84 36.82 0.37
N ALA E 205 -15.09 35.85 1.25
CA ALA E 205 -15.10 34.45 0.83
C ALA E 205 -16.16 34.21 -0.24
N ALA E 206 -15.76 33.52 -1.31
CA ALA E 206 -16.73 33.13 -2.32
C ALA E 206 -17.85 32.31 -1.68
N GLY E 207 -19.09 32.66 -2.04
CA GLY E 207 -20.27 31.95 -1.59
C GLY E 207 -20.88 32.46 -0.29
N ARG E 208 -20.08 33.04 0.60
CA ARG E 208 -20.62 33.58 1.85
C ARG E 208 -21.62 34.69 1.54
N HIS E 209 -22.45 34.99 2.55
CA HIS E 209 -23.62 35.82 2.30
C HIS E 209 -23.24 37.23 1.87
N ILE E 210 -22.25 37.84 2.53
CA ILE E 210 -21.97 39.24 2.25
C ILE E 210 -21.34 39.41 0.86
N GLU E 211 -20.56 38.43 0.40
CA GLU E 211 -20.05 38.49 -0.97
C GLU E 211 -21.19 38.42 -1.99
N VAL E 212 -22.17 37.53 -1.74
CA VAL E 212 -23.33 37.43 -2.62
C VAL E 212 -24.09 38.76 -2.64
N PHE E 213 -24.24 39.40 -1.48
CA PHE E 213 -24.79 40.74 -1.41
C PHE E 213 -24.04 41.67 -2.36
N ARG E 214 -22.71 41.68 -2.24
CA ARG E 214 -21.87 42.60 -3.02
C ARG E 214 -21.98 42.30 -4.50
N GLN E 215 -21.97 41.02 -4.88
CA GLN E 215 -22.11 40.67 -6.30
C GLN E 215 -23.44 41.15 -6.85
N LYS E 216 -24.50 41.09 -6.04
CA LYS E 216 -25.80 41.57 -6.49
C LYS E 216 -25.76 43.08 -6.73
N ALA E 217 -25.22 43.84 -5.77
CA ALA E 217 -25.16 45.29 -5.95
C ALA E 217 -24.31 45.67 -7.16
N GLU E 218 -23.17 44.99 -7.35
CA GLU E 218 -22.27 45.35 -8.44
C GLU E 218 -22.90 45.07 -9.80
N ALA E 219 -23.66 43.97 -9.91
CA ALA E 219 -24.34 43.65 -11.16
C ALA E 219 -25.35 44.71 -11.54
N ALA E 220 -25.89 45.43 -10.56
CA ALA E 220 -26.76 46.57 -10.81
C ALA E 220 -26.00 47.89 -10.86
N GLY E 221 -24.66 47.86 -10.77
CA GLY E 221 -23.87 49.07 -10.80
C GLY E 221 -23.90 49.89 -9.54
N LYS E 222 -24.35 49.32 -8.41
CA LYS E 222 -24.51 50.09 -7.21
C LYS E 222 -23.52 49.65 -6.13
N PRO E 223 -23.16 50.57 -5.25
CA PRO E 223 -22.35 50.18 -4.08
C PRO E 223 -23.19 49.43 -3.07
N LEU E 224 -22.50 48.73 -2.15
CA LEU E 224 -23.16 48.02 -1.06
C LEU E 224 -22.81 48.69 0.26
N PRO E 225 -23.78 49.25 1.00
CA PRO E 225 -23.45 49.84 2.30
C PRO E 225 -23.07 48.77 3.31
N ILE E 226 -22.14 49.13 4.20
CA ILE E 226 -21.55 48.19 5.14
C ILE E 226 -21.01 49.01 6.32
N THR E 227 -21.07 48.43 7.53
CA THR E 227 -20.36 48.96 8.69
C THR E 227 -19.36 47.95 9.20
N ILE E 228 -18.19 48.42 9.58
CA ILE E 228 -17.14 47.60 10.19
C ILE E 228 -17.06 48.02 11.65
N ASN E 229 -17.33 47.08 12.56
CA ASN E 229 -17.48 47.36 13.98
C ASN E 229 -16.34 46.71 14.74
N MET E 230 -15.53 47.53 15.42
CA MET E 230 -14.33 47.02 16.09
C MET E 230 -14.31 47.44 17.55
N GLY E 231 -13.86 46.52 18.42
CA GLY E 231 -13.82 46.76 19.85
C GLY E 231 -15.12 46.38 20.50
N LEU E 232 -15.30 45.09 20.80
CA LEU E 232 -16.60 44.52 21.11
C LEU E 232 -16.51 43.61 22.32
N ASP E 233 -17.66 43.43 22.97
CA ASP E 233 -17.82 42.34 23.93
C ASP E 233 -17.31 41.05 23.31
N PRO E 234 -16.37 40.35 23.97
CA PRO E 234 -15.87 39.09 23.40
C PRO E 234 -16.97 38.05 23.16
N ALA E 235 -18.12 38.17 23.82
CA ALA E 235 -19.23 37.28 23.50
C ALA E 235 -19.72 37.49 22.07
N ILE E 236 -19.69 38.74 21.59
CA ILE E 236 -20.12 39.03 20.23
C ILE E 236 -19.15 38.39 19.23
N TYR E 237 -17.85 38.64 19.41
CA TYR E 237 -16.84 38.10 18.50
C TYR E 237 -16.91 36.58 18.48
N ILE E 238 -16.93 35.97 19.66
CA ILE E 238 -17.01 34.51 19.77
C ILE E 238 -18.33 33.99 19.17
N GLY E 239 -19.45 34.60 19.55
CA GLY E 239 -20.74 34.14 19.04
C GLY E 239 -20.87 34.21 17.53
N ALA E 240 -20.27 35.25 16.92
CA ALA E 240 -20.39 35.50 15.48
C ALA E 240 -19.58 34.55 14.62
N CYS E 241 -18.76 33.69 15.21
CA CYS E 241 -18.06 32.69 14.42
C CYS E 241 -18.87 31.41 14.23
N PHE E 242 -20.01 31.28 14.91
CA PHE E 242 -20.89 30.12 14.73
C PHE E 242 -21.88 30.39 13.60
N GLU E 243 -22.27 29.32 12.90
CA GLU E 243 -23.35 29.42 11.93
C GLU E 243 -24.65 29.74 12.64
N ALA E 244 -25.46 30.60 12.02
CA ALA E 244 -26.71 30.98 12.66
C ALA E 244 -27.88 30.82 11.69
N PRO E 245 -29.08 30.63 12.23
CA PRO E 245 -30.27 30.68 11.38
C PRO E 245 -30.46 32.08 10.84
N THR E 246 -31.34 32.19 9.85
CA THR E 246 -31.68 33.47 9.24
C THR E 246 -33.15 33.77 9.46
N THR E 247 -33.44 34.87 10.15
CA THR E 247 -34.78 35.40 10.28
C THR E 247 -34.80 36.80 9.69
N PRO E 248 -35.98 37.34 9.40
CA PRO E 248 -36.06 38.69 8.81
C PRO E 248 -35.38 39.72 9.70
N PHE E 249 -34.50 40.53 9.08
CA PHE E 249 -33.80 41.62 9.77
C PHE E 249 -33.11 41.12 11.03
N GLY E 250 -32.69 39.84 11.01
CA GLY E 250 -32.34 39.16 12.24
C GLY E 250 -30.95 39.45 12.79
N TYR E 251 -29.98 39.74 11.94
CA TYR E 251 -28.59 39.85 12.38
C TYR E 251 -28.27 38.74 13.37
N ASN E 252 -28.60 37.51 12.97
CA ASN E 252 -28.84 36.43 13.92
C ASN E 252 -27.57 35.98 14.62
N GLU E 253 -26.41 36.13 13.99
CA GLU E 253 -25.16 35.83 14.71
C GLU E 253 -25.14 36.53 16.07
N LEU E 254 -25.62 37.77 16.12
CA LEU E 254 -25.67 38.51 17.38
C LEU E 254 -26.53 37.84 18.43
N GLY E 255 -27.39 36.88 18.04
CA GLY E 255 -28.23 36.22 19.01
C GLY E 255 -27.46 35.35 19.99
N VAL E 256 -26.28 34.84 19.57
CA VAL E 256 -25.48 34.03 20.48
C VAL E 256 -25.02 34.87 21.67
N ALA E 257 -24.40 36.02 21.39
CA ALA E 257 -23.99 36.92 22.48
C ALA E 257 -25.19 37.36 23.30
N GLY E 258 -26.33 37.61 22.65
CA GLY E 258 -27.56 37.89 23.40
C GLY E 258 -27.91 36.78 24.36
N ALA E 259 -27.76 35.53 23.94
CA ALA E 259 -28.01 34.41 24.84
C ALA E 259 -26.94 34.31 25.92
N LEU E 260 -25.67 34.53 25.55
CA LEU E 260 -24.59 34.38 26.51
C LEU E 260 -24.66 35.40 27.63
N ARG E 261 -25.14 36.62 27.33
CA ARG E 261 -25.33 37.64 28.37
C ARG E 261 -26.77 37.74 28.87
N GLN E 262 -27.72 37.07 28.23
CA GLN E 262 -29.14 37.23 28.56
C GLN E 262 -29.56 38.70 28.48
N ARG E 263 -28.97 39.41 27.52
CA ARG E 263 -29.32 40.80 27.20
C ARG E 263 -29.11 41.03 25.71
N PRO E 264 -30.13 41.53 25.00
CA PRO E 264 -30.00 41.74 23.53
C PRO E 264 -28.83 42.65 23.17
N VAL E 265 -28.06 42.23 22.17
CA VAL E 265 -27.08 43.14 21.59
C VAL E 265 -27.82 44.31 20.95
N GLU E 266 -27.29 45.52 21.14
CA GLU E 266 -27.95 46.74 20.72
C GLU E 266 -27.38 47.25 19.41
N LEU E 267 -28.25 47.56 18.46
CA LEU E 267 -27.87 48.11 17.17
C LEU E 267 -28.29 49.57 17.09
N VAL E 268 -27.53 50.36 16.31
CA VAL E 268 -27.89 51.74 16.01
C VAL E 268 -27.78 51.96 14.51
N GLN E 269 -28.58 52.88 14.00
CA GLN E 269 -28.51 53.23 12.60
C GLN E 269 -27.19 53.96 12.32
N GLY E 270 -26.53 53.59 11.23
CA GLY E 270 -25.37 54.35 10.80
C GLY E 270 -25.71 55.80 10.54
N VAL E 271 -24.73 56.68 10.77
CA VAL E 271 -24.95 58.10 10.51
C VAL E 271 -24.84 58.40 9.01
N SER E 272 -23.92 57.74 8.30
CA SER E 272 -23.67 58.08 6.90
C SER E 272 -24.14 57.03 5.90
N VAL E 273 -24.43 55.80 6.33
CA VAL E 273 -24.89 54.77 5.40
C VAL E 273 -26.17 54.12 5.92
N PRO E 274 -27.06 53.68 5.02
CA PRO E 274 -28.29 53.00 5.47
C PRO E 274 -28.03 51.54 5.85
N GLU E 275 -27.34 51.36 6.97
CA GLU E 275 -27.03 50.05 7.51
C GLU E 275 -26.81 50.21 9.02
N LYS E 276 -27.07 49.15 9.77
CA LYS E 276 -26.92 49.20 11.23
C LYS E 276 -25.46 49.02 11.66
N ALA E 277 -25.16 49.48 12.88
CA ALA E 277 -23.87 49.28 13.52
C ALA E 277 -24.06 48.85 14.98
N ILE E 278 -22.99 48.34 15.58
CA ILE E 278 -23.03 47.86 16.96
C ILE E 278 -22.99 49.07 17.89
N ALA E 279 -24.04 49.23 18.72
CA ALA E 279 -24.24 50.48 19.45
C ALA E 279 -23.07 50.77 20.40
N ARG E 280 -22.57 49.75 21.08
CA ARG E 280 -21.55 49.95 22.11
C ARG E 280 -20.14 49.64 21.61
N ALA E 281 -19.96 49.45 20.31
CA ALA E 281 -18.64 49.21 19.76
C ALA E 281 -17.73 50.41 20.02
N GLU E 282 -16.42 50.14 20.04
CA GLU E 282 -15.44 51.22 20.24
C GLU E 282 -15.29 52.08 18.99
N ILE E 283 -15.21 51.45 17.81
CA ILE E 283 -14.95 52.14 16.56
C ILE E 283 -15.84 51.53 15.48
N VAL E 284 -16.47 52.38 14.68
CA VAL E 284 -17.28 51.93 13.55
C VAL E 284 -16.80 52.63 12.29
N ILE E 285 -16.42 51.85 11.29
CA ILE E 285 -16.09 52.36 9.97
C ILE E 285 -17.31 52.11 9.08
N GLU E 286 -17.96 53.18 8.64
CA GLU E 286 -19.12 53.11 7.75
C GLU E 286 -18.68 53.43 6.32
N GLY E 287 -19.06 52.58 5.38
CA GLY E 287 -18.73 52.82 4.00
C GLY E 287 -19.52 51.98 3.04
N GLU E 288 -19.00 51.87 1.82
CA GLU E 288 -19.66 51.12 0.76
C GLU E 288 -18.63 50.35 -0.04
N LEU E 289 -18.96 49.09 -0.36
CA LEU E 289 -18.21 48.36 -1.36
C LEU E 289 -18.52 48.93 -2.74
N LEU E 290 -17.47 49.34 -3.45
CA LEU E 290 -17.63 50.07 -4.71
C LEU E 290 -17.94 49.09 -5.84
N PRO E 291 -18.87 49.45 -6.74
CA PRO E 291 -19.11 48.63 -7.93
C PRO E 291 -17.99 48.80 -8.95
N GLY E 292 -17.49 47.68 -9.47
CA GLY E 292 -16.61 47.71 -10.63
C GLY E 292 -15.21 48.22 -10.38
N VAL E 293 -14.72 48.07 -9.16
CA VAL E 293 -13.43 48.59 -8.74
C VAL E 293 -12.68 47.48 -8.03
N ARG E 294 -11.37 47.40 -8.25
CA ARG E 294 -10.55 46.38 -7.61
C ARG E 294 -9.14 46.95 -7.44
N VAL E 295 -8.42 46.39 -6.45
CA VAL E 295 -7.04 46.80 -6.17
C VAL E 295 -6.19 45.57 -5.87
N ARG E 296 -4.89 45.70 -6.17
CA ARG E 296 -3.90 44.78 -5.63
C ARG E 296 -3.72 45.00 -4.14
N GLU E 297 -3.87 43.93 -3.35
CA GLU E 297 -3.77 44.03 -1.91
C GLU E 297 -2.47 44.71 -1.46
N ASP E 298 -1.34 44.33 -2.07
CA ASP E 298 -0.04 44.88 -1.71
C ASP E 298 0.41 46.00 -2.64
N GLN E 299 -0.54 46.80 -3.15
CA GLN E 299 -0.21 47.81 -4.14
C GLN E 299 0.79 48.84 -3.60
N HIS E 300 0.84 49.03 -2.29
CA HIS E 300 1.68 50.06 -1.71
C HIS E 300 3.02 49.54 -1.22
N THR E 301 3.21 48.22 -1.14
CA THR E 301 4.49 47.66 -0.74
C THR E 301 5.10 46.71 -1.75
N ASN E 302 4.30 46.10 -2.63
CA ASN E 302 4.79 45.05 -3.52
C ASN E 302 5.54 43.95 -2.76
N SER E 303 5.13 43.70 -1.50
CA SER E 303 5.77 42.66 -0.70
C SER E 303 5.44 41.27 -1.20
N GLY E 304 4.42 41.13 -2.03
CA GLY E 304 3.90 39.84 -2.44
C GLY E 304 3.07 39.11 -1.41
N HIS E 305 2.89 39.68 -0.21
CA HIS E 305 2.19 38.99 0.86
C HIS E 305 1.03 39.83 1.34
N ALA E 306 0.09 39.16 2.02
CA ALA E 306 -1.04 39.81 2.67
C ALA E 306 -0.67 40.09 4.12
N MET E 307 -0.83 39.07 4.98
CA MET E 307 -0.42 39.14 6.37
C MET E 307 -0.37 37.72 6.92
N PRO E 308 0.11 37.51 8.17
CA PRO E 308 0.15 36.14 8.72
C PRO E 308 -1.23 35.50 8.74
N GLU E 309 -1.25 34.21 8.40
CA GLU E 309 -2.44 33.37 8.33
C GLU E 309 -2.43 32.41 9.51
N PHE E 310 -3.61 31.85 9.83
CA PHE E 310 -3.71 30.98 11.00
C PHE E 310 -2.80 29.75 10.95
N PRO E 311 -2.47 29.16 9.80
CA PRO E 311 -1.50 28.06 9.80
C PRO E 311 -0.09 28.46 10.24
N GLY E 312 0.19 29.75 10.41
CA GLY E 312 1.52 30.18 10.84
C GLY E 312 2.42 30.74 9.77
N TYR E 313 1.91 30.95 8.55
CA TYR E 313 2.67 31.47 7.44
C TYR E 313 2.01 32.73 6.91
N CYS E 314 2.80 33.60 6.28
CA CYS E 314 2.24 34.78 5.63
C CYS E 314 1.58 34.36 4.32
N GLY E 315 0.32 34.73 4.14
CA GLY E 315 -0.38 34.42 2.92
C GLY E 315 0.10 35.29 1.77
N GLY E 316 -0.32 34.91 0.56
CA GLY E 316 -0.02 35.72 -0.60
C GLY E 316 -0.98 36.89 -0.73
N ALA E 317 -0.47 37.99 -1.27
CA ALA E 317 -1.31 39.15 -1.55
C ALA E 317 -2.39 38.78 -2.57
N ASN E 318 -3.61 39.22 -2.31
CA ASN E 318 -4.68 38.98 -3.27
C ASN E 318 -4.58 39.99 -4.40
N PRO E 319 -4.50 39.54 -5.66
CA PRO E 319 -4.26 40.48 -6.77
C PRO E 319 -5.44 41.35 -7.15
N SER E 320 -6.66 40.99 -6.76
CA SER E 320 -7.88 41.69 -7.17
C SER E 320 -8.88 41.67 -6.01
N LEU E 321 -8.97 42.78 -5.25
CA LEU E 321 -9.84 42.84 -4.10
C LEU E 321 -10.86 43.97 -4.20
N PRO E 322 -12.07 43.76 -3.70
CA PRO E 322 -13.04 44.87 -3.62
C PRO E 322 -12.63 45.89 -2.57
N VAL E 323 -13.24 47.08 -2.66
CA VAL E 323 -12.79 48.24 -1.90
C VAL E 323 -13.97 48.85 -1.16
N ILE E 324 -13.82 49.01 0.15
CA ILE E 324 -14.74 49.84 0.91
C ILE E 324 -14.29 51.29 0.79
N LYS E 325 -15.15 52.13 0.22
CA LYS E 325 -14.99 53.58 0.27
C LYS E 325 -15.60 54.08 1.57
N VAL E 326 -14.79 54.72 2.40
CA VAL E 326 -15.24 55.12 3.73
C VAL E 326 -16.04 56.41 3.63
N LYS E 327 -17.22 56.41 4.24
CA LYS E 327 -18.01 57.63 4.36
C LYS E 327 -17.95 58.25 5.75
N ALA E 328 -17.57 57.46 6.76
CA ALA E 328 -17.50 57.99 8.11
C ALA E 328 -16.80 56.99 9.00
N VAL E 329 -16.17 57.51 10.05
CA VAL E 329 -15.73 56.73 11.21
C VAL E 329 -16.34 57.36 12.45
N THR E 330 -17.07 56.56 13.21
CA THR E 330 -17.59 56.96 14.52
C THR E 330 -16.91 56.14 15.61
N MET E 331 -16.81 56.70 16.80
CA MET E 331 -16.13 55.98 17.87
C MET E 331 -16.55 56.55 19.21
N ARG E 332 -16.28 55.76 20.26
CA ARG E 332 -16.41 56.25 21.63
C ARG E 332 -15.31 57.24 21.94
N ASN E 333 -15.54 58.05 22.97
CA ASN E 333 -14.44 58.82 23.55
C ASN E 333 -13.37 57.85 24.04
N ASN E 334 -12.10 58.25 23.88
CA ASN E 334 -10.94 57.41 24.22
C ASN E 334 -11.11 56.00 23.66
N ALA E 335 -11.54 55.94 22.40
CA ALA E 335 -11.80 54.66 21.76
C ALA E 335 -10.58 53.76 21.82
N ILE E 336 -10.81 52.49 22.16
CA ILE E 336 -9.81 51.45 22.03
C ILE E 336 -9.89 50.87 20.61
N LEU E 337 -8.74 50.70 19.97
CA LEU E 337 -8.68 49.94 18.72
C LEU E 337 -8.31 48.51 19.06
N GLN E 338 -9.22 47.58 18.80
CA GLN E 338 -9.00 46.17 19.12
C GLN E 338 -8.63 45.43 17.86
N THR E 339 -7.54 44.68 17.91
CA THR E 339 -7.11 43.81 16.82
C THR E 339 -6.45 42.58 17.45
N LEU E 340 -5.68 41.85 16.66
CA LEU E 340 -5.05 40.62 17.12
C LEU E 340 -3.67 40.51 16.51
N VAL E 341 -2.89 39.56 17.01
CA VAL E 341 -1.54 39.34 16.54
C VAL E 341 -1.32 37.85 16.43
N GLY E 342 -0.75 37.41 15.31
CA GLY E 342 -0.41 36.01 15.16
C GLY E 342 -0.80 35.43 13.82
N PRO E 343 -2.11 35.17 13.61
CA PRO E 343 -3.21 35.43 14.56
C PRO E 343 -3.19 34.49 15.78
N GLY E 344 -2.41 33.40 15.73
CA GLY E 344 -2.02 32.69 16.94
C GLY E 344 -3.19 32.10 17.70
N GLU E 345 -3.11 32.16 19.04
CA GLU E 345 -4.14 31.55 19.87
C GLU E 345 -5.46 32.30 19.76
N GLU E 346 -5.43 33.60 19.46
CA GLU E 346 -6.67 34.33 19.29
C GLU E 346 -7.52 33.73 18.17
N HIS E 347 -6.87 33.30 17.08
CA HIS E 347 -7.61 32.60 16.03
C HIS E 347 -8.05 31.22 16.51
N THR E 348 -7.18 30.51 17.24
CA THR E 348 -7.57 29.20 17.75
C THR E 348 -8.90 29.27 18.50
N THR E 349 -9.07 30.29 19.35
CA THR E 349 -10.32 30.45 20.10
C THR E 349 -11.51 30.76 19.19
N LEU E 350 -11.35 31.74 18.29
CA LEU E 350 -12.51 32.20 17.53
C LEU E 350 -12.95 31.14 16.53
N ALA E 351 -12.00 30.50 15.86
CA ALA E 351 -12.32 29.43 14.91
C ALA E 351 -12.53 28.09 15.58
N GLY E 352 -11.78 27.80 16.65
CA GLY E 352 -11.78 26.45 17.21
C GLY E 352 -13.04 26.09 17.96
N LEU E 353 -13.68 27.04 18.61
CA LEU E 353 -14.88 26.66 19.35
C LEU E 353 -15.99 26.23 18.38
N PRO E 354 -16.21 26.94 17.26
CA PRO E 354 -17.18 26.44 16.27
C PRO E 354 -16.81 25.08 15.69
N THR E 355 -15.53 24.87 15.39
CA THR E 355 -15.09 23.55 14.93
C THR E 355 -15.49 22.46 15.93
N GLU E 356 -15.22 22.70 17.21
CA GLU E 356 -15.53 21.72 18.25
C GLU E 356 -17.03 21.51 18.39
N ALA E 357 -17.80 22.61 18.42
CA ALA E 357 -19.25 22.50 18.56
C ALA E 357 -19.86 21.65 17.45
N SER E 358 -19.47 21.90 16.20
CA SER E 358 -20.08 21.13 15.13
C SER E 358 -19.66 19.66 15.20
N ILE E 359 -18.42 19.38 15.61
CA ILE E 359 -18.04 17.98 15.79
C ILE E 359 -18.84 17.36 16.94
N TRP E 360 -18.95 18.07 18.07
CA TRP E 360 -19.80 17.60 19.16
C TRP E 360 -21.20 17.24 18.65
N ASN E 361 -21.86 18.19 17.98
CA ASN E 361 -23.23 18.00 17.55
C ASN E 361 -23.38 16.79 16.64
N ALA E 362 -22.46 16.63 15.68
CA ALA E 362 -22.56 15.54 14.72
C ALA E 362 -22.34 14.19 15.40
N VAL E 363 -21.28 14.07 16.20
CA VAL E 363 -21.00 12.76 16.80
C VAL E 363 -22.07 12.42 17.82
N GLU E 364 -22.50 13.39 18.62
CA GLU E 364 -23.41 13.05 19.70
C GLU E 364 -24.79 12.70 19.17
N ALA E 365 -25.20 13.27 18.03
CA ALA E 365 -26.49 12.88 17.46
C ALA E 365 -26.39 11.51 16.79
N ALA E 366 -25.23 11.17 16.23
CA ALA E 366 -25.11 9.87 15.57
C ALA E 366 -24.73 8.75 16.54
N ILE E 367 -23.95 9.06 17.58
CA ILE E 367 -23.45 8.02 18.49
C ILE E 367 -23.55 8.55 19.93
N PRO E 368 -24.77 8.70 20.48
CA PRO E 368 -24.89 9.35 21.79
C PRO E 368 -24.05 8.68 22.85
N GLY E 369 -23.42 9.52 23.70
CA GLY E 369 -22.64 9.08 24.84
C GLY E 369 -21.23 8.60 24.53
N PHE E 370 -20.85 8.50 23.24
CA PHE E 370 -19.55 7.96 22.86
C PHE E 370 -18.44 8.99 23.06
N LEU E 371 -18.61 10.17 22.45
CA LEU E 371 -17.59 11.20 22.52
C LEU E 371 -17.54 11.80 23.91
N GLN E 372 -16.35 11.83 24.50
CA GLN E 372 -16.16 12.50 25.78
C GLN E 372 -15.79 13.97 25.62
N ASN E 373 -14.97 14.31 24.63
CA ASN E 373 -14.65 15.70 24.32
C ASN E 373 -13.92 15.75 22.98
N VAL E 374 -13.77 16.98 22.47
CA VAL E 374 -13.06 17.24 21.22
C VAL E 374 -12.34 18.58 21.35
N TYR E 375 -11.15 18.65 20.76
CA TYR E 375 -10.29 19.82 20.86
C TYR E 375 -9.83 20.20 19.45
N ALA E 376 -10.18 21.40 19.02
CA ALA E 376 -9.73 21.90 17.71
C ALA E 376 -8.34 22.47 17.95
N HIS E 377 -7.34 21.60 17.81
CA HIS E 377 -6.03 21.85 18.39
C HIS E 377 -5.45 23.19 17.91
N THR E 378 -4.84 23.92 18.84
CA THR E 378 -4.20 25.19 18.49
C THR E 378 -3.13 25.01 17.42
N ALA E 379 -2.49 23.83 17.37
CA ALA E 379 -1.48 23.59 16.34
C ALA E 379 -2.06 23.59 14.94
N GLY E 380 -3.39 23.46 14.79
CA GLY E 380 -4.01 23.65 13.49
C GLY E 380 -4.85 24.92 13.42
N GLY E 381 -4.53 25.91 14.28
CA GLY E 381 -5.28 27.16 14.29
C GLY E 381 -6.76 27.01 14.57
N GLY E 382 -7.17 25.89 15.15
CA GLY E 382 -8.57 25.67 15.45
C GLY E 382 -9.38 25.12 14.30
N LYS E 383 -8.74 24.76 13.18
CA LYS E 383 -9.40 24.25 11.97
C LYS E 383 -8.80 22.95 11.42
N PHE E 384 -7.47 22.82 11.40
CA PHE E 384 -6.85 21.72 10.65
C PHE E 384 -6.77 20.40 11.43
N LEU E 385 -6.76 20.42 12.76
CA LEU E 385 -6.41 19.24 13.53
C LEU E 385 -7.47 19.02 14.59
N GLY E 386 -8.16 17.88 14.53
CA GLY E 386 -9.16 17.53 15.51
C GLY E 386 -8.68 16.40 16.38
N ILE E 387 -8.77 16.59 17.70
CA ILE E 387 -8.48 15.55 18.68
C ILE E 387 -9.81 15.10 19.27
N LEU E 388 -10.16 13.83 19.08
CA LEU E 388 -11.43 13.31 19.57
C LEU E 388 -11.17 12.33 20.70
N GLN E 389 -11.76 12.60 21.86
CA GLN E 389 -11.67 11.74 23.03
C GLN E 389 -12.96 10.91 23.13
N VAL E 390 -12.84 9.59 22.94
CA VAL E 390 -13.97 8.69 22.96
C VAL E 390 -13.80 7.70 24.09
N LYS E 391 -14.88 7.00 24.41
CA LYS E 391 -14.86 5.95 25.42
C LYS E 391 -15.57 4.72 24.86
N LYS E 392 -14.83 3.63 24.70
CA LYS E 392 -15.43 2.36 24.32
C LYS E 392 -16.07 1.73 25.55
N ARG E 393 -17.41 1.64 25.54
CA ARG E 393 -18.20 1.16 26.66
C ARG E 393 -18.60 -0.30 26.54
N GLN E 394 -18.44 -0.91 25.37
CA GLN E 394 -19.02 -2.22 25.08
C GLN E 394 -18.39 -2.74 23.80
N PRO E 395 -18.51 -4.03 23.52
CA PRO E 395 -17.89 -4.57 22.30
C PRO E 395 -18.27 -3.80 21.03
N ALA E 396 -19.55 -3.44 20.83
CA ALA E 396 -19.93 -2.76 19.58
C ALA E 396 -19.27 -1.40 19.40
N ASP E 397 -18.69 -0.81 20.46
CA ASP E 397 -17.98 0.46 20.27
C ASP E 397 -16.67 0.29 19.48
N GLU E 398 -16.13 -0.92 19.41
CA GLU E 398 -15.00 -1.13 18.51
C GLU E 398 -15.44 -0.88 17.06
N GLY E 399 -14.73 -0.01 16.37
CA GLY E 399 -15.13 0.39 15.04
C GLY E 399 -15.93 1.66 14.99
N ARG E 400 -16.44 2.14 16.13
CA ARG E 400 -17.10 3.44 16.12
C ARG E 400 -16.12 4.58 16.26
N GLN E 401 -14.88 4.31 16.67
CA GLN E 401 -13.89 5.39 16.75
C GLN E 401 -13.56 5.91 15.36
N GLY E 402 -13.43 5.02 14.37
CA GLY E 402 -13.30 5.48 12.99
C GLY E 402 -14.52 6.24 12.51
N GLN E 403 -15.72 5.74 12.88
CA GLN E 403 -16.96 6.45 12.54
C GLN E 403 -16.97 7.86 13.10
N ALA E 404 -16.48 8.03 14.33
CA ALA E 404 -16.44 9.38 14.91
C ALA E 404 -15.47 10.28 14.14
N ALA E 405 -14.38 9.69 13.64
CA ALA E 405 -13.47 10.45 12.77
C ALA E 405 -14.11 10.82 11.43
N LEU E 406 -14.83 9.89 10.81
CA LEU E 406 -15.52 10.21 9.56
C LEU E 406 -16.55 11.32 9.80
N LEU E 407 -17.29 11.23 10.90
CA LEU E 407 -18.24 12.29 11.23
C LEU E 407 -17.55 13.64 11.32
N ALA E 408 -16.39 13.69 11.98
CA ALA E 408 -15.66 14.94 12.11
C ALA E 408 -15.24 15.49 10.75
N LEU E 409 -14.60 14.64 9.94
CA LEU E 409 -14.14 15.09 8.61
C LEU E 409 -15.31 15.53 7.73
N ALA E 410 -16.46 14.84 7.84
CA ALA E 410 -17.62 15.21 7.02
C ALA E 410 -18.24 16.53 7.47
N THR E 411 -18.26 16.77 8.78
CA THR E 411 -18.96 17.91 9.34
C THR E 411 -18.15 19.20 9.20
N TYR E 412 -16.82 19.13 9.18
CA TYR E 412 -15.94 20.30 9.06
C TYR E 412 -14.89 20.06 7.97
N SER E 413 -15.21 20.42 6.71
CA SER E 413 -14.35 20.04 5.58
C SER E 413 -12.98 20.72 5.59
N GLU E 414 -12.78 21.78 6.36
CA GLU E 414 -11.45 22.38 6.44
C GLU E 414 -10.50 21.65 7.39
N LEU E 415 -10.98 20.61 8.08
CA LEU E 415 -10.12 19.72 8.85
C LEU E 415 -9.11 19.04 7.92
N LYS E 416 -7.95 18.68 8.48
CA LYS E 416 -6.97 17.92 7.73
C LYS E 416 -6.71 16.54 8.32
N ASN E 417 -6.39 16.44 9.61
CA ASN E 417 -6.11 15.18 10.27
C ASN E 417 -6.93 15.04 11.56
N ILE E 418 -7.17 13.80 11.94
CA ILE E 418 -7.90 13.46 13.15
C ILE E 418 -7.00 12.59 14.00
N ILE E 419 -6.92 12.89 15.30
CA ILE E 419 -6.27 11.99 16.25
C ILE E 419 -7.31 11.49 17.24
N LEU E 420 -7.41 10.17 17.36
CA LEU E 420 -8.39 9.53 18.26
C LEU E 420 -7.68 8.98 19.48
N VAL E 421 -8.21 9.32 20.67
CA VAL E 421 -7.68 8.82 21.95
C VAL E 421 -8.83 8.44 22.86
N ASP E 422 -8.51 7.65 23.88
CA ASP E 422 -9.44 7.23 24.90
C ASP E 422 -9.58 8.27 26.02
N GLU E 423 -10.44 7.94 26.99
CA GLU E 423 -10.89 8.91 27.98
C GLU E 423 -9.88 9.12 29.09
N ASP E 424 -8.77 8.39 29.11
CA ASP E 424 -7.71 8.59 30.09
C ASP E 424 -6.53 9.34 29.50
N VAL E 425 -6.71 10.00 28.35
CA VAL E 425 -5.70 10.81 27.68
C VAL E 425 -6.18 12.25 27.69
N ASP E 426 -5.33 13.18 28.10
CA ASP E 426 -5.70 14.59 28.20
C ASP E 426 -5.54 15.25 26.83
N ILE E 427 -6.65 15.47 26.11
CA ILE E 427 -6.57 15.97 24.73
C ILE E 427 -6.09 17.41 24.64
N PHE E 428 -6.05 18.14 25.75
CA PHE E 428 -5.51 19.50 25.79
C PHE E 428 -4.03 19.52 26.16
N ASP E 429 -3.41 18.35 26.32
CA ASP E 429 -2.01 18.18 26.73
C ASP E 429 -1.30 17.50 25.56
N SER E 430 -0.49 18.26 24.83
CA SER E 430 0.12 17.70 23.62
C SER E 430 1.15 16.62 23.94
N ASP E 431 1.80 16.66 25.12
CA ASP E 431 2.65 15.54 25.53
C ASP E 431 1.84 14.25 25.59
N ASP E 432 0.61 14.35 26.12
CA ASP E 432 -0.19 13.16 26.38
C ASP E 432 -0.80 12.64 25.08
N ILE E 433 -1.09 13.53 24.12
CA ILE E 433 -1.45 13.11 22.76
C ILE E 433 -0.32 12.30 22.13
N LEU E 434 0.90 12.86 22.14
CA LEU E 434 2.03 12.12 21.60
C LEU E 434 2.30 10.83 22.36
N TRP E 435 1.97 10.78 23.66
CA TRP E 435 2.09 9.53 24.39
C TRP E 435 1.12 8.47 23.82
N ALA E 436 -0.15 8.85 23.59
CA ALA E 436 -1.08 7.92 22.94
C ALA E 436 -0.58 7.49 21.56
N MET E 437 0.01 8.42 20.81
CA MET E 437 0.64 8.10 19.52
C MET E 437 1.90 7.24 19.63
N THR E 438 2.38 6.95 20.83
CA THR E 438 3.60 6.17 21.01
C THR E 438 3.35 4.77 21.54
N THR E 439 2.48 4.63 22.55
CA THR E 439 2.21 3.34 23.17
C THR E 439 0.87 2.72 22.75
N ARG E 440 0.00 3.44 22.03
CA ARG E 440 -1.35 2.97 21.67
C ARG E 440 -1.59 3.13 20.16
N MET E 441 -0.60 2.73 19.35
CA MET E 441 -0.65 2.96 17.90
C MET E 441 0.41 2.10 17.25
N GLN E 442 0.04 1.40 16.16
CA GLN E 442 1.01 0.74 15.29
C GLN E 442 0.89 1.31 13.89
N GLY E 443 2.01 1.76 13.32
CA GLY E 443 1.96 2.57 12.12
C GLY E 443 1.29 1.89 10.94
N ASP E 444 1.47 0.58 10.80
CA ASP E 444 0.86 -0.12 9.67
C ASP E 444 -0.53 -0.67 10.00
N VAL E 445 -1.12 -0.30 11.14
CA VAL E 445 -2.47 -0.71 11.50
C VAL E 445 -3.39 0.48 11.75
N SER E 446 -2.91 1.48 12.50
CA SER E 446 -3.72 2.52 13.13
C SER E 446 -3.81 3.81 12.32
N ILE E 447 -3.16 3.89 11.17
CA ILE E 447 -3.06 5.12 10.38
C ILE E 447 -3.78 4.88 9.05
N THR E 448 -4.78 5.68 8.77
CA THR E 448 -5.59 5.51 7.57
C THR E 448 -5.52 6.82 6.79
N THR E 449 -5.03 6.77 5.55
CA THR E 449 -4.93 7.94 4.68
C THR E 449 -6.11 8.00 3.71
N ILE E 450 -6.67 9.20 3.54
CA ILE E 450 -7.77 9.45 2.63
C ILE E 450 -7.35 10.52 1.65
N PRO E 451 -6.88 10.12 0.45
CA PRO E 451 -6.27 11.09 -0.47
C PRO E 451 -7.29 11.87 -1.29
N GLY E 452 -6.87 13.08 -1.68
CA GLY E 452 -7.59 13.84 -2.69
C GLY E 452 -8.84 14.55 -2.24
N ILE E 453 -8.94 14.90 -0.95
CA ILE E 453 -10.12 15.53 -0.35
C ILE E 453 -9.84 17.02 -0.20
N ARG E 454 -10.79 17.86 -0.61
CA ARG E 454 -10.57 19.30 -0.50
C ARG E 454 -10.40 19.70 0.96
N GLY E 455 -9.37 20.51 1.21
CA GLY E 455 -9.06 20.91 2.57
C GLY E 455 -9.03 22.42 2.69
N HIS E 456 -7.85 22.99 2.49
CA HIS E 456 -7.72 24.43 2.69
C HIS E 456 -6.48 24.94 1.95
N GLN E 457 -6.66 26.00 1.17
CA GLN E 457 -5.55 26.53 0.38
C GLN E 457 -4.43 27.11 1.24
N LEU E 458 -4.71 27.56 2.47
CA LEU E 458 -3.68 28.18 3.33
C LEU E 458 -2.76 27.16 4.02
N ASP E 459 -3.04 25.87 3.89
CA ASP E 459 -2.07 24.84 4.24
C ASP E 459 -1.08 24.75 3.09
N PRO E 460 0.14 25.25 3.24
CA PRO E 460 1.08 25.29 2.10
C PRO E 460 1.54 23.91 1.65
N SER E 461 1.27 22.85 2.43
CA SER E 461 1.52 21.49 1.95
C SER E 461 0.38 20.96 1.09
N GLN E 462 -0.75 21.67 0.97
CA GLN E 462 -1.83 21.17 0.10
C GLN E 462 -1.65 21.73 -1.31
N THR E 463 -0.71 21.12 -2.06
CA THR E 463 -0.34 21.51 -3.41
C THR E 463 0.04 20.28 -4.21
N PRO E 464 -0.08 20.33 -5.55
CA PRO E 464 0.48 19.26 -6.39
C PRO E 464 1.97 19.03 -6.18
N GLU E 465 2.76 20.08 -5.88
CA GLU E 465 4.20 19.87 -5.71
C GLU E 465 4.53 19.04 -4.47
N TYR E 466 3.66 19.03 -3.46
CA TYR E 466 3.92 18.29 -2.24
C TYR E 466 3.60 16.80 -2.36
N SER E 467 2.76 16.40 -3.29
CA SER E 467 2.17 15.08 -3.30
C SER E 467 1.61 14.68 -4.65
N PRO E 468 2.00 13.53 -5.18
CA PRO E 468 1.45 13.08 -6.48
C PRO E 468 -0.05 12.77 -6.46
N SER E 469 -0.72 12.69 -5.30
CA SER E 469 -2.15 12.44 -5.25
C SER E 469 -2.98 13.71 -5.13
N ILE E 470 -2.35 14.89 -5.13
CA ILE E 470 -3.02 16.18 -4.99
C ILE E 470 -3.13 16.85 -6.36
N ARG E 471 -4.35 17.17 -6.78
CA ARG E 471 -4.60 17.63 -8.15
C ARG E 471 -4.65 19.14 -8.28
N GLY E 472 -4.74 19.86 -7.16
CA GLY E 472 -4.66 21.31 -7.17
C GLY E 472 -4.54 21.80 -5.74
N ASN E 473 -4.33 23.11 -5.61
CA ASN E 473 -4.09 23.69 -4.30
C ASN E 473 -5.34 23.53 -3.43
N GLY E 474 -5.11 23.41 -2.11
CA GLY E 474 -6.20 23.25 -1.19
C GLY E 474 -6.86 21.89 -1.18
N ILE E 475 -6.29 20.92 -1.88
CA ILE E 475 -6.70 19.52 -1.80
C ILE E 475 -5.64 18.82 -0.97
N SER E 476 -6.07 17.85 -0.15
CA SER E 476 -5.15 17.20 0.78
C SER E 476 -5.42 15.71 0.88
N CYS E 477 -4.37 14.97 1.25
CA CYS E 477 -4.57 13.69 1.92
C CYS E 477 -4.98 14.00 3.36
N LYS E 478 -6.04 13.33 3.85
CA LYS E 478 -6.50 13.50 5.22
C LYS E 478 -6.24 12.21 5.99
N THR E 479 -5.65 12.32 7.17
CA THR E 479 -5.12 11.15 7.89
C THR E 479 -5.81 11.01 9.23
N ILE E 480 -6.25 9.79 9.52
CA ILE E 480 -6.84 9.42 10.81
C ILE E 480 -5.81 8.59 11.57
N PHE E 481 -5.34 9.13 12.71
CA PHE E 481 -4.43 8.41 13.61
C PHE E 481 -5.28 7.82 14.73
N ASP E 482 -5.51 6.52 14.67
CA ASP E 482 -6.34 5.87 15.69
C ASP E 482 -5.43 5.44 16.83
N CYS E 483 -5.45 6.22 17.93
CA CYS E 483 -4.66 5.92 19.11
C CYS E 483 -5.53 5.45 20.26
N THR E 484 -6.67 4.81 19.96
CA THR E 484 -7.46 4.19 21.00
C THR E 484 -7.03 2.74 21.15
N VAL E 485 -7.18 2.24 22.36
CA VAL E 485 -6.84 0.84 22.62
C VAL E 485 -7.88 -0.05 21.94
N PRO E 486 -7.47 -1.04 21.15
CA PRO E 486 -8.46 -1.98 20.61
C PRO E 486 -9.27 -2.60 21.74
N TRP E 487 -10.59 -2.66 21.53
CA TRP E 487 -11.52 -3.10 22.57
C TRP E 487 -11.04 -4.36 23.26
N ALA E 488 -10.63 -5.37 22.49
CA ALA E 488 -10.35 -6.67 23.11
C ALA E 488 -9.07 -6.67 23.95
N LEU E 489 -8.24 -5.64 23.84
CA LEU E 489 -6.95 -5.61 24.50
C LEU E 489 -6.95 -4.67 25.70
N LYS E 490 -8.10 -4.10 26.07
CA LYS E 490 -8.11 -3.01 27.03
C LYS E 490 -7.55 -3.40 28.40
N SER E 491 -7.67 -4.68 28.78
CA SER E 491 -7.17 -5.10 30.08
C SER E 491 -5.67 -4.90 30.23
N HIS E 492 -4.94 -4.81 29.12
CA HIS E 492 -3.49 -4.66 29.11
C HIS E 492 -3.04 -3.20 29.06
N PHE E 493 -3.97 -2.23 29.01
CA PHE E 493 -3.63 -0.83 28.73
C PHE E 493 -4.10 0.11 29.83
N GLU E 494 -4.31 -0.39 31.05
CA GLU E 494 -4.60 0.50 32.17
C GLU E 494 -3.35 1.31 32.50
N ARG E 495 -3.51 2.63 32.58
CA ARG E 495 -2.42 3.48 33.03
C ARG E 495 -2.14 3.22 34.51
N ALA E 496 -0.85 3.26 34.88
CA ALA E 496 -0.41 2.92 36.24
C ALA E 496 -1.29 3.62 37.28
N PRO E 497 -1.91 2.88 38.21
CA PRO E 497 -2.94 3.50 39.06
C PRO E 497 -2.39 4.13 40.32
N PHE E 498 -1.99 5.38 40.27
CA PHE E 498 -1.58 6.06 41.49
C PHE E 498 -2.79 6.32 42.38
N ALA E 499 -2.55 6.26 43.69
CA ALA E 499 -3.65 6.38 44.65
C ALA E 499 -4.21 7.79 44.65
N ASP E 500 -5.52 7.89 44.91
CA ASP E 500 -6.17 9.19 45.02
C ASP E 500 -5.79 9.83 46.34
N VAL E 501 -5.20 11.02 46.28
CA VAL E 501 -4.89 11.79 47.48
C VAL E 501 -5.14 13.27 47.18
N ASP E 502 -5.57 13.98 48.21
CA ASP E 502 -5.60 15.43 48.14
C ASP E 502 -4.19 15.91 48.41
N PRO E 503 -3.45 16.39 47.41
CA PRO E 503 -2.07 16.80 47.66
C PRO E 503 -1.97 18.08 48.46
N ARG E 504 -3.04 18.85 48.56
CA ARG E 504 -2.93 20.23 49.05
C ARG E 504 -2.44 20.34 50.48
N PRO E 505 -2.88 19.53 51.44
CA PRO E 505 -2.37 19.66 52.82
C PRO E 505 -0.87 19.49 52.93
N PHE E 506 -0.23 18.85 51.94
CA PHE E 506 1.20 18.58 51.99
C PHE E 506 2.03 19.79 51.57
N ALA E 507 1.48 20.70 50.79
CA ALA E 507 2.18 21.92 50.38
C ALA E 507 1.14 22.96 50.02
N PRO E 508 0.52 23.58 51.02
CA PRO E 508 -0.56 24.53 50.73
C PRO E 508 -0.07 25.75 49.97
N GLU E 509 0.96 26.40 50.49
CA GLU E 509 1.49 27.61 49.86
C GLU E 509 1.86 27.37 48.39
N TYR E 510 2.33 26.16 48.06
CA TYR E 510 2.71 25.86 46.68
C TYR E 510 1.48 25.77 45.77
N PHE E 511 0.40 25.14 46.25
CA PHE E 511 -0.83 25.07 45.45
C PHE E 511 -1.56 26.41 45.42
N ALA E 512 -1.16 27.38 46.25
CA ALA E 512 -1.70 28.73 46.13
C ALA E 512 -1.51 29.29 44.73
N ARG E 513 -0.31 29.14 44.17
CA ARG E 513 -0.06 29.56 42.79
C ARG E 513 -0.97 28.82 41.82
N LEU E 514 -2.21 29.30 41.71
CA LEU E 514 -3.15 28.78 40.72
C LEU E 514 -4.00 29.96 40.24
N ILE F 25 56.23 -9.43 0.73
CA ILE F 25 55.79 -8.57 -0.37
C ILE F 25 55.92 -7.11 0.04
N GLN F 26 56.65 -6.32 -0.75
CA GLN F 26 56.79 -4.89 -0.47
C GLN F 26 56.57 -3.99 -1.68
N ASP F 27 56.39 -4.54 -2.88
CA ASP F 27 56.08 -3.71 -4.05
C ASP F 27 55.23 -4.54 -5.02
N LEU F 28 54.97 -3.96 -6.19
CA LEU F 28 54.09 -4.60 -7.16
C LEU F 28 54.73 -5.87 -7.74
N ARG F 29 56.05 -5.89 -7.91
CA ARG F 29 56.69 -7.02 -8.56
C ARG F 29 56.79 -8.23 -7.62
N ASP F 30 57.01 -7.97 -6.32
CA ASP F 30 56.89 -9.06 -5.36
C ASP F 30 55.50 -9.71 -5.43
N ALA F 31 54.46 -8.90 -5.60
CA ALA F 31 53.10 -9.44 -5.65
C ALA F 31 52.86 -10.22 -6.93
N ILE F 32 53.39 -9.73 -8.06
CA ILE F 32 53.32 -10.49 -9.30
C ILE F 32 54.02 -11.84 -9.14
N ALA F 33 55.15 -11.84 -8.42
CA ALA F 33 55.89 -13.08 -8.25
C ALA F 33 55.06 -14.11 -7.47
N LEU F 34 54.35 -13.66 -6.44
CA LEU F 34 53.48 -14.57 -5.69
C LEU F 34 52.35 -15.09 -6.57
N LEU F 35 51.79 -14.24 -7.41
CA LEU F 35 50.75 -14.69 -8.33
C LEU F 35 51.25 -15.79 -9.26
N GLN F 36 52.51 -15.72 -9.70
CA GLN F 36 52.99 -16.66 -10.70
C GLN F 36 53.15 -18.07 -10.14
N GLN F 37 53.13 -18.22 -8.82
CA GLN F 37 53.15 -19.54 -8.19
C GLN F 37 51.76 -20.19 -8.18
N HIS F 38 50.73 -19.47 -8.63
CA HIS F 38 49.37 -19.99 -8.72
C HIS F 38 48.89 -19.93 -10.16
N ASP F 39 48.06 -20.90 -10.54
CA ASP F 39 47.58 -21.01 -11.90
C ASP F 39 46.44 -20.03 -12.15
N ASN F 40 46.48 -19.35 -13.31
CA ASN F 40 45.39 -18.48 -13.74
C ASN F 40 45.23 -17.27 -12.83
N GLN F 41 46.29 -16.87 -12.14
CA GLN F 41 46.33 -15.60 -11.42
C GLN F 41 47.05 -14.50 -12.18
N TYR F 42 48.07 -14.86 -12.98
CA TYR F 42 48.86 -13.91 -13.75
C TYR F 42 49.02 -14.39 -15.18
N LEU F 43 49.06 -13.43 -16.10
CA LEU F 43 49.12 -13.75 -17.52
C LEU F 43 49.72 -12.59 -18.28
N GLU F 44 50.74 -12.87 -19.08
CA GLU F 44 51.36 -11.91 -19.98
C GLU F 44 51.01 -12.24 -21.43
N THR F 45 51.07 -11.22 -22.29
CA THR F 45 50.98 -11.43 -23.73
C THR F 45 51.94 -10.45 -24.40
N ASP F 46 52.59 -10.93 -25.46
CA ASP F 46 53.44 -10.09 -26.28
C ASP F 46 52.76 -9.66 -27.57
N HIS F 47 51.49 -9.99 -27.74
CA HIS F 47 50.75 -9.53 -28.90
C HIS F 47 50.54 -8.01 -28.81
N PRO F 48 50.76 -7.28 -29.90
CA PRO F 48 50.59 -5.82 -29.84
C PRO F 48 49.15 -5.43 -29.52
N VAL F 49 49.00 -4.39 -28.70
CA VAL F 49 47.70 -3.87 -28.32
C VAL F 49 47.74 -2.35 -28.36
N ASP F 50 46.61 -1.74 -28.74
CA ASP F 50 46.46 -0.29 -28.72
C ASP F 50 45.97 0.15 -27.34
N PRO F 51 46.70 0.99 -26.61
CA PRO F 51 46.18 1.47 -25.32
C PRO F 51 44.82 2.12 -25.46
N ASN F 52 44.48 2.60 -26.65
CA ASN F 52 43.19 3.25 -26.89
C ASN F 52 42.14 2.18 -27.15
N ALA F 53 41.30 1.91 -26.14
CA ALA F 53 40.10 1.11 -26.32
C ALA F 53 40.39 -0.38 -26.51
N GLU F 54 41.40 -0.75 -27.31
CA GLU F 54 41.59 -2.16 -27.62
C GLU F 54 42.03 -2.93 -26.38
N LEU F 55 42.91 -2.35 -25.56
CA LEU F 55 43.33 -2.98 -24.33
C LEU F 55 42.13 -3.33 -23.46
N ALA F 56 41.31 -2.33 -23.13
CA ALA F 56 40.13 -2.58 -22.31
C ALA F 56 39.23 -3.65 -22.92
N GLY F 57 39.03 -3.62 -24.24
CA GLY F 57 38.17 -4.59 -24.88
C GLY F 57 38.65 -6.02 -24.71
N VAL F 58 39.97 -6.22 -24.63
CA VAL F 58 40.52 -7.55 -24.46
C VAL F 58 40.30 -8.03 -23.02
N TYR F 59 40.80 -7.27 -22.04
CA TYR F 59 40.58 -7.68 -20.65
C TYR F 59 39.10 -7.80 -20.33
N ARG F 60 38.24 -7.06 -21.02
CA ARG F 60 36.80 -7.22 -20.84
C ARG F 60 36.40 -8.69 -20.89
N HIS F 61 36.99 -9.46 -21.81
CA HIS F 61 36.68 -10.88 -21.92
C HIS F 61 37.47 -11.73 -20.94
N ILE F 62 38.68 -11.30 -20.57
CA ILE F 62 39.58 -12.16 -19.82
C ILE F 62 39.28 -12.10 -18.33
N GLY F 63 39.13 -10.89 -17.76
CA GLY F 63 39.00 -10.76 -16.31
C GLY F 63 38.45 -9.49 -15.69
N ALA F 64 37.75 -8.64 -16.45
CA ALA F 64 37.20 -7.42 -15.87
C ALA F 64 36.14 -7.74 -14.81
N GLY F 65 35.17 -8.60 -15.16
CA GLY F 65 34.13 -9.02 -14.23
C GLY F 65 33.27 -7.87 -13.73
N GLY F 66 32.71 -8.07 -12.54
CA GLY F 66 31.92 -7.02 -11.92
C GLY F 66 30.68 -6.69 -12.73
N THR F 67 30.34 -5.39 -12.77
CA THR F 67 29.18 -4.87 -13.49
C THR F 67 29.44 -4.68 -15.00
N VAL F 68 30.58 -5.17 -15.51
CA VAL F 68 30.89 -5.06 -16.95
C VAL F 68 29.92 -5.91 -17.76
N LYS F 69 29.51 -5.38 -18.92
CA LYS F 69 28.54 -6.09 -19.75
C LYS F 69 29.11 -7.41 -20.25
N ARG F 70 28.29 -8.45 -20.18
CA ARG F 70 28.70 -9.77 -20.60
C ARG F 70 29.01 -9.80 -22.09
N PRO F 71 29.83 -10.76 -22.55
CA PRO F 71 30.47 -11.77 -21.70
C PRO F 71 31.66 -11.23 -20.90
N THR F 72 31.78 -11.68 -19.66
CA THR F 72 32.94 -11.36 -18.83
C THR F 72 33.07 -12.42 -17.75
N ARG F 73 34.23 -12.43 -17.10
CA ARG F 73 34.54 -13.43 -16.10
C ARG F 73 35.61 -12.89 -15.17
N ILE F 74 35.70 -13.47 -13.98
CA ILE F 74 36.91 -13.34 -13.18
C ILE F 74 38.02 -14.14 -13.86
N GLY F 75 39.16 -13.48 -14.13
CA GLY F 75 40.31 -14.14 -14.71
C GLY F 75 41.60 -13.79 -13.99
N PRO F 76 42.72 -13.99 -14.65
CA PRO F 76 44.02 -13.60 -14.08
C PRO F 76 44.26 -12.10 -14.23
N ALA F 77 45.10 -11.59 -13.34
CA ALA F 77 45.71 -10.31 -13.65
C ALA F 77 46.45 -10.43 -14.96
N MET F 78 46.45 -9.36 -15.76
CA MET F 78 46.99 -9.44 -17.12
C MET F 78 47.99 -8.34 -17.40
N MET F 79 49.20 -8.75 -17.80
CA MET F 79 50.27 -7.84 -18.20
C MET F 79 50.35 -7.79 -19.72
N PHE F 80 50.23 -6.59 -20.29
CA PHE F 80 50.43 -6.36 -21.72
C PHE F 80 51.83 -5.78 -21.93
N ASN F 81 52.71 -6.57 -22.57
CA ASN F 81 54.09 -6.16 -22.80
C ASN F 81 54.29 -5.36 -24.08
N ASN F 82 53.44 -5.55 -25.08
CA ASN F 82 53.61 -4.93 -26.39
C ASN F 82 52.57 -3.82 -26.54
N ILE F 83 52.96 -2.59 -26.25
CA ILE F 83 52.07 -1.44 -26.28
C ILE F 83 52.32 -0.65 -27.55
N LYS F 84 51.32 -0.59 -28.43
CA LYS F 84 51.47 0.16 -29.67
C LYS F 84 51.70 1.63 -29.40
N GLY F 85 52.67 2.22 -30.09
CA GLY F 85 53.09 3.59 -29.88
C GLY F 85 54.06 3.78 -28.74
N TYR F 86 54.25 2.76 -27.90
CA TYR F 86 55.10 2.85 -26.70
C TYR F 86 55.96 1.60 -26.65
N PRO F 87 57.08 1.59 -27.38
CA PRO F 87 57.96 0.41 -27.37
C PRO F 87 58.67 0.15 -26.05
N HIS F 88 58.62 1.08 -25.09
CA HIS F 88 59.28 0.92 -23.81
C HIS F 88 58.32 0.61 -22.67
N SER F 89 57.04 0.39 -22.97
CA SER F 89 56.01 0.33 -21.95
C SER F 89 55.40 -1.06 -21.85
N ARG F 90 54.80 -1.32 -20.69
CA ARG F 90 53.99 -2.51 -20.46
C ARG F 90 52.94 -2.13 -19.43
N ILE F 91 51.68 -2.55 -19.68
CA ILE F 91 50.55 -2.13 -18.86
C ILE F 91 49.95 -3.35 -18.18
N LEU F 92 49.62 -3.19 -16.89
CA LEU F 92 49.07 -4.25 -16.05
C LEU F 92 47.71 -3.84 -15.52
N VAL F 93 46.69 -4.63 -15.83
CA VAL F 93 45.34 -4.38 -15.36
C VAL F 93 44.85 -5.60 -14.60
N GLY F 94 43.86 -5.37 -13.74
CA GLY F 94 43.14 -6.43 -13.05
C GLY F 94 43.79 -6.97 -11.80
N MET F 95 44.78 -6.28 -11.24
CA MET F 95 45.51 -6.84 -10.09
C MET F 95 44.57 -7.15 -8.93
N HIS F 96 43.68 -6.22 -8.58
CA HIS F 96 42.74 -6.43 -7.51
C HIS F 96 41.35 -6.89 -7.99
N ALA F 97 41.27 -7.48 -9.18
CA ALA F 97 39.97 -7.78 -9.83
C ALA F 97 39.49 -9.19 -9.54
N SER F 98 39.72 -9.69 -8.32
CA SER F 98 39.23 -10.99 -7.88
C SER F 98 39.35 -11.03 -6.36
N ARG F 99 38.30 -11.52 -5.70
CA ARG F 99 38.35 -11.57 -4.25
C ARG F 99 39.35 -12.64 -3.79
N GLN F 100 39.41 -13.77 -4.49
CA GLN F 100 40.37 -14.79 -4.10
C GLN F 100 41.78 -14.34 -4.40
N ARG F 101 42.01 -13.70 -5.56
CA ARG F 101 43.33 -13.15 -5.86
C ARG F 101 43.74 -12.15 -4.80
N ALA F 102 42.80 -11.31 -4.36
CA ALA F 102 43.11 -10.39 -3.27
C ALA F 102 43.49 -11.15 -2.00
N ALA F 103 42.73 -12.20 -1.67
CA ALA F 103 43.07 -13.00 -0.50
C ALA F 103 44.46 -13.59 -0.63
N LEU F 104 44.79 -14.09 -1.82
CA LEU F 104 46.14 -14.59 -2.03
C LEU F 104 47.17 -13.50 -1.82
N LEU F 105 46.91 -12.26 -2.29
CA LEU F 105 47.92 -11.22 -2.18
C LEU F 105 48.16 -10.80 -0.73
N LEU F 106 47.13 -10.93 0.13
CA LEU F 106 47.31 -10.89 1.57
C LEU F 106 47.47 -12.33 2.05
N GLY F 107 47.18 -12.60 3.33
CA GLY F 107 47.47 -13.94 3.78
C GLY F 107 46.28 -14.80 4.17
N CYS F 108 45.09 -14.45 3.69
CA CYS F 108 43.86 -14.87 4.34
C CYS F 108 42.92 -15.59 3.37
N GLU F 109 41.77 -15.98 3.93
CA GLU F 109 40.69 -16.59 3.17
C GLU F 109 39.79 -15.52 2.56
N ALA F 110 39.37 -15.74 1.30
CA ALA F 110 38.49 -14.78 0.64
C ALA F 110 37.33 -14.32 1.54
N SER F 111 36.64 -15.29 2.16
CA SER F 111 35.47 -14.95 2.97
C SER F 111 35.82 -14.02 4.13
N GLN F 112 37.07 -14.07 4.61
CA GLN F 112 37.51 -13.31 5.78
C GLN F 112 38.21 -12.00 5.42
N LEU F 113 38.33 -11.70 4.13
CA LEU F 113 39.13 -10.56 3.67
C LEU F 113 38.81 -9.28 4.43
N ALA F 114 37.53 -8.94 4.55
CA ALA F 114 37.16 -7.69 5.21
C ALA F 114 37.57 -7.69 6.67
N LEU F 115 37.35 -8.81 7.37
CA LEU F 115 37.74 -8.91 8.79
C LEU F 115 39.24 -8.75 8.97
N GLU F 116 40.03 -9.31 8.06
CA GLU F 116 41.48 -9.27 8.23
C GLU F 116 42.04 -7.89 7.94
N VAL F 117 41.61 -7.25 6.85
CA VAL F 117 42.04 -5.87 6.66
C VAL F 117 41.52 -5.00 7.79
N GLY F 118 40.37 -5.36 8.36
CA GLY F 118 39.89 -4.66 9.54
C GLY F 118 40.87 -4.72 10.69
N LYS F 119 41.59 -5.84 10.82
CA LYS F 119 42.58 -5.97 11.90
C LYS F 119 43.83 -5.13 11.61
N ALA F 120 44.16 -4.94 10.33
CA ALA F 120 45.27 -4.06 9.97
C ALA F 120 44.95 -2.59 10.23
N VAL F 121 43.68 -2.20 10.07
CA VAL F 121 43.29 -0.82 10.35
C VAL F 121 43.45 -0.52 11.84
N LYS F 122 43.25 -1.53 12.70
CA LYS F 122 43.28 -1.32 14.14
C LYS F 122 44.71 -1.15 14.67
N LYS F 123 45.70 -1.81 14.05
CA LYS F 123 47.10 -1.75 14.50
C LYS F 123 47.99 -1.31 13.35
N PRO F 124 47.86 -0.07 12.90
CA PRO F 124 48.66 0.38 11.75
C PRO F 124 50.12 0.56 12.12
N VAL F 125 50.97 0.33 11.13
CA VAL F 125 52.41 0.52 11.25
C VAL F 125 52.78 1.72 10.40
N ALA F 126 53.34 2.74 11.05
CA ALA F 126 53.60 4.01 10.39
C ALA F 126 54.62 3.83 9.28
N PRO F 127 54.57 4.69 8.26
CA PRO F 127 55.59 4.67 7.21
C PRO F 127 56.83 5.47 7.59
N VAL F 128 57.91 5.22 6.83
CA VAL F 128 59.20 5.84 7.08
C VAL F 128 59.74 6.44 5.78
N VAL F 129 60.69 7.37 5.95
CA VAL F 129 61.31 8.09 4.84
C VAL F 129 62.71 7.52 4.61
N VAL F 130 63.04 7.31 3.34
CA VAL F 130 64.33 6.74 2.95
C VAL F 130 64.98 7.68 1.95
N PRO F 131 66.30 7.64 1.82
CA PRO F 131 66.98 8.46 0.82
C PRO F 131 66.64 7.99 -0.58
N ALA F 132 66.89 8.87 -1.56
CA ALA F 132 66.64 8.54 -2.96
C ALA F 132 67.38 7.29 -3.41
N SER F 133 68.47 6.93 -2.72
CA SER F 133 69.20 5.72 -3.09
C SER F 133 68.42 4.45 -2.78
N SER F 134 67.42 4.53 -1.88
CA SER F 134 66.58 3.39 -1.54
C SER F 134 65.26 3.39 -2.30
N ALA F 135 65.16 4.17 -3.37
CA ALA F 135 63.89 4.46 -4.03
C ALA F 135 63.94 4.05 -5.51
N PRO F 136 63.52 2.84 -5.83
CA PRO F 136 63.52 2.42 -7.25
C PRO F 136 62.62 3.27 -8.13
N CYS F 137 61.71 4.07 -7.55
CA CYS F 137 60.82 4.93 -8.33
C CYS F 137 61.55 6.09 -9.00
N GLN F 138 62.80 6.35 -8.59
CA GLN F 138 63.59 7.45 -9.15
C GLN F 138 64.78 6.95 -9.95
N GLU F 139 64.82 5.67 -10.31
CA GLU F 139 65.87 5.18 -11.19
C GLU F 139 65.87 5.92 -12.51
N GLN F 140 64.70 6.37 -12.97
CA GLN F 140 64.55 7.17 -14.18
C GLN F 140 63.83 8.47 -13.83
N ILE F 141 64.30 9.57 -14.40
CA ILE F 141 63.78 10.90 -14.08
C ILE F 141 63.60 11.67 -15.39
N PHE F 142 62.37 12.08 -15.68
CA PHE F 142 62.04 12.83 -16.88
C PHE F 142 61.46 14.18 -16.46
N LEU F 143 62.31 15.21 -16.42
CA LEU F 143 61.87 16.53 -15.99
C LEU F 143 61.11 17.23 -17.11
N ALA F 144 60.05 17.94 -16.73
CA ALA F 144 59.13 18.53 -17.70
C ALA F 144 59.66 19.80 -18.36
N ASP F 145 60.68 20.44 -17.78
CA ASP F 145 61.28 21.59 -18.44
C ASP F 145 62.15 21.18 -19.63
N ASP F 146 62.41 19.89 -19.80
CA ASP F 146 63.05 19.41 -21.01
C ASP F 146 62.18 19.76 -22.21
N PRO F 147 62.74 20.37 -23.25
CA PRO F 147 61.92 20.66 -24.45
C PRO F 147 61.33 19.43 -25.10
N ASP F 148 61.90 18.25 -24.88
CA ASP F 148 61.42 17.02 -25.51
C ASP F 148 60.38 16.27 -24.66
N PHE F 149 60.10 16.74 -23.45
CA PHE F 149 59.14 16.06 -22.59
C PHE F 149 57.74 16.16 -23.19
N ASP F 150 57.03 15.03 -23.23
CA ASP F 150 55.63 15.00 -23.63
C ASP F 150 54.93 13.88 -22.87
N LEU F 151 54.08 14.24 -21.91
CA LEU F 151 53.39 13.24 -21.09
C LEU F 151 52.56 12.30 -21.95
N ARG F 152 52.07 12.78 -23.10
CA ARG F 152 51.25 11.96 -23.97
C ARG F 152 52.05 10.82 -24.60
N THR F 153 53.31 11.06 -24.94
CA THR F 153 54.16 10.04 -25.54
C THR F 153 55.05 9.31 -24.53
N LEU F 154 55.14 9.81 -23.31
CA LEU F 154 55.98 9.17 -22.29
C LEU F 154 55.30 7.92 -21.72
N LEU F 155 54.04 8.07 -21.31
CA LEU F 155 53.28 7.02 -20.66
C LEU F 155 52.07 6.61 -21.49
N PRO F 156 51.75 5.34 -21.56
CA PRO F 156 50.50 4.91 -22.20
C PRO F 156 49.34 5.01 -21.23
N ALA F 157 48.48 5.99 -21.44
CA ALA F 157 47.29 6.13 -20.63
C ALA F 157 46.14 5.44 -21.34
N PRO F 158 45.71 4.26 -20.89
CA PRO F 158 44.62 3.57 -21.59
C PRO F 158 43.32 4.37 -21.52
N THR F 159 42.52 4.25 -22.57
CA THR F 159 41.15 4.75 -22.57
C THR F 159 40.21 3.55 -22.59
N ASN F 160 39.21 3.55 -21.70
CA ASN F 160 38.41 2.36 -21.47
C ASN F 160 37.42 2.08 -22.59
N THR F 161 36.69 3.09 -23.05
CA THR F 161 35.75 2.96 -24.15
C THR F 161 36.00 4.06 -25.15
N PRO F 162 35.53 3.89 -26.39
CA PRO F 162 35.75 4.94 -27.41
C PRO F 162 35.06 6.26 -27.11
N ILE F 163 34.17 6.32 -26.13
CA ILE F 163 33.40 7.52 -25.84
C ILE F 163 33.94 8.26 -24.60
N ASP F 164 35.13 7.92 -24.14
CA ASP F 164 35.62 8.50 -22.89
C ASP F 164 36.02 9.95 -23.10
N ALA F 165 36.35 10.62 -21.99
CA ALA F 165 36.79 12.01 -22.07
C ALA F 165 38.18 12.12 -22.66
N GLY F 166 39.00 11.08 -22.51
CA GLY F 166 40.36 11.05 -22.99
C GLY F 166 41.06 9.84 -22.44
N PRO F 167 42.39 9.81 -22.50
CA PRO F 167 43.14 8.76 -21.80
C PRO F 167 43.15 9.01 -20.30
N PHE F 168 43.15 7.91 -19.54
CA PHE F 168 43.02 7.96 -18.09
C PHE F 168 44.06 7.08 -17.41
N PHE F 169 44.51 7.54 -16.25
CA PHE F 169 45.15 6.70 -15.24
C PHE F 169 44.13 6.49 -14.13
N CYS F 170 43.86 5.22 -13.80
CA CYS F 170 42.76 4.93 -12.90
C CYS F 170 43.19 4.39 -11.53
N LEU F 171 44.46 4.21 -11.35
CA LEU F 171 44.94 3.74 -10.07
C LEU F 171 46.01 4.65 -9.48
N GLY F 172 45.81 5.94 -9.63
CA GLY F 172 46.74 6.90 -9.08
C GLY F 172 46.60 7.33 -7.62
N LEU F 173 47.47 6.80 -6.77
CA LEU F 173 47.49 7.08 -5.35
C LEU F 173 48.20 8.39 -5.10
N ALA F 174 47.54 9.30 -4.42
CA ALA F 174 48.09 10.59 -4.25
C ALA F 174 48.52 11.03 -2.87
N LEU F 175 49.72 11.58 -2.78
CA LEU F 175 50.28 12.09 -1.53
C LEU F 175 50.26 13.61 -1.58
N ALA F 176 49.68 14.22 -0.55
CA ALA F 176 49.64 15.67 -0.43
C ALA F 176 49.62 16.05 1.04
N SER F 177 49.73 17.35 1.30
CA SER F 177 49.73 17.87 2.65
C SER F 177 49.24 19.31 2.66
N ASP F 178 48.86 19.77 3.85
CA ASP F 178 48.30 21.11 4.00
C ASP F 178 49.33 22.18 3.69
N PRO F 179 48.97 23.24 2.95
CA PRO F 179 49.96 24.23 2.50
C PRO F 179 50.41 25.22 3.55
N VAL F 180 49.74 25.30 4.70
CA VAL F 180 50.18 26.14 5.81
C VAL F 180 50.82 25.30 6.92
N ASP F 181 50.21 24.15 7.20
CA ASP F 181 50.66 23.24 8.25
C ASP F 181 51.05 21.95 7.57
N ALA F 182 52.36 21.69 7.49
CA ALA F 182 52.87 20.51 6.79
C ALA F 182 52.72 19.22 7.58
N SER F 183 52.39 19.29 8.87
CA SER F 183 52.09 18.08 9.62
C SER F 183 50.78 17.42 9.22
N LEU F 184 49.93 18.10 8.43
CA LEU F 184 48.67 17.52 7.99
C LEU F 184 48.87 16.87 6.62
N THR F 185 48.61 15.57 6.54
CA THR F 185 48.84 14.78 5.34
C THR F 185 47.54 14.18 4.82
N ASP F 186 47.62 13.59 3.63
CA ASP F 186 46.52 12.82 3.06
C ASP F 186 47.07 11.87 2.00
N VAL F 187 46.34 10.77 1.78
CA VAL F 187 46.71 9.72 0.84
C VAL F 187 45.42 9.17 0.26
N THR F 188 45.19 9.40 -1.02
CA THR F 188 43.92 9.08 -1.65
C THR F 188 44.17 8.44 -3.02
N ILE F 189 43.21 7.64 -3.46
CA ILE F 189 43.23 7.07 -4.80
C ILE F 189 42.38 7.94 -5.70
N HIS F 190 42.92 8.30 -6.87
CA HIS F 190 42.23 9.13 -7.85
C HIS F 190 42.35 8.50 -9.24
N ARG F 191 41.52 8.99 -10.16
CA ARG F 191 41.70 8.77 -11.59
C ARG F 191 41.95 10.10 -12.26
N LEU F 192 42.78 10.09 -13.31
CA LEU F 192 43.21 11.32 -13.94
C LEU F 192 43.14 11.19 -15.47
N CYS F 193 42.64 12.23 -16.12
CA CYS F 193 42.57 12.30 -17.58
C CYS F 193 43.72 13.17 -18.09
N VAL F 194 44.59 12.59 -18.93
CA VAL F 194 45.69 13.35 -19.51
C VAL F 194 45.14 14.37 -20.49
N GLN F 195 45.53 15.63 -20.31
CA GLN F 195 44.94 16.73 -21.06
C GLN F 195 45.93 17.52 -21.92
N GLY F 196 47.21 17.20 -21.89
CA GLY F 196 48.15 17.97 -22.68
C GLY F 196 49.58 17.52 -22.48
N ARG F 197 50.50 18.29 -23.06
CA ARG F 197 51.92 17.96 -22.99
C ARG F 197 52.41 17.79 -21.56
N ASP F 198 51.83 18.52 -20.60
CA ASP F 198 52.26 18.42 -19.21
C ASP F 198 51.10 18.72 -18.26
N GLU F 199 49.91 18.22 -18.60
CA GLU F 199 48.71 18.54 -17.84
C GLU F 199 47.85 17.30 -17.67
N LEU F 200 47.30 17.14 -16.46
CA LEU F 200 46.31 16.13 -16.14
C LEU F 200 45.18 16.79 -15.37
N SER F 201 43.94 16.40 -15.68
CA SER F 201 42.80 16.84 -14.89
C SER F 201 42.52 15.79 -13.81
N MET F 202 42.08 16.27 -12.65
CA MET F 202 41.86 15.37 -11.52
C MET F 202 40.64 15.83 -10.75
N PHE F 203 39.75 14.88 -10.45
CA PHE F 203 38.59 15.16 -9.62
C PHE F 203 38.92 14.85 -8.17
N LEU F 204 38.58 15.77 -7.28
CA LEU F 204 38.79 15.61 -5.84
C LEU F 204 37.46 15.69 -5.11
N ALA F 205 37.16 14.65 -4.33
CA ALA F 205 35.88 14.58 -3.64
C ALA F 205 35.78 15.69 -2.60
N ALA F 206 34.71 16.49 -2.69
CA ALA F 206 34.53 17.60 -1.77
C ALA F 206 34.63 17.13 -0.31
N GLY F 207 35.14 18.03 0.54
CA GLY F 207 35.32 17.74 1.95
C GLY F 207 36.53 16.88 2.28
N ARG F 208 37.07 16.14 1.32
CA ARG F 208 38.21 15.29 1.58
C ARG F 208 39.44 16.13 1.95
N HIS F 209 40.34 15.54 2.72
CA HIS F 209 41.47 16.30 3.25
C HIS F 209 42.33 16.90 2.13
N ILE F 210 42.62 16.14 1.09
CA ILE F 210 43.48 16.69 0.04
C ILE F 210 42.79 17.85 -0.68
N GLU F 211 41.46 17.81 -0.77
CA GLU F 211 40.72 18.88 -1.45
C GLU F 211 40.73 20.16 -0.62
N VAL F 212 40.60 20.07 0.70
CA VAL F 212 40.68 21.27 1.53
C VAL F 212 42.07 21.88 1.43
N PHE F 213 43.10 21.03 1.32
CA PHE F 213 44.46 21.54 1.08
C PHE F 213 44.51 22.36 -0.19
N ARG F 214 43.88 21.85 -1.26
CA ARG F 214 43.89 22.55 -2.55
C ARG F 214 43.15 23.88 -2.44
N GLN F 215 42.01 23.91 -1.75
CA GLN F 215 41.25 25.14 -1.63
C GLN F 215 42.01 26.19 -0.84
N LYS F 216 42.76 25.76 0.18
CA LYS F 216 43.56 26.70 0.97
C LYS F 216 44.73 27.25 0.15
N ALA F 217 45.42 26.40 -0.60
CA ALA F 217 46.45 26.88 -1.50
C ALA F 217 45.87 27.79 -2.56
N GLU F 218 44.72 27.40 -3.14
CA GLU F 218 44.10 28.22 -4.19
C GLU F 218 43.67 29.58 -3.64
N ALA F 219 43.22 29.61 -2.38
CA ALA F 219 42.78 30.88 -1.78
C ALA F 219 43.92 31.90 -1.74
N ALA F 220 45.15 31.45 -1.52
CA ALA F 220 46.31 32.33 -1.52
C ALA F 220 46.92 32.50 -2.90
N GLY F 221 46.27 32.00 -3.95
CA GLY F 221 46.81 32.09 -5.29
C GLY F 221 48.00 31.20 -5.55
N LYS F 222 48.25 30.23 -4.67
CA LYS F 222 49.37 29.31 -4.68
C LYS F 222 49.00 27.98 -5.32
N PRO F 223 50.00 27.25 -5.82
CA PRO F 223 49.81 25.87 -6.24
C PRO F 223 49.99 24.90 -5.07
N LEU F 224 49.41 23.70 -5.23
CA LEU F 224 49.54 22.65 -4.24
C LEU F 224 50.43 21.54 -4.80
N PRO F 225 51.62 21.32 -4.23
CA PRO F 225 52.49 20.25 -4.73
C PRO F 225 51.91 18.87 -4.40
N ILE F 226 52.02 17.98 -5.38
CA ILE F 226 51.37 16.69 -5.33
C ILE F 226 52.30 15.66 -5.97
N THR F 227 52.16 14.41 -5.53
CA THR F 227 52.77 13.27 -6.21
C THR F 227 51.70 12.21 -6.37
N ILE F 228 51.56 11.70 -7.59
CA ILE F 228 50.62 10.64 -7.93
C ILE F 228 51.44 9.38 -8.14
N ASN F 229 51.17 8.34 -7.35
CA ASN F 229 51.99 7.13 -7.35
C ASN F 229 51.15 5.96 -7.85
N MET F 230 51.59 5.35 -8.96
CA MET F 230 50.88 4.25 -9.58
C MET F 230 51.83 3.06 -9.75
N GLY F 231 51.32 1.86 -9.55
CA GLY F 231 52.14 0.66 -9.61
C GLY F 231 52.68 0.29 -8.25
N LEU F 232 51.80 -0.20 -7.38
CA LEU F 232 52.09 -0.35 -5.96
C LEU F 232 51.71 -1.75 -5.48
N ASP F 233 52.22 -2.09 -4.31
CA ASP F 233 51.78 -3.23 -3.54
C ASP F 233 50.26 -3.19 -3.38
N PRO F 234 49.55 -4.24 -3.76
CA PRO F 234 48.09 -4.21 -3.65
C PRO F 234 47.63 -3.92 -2.22
N ALA F 235 48.46 -4.23 -1.22
CA ALA F 235 48.08 -3.95 0.16
C ALA F 235 48.00 -2.44 0.43
N ILE F 236 48.72 -1.63 -0.35
CA ILE F 236 48.62 -0.18 -0.20
C ILE F 236 47.33 0.32 -0.84
N TYR F 237 47.05 -0.11 -2.07
CA TYR F 237 45.79 0.25 -2.72
C TYR F 237 44.59 -0.19 -1.90
N ILE F 238 44.62 -1.40 -1.35
CA ILE F 238 43.50 -1.90 -0.56
C ILE F 238 43.40 -1.16 0.76
N GLY F 239 44.55 -0.96 1.43
CA GLY F 239 44.51 -0.33 2.73
C GLY F 239 44.12 1.13 2.69
N ALA F 240 44.36 1.79 1.56
CA ALA F 240 44.06 3.21 1.41
C ALA F 240 42.58 3.49 1.13
N CYS F 241 41.78 2.46 0.88
CA CYS F 241 40.34 2.66 0.73
C CYS F 241 39.59 2.68 2.07
N PHE F 242 40.29 2.47 3.18
CA PHE F 242 39.69 2.47 4.51
C PHE F 242 39.88 3.82 5.18
N GLU F 243 38.89 4.22 5.98
CA GLU F 243 39.04 5.41 6.81
C GLU F 243 40.25 5.26 7.72
N ALA F 244 41.01 6.34 7.88
CA ALA F 244 42.20 6.35 8.70
C ALA F 244 42.24 7.61 9.56
N PRO F 245 42.85 7.53 10.75
CA PRO F 245 43.01 8.75 11.57
C PRO F 245 44.06 9.69 10.99
N THR F 246 44.21 10.86 11.59
CA THR F 246 45.29 11.78 11.26
C THR F 246 46.23 11.89 12.46
N THR F 247 47.52 11.81 12.19
CA THR F 247 48.59 12.06 13.14
C THR F 247 49.65 12.90 12.45
N PRO F 248 50.54 13.54 13.21
CA PRO F 248 51.54 14.41 12.59
C PRO F 248 52.33 13.68 11.52
N PHE F 249 52.34 14.26 10.31
CA PHE F 249 53.11 13.75 9.17
C PHE F 249 52.84 12.27 8.93
N GLY F 250 51.60 11.84 9.18
CA GLY F 250 51.30 10.43 9.32
C GLY F 250 51.20 9.65 8.02
N TYR F 251 50.72 10.29 6.96
CA TYR F 251 50.39 9.57 5.73
C TYR F 251 49.62 8.29 6.06
N ASN F 252 48.57 8.47 6.87
CA ASN F 252 48.06 7.40 7.73
C ASN F 252 47.48 6.23 6.95
N GLU F 253 46.85 6.48 5.79
CA GLU F 253 46.33 5.38 4.99
C GLU F 253 47.40 4.32 4.73
N LEU F 254 48.67 4.73 4.64
CA LEU F 254 49.76 3.79 4.41
C LEU F 254 50.04 2.89 5.61
N GLY F 255 49.49 3.22 6.78
CA GLY F 255 49.71 2.39 7.95
C GLY F 255 49.02 1.05 7.86
N VAL F 256 47.95 0.96 7.07
CA VAL F 256 47.25 -0.31 6.88
C VAL F 256 48.16 -1.32 6.18
N ALA F 257 48.65 -0.97 5.00
CA ALA F 257 49.59 -1.85 4.32
C ALA F 257 50.79 -2.17 5.21
N GLY F 258 51.29 -1.17 5.94
CA GLY F 258 52.37 -1.43 6.89
C GLY F 258 52.03 -2.55 7.86
N ALA F 259 50.78 -2.58 8.35
CA ALA F 259 50.35 -3.65 9.23
C ALA F 259 50.14 -4.95 8.47
N LEU F 260 49.53 -4.88 7.29
CA LEU F 260 49.32 -6.09 6.51
C LEU F 260 50.64 -6.79 6.21
N ARG F 261 51.70 -6.02 6.02
CA ARG F 261 53.01 -6.58 5.71
C ARG F 261 53.96 -6.67 6.90
N GLN F 262 53.63 -6.03 8.03
CA GLN F 262 54.55 -5.93 9.17
C GLN F 262 55.88 -5.33 8.73
N ARG F 263 55.80 -4.28 7.91
CA ARG F 263 56.93 -3.59 7.32
C ARG F 263 56.50 -2.20 6.89
N PRO F 264 57.13 -1.15 7.42
CA PRO F 264 56.73 0.21 7.05
C PRO F 264 56.85 0.46 5.56
N VAL F 265 55.79 1.01 4.96
CA VAL F 265 55.90 1.53 3.60
C VAL F 265 56.89 2.68 3.59
N GLU F 266 57.76 2.70 2.58
CA GLU F 266 58.84 3.66 2.52
C GLU F 266 58.50 4.80 1.57
N LEU F 267 58.83 6.02 2.00
CA LEU F 267 58.63 7.24 1.22
C LEU F 267 59.99 7.86 0.89
N VAL F 268 59.99 8.70 -0.15
CA VAL F 268 61.16 9.44 -0.59
C VAL F 268 60.71 10.84 -0.98
N GLN F 269 61.64 11.80 -0.92
CA GLN F 269 61.33 13.18 -1.27
C GLN F 269 61.35 13.35 -2.78
N GLY F 270 60.32 14.02 -3.31
CA GLY F 270 60.19 14.17 -4.74
C GLY F 270 61.29 15.02 -5.35
N VAL F 271 61.58 14.75 -6.62
CA VAL F 271 62.69 15.43 -7.30
C VAL F 271 62.34 16.89 -7.58
N SER F 272 61.10 17.15 -8.00
CA SER F 272 60.72 18.45 -8.53
C SER F 272 59.63 19.15 -7.72
N VAL F 273 59.15 18.57 -6.63
CA VAL F 273 58.10 19.18 -5.82
C VAL F 273 58.34 18.84 -4.35
N PRO F 274 58.00 19.79 -3.45
CA PRO F 274 58.18 19.55 -1.99
C PRO F 274 57.14 18.61 -1.40
N GLU F 275 57.18 17.35 -1.80
CA GLU F 275 56.19 16.37 -1.36
C GLU F 275 56.77 14.97 -1.52
N LYS F 276 56.36 14.07 -0.63
CA LYS F 276 56.85 12.71 -0.60
C LYS F 276 56.25 11.86 -1.74
N ALA F 277 56.91 10.73 -2.01
CA ALA F 277 56.45 9.76 -2.99
C ALA F 277 56.67 8.37 -2.44
N ILE F 278 55.90 7.40 -2.94
CA ILE F 278 56.14 6.01 -2.56
C ILE F 278 57.42 5.54 -3.24
N ALA F 279 58.38 5.10 -2.43
CA ALA F 279 59.74 4.87 -2.94
C ALA F 279 59.81 3.69 -3.90
N ARG F 280 58.97 2.69 -3.72
CA ARG F 280 59.01 1.49 -4.55
C ARG F 280 57.93 1.49 -5.64
N ALA F 281 57.24 2.61 -5.83
CA ALA F 281 56.20 2.67 -6.86
C ALA F 281 56.81 2.49 -8.24
N GLU F 282 55.99 2.02 -9.18
CA GLU F 282 56.49 1.82 -10.54
C GLU F 282 56.63 3.14 -11.27
N ILE F 283 55.68 4.05 -11.11
CA ILE F 283 55.66 5.32 -11.81
C ILE F 283 55.16 6.39 -10.84
N VAL F 284 55.87 7.50 -10.77
CA VAL F 284 55.50 8.64 -9.93
C VAL F 284 55.37 9.84 -10.84
N ILE F 285 54.22 10.48 -10.83
CA ILE F 285 54.01 11.76 -11.49
C ILE F 285 54.08 12.85 -10.43
N GLU F 286 54.97 13.83 -10.64
CA GLU F 286 55.12 14.93 -9.72
C GLU F 286 54.64 16.21 -10.39
N GLY F 287 53.94 17.05 -9.63
CA GLY F 287 53.40 18.27 -10.17
C GLY F 287 52.71 19.10 -9.10
N GLU F 288 51.92 20.07 -9.56
CA GLU F 288 51.18 20.96 -8.67
C GLU F 288 49.77 21.13 -9.20
N LEU F 289 48.80 21.18 -8.29
CA LEU F 289 47.45 21.59 -8.64
C LEU F 289 47.44 23.11 -8.79
N LEU F 290 47.08 23.59 -9.99
CA LEU F 290 47.23 25.00 -10.33
C LEU F 290 46.08 25.82 -9.75
N PRO F 291 46.36 27.03 -9.26
CA PRO F 291 45.30 27.88 -8.72
C PRO F 291 44.54 28.61 -9.82
N GLY F 292 43.24 28.78 -9.58
CA GLY F 292 42.40 29.63 -10.42
C GLY F 292 42.29 29.20 -11.87
N VAL F 293 42.46 27.91 -12.16
CA VAL F 293 42.34 27.41 -13.52
C VAL F 293 41.58 26.09 -13.50
N ARG F 294 40.62 25.95 -14.42
CA ARG F 294 39.78 24.77 -14.55
C ARG F 294 39.74 24.31 -16.00
N VAL F 295 39.38 23.05 -16.19
CA VAL F 295 39.32 22.47 -17.53
C VAL F 295 38.09 21.57 -17.63
N ARG F 296 37.57 21.47 -18.86
CA ARG F 296 36.45 20.58 -19.17
C ARG F 296 36.99 19.18 -19.44
N GLU F 297 36.57 18.19 -18.65
CA GLU F 297 37.17 16.87 -18.69
C GLU F 297 37.30 16.34 -20.12
N ASP F 298 36.21 16.39 -20.88
CA ASP F 298 36.19 15.92 -22.27
C ASP F 298 36.56 17.02 -23.27
N GLN F 299 37.47 17.92 -22.90
CA GLN F 299 37.75 19.09 -23.73
C GLN F 299 38.34 18.70 -25.08
N HIS F 300 39.00 17.55 -25.16
CA HIS F 300 39.67 17.14 -26.39
C HIS F 300 38.84 16.17 -27.24
N THR F 301 37.74 15.64 -26.70
CA THR F 301 36.87 14.75 -27.47
C THR F 301 35.43 15.23 -27.55
N ASN F 302 34.97 16.06 -26.62
CA ASN F 302 33.58 16.51 -26.59
C ASN F 302 32.61 15.32 -26.58
N SER F 303 33.08 14.17 -26.10
CA SER F 303 32.23 12.99 -26.03
C SER F 303 31.09 13.17 -25.04
N GLY F 304 31.20 14.15 -24.14
CA GLY F 304 30.23 14.33 -23.08
C GLY F 304 30.36 13.36 -21.91
N HIS F 305 31.24 12.37 -21.99
CA HIS F 305 31.40 11.37 -20.94
C HIS F 305 32.78 11.47 -20.33
N ALA F 306 32.88 10.99 -19.08
CA ALA F 306 34.14 10.80 -18.39
C ALA F 306 34.75 9.45 -18.78
N MET F 307 34.30 8.38 -18.11
CA MET F 307 34.68 7.00 -18.40
C MET F 307 33.68 6.07 -17.72
N PRO F 308 33.82 4.75 -17.88
CA PRO F 308 32.91 3.83 -17.18
C PRO F 308 32.99 4.02 -15.68
N GLU F 309 31.82 4.03 -15.04
CA GLU F 309 31.69 4.09 -13.59
C GLU F 309 31.38 2.71 -13.04
N PHE F 310 31.51 2.57 -11.72
CA PHE F 310 31.36 1.27 -11.07
C PHE F 310 29.96 0.69 -11.20
N PRO F 311 28.88 1.47 -11.32
CA PRO F 311 27.56 0.87 -11.55
C PRO F 311 27.39 0.21 -12.90
N GLY F 312 28.31 0.43 -13.84
CA GLY F 312 28.24 -0.20 -15.14
C GLY F 312 27.82 0.68 -16.29
N TYR F 313 27.77 2.00 -16.08
CA TYR F 313 27.45 2.96 -17.12
C TYR F 313 28.54 4.04 -17.16
N CYS F 314 28.70 4.66 -18.33
CA CYS F 314 29.65 5.75 -18.50
C CYS F 314 29.17 7.03 -17.81
N GLY F 315 30.01 7.60 -16.96
CA GLY F 315 29.66 8.83 -16.27
C GLY F 315 29.74 10.04 -17.18
N GLY F 316 29.13 11.14 -16.72
CA GLY F 316 29.20 12.38 -17.46
C GLY F 316 30.54 13.09 -17.27
N ALA F 317 30.97 13.78 -18.33
CA ALA F 317 32.21 14.54 -18.26
C ALA F 317 32.08 15.69 -17.28
N ASN F 318 32.96 15.72 -16.27
CA ASN F 318 32.99 16.85 -15.36
C ASN F 318 33.36 18.12 -16.13
N PRO F 319 32.58 19.20 -16.02
CA PRO F 319 32.85 20.39 -16.85
C PRO F 319 33.91 21.31 -16.30
N SER F 320 34.22 21.22 -15.00
CA SER F 320 35.15 22.13 -14.34
C SER F 320 36.01 21.30 -13.39
N LEU F 321 37.18 20.90 -13.87
CA LEU F 321 38.11 20.04 -13.15
C LEU F 321 39.44 20.75 -12.92
N PRO F 322 39.98 20.74 -11.70
CA PRO F 322 41.31 21.32 -11.48
C PRO F 322 42.37 20.54 -12.25
N VAL F 323 43.54 21.16 -12.40
CA VAL F 323 44.58 20.68 -13.30
C VAL F 323 45.87 20.46 -12.53
N ILE F 324 46.53 19.35 -12.82
CA ILE F 324 47.90 19.10 -12.36
C ILE F 324 48.85 19.55 -13.44
N LYS F 325 49.72 20.51 -13.11
CA LYS F 325 50.81 20.90 -13.99
C LYS F 325 52.00 20.01 -13.64
N VAL F 326 52.37 19.12 -14.56
CA VAL F 326 53.42 18.14 -14.30
C VAL F 326 54.78 18.81 -14.38
N LYS F 327 55.59 18.63 -13.33
CA LYS F 327 56.97 19.10 -13.36
C LYS F 327 57.98 17.98 -13.61
N ALA F 328 57.69 16.75 -13.20
CA ALA F 328 58.56 15.62 -13.53
C ALA F 328 57.75 14.34 -13.47
N VAL F 329 58.29 13.30 -14.11
CA VAL F 329 57.84 11.92 -13.97
C VAL F 329 59.07 11.08 -13.62
N THR F 330 58.97 10.26 -12.58
CA THR F 330 60.02 9.31 -12.25
C THR F 330 59.43 7.90 -12.24
N MET F 331 60.27 6.91 -12.52
CA MET F 331 59.78 5.55 -12.66
C MET F 331 60.93 4.56 -12.51
N ARG F 332 60.56 3.32 -12.24
CA ARG F 332 61.54 2.24 -12.19
C ARG F 332 62.00 1.87 -13.60
N ASN F 333 63.15 1.19 -13.66
CA ASN F 333 63.58 0.64 -14.94
C ASN F 333 62.60 -0.43 -15.41
N ASN F 334 62.20 -0.36 -16.68
CA ASN F 334 61.18 -1.27 -17.22
C ASN F 334 59.86 -1.10 -16.46
N ALA F 335 59.47 0.15 -16.26
CA ALA F 335 58.36 0.45 -15.36
C ALA F 335 57.06 -0.20 -15.83
N ILE F 336 56.33 -0.76 -14.87
CA ILE F 336 54.95 -1.20 -15.09
C ILE F 336 54.01 -0.02 -14.92
N LEU F 337 53.02 0.11 -15.80
CA LEU F 337 51.94 1.06 -15.60
C LEU F 337 50.69 0.28 -15.21
N GLN F 338 50.24 0.48 -13.97
CA GLN F 338 49.14 -0.28 -13.41
C GLN F 338 47.88 0.58 -13.39
N THR F 339 46.85 0.11 -14.09
CA THR F 339 45.55 0.78 -14.08
C THR F 339 44.51 -0.33 -13.97
N LEU F 340 43.29 -0.06 -14.41
CA LEU F 340 42.20 -1.04 -14.32
C LEU F 340 41.27 -0.91 -15.52
N VAL F 341 40.35 -1.87 -15.61
CA VAL F 341 39.37 -1.94 -16.68
C VAL F 341 38.01 -2.30 -16.07
N GLY F 342 36.97 -1.59 -16.45
CA GLY F 342 35.64 -1.97 -16.00
C GLY F 342 34.79 -0.79 -15.57
N PRO F 343 35.00 -0.30 -14.33
CA PRO F 343 36.05 -0.78 -13.42
C PRO F 343 35.81 -2.19 -12.86
N GLY F 344 34.65 -2.77 -13.18
CA GLY F 344 34.41 -4.19 -12.94
C GLY F 344 34.77 -4.64 -11.54
N GLU F 345 35.28 -5.88 -11.44
CA GLU F 345 35.55 -6.48 -10.14
C GLU F 345 36.68 -5.80 -9.39
N GLU F 346 37.60 -5.12 -10.09
CA GLU F 346 38.64 -4.36 -9.38
C GLU F 346 38.03 -3.34 -8.43
N HIS F 347 37.03 -2.58 -8.90
CA HIS F 347 36.36 -1.63 -8.02
C HIS F 347 35.64 -2.34 -6.90
N THR F 348 35.07 -3.53 -7.17
CA THR F 348 34.37 -4.25 -6.11
C THR F 348 35.30 -4.54 -4.94
N THR F 349 36.47 -5.11 -5.22
CA THR F 349 37.46 -5.34 -4.18
C THR F 349 37.78 -4.04 -3.44
N LEU F 350 38.13 -2.99 -4.18
CA LEU F 350 38.67 -1.79 -3.54
C LEU F 350 37.61 -1.07 -2.71
N ALA F 351 36.38 -0.96 -3.23
CA ALA F 351 35.27 -0.35 -2.48
C ALA F 351 34.56 -1.32 -1.55
N GLY F 352 34.41 -2.59 -1.98
CA GLY F 352 33.59 -3.53 -1.24
C GLY F 352 34.14 -3.91 0.11
N LEU F 353 35.47 -4.03 0.24
CA LEU F 353 36.02 -4.45 1.52
C LEU F 353 35.79 -3.41 2.60
N PRO F 354 36.01 -2.11 2.36
CA PRO F 354 35.61 -1.12 3.38
C PRO F 354 34.11 -1.15 3.67
N THR F 355 33.27 -1.24 2.65
CA THR F 355 31.82 -1.34 2.89
C THR F 355 31.52 -2.49 3.85
N GLU F 356 32.09 -3.66 3.57
CA GLU F 356 31.84 -4.82 4.45
C GLU F 356 32.38 -4.57 5.84
N ALA F 357 33.57 -3.98 5.95
CA ALA F 357 34.18 -3.78 7.28
C ALA F 357 33.33 -2.88 8.15
N SER F 358 32.81 -1.78 7.59
CA SER F 358 31.98 -0.88 8.38
C SER F 358 30.66 -1.54 8.78
N ILE F 359 30.06 -2.34 7.89
CA ILE F 359 28.82 -3.02 8.27
C ILE F 359 29.10 -4.04 9.36
N TRP F 360 30.20 -4.80 9.23
CA TRP F 360 30.66 -5.67 10.31
C TRP F 360 30.76 -4.90 11.62
N ASN F 361 31.54 -3.82 11.63
CA ASN F 361 31.75 -3.09 12.87
C ASN F 361 30.44 -2.60 13.46
N ALA F 362 29.56 -2.05 12.63
CA ALA F 362 28.31 -1.50 13.13
C ALA F 362 27.41 -2.58 13.70
N VAL F 363 27.26 -3.70 12.98
CA VAL F 363 26.33 -4.74 13.45
C VAL F 363 26.93 -5.50 14.63
N GLU F 364 28.23 -5.82 14.56
CA GLU F 364 28.83 -6.57 15.66
C GLU F 364 28.85 -5.75 16.95
N ALA F 365 28.97 -4.43 16.86
CA ALA F 365 28.90 -3.60 18.05
C ALA F 365 27.50 -3.58 18.64
N ALA F 366 26.47 -3.50 17.80
CA ALA F 366 25.12 -3.36 18.35
C ALA F 366 24.48 -4.71 18.67
N ILE F 367 24.75 -5.74 17.86
CA ILE F 367 24.17 -7.06 18.08
C ILE F 367 25.28 -8.11 18.02
N PRO F 368 26.14 -8.22 19.04
CA PRO F 368 27.28 -9.14 18.96
C PRO F 368 26.82 -10.59 18.76
N GLY F 369 27.52 -11.29 17.87
CA GLY F 369 27.22 -12.66 17.57
C GLY F 369 26.11 -12.90 16.58
N PHE F 370 25.38 -11.87 16.16
CA PHE F 370 24.24 -12.07 15.25
C PHE F 370 24.69 -12.22 13.80
N LEU F 371 25.52 -11.29 13.32
CA LEU F 371 25.96 -11.31 11.92
C LEU F 371 27.04 -12.37 11.72
N GLN F 372 26.85 -13.22 10.71
CA GLN F 372 27.82 -14.25 10.34
C GLN F 372 28.74 -13.78 9.22
N ASN F 373 28.22 -13.05 8.25
CA ASN F 373 29.08 -12.41 7.28
C ASN F 373 28.26 -11.38 6.52
N VAL F 374 28.97 -10.55 5.75
CA VAL F 374 28.36 -9.50 4.95
C VAL F 374 29.14 -9.40 3.66
N TYR F 375 28.43 -9.28 2.54
CA TYR F 375 29.02 -9.20 1.21
C TYR F 375 28.52 -7.94 0.53
N ALA F 376 29.43 -7.01 0.26
CA ALA F 376 29.14 -5.87 -0.60
C ALA F 376 29.13 -6.37 -2.03
N HIS F 377 27.94 -6.73 -2.51
CA HIS F 377 27.82 -7.58 -3.70
C HIS F 377 28.42 -6.90 -4.93
N THR F 378 29.17 -7.68 -5.72
CA THR F 378 29.81 -7.12 -6.91
C THR F 378 28.78 -6.58 -7.92
N ALA F 379 27.53 -7.04 -7.85
CA ALA F 379 26.49 -6.49 -8.72
C ALA F 379 26.17 -5.04 -8.41
N GLY F 380 26.49 -4.57 -7.21
CA GLY F 380 26.37 -3.15 -6.88
C GLY F 380 27.70 -2.43 -6.81
N GLY F 381 28.72 -3.00 -7.44
CA GLY F 381 30.05 -2.40 -7.46
C GLY F 381 30.77 -2.34 -6.13
N GLY F 382 30.33 -3.13 -5.14
CA GLY F 382 30.85 -2.96 -3.81
C GLY F 382 30.20 -1.85 -3.02
N LYS F 383 29.16 -1.21 -3.55
CA LYS F 383 28.57 -0.06 -2.87
C LYS F 383 27.05 -0.10 -2.77
N PHE F 384 26.34 -0.63 -3.77
CA PHE F 384 24.88 -0.44 -3.79
C PHE F 384 24.09 -1.55 -3.12
N LEU F 385 24.62 -2.78 -3.09
CA LEU F 385 23.87 -3.95 -2.66
C LEU F 385 24.61 -4.63 -1.53
N GLY F 386 23.95 -4.80 -0.39
CA GLY F 386 24.52 -5.49 0.74
C GLY F 386 23.75 -6.77 1.03
N ILE F 387 24.48 -7.88 1.07
CA ILE F 387 23.94 -9.16 1.49
C ILE F 387 24.44 -9.43 2.90
N LEU F 388 23.51 -9.55 3.84
CA LEU F 388 23.81 -9.81 5.26
C LEU F 388 23.36 -11.21 5.61
N GLN F 389 24.29 -12.01 6.10
CA GLN F 389 24.03 -13.35 6.59
C GLN F 389 23.97 -13.30 8.12
N VAL F 390 22.79 -13.59 8.66
CA VAL F 390 22.54 -13.58 10.10
C VAL F 390 22.20 -14.99 10.54
N LYS F 391 22.23 -15.20 11.86
CA LYS F 391 21.83 -16.46 12.46
C LYS F 391 20.92 -16.15 13.63
N LYS F 392 19.65 -16.58 13.53
CA LYS F 392 18.70 -16.42 14.63
C LYS F 392 18.95 -17.51 15.67
N ARG F 393 19.42 -17.11 16.85
CA ARG F 393 19.87 -18.04 17.88
C ARG F 393 18.82 -18.31 18.95
N GLN F 394 17.79 -17.49 19.01
CA GLN F 394 16.85 -17.47 20.12
C GLN F 394 15.63 -16.67 19.68
N PRO F 395 14.49 -16.86 20.34
CA PRO F 395 13.28 -16.11 19.92
C PRO F 395 13.52 -14.61 19.78
N ALA F 396 14.33 -14.00 20.66
CA ALA F 396 14.55 -12.55 20.61
C ALA F 396 15.26 -12.08 19.36
N ASP F 397 15.95 -12.98 18.63
CA ASP F 397 16.58 -12.57 17.39
C ASP F 397 15.57 -12.28 16.29
N GLU F 398 14.34 -12.78 16.42
CA GLU F 398 13.30 -12.40 15.47
C GLU F 398 13.03 -10.92 15.62
N GLY F 399 13.09 -10.18 14.52
CA GLY F 399 13.05 -8.74 14.57
C GLY F 399 14.40 -8.07 14.57
N ARG F 400 15.48 -8.82 14.75
CA ARG F 400 16.80 -8.23 14.66
C ARG F 400 17.39 -8.29 13.26
N GLN F 401 16.88 -9.18 12.38
CA GLN F 401 17.38 -9.17 11.01
C GLN F 401 17.11 -7.81 10.38
N GLY F 402 15.92 -7.24 10.61
CA GLY F 402 15.64 -5.91 10.10
C GLY F 402 16.45 -4.83 10.77
N GLN F 403 16.76 -5.00 12.07
CA GLN F 403 17.65 -4.07 12.75
C GLN F 403 19.04 -4.09 12.13
N ALA F 404 19.54 -5.28 11.80
CA ALA F 404 20.81 -5.37 11.09
C ALA F 404 20.76 -4.63 9.76
N ALA F 405 19.64 -4.73 9.04
CA ALA F 405 19.51 -4.01 7.78
C ALA F 405 19.55 -2.49 8.02
N LEU F 406 18.88 -2.02 9.07
CA LEU F 406 18.91 -0.59 9.37
C LEU F 406 20.33 -0.16 9.69
N LEU F 407 21.03 -0.98 10.49
CA LEU F 407 22.43 -0.70 10.82
C LEU F 407 23.25 -0.56 9.55
N ALA F 408 23.09 -1.48 8.60
CA ALA F 408 23.84 -1.38 7.35
C ALA F 408 23.50 -0.12 6.57
N LEU F 409 22.20 0.19 6.45
CA LEU F 409 21.78 1.38 5.69
C LEU F 409 22.26 2.66 6.37
N ALA F 410 22.22 2.73 7.70
CA ALA F 410 22.70 3.89 8.43
C ALA F 410 24.22 4.05 8.30
N THR F 411 24.95 2.93 8.29
CA THR F 411 26.42 2.96 8.29
C THR F 411 26.98 3.32 6.92
N TYR F 412 26.36 2.85 5.83
CA TYR F 412 26.88 3.08 4.49
C TYR F 412 25.77 3.74 3.66
N SER F 413 25.76 5.07 3.61
CA SER F 413 24.63 5.79 3.02
C SER F 413 24.50 5.59 1.52
N GLU F 414 25.54 5.10 0.85
CA GLU F 414 25.49 4.85 -0.58
C GLU F 414 24.93 3.46 -0.92
N LEU F 415 24.67 2.62 0.09
CA LEU F 415 23.87 1.42 -0.13
C LEU F 415 22.50 1.78 -0.72
N LYS F 416 21.94 0.85 -1.47
CA LYS F 416 20.57 0.98 -1.97
C LYS F 416 19.65 -0.09 -1.41
N ASN F 417 19.99 -1.37 -1.61
CA ASN F 417 19.16 -2.46 -1.13
C ASN F 417 19.95 -3.38 -0.21
N ILE F 418 19.22 -4.03 0.67
CA ILE F 418 19.72 -5.05 1.59
C ILE F 418 18.98 -6.34 1.32
N ILE F 419 19.70 -7.46 1.30
CA ILE F 419 19.10 -8.79 1.24
C ILE F 419 19.58 -9.54 2.47
N LEU F 420 18.63 -10.04 3.26
CA LEU F 420 18.91 -10.74 4.51
C LEU F 420 18.68 -12.22 4.29
N VAL F 421 19.67 -13.03 4.70
CA VAL F 421 19.61 -14.48 4.57
C VAL F 421 20.18 -15.13 5.84
N ASP F 422 19.85 -16.41 6.01
CA ASP F 422 20.28 -17.19 7.16
C ASP F 422 21.67 -17.83 6.91
N GLU F 423 22.17 -18.59 7.89
CA GLU F 423 23.56 -19.00 7.86
C GLU F 423 23.79 -20.21 6.96
N ASP F 424 22.72 -20.80 6.43
CA ASP F 424 22.86 -21.87 5.47
C ASP F 424 22.75 -21.41 4.02
N VAL F 425 22.82 -20.09 3.77
CA VAL F 425 22.78 -19.54 2.42
C VAL F 425 24.13 -18.89 2.12
N ASP F 426 24.73 -19.26 0.99
CA ASP F 426 26.06 -18.76 0.64
C ASP F 426 25.93 -17.39 -0.01
N ILE F 427 26.20 -16.33 0.76
CA ILE F 427 26.00 -14.97 0.28
C ILE F 427 26.93 -14.60 -0.87
N PHE F 428 27.98 -15.40 -1.11
CA PHE F 428 28.82 -15.12 -2.26
C PHE F 428 28.34 -15.86 -3.51
N ASP F 429 27.22 -16.57 -3.42
CA ASP F 429 26.69 -17.37 -4.52
C ASP F 429 25.36 -16.76 -4.94
N SER F 430 25.36 -16.05 -6.07
CA SER F 430 24.15 -15.35 -6.50
C SER F 430 22.98 -16.30 -6.73
N ASP F 431 23.25 -17.52 -7.18
CA ASP F 431 22.17 -18.50 -7.27
C ASP F 431 21.52 -18.74 -5.91
N ASP F 432 22.33 -18.88 -4.86
CA ASP F 432 21.80 -19.19 -3.55
C ASP F 432 21.03 -18.02 -2.97
N ILE F 433 21.52 -16.79 -3.20
CA ILE F 433 20.73 -15.62 -2.83
C ILE F 433 19.35 -15.69 -3.48
N LEU F 434 19.32 -15.88 -4.81
CA LEU F 434 18.02 -15.94 -5.49
C LEU F 434 17.18 -17.10 -4.96
N TRP F 435 17.83 -18.18 -4.53
CA TRP F 435 17.08 -19.30 -3.96
C TRP F 435 16.36 -18.86 -2.69
N ALA F 436 17.06 -18.15 -1.79
CA ALA F 436 16.43 -17.64 -0.59
C ALA F 436 15.30 -16.67 -0.93
N MET F 437 15.49 -15.86 -1.98
CA MET F 437 14.41 -14.97 -2.42
C MET F 437 13.25 -15.72 -3.05
N THR F 438 13.36 -17.01 -3.28
CA THR F 438 12.29 -17.80 -3.88
C THR F 438 11.53 -18.64 -2.87
N THR F 439 12.22 -19.33 -1.96
CA THR F 439 11.57 -20.22 -1.02
C THR F 439 11.48 -19.66 0.39
N ARG F 440 12.07 -18.48 0.66
CA ARG F 440 12.07 -17.90 2.02
C ARG F 440 11.70 -16.43 1.96
N MET F 441 10.59 -16.15 1.29
CA MET F 441 10.21 -14.78 0.99
C MET F 441 8.78 -14.79 0.45
N GLN F 442 7.94 -13.88 0.96
CA GLN F 442 6.61 -13.67 0.42
C GLN F 442 6.51 -12.17 0.10
N GLY F 443 6.23 -11.85 -1.17
CA GLY F 443 6.38 -10.47 -1.64
C GLY F 443 5.66 -9.44 -0.81
N ASP F 444 4.49 -9.78 -0.27
CA ASP F 444 3.68 -8.82 0.48
C ASP F 444 3.96 -8.86 1.98
N VAL F 445 4.94 -9.65 2.43
CA VAL F 445 5.37 -9.66 3.82
C VAL F 445 6.83 -9.21 3.95
N SER F 446 7.71 -9.70 3.08
CA SER F 446 9.13 -9.73 3.35
C SER F 446 9.88 -8.55 2.76
N ILE F 447 9.18 -7.62 2.09
CA ILE F 447 9.79 -6.56 1.30
C ILE F 447 9.39 -5.24 1.91
N THR F 448 10.35 -4.51 2.45
CA THR F 448 10.06 -3.20 3.01
C THR F 448 10.70 -2.11 2.17
N THR F 449 9.90 -1.13 1.75
CA THR F 449 10.42 -0.02 0.96
C THR F 449 10.55 1.21 1.85
N ILE F 450 11.65 1.94 1.68
CA ILE F 450 11.98 3.15 2.45
C ILE F 450 12.28 4.23 1.41
N PRO F 451 11.30 5.06 1.06
CA PRO F 451 11.48 5.99 -0.07
C PRO F 451 12.13 7.31 0.33
N GLY F 452 12.69 7.98 -0.67
CA GLY F 452 13.20 9.33 -0.50
C GLY F 452 14.47 9.47 0.32
N ILE F 453 15.36 8.48 0.30
CA ILE F 453 16.59 8.50 1.06
C ILE F 453 17.73 8.79 0.09
N ARG F 454 18.63 9.73 0.45
CA ARG F 454 19.78 9.97 -0.41
C ARG F 454 20.58 8.68 -0.60
N GLY F 455 20.95 8.42 -1.85
CA GLY F 455 21.69 7.23 -2.23
C GLY F 455 22.97 7.54 -2.97
N HIS F 456 22.93 7.56 -4.29
CA HIS F 456 24.15 7.83 -5.05
C HIS F 456 23.76 8.27 -6.46
N GLN F 457 24.36 9.36 -6.94
CA GLN F 457 23.94 9.91 -8.21
C GLN F 457 24.31 9.03 -9.40
N LEU F 458 25.26 8.12 -9.25
CA LEU F 458 25.70 7.29 -10.37
C LEU F 458 24.80 6.07 -10.60
N ASP F 459 23.78 5.87 -9.75
CA ASP F 459 22.68 4.94 -10.04
C ASP F 459 21.71 5.67 -10.97
N PRO F 460 21.64 5.27 -12.24
CA PRO F 460 20.84 6.05 -13.20
C PRO F 460 19.35 5.97 -12.93
N SER F 461 18.90 5.01 -12.10
CA SER F 461 17.50 4.91 -11.76
C SER F 461 17.11 5.86 -10.63
N GLN F 462 18.08 6.52 -9.99
CA GLN F 462 17.78 7.46 -8.90
C GLN F 462 17.57 8.86 -9.47
N THR F 463 16.41 9.05 -10.10
CA THR F 463 16.02 10.32 -10.70
C THR F 463 14.53 10.52 -10.45
N PRO F 464 14.06 11.76 -10.50
CA PRO F 464 12.61 11.98 -10.49
C PRO F 464 11.88 11.36 -11.68
N GLU F 465 12.57 11.09 -12.79
CA GLU F 465 11.89 10.47 -13.93
C GLU F 465 11.59 8.99 -13.71
N TYR F 466 12.32 8.32 -12.82
CA TYR F 466 12.10 6.91 -12.57
C TYR F 466 11.03 6.64 -11.51
N SER F 467 10.72 7.62 -10.68
CA SER F 467 9.85 7.36 -9.55
C SER F 467 9.17 8.63 -9.09
N PRO F 468 7.86 8.63 -8.86
CA PRO F 468 7.23 9.84 -8.30
C PRO F 468 7.65 10.14 -6.86
N SER F 469 8.31 9.22 -6.16
CA SER F 469 8.70 9.52 -4.78
C SER F 469 10.14 10.05 -4.67
N ILE F 470 10.82 10.23 -5.81
CA ILE F 470 12.20 10.71 -5.85
C ILE F 470 12.19 12.19 -6.19
N ARG F 471 12.78 13.00 -5.32
CA ARG F 471 12.69 14.45 -5.46
C ARG F 471 13.88 15.08 -6.17
N GLY F 472 14.98 14.35 -6.32
CA GLY F 472 16.15 14.88 -7.00
C GLY F 472 17.05 13.72 -7.37
N ASN F 473 18.00 13.99 -8.26
CA ASN F 473 18.99 12.98 -8.64
C ASN F 473 19.77 12.51 -7.42
N GLY F 474 20.08 11.22 -7.39
CA GLY F 474 20.82 10.64 -6.30
C GLY F 474 20.01 10.35 -5.05
N ILE F 475 18.68 10.54 -5.08
CA ILE F 475 17.80 10.07 -4.01
C ILE F 475 17.16 8.78 -4.49
N SER F 476 16.87 7.88 -3.55
CA SER F 476 16.40 6.55 -3.95
C SER F 476 15.35 6.04 -2.96
N CYS F 477 14.52 5.14 -3.46
CA CYS F 477 13.86 4.19 -2.58
C CYS F 477 14.84 3.09 -2.23
N LYS F 478 14.89 2.73 -0.95
CA LYS F 478 15.80 1.68 -0.51
C LYS F 478 14.97 0.53 0.04
N THR F 479 15.32 -0.69 -0.37
CA THR F 479 14.42 -1.82 -0.19
C THR F 479 15.14 -2.90 0.58
N ILE F 480 14.51 -3.40 1.64
CA ILE F 480 15.03 -4.52 2.44
C ILE F 480 14.26 -5.77 2.03
N PHE F 481 14.97 -6.76 1.49
CA PHE F 481 14.41 -8.07 1.20
C PHE F 481 14.77 -8.99 2.38
N ASP F 482 13.78 -9.28 3.22
CA ASP F 482 14.01 -10.19 4.34
C ASP F 482 13.78 -11.62 3.88
N CYS F 483 14.89 -12.33 3.62
CA CYS F 483 14.84 -13.72 3.19
C CYS F 483 15.34 -14.66 4.28
N THR F 484 15.16 -14.28 5.54
CA THR F 484 15.42 -15.18 6.66
C THR F 484 14.15 -15.94 7.00
N VAL F 485 14.32 -17.15 7.50
CA VAL F 485 13.13 -17.91 7.91
C VAL F 485 12.58 -17.29 9.18
N PRO F 486 11.27 -17.03 9.28
CA PRO F 486 10.72 -16.58 10.57
C PRO F 486 11.06 -17.56 11.66
N TRP F 487 11.44 -17.02 12.84
CA TRP F 487 11.92 -17.87 13.92
C TRP F 487 10.96 -19.01 14.22
N ALA F 488 9.67 -18.71 14.34
CA ALA F 488 8.69 -19.73 14.72
C ALA F 488 8.65 -20.91 13.76
N LEU F 489 9.03 -20.72 12.50
CA LEU F 489 8.81 -21.71 11.44
C LEU F 489 10.06 -22.47 11.04
N LYS F 490 11.18 -22.25 11.75
CA LYS F 490 12.48 -22.76 11.32
C LYS F 490 12.52 -24.28 11.22
N SER F 491 11.74 -25.00 12.05
CA SER F 491 11.70 -26.45 11.94
C SER F 491 11.22 -26.94 10.56
N HIS F 492 10.64 -26.07 9.73
CA HIS F 492 10.14 -26.50 8.41
C HIS F 492 11.09 -26.14 7.27
N PHE F 493 12.21 -25.48 7.56
CA PHE F 493 13.04 -24.91 6.51
C PHE F 493 14.47 -25.46 6.50
N GLU F 494 14.71 -26.59 7.16
CA GLU F 494 16.01 -27.24 7.10
C GLU F 494 16.29 -27.70 5.68
N ARG F 495 17.46 -27.33 5.16
CA ARG F 495 17.84 -27.75 3.82
C ARG F 495 18.14 -29.23 3.82
N ALA F 496 17.75 -29.91 2.72
CA ALA F 496 17.91 -31.35 2.54
C ALA F 496 19.26 -31.79 3.08
N PRO F 497 19.28 -32.61 4.12
CA PRO F 497 20.53 -32.98 4.83
C PRO F 497 21.33 -34.15 4.23
N PHE F 498 22.17 -33.82 3.25
CA PHE F 498 23.06 -34.82 2.68
C PHE F 498 24.20 -35.14 3.63
N ALA F 499 24.61 -36.40 3.62
CA ALA F 499 25.58 -36.89 4.59
C ALA F 499 26.92 -36.17 4.44
N ASP F 500 27.62 -36.05 5.57
CA ASP F 500 28.99 -35.55 5.57
C ASP F 500 29.92 -36.65 5.07
N VAL F 501 30.58 -36.41 3.94
CA VAL F 501 31.58 -37.31 3.42
C VAL F 501 32.70 -36.51 2.78
N ASP F 502 33.88 -37.10 2.74
CA ASP F 502 35.03 -36.49 2.09
C ASP F 502 35.03 -36.97 0.64
N PRO F 503 34.68 -36.12 -0.33
CA PRO F 503 34.60 -36.60 -1.72
C PRO F 503 35.95 -36.84 -2.38
N ARG F 504 37.06 -36.50 -1.73
CA ARG F 504 38.32 -36.47 -2.45
C ARG F 504 38.85 -37.86 -2.78
N PRO F 505 38.72 -38.85 -1.89
CA PRO F 505 39.14 -40.21 -2.25
C PRO F 505 38.45 -40.77 -3.49
N PHE F 506 37.25 -40.27 -3.81
CA PHE F 506 36.49 -40.83 -4.92
C PHE F 506 36.95 -40.26 -6.26
N ALA F 507 37.54 -39.05 -6.24
CA ALA F 507 38.07 -38.42 -7.45
C ALA F 507 39.20 -37.49 -7.05
N PRO F 508 40.30 -38.05 -6.55
CA PRO F 508 41.41 -37.19 -6.11
C PRO F 508 41.98 -36.37 -7.26
N GLU F 509 42.27 -37.02 -8.39
CA GLU F 509 42.71 -36.31 -9.58
C GLU F 509 41.80 -35.12 -9.84
N TYR F 510 40.50 -35.39 -9.99
CA TYR F 510 39.55 -34.36 -10.42
C TYR F 510 39.64 -33.11 -9.54
N PHE F 511 39.80 -33.28 -8.23
CA PHE F 511 39.83 -32.07 -7.40
C PHE F 511 41.10 -31.28 -7.68
N ALA F 512 40.97 -30.23 -8.50
CA ALA F 512 42.13 -29.42 -8.90
C ALA F 512 41.91 -27.95 -8.53
C02 9JE G . -14.90 -5.45 -34.65
C03 9JE G . -16.37 -5.25 -34.96
C04 9JE G . -16.86 -3.81 -34.75
C05 9JE G . -17.12 -3.06 -36.05
C06 9JE G . -17.42 -1.57 -35.85
O01 9JE G . -14.79 -6.38 -33.61
O07 9JE G . -17.41 -0.88 -37.09
C02 9JE H . -21.03 -19.34 -3.21
C03 9JE H . -21.54 -20.48 -4.07
C04 9JE H . -22.68 -21.30 -3.47
C05 9JE H . -23.28 -22.10 -4.65
C06 9JE H . -24.36 -23.05 -4.14
O01 9JE H . -20.16 -19.95 -2.29
O07 9JE H . -24.82 -22.42 -2.93
C02 9JE I . -17.80 14.09 -17.13
C03 9JE I . -19.26 14.58 -17.06
C04 9JE I . -19.67 15.47 -18.25
C05 9JE I . -21.12 15.96 -18.18
C06 9JE I . -21.60 16.77 -19.39
O01 9JE I . -16.91 15.19 -17.23
O07 9JE I . -20.85 16.41 -20.52
C02 9JE J . 20.85 -2.26 -25.46
C03 9JE J . 19.98 -1.42 -24.52
C04 9JE J . 18.88 -2.22 -23.83
C05 9JE J . 18.94 -2.07 -22.32
C06 9JE J . 18.01 -1.04 -21.71
O01 9JE J . 22.03 -1.51 -25.63
O07 9JE J . 17.79 -0.01 -22.63
C02 9JE K . 11.22 -37.11 -10.63
C03 9JE K . 11.96 -36.17 -11.64
C04 9JE K . 11.07 -35.88 -12.84
C05 9JE K . 11.06 -34.40 -13.32
C06 9JE K . 9.67 -34.12 -13.86
O01 9JE K . 12.22 -37.78 -9.83
O07 9JE K . 9.72 -32.93 -14.69
C02 9JE L . 1.58 -51.30 -29.96
C03 9JE L . 1.89 -50.31 -31.05
C04 9JE L . 3.20 -49.61 -30.74
C05 9JE L . 3.85 -49.16 -32.04
C06 9JE L . 4.41 -47.73 -31.90
O01 9JE L . 0.31 -51.73 -30.44
O07 9JE L . 3.40 -46.86 -32.51
C02 9JE M . 11.77 25.25 6.87
C03 9JE M . 12.83 25.84 7.80
C04 9JE M . 13.25 27.27 7.48
C05 9JE M . 13.93 27.96 8.66
C06 9JE M . 14.48 29.35 8.33
O01 9JE M . 12.11 25.48 5.52
O07 9JE M . 13.42 30.22 8.01
C02 9JE N . 13.77 28.49 19.99
C03 9JE N . 12.87 27.86 18.91
C04 9JE N . 13.77 27.18 17.82
C05 9JE N . 13.77 25.63 17.93
C06 9JE N . 14.83 25.00 18.84
O01 9JE N . 12.92 28.83 21.13
O07 9JE N . 14.22 23.94 19.70
C02 9JE O . -8.90 3.18 32.79
C03 9JE O . -9.90 3.54 31.68
C04 9JE O . -9.29 3.91 30.31
C05 9JE O . -9.00 2.70 29.42
C06 9JE O . -8.41 3.03 28.03
O01 9JE O . -8.39 1.88 32.59
O07 9JE O . -8.15 1.79 27.37
C02 9JE P . 20.32 -25.34 9.91
C03 9JE P . 20.28 -23.83 9.60
C04 9JE P . 18.85 -23.28 9.48
C05 9JE P . 18.79 -21.81 9.05
C06 9JE P . 17.40 -21.38 8.56
O01 9JE P . 19.05 -25.91 9.64
O07 9JE P . 16.41 -21.79 9.47
#